data_1TE4
#
_entry.id   1TE4
#
_cell.length_a   1.000
_cell.length_b   1.000
_cell.length_c   1.000
_cell.angle_alpha   90.00
_cell.angle_beta   90.00
_cell.angle_gamma   90.00
#
_symmetry.space_group_name_H-M   'P 1'
#
_entity_poly.entity_id   1
_entity_poly.type   'polypeptide(L)'
_entity_poly.pdbx_seq_one_letter_code
;MGSSHHHHHHSSGLVPRGSHMADENKWVRRDVSTALSRMGDEAFEPLLESLSNEDWRIRGAAAWIIGNFQDERAVEPLIK
LLEDDSGFVRSGAARSLEQIGGERVRAAMEKLAETGTGFARKVAVNYLETH
;
_entity_poly.pdbx_strand_id   A
#
# COMPACT_ATOMS: atom_id res chain seq x y z
N MET A 21 10.51 -18.99 20.72
CA MET A 21 9.64 -17.89 20.23
C MET A 21 10.27 -17.21 19.01
N ALA A 22 11.24 -17.90 18.39
CA ALA A 22 11.92 -17.38 17.22
C ALA A 22 12.75 -16.14 17.55
N ASP A 23 13.87 -15.98 16.87
CA ASP A 23 14.75 -14.85 17.08
C ASP A 23 14.41 -13.70 16.14
N GLU A 24 13.42 -13.92 15.29
CA GLU A 24 12.99 -12.89 14.33
C GLU A 24 11.68 -12.25 14.76
N ASN A 25 11.08 -12.78 15.82
CA ASN A 25 9.82 -12.26 16.33
C ASN A 25 9.79 -12.33 17.86
N LYS A 26 10.13 -11.22 18.50
CA LYS A 26 10.14 -11.14 19.95
C LYS A 26 8.86 -10.48 20.45
N TRP A 27 8.37 -9.50 19.70
CA TRP A 27 7.16 -8.78 20.06
C TRP A 27 5.92 -9.47 19.49
N VAL A 28 4.83 -9.45 20.24
CA VAL A 28 3.58 -10.07 19.81
C VAL A 28 2.45 -9.81 20.81
N ARG A 29 1.55 -8.90 20.45
CA ARG A 29 0.41 -8.56 21.30
C ARG A 29 0.86 -8.02 22.65
N ARG A 30 2.12 -7.58 22.73
CA ARG A 30 2.64 -7.03 23.96
C ARG A 30 1.92 -5.73 24.30
N ASP A 31 1.02 -5.79 25.28
CA ASP A 31 0.25 -4.63 25.72
C ASP A 31 -0.81 -4.26 24.67
N VAL A 32 -0.71 -4.88 23.50
CA VAL A 32 -1.66 -4.64 22.42
C VAL A 32 -2.91 -5.50 22.60
N SER A 33 -3.93 -5.24 21.77
CA SER A 33 -5.17 -6.01 21.85
C SER A 33 -5.93 -5.96 20.52
N THR A 34 -5.68 -4.91 19.74
CA THR A 34 -6.32 -4.75 18.44
C THR A 34 -5.53 -5.46 17.35
N ALA A 35 -5.87 -5.22 16.09
CA ALA A 35 -5.17 -5.85 14.97
C ALA A 35 -4.06 -4.97 14.43
N LEU A 36 -4.44 -3.84 13.82
CA LEU A 36 -3.47 -2.92 13.23
C LEU A 36 -2.79 -2.05 14.29
N SER A 37 -3.32 -2.07 15.51
CA SER A 37 -2.78 -1.26 16.61
C SER A 37 -1.26 -1.36 16.68
N ARG A 38 -0.72 -2.58 16.71
CA ARG A 38 0.72 -2.78 16.78
C ARG A 38 1.08 -4.26 16.67
N MET A 39 1.43 -4.70 15.46
CA MET A 39 1.81 -6.09 15.24
C MET A 39 3.07 -6.16 14.38
N GLY A 40 3.12 -5.35 13.34
CA GLY A 40 4.28 -5.33 12.46
C GLY A 40 4.48 -6.66 11.76
N ASP A 41 3.47 -7.52 11.83
CA ASP A 41 3.53 -8.85 11.22
C ASP A 41 2.17 -9.54 11.23
N GLU A 42 1.64 -9.74 12.44
CA GLU A 42 0.34 -10.40 12.60
C GLU A 42 -0.79 -9.55 12.01
N ALA A 43 -0.51 -8.26 11.79
CA ALA A 43 -1.50 -7.36 11.24
C ALA A 43 -1.31 -7.18 9.75
N PHE A 44 -0.27 -7.81 9.20
CA PHE A 44 0.02 -7.73 7.79
C PHE A 44 -1.12 -8.32 6.97
N GLU A 45 -1.50 -9.55 7.33
CA GLU A 45 -2.59 -10.23 6.64
C GLU A 45 -3.92 -9.51 6.82
N PRO A 46 -4.36 -9.24 8.08
CA PRO A 46 -5.62 -8.54 8.32
C PRO A 46 -5.68 -7.25 7.50
N LEU A 47 -4.50 -6.77 7.18
CA LEU A 47 -4.32 -5.57 6.40
C LEU A 47 -4.60 -5.90 4.93
N LEU A 48 -4.09 -7.05 4.49
CA LEU A 48 -4.29 -7.53 3.14
C LEU A 48 -5.74 -7.95 2.93
N GLU A 49 -6.38 -8.35 4.03
CA GLU A 49 -7.77 -8.80 3.99
C GLU A 49 -8.71 -7.66 3.61
N SER A 50 -8.44 -6.48 4.17
CA SER A 50 -9.27 -5.30 3.91
C SER A 50 -9.27 -4.90 2.44
N LEU A 51 -8.29 -5.41 1.68
CA LEU A 51 -8.19 -5.09 0.26
C LEU A 51 -9.33 -5.74 -0.53
N SER A 52 -10.05 -6.65 0.11
CA SER A 52 -11.16 -7.34 -0.53
C SER A 52 -12.49 -6.88 0.06
N ASN A 53 -12.43 -5.96 1.01
CA ASN A 53 -13.63 -5.45 1.65
C ASN A 53 -14.46 -4.62 0.66
N GLU A 54 -15.77 -4.79 0.71
CA GLU A 54 -16.68 -4.07 -0.17
C GLU A 54 -16.69 -2.57 0.12
N ASP A 55 -16.34 -2.22 1.36
CA ASP A 55 -16.31 -0.82 1.77
C ASP A 55 -14.99 -0.15 1.34
N TRP A 56 -15.09 1.09 0.88
CA TRP A 56 -13.92 1.83 0.44
C TRP A 56 -13.27 2.58 1.60
N ARG A 57 -14.06 2.91 2.61
CA ARG A 57 -13.56 3.62 3.77
C ARG A 57 -12.54 2.78 4.53
N ILE A 58 -12.82 1.48 4.67
CA ILE A 58 -11.93 0.58 5.38
C ILE A 58 -10.78 0.15 4.47
N ARG A 59 -11.09 -0.14 3.21
CA ARG A 59 -10.08 -0.57 2.25
C ARG A 59 -9.00 0.51 2.10
N GLY A 60 -9.37 1.75 2.40
CA GLY A 60 -8.44 2.85 2.29
C GLY A 60 -7.30 2.76 3.28
N ALA A 61 -7.64 2.82 4.58
CA ALA A 61 -6.64 2.75 5.64
C ALA A 61 -5.64 1.62 5.39
N ALA A 62 -6.14 0.51 4.87
CA ALA A 62 -5.29 -0.64 4.57
C ALA A 62 -4.18 -0.23 3.61
N ALA A 63 -4.57 0.34 2.48
CA ALA A 63 -3.61 0.80 1.48
C ALA A 63 -2.71 1.90 2.04
N TRP A 64 -3.28 2.68 2.97
CA TRP A 64 -2.55 3.79 3.58
C TRP A 64 -1.42 3.31 4.48
N ILE A 65 -1.63 2.16 5.14
CA ILE A 65 -0.64 1.61 6.05
C ILE A 65 0.17 0.49 5.39
N ILE A 66 -0.36 -0.06 4.32
CA ILE A 66 0.29 -1.15 3.61
C ILE A 66 1.69 -0.77 3.11
N GLY A 67 1.86 0.49 2.71
CA GLY A 67 3.15 0.94 2.21
C GLY A 67 4.17 1.15 3.32
N ASN A 68 3.70 1.25 4.55
CA ASN A 68 4.58 1.47 5.70
C ASN A 68 5.42 0.24 6.01
N PHE A 69 5.14 -0.87 5.34
CA PHE A 69 5.87 -2.11 5.56
C PHE A 69 6.96 -2.33 4.51
N GLN A 70 6.81 -1.68 3.36
CA GLN A 70 7.78 -1.81 2.27
C GLN A 70 7.99 -3.27 1.87
N ASP A 71 6.89 -3.94 1.55
CA ASP A 71 6.95 -5.34 1.14
C ASP A 71 6.22 -5.55 -0.19
N GLU A 72 6.42 -6.71 -0.79
CA GLU A 72 5.80 -7.04 -2.07
C GLU A 72 4.27 -7.10 -1.93
N ARG A 73 3.82 -7.44 -0.73
CA ARG A 73 2.38 -7.54 -0.44
C ARG A 73 1.72 -6.17 -0.51
N ALA A 74 2.54 -5.12 -0.57
CA ALA A 74 2.04 -3.76 -0.62
C ALA A 74 2.19 -3.18 -2.03
N VAL A 75 2.97 -3.86 -2.85
CA VAL A 75 3.22 -3.43 -4.21
C VAL A 75 1.97 -3.56 -5.09
N GLU A 76 1.35 -4.73 -5.08
CA GLU A 76 0.15 -4.97 -5.90
C GLU A 76 -0.99 -4.01 -5.54
N PRO A 77 -1.32 -3.87 -4.24
CA PRO A 77 -2.41 -2.97 -3.80
C PRO A 77 -2.41 -1.64 -4.55
N LEU A 78 -1.26 -0.98 -4.57
CA LEU A 78 -1.13 0.31 -5.22
C LEU A 78 -1.45 0.20 -6.71
N ILE A 79 -1.06 -0.91 -7.32
CA ILE A 79 -1.30 -1.12 -8.76
C ILE A 79 -2.78 -0.98 -9.11
N LYS A 80 -3.62 -1.81 -8.50
CA LYS A 80 -5.06 -1.78 -8.78
C LYS A 80 -5.72 -0.53 -8.19
N LEU A 81 -5.30 -0.15 -6.99
CA LEU A 81 -5.86 1.01 -6.30
C LEU A 81 -5.74 2.30 -7.09
N LEU A 82 -4.54 2.60 -7.56
CA LEU A 82 -4.29 3.82 -8.32
C LEU A 82 -5.21 3.90 -9.54
N GLU A 83 -5.90 2.81 -9.84
CA GLU A 83 -6.81 2.76 -10.97
C GLU A 83 -8.27 2.78 -10.50
N ASP A 84 -8.48 2.41 -9.24
CA ASP A 84 -9.82 2.37 -8.67
C ASP A 84 -10.48 3.74 -8.68
N ASP A 85 -9.69 4.75 -8.37
CA ASP A 85 -10.17 6.13 -8.33
C ASP A 85 -11.25 6.29 -7.27
N SER A 86 -11.19 5.44 -6.26
CA SER A 86 -12.16 5.47 -5.17
C SER A 86 -11.79 6.50 -4.10
N GLY A 87 -10.89 7.42 -4.46
CA GLY A 87 -10.47 8.45 -3.54
C GLY A 87 -9.58 7.92 -2.43
N PHE A 88 -10.17 7.62 -1.28
CA PHE A 88 -9.43 7.10 -0.14
C PHE A 88 -8.60 5.89 -0.55
N VAL A 89 -9.22 5.01 -1.33
CA VAL A 89 -8.56 3.79 -1.79
C VAL A 89 -7.51 4.08 -2.87
N ARG A 90 -7.82 5.00 -3.77
CA ARG A 90 -6.89 5.36 -4.86
C ARG A 90 -5.77 6.27 -4.36
N SER A 91 -6.14 7.46 -3.91
CA SER A 91 -5.16 8.43 -3.40
C SER A 91 -4.26 7.81 -2.35
N GLY A 92 -4.80 6.86 -1.59
CA GLY A 92 -4.03 6.20 -0.56
C GLY A 92 -2.86 5.42 -1.14
N ALA A 93 -3.09 4.78 -2.28
CA ALA A 93 -2.05 4.00 -2.92
C ALA A 93 -0.90 4.88 -3.37
N ALA A 94 -1.22 6.08 -3.83
CA ALA A 94 -0.21 7.02 -4.30
C ALA A 94 0.82 7.34 -3.21
N ARG A 95 0.35 7.83 -2.08
CA ARG A 95 1.22 8.19 -0.97
C ARG A 95 2.04 6.99 -0.50
N SER A 96 1.52 5.79 -0.70
CA SER A 96 2.21 4.57 -0.28
C SER A 96 3.58 4.46 -0.94
N LEU A 97 3.67 4.82 -2.20
CA LEU A 97 4.93 4.76 -2.94
C LEU A 97 5.98 5.64 -2.26
N GLU A 98 5.67 6.93 -2.14
CA GLU A 98 6.57 7.88 -1.51
C GLU A 98 7.07 7.37 -0.16
N GLN A 99 6.24 6.59 0.52
CA GLN A 99 6.60 6.02 1.82
C GLN A 99 7.70 4.99 1.68
N ILE A 100 7.60 4.14 0.66
CA ILE A 100 8.59 3.10 0.42
C ILE A 100 9.89 3.70 -0.14
N GLY A 101 9.78 4.33 -1.30
CA GLY A 101 10.95 4.94 -1.92
C GLY A 101 12.02 3.93 -2.29
N GLY A 102 12.31 3.83 -3.59
CA GLY A 102 13.32 2.90 -4.04
C GLY A 102 13.00 2.29 -5.38
N GLU A 103 13.80 1.32 -5.80
CA GLU A 103 13.61 0.65 -7.08
C GLU A 103 12.36 -0.23 -7.04
N ARG A 104 12.04 -0.74 -5.86
CA ARG A 104 10.86 -1.59 -5.67
C ARG A 104 9.61 -0.92 -6.22
N VAL A 105 9.26 0.20 -5.62
CA VAL A 105 8.09 0.96 -6.04
C VAL A 105 8.32 1.64 -7.38
N ARG A 106 9.59 1.80 -7.73
CA ARG A 106 9.95 2.43 -9.00
C ARG A 106 9.31 1.69 -10.16
N ALA A 107 9.05 0.40 -9.95
CA ALA A 107 8.42 -0.43 -10.98
C ALA A 107 6.91 -0.28 -10.92
N ALA A 108 6.41 0.07 -9.74
CA ALA A 108 4.98 0.25 -9.53
C ALA A 108 4.48 1.48 -10.28
N MET A 109 5.22 2.59 -10.16
CA MET A 109 4.84 3.82 -10.85
C MET A 109 5.03 3.65 -12.35
N GLU A 110 5.95 2.78 -12.74
CA GLU A 110 6.19 2.53 -14.15
C GLU A 110 5.01 1.79 -14.75
N LYS A 111 4.36 0.97 -13.93
CA LYS A 111 3.19 0.22 -14.36
C LYS A 111 1.97 1.11 -14.42
N LEU A 112 1.94 2.15 -13.58
CA LEU A 112 0.84 3.08 -13.55
C LEU A 112 1.04 4.14 -14.62
N ALA A 113 2.30 4.44 -14.91
CA ALA A 113 2.64 5.43 -15.92
C ALA A 113 2.17 4.96 -17.30
N GLU A 114 1.96 3.66 -17.42
CA GLU A 114 1.50 3.08 -18.68
C GLU A 114 -0.01 3.28 -18.81
N THR A 115 -0.68 3.38 -17.66
CA THR A 115 -2.12 3.60 -17.63
C THR A 115 -2.42 4.93 -16.94
N GLY A 116 -1.44 5.82 -16.97
CA GLY A 116 -1.58 7.12 -16.34
C GLY A 116 -2.78 7.90 -16.82
N THR A 117 -3.72 8.16 -15.92
CA THR A 117 -4.92 8.91 -16.24
C THR A 117 -5.29 9.85 -15.10
N GLY A 118 -5.54 11.11 -15.45
CA GLY A 118 -5.90 12.11 -14.46
C GLY A 118 -4.83 12.27 -13.39
N PHE A 119 -5.27 12.33 -12.14
CA PHE A 119 -4.36 12.49 -11.00
C PHE A 119 -3.49 11.25 -10.81
N ALA A 120 -4.04 10.09 -11.14
CA ALA A 120 -3.31 8.83 -10.99
C ALA A 120 -1.96 8.87 -11.71
N ARG A 121 -1.87 9.67 -12.77
CA ARG A 121 -0.64 9.78 -13.54
C ARG A 121 0.40 10.61 -12.80
N LYS A 122 0.03 11.83 -12.43
CA LYS A 122 0.93 12.73 -11.71
C LYS A 122 1.59 12.00 -10.55
N VAL A 123 0.88 10.99 -10.05
CA VAL A 123 1.38 10.18 -8.94
C VAL A 123 2.70 9.52 -9.30
N ALA A 124 2.66 8.70 -10.35
CA ALA A 124 3.84 7.97 -10.82
C ALA A 124 4.95 8.91 -11.28
N VAL A 125 4.59 9.76 -12.24
CA VAL A 125 5.50 10.72 -12.84
C VAL A 125 6.24 11.59 -11.82
N ASN A 126 5.48 12.25 -10.95
CA ASN A 126 6.08 13.13 -9.94
C ASN A 126 6.81 12.35 -8.85
N TYR A 127 6.33 11.15 -8.55
CA TYR A 127 6.92 10.34 -7.49
C TYR A 127 8.36 9.94 -7.81
N LEU A 128 8.55 9.39 -9.00
CA LEU A 128 9.87 8.94 -9.44
C LEU A 128 10.94 10.01 -9.29
N GLU A 129 10.52 11.26 -9.09
CA GLU A 129 11.47 12.35 -8.92
C GLU A 129 12.32 12.12 -7.67
N THR A 130 11.88 11.18 -6.83
CA THR A 130 12.58 10.85 -5.61
C THR A 130 12.83 9.35 -5.52
N HIS A 131 12.63 8.65 -6.65
CA HIS A 131 12.84 7.20 -6.72
C HIS A 131 11.82 6.46 -5.86
N MET A 21 4.06 -22.44 7.22
CA MET A 21 3.76 -23.34 8.37
C MET A 21 5.04 -23.92 8.95
N ALA A 22 6.14 -23.78 8.21
CA ALA A 22 7.43 -24.30 8.66
C ALA A 22 8.39 -23.16 9.00
N ASP A 23 8.19 -22.54 10.15
CA ASP A 23 9.03 -21.43 10.60
C ASP A 23 9.16 -20.36 9.52
N GLU A 24 8.18 -19.47 9.44
CA GLU A 24 8.19 -18.41 8.45
C GLU A 24 7.19 -17.31 8.82
N ASN A 25 5.91 -17.66 8.86
CA ASN A 25 4.86 -16.71 9.20
C ASN A 25 3.94 -17.28 10.27
N LYS A 26 4.21 -16.92 11.52
CA LYS A 26 3.41 -17.39 12.65
C LYS A 26 3.13 -16.26 13.64
N TRP A 27 2.31 -16.54 14.64
CA TRP A 27 1.98 -15.53 15.65
C TRP A 27 1.32 -14.32 15.01
N VAL A 28 0.69 -14.54 13.85
CA VAL A 28 0.04 -13.47 13.12
C VAL A 28 -1.48 -13.48 13.32
N ARG A 29 -2.08 -12.29 13.35
CA ARG A 29 -3.52 -12.14 13.53
C ARG A 29 -4.00 -12.73 14.85
N ARG A 30 -3.06 -13.00 15.75
CA ARG A 30 -3.42 -13.53 17.06
C ARG A 30 -4.20 -12.48 17.84
N ASP A 31 -5.52 -12.66 17.93
CA ASP A 31 -6.37 -11.73 18.65
C ASP A 31 -6.46 -10.39 17.92
N VAL A 32 -5.71 -10.25 16.84
CA VAL A 32 -5.69 -9.02 16.06
C VAL A 32 -6.92 -8.90 15.18
N SER A 33 -7.59 -7.75 15.26
CA SER A 33 -8.79 -7.49 14.48
C SER A 33 -9.12 -6.00 14.47
N THR A 34 -8.55 -5.28 15.43
CA THR A 34 -8.77 -3.85 15.56
C THR A 34 -7.47 -3.13 15.88
N ALA A 35 -6.43 -3.91 16.20
CA ALA A 35 -5.13 -3.37 16.54
C ALA A 35 -4.29 -3.11 15.29
N LEU A 36 -4.86 -3.42 14.13
CA LEU A 36 -4.16 -3.23 12.85
C LEU A 36 -3.51 -1.85 12.76
N SER A 37 -3.94 -0.93 13.63
CA SER A 37 -3.38 0.42 13.64
C SER A 37 -1.86 0.38 13.57
N ARG A 38 -1.27 -0.51 14.36
CA ARG A 38 0.19 -0.64 14.38
C ARG A 38 0.63 -1.82 15.23
N MET A 39 0.95 -2.93 14.56
CA MET A 39 1.40 -4.14 15.25
C MET A 39 2.65 -4.70 14.57
N GLY A 40 2.77 -4.45 13.28
CA GLY A 40 3.92 -4.94 12.53
C GLY A 40 3.54 -6.01 11.53
N ASP A 41 4.30 -7.10 11.51
CA ASP A 41 4.03 -8.21 10.60
C ASP A 41 2.76 -8.95 11.02
N GLU A 42 2.35 -8.73 12.27
CA GLU A 42 1.17 -9.38 12.81
C GLU A 42 -0.11 -8.78 12.21
N ALA A 43 -0.02 -7.50 11.84
CA ALA A 43 -1.16 -6.81 11.26
C ALA A 43 -1.01 -6.66 9.75
N PHE A 44 0.02 -7.28 9.19
CA PHE A 44 0.26 -7.21 7.75
C PHE A 44 -0.91 -7.82 7.00
N GLU A 45 -1.25 -9.04 7.36
CA GLU A 45 -2.39 -9.74 6.74
C GLU A 45 -3.71 -9.03 7.00
N PRO A 46 -4.07 -8.78 8.28
CA PRO A 46 -5.34 -8.09 8.62
C PRO A 46 -5.59 -6.90 7.71
N LEU A 47 -4.49 -6.36 7.19
CA LEU A 47 -4.55 -5.24 6.27
C LEU A 47 -5.01 -5.71 4.89
N LEU A 48 -4.29 -6.70 4.36
CA LEU A 48 -4.61 -7.27 3.06
C LEU A 48 -6.00 -7.90 3.08
N GLU A 49 -6.48 -8.22 4.28
CA GLU A 49 -7.79 -8.83 4.43
C GLU A 49 -8.89 -7.77 4.36
N SER A 50 -8.61 -6.60 4.92
CA SER A 50 -9.56 -5.49 4.94
C SER A 50 -9.85 -4.96 3.54
N LEU A 51 -8.81 -4.83 2.72
CA LEU A 51 -8.96 -4.32 1.36
C LEU A 51 -9.83 -5.24 0.50
N SER A 52 -10.18 -6.40 1.06
CA SER A 52 -11.01 -7.36 0.33
C SER A 52 -12.48 -7.10 0.59
N ASN A 53 -12.79 -5.87 0.99
CA ASN A 53 -14.17 -5.49 1.29
C ASN A 53 -14.64 -4.38 0.35
N GLU A 54 -15.92 -4.42 -0.01
CA GLU A 54 -16.50 -3.43 -0.91
C GLU A 54 -16.53 -2.04 -0.26
N ASP A 55 -16.20 -1.99 1.03
CA ASP A 55 -16.18 -0.73 1.75
C ASP A 55 -14.92 0.07 1.42
N TRP A 56 -15.11 1.27 0.90
CA TRP A 56 -13.99 2.14 0.54
C TRP A 56 -13.29 2.67 1.78
N ARG A 57 -14.08 2.94 2.82
CA ARG A 57 -13.55 3.45 4.08
C ARG A 57 -12.55 2.47 4.69
N ILE A 58 -12.97 1.23 4.88
CA ILE A 58 -12.11 0.22 5.46
C ILE A 58 -10.93 -0.10 4.53
N ARG A 59 -11.24 -0.28 3.25
CA ARG A 59 -10.21 -0.58 2.25
C ARG A 59 -9.22 0.58 2.15
N GLY A 60 -9.65 1.75 2.59
CA GLY A 60 -8.78 2.93 2.53
C GLY A 60 -7.61 2.83 3.48
N ALA A 61 -7.89 2.86 4.78
CA ALA A 61 -6.85 2.76 5.81
C ALA A 61 -5.88 1.64 5.50
N ALA A 62 -6.40 0.51 5.04
CA ALA A 62 -5.57 -0.64 4.70
C ALA A 62 -4.51 -0.24 3.69
N ALA A 63 -4.96 0.37 2.60
CA ALA A 63 -4.06 0.82 1.54
C ALA A 63 -3.12 1.90 2.06
N TRP A 64 -3.64 2.74 2.95
CA TRP A 64 -2.88 3.83 3.54
C TRP A 64 -1.70 3.30 4.36
N ILE A 65 -1.84 2.08 4.86
CA ILE A 65 -0.80 1.46 5.68
C ILE A 65 0.03 0.49 4.85
N ILE A 66 -0.52 0.05 3.71
CA ILE A 66 0.17 -0.88 2.83
C ILE A 66 1.54 -0.34 2.41
N GLY A 67 1.63 0.96 2.15
CA GLY A 67 2.89 1.55 1.73
C GLY A 67 3.90 1.60 2.86
N ASN A 68 3.44 1.44 4.09
CA ASN A 68 4.32 1.47 5.24
C ASN A 68 5.32 0.31 5.18
N PHE A 69 4.80 -0.88 4.87
CA PHE A 69 5.64 -2.07 4.78
C PHE A 69 6.25 -2.19 3.39
N GLN A 70 7.56 -2.02 3.33
CA GLN A 70 8.30 -2.11 2.06
C GLN A 70 8.44 -3.56 1.61
N ASP A 71 7.41 -4.36 1.89
CA ASP A 71 7.43 -5.76 1.51
C ASP A 71 6.60 -5.99 0.24
N GLU A 72 6.92 -7.07 -0.47
CA GLU A 72 6.23 -7.40 -1.71
C GLU A 72 4.74 -7.69 -1.47
N ARG A 73 4.42 -8.08 -0.23
CA ARG A 73 3.04 -8.40 0.12
C ARG A 73 2.12 -7.20 -0.13
N ALA A 74 2.60 -6.01 0.20
CA ALA A 74 1.82 -4.79 0.03
C ALA A 74 2.15 -4.05 -1.26
N VAL A 75 2.65 -4.76 -2.26
CA VAL A 75 2.99 -4.13 -3.53
C VAL A 75 1.81 -4.18 -4.50
N GLU A 76 1.09 -5.31 -4.47
CA GLU A 76 -0.06 -5.49 -5.35
C GLU A 76 -1.14 -4.44 -5.11
N PRO A 77 -1.57 -4.23 -3.85
CA PRO A 77 -2.61 -3.24 -3.52
C PRO A 77 -2.42 -1.93 -4.27
N LEU A 78 -1.23 -1.37 -4.19
CA LEU A 78 -0.93 -0.11 -4.84
C LEU A 78 -1.18 -0.18 -6.35
N ILE A 79 -0.81 -1.29 -6.95
CA ILE A 79 -0.98 -1.48 -8.39
C ILE A 79 -2.42 -1.23 -8.83
N LYS A 80 -3.36 -2.00 -8.30
CA LYS A 80 -4.77 -1.85 -8.66
C LYS A 80 -5.38 -0.56 -8.09
N LEU A 81 -4.90 -0.14 -6.93
CA LEU A 81 -5.42 1.03 -6.25
C LEU A 81 -5.18 2.33 -7.01
N LEU A 82 -3.97 2.50 -7.53
CA LEU A 82 -3.61 3.72 -8.25
C LEU A 82 -4.47 3.87 -9.50
N GLU A 83 -5.23 2.82 -9.81
CA GLU A 83 -6.10 2.83 -10.97
C GLU A 83 -7.54 2.47 -10.60
N ASP A 84 -7.74 2.09 -9.34
CA ASP A 84 -9.08 1.73 -8.87
C ASP A 84 -10.04 2.90 -9.00
N ASP A 85 -9.50 4.09 -8.82
CA ASP A 85 -10.26 5.33 -8.91
C ASP A 85 -11.41 5.35 -7.91
N SER A 86 -11.24 4.60 -6.82
CA SER A 86 -12.26 4.53 -5.78
C SER A 86 -12.12 5.66 -4.77
N GLY A 87 -11.20 6.59 -5.03
CA GLY A 87 -11.00 7.70 -4.13
C GLY A 87 -10.07 7.35 -2.98
N PHE A 88 -10.64 7.15 -1.79
CA PHE A 88 -9.86 6.80 -0.61
C PHE A 88 -8.93 5.64 -0.93
N VAL A 89 -9.44 4.68 -1.69
CA VAL A 89 -8.68 3.51 -2.08
C VAL A 89 -7.55 3.86 -3.03
N ARG A 90 -7.80 4.81 -3.94
CA ARG A 90 -6.79 5.22 -4.91
C ARG A 90 -5.75 6.13 -4.27
N SER A 91 -6.21 7.26 -3.72
CA SER A 91 -5.33 8.22 -3.06
C SER A 91 -4.42 7.55 -2.04
N GLY A 92 -4.91 6.46 -1.46
CA GLY A 92 -4.13 5.74 -0.47
C GLY A 92 -2.88 5.15 -1.04
N ALA A 93 -2.96 4.67 -2.28
CA ALA A 93 -1.81 4.06 -2.95
C ALA A 93 -0.83 5.12 -3.44
N ALA A 94 -1.37 6.25 -3.91
CA ALA A 94 -0.53 7.32 -4.43
C ALA A 94 0.49 7.75 -3.38
N ARG A 95 0.01 8.00 -2.16
CA ARG A 95 0.89 8.41 -1.07
C ARG A 95 1.73 7.24 -0.56
N SER A 96 1.16 6.04 -0.59
CA SER A 96 1.84 4.84 -0.12
C SER A 96 3.18 4.63 -0.83
N LEU A 97 3.21 4.88 -2.13
CA LEU A 97 4.44 4.71 -2.91
C LEU A 97 5.56 5.53 -2.30
N GLU A 98 5.35 6.85 -2.22
CA GLU A 98 6.35 7.75 -1.65
C GLU A 98 6.83 7.23 -0.29
N GLN A 99 5.95 6.52 0.42
CA GLN A 99 6.30 5.98 1.72
C GLN A 99 7.34 4.87 1.56
N ILE A 100 7.15 4.03 0.56
CA ILE A 100 8.06 2.93 0.29
C ILE A 100 9.41 3.44 -0.21
N GLY A 101 9.39 4.12 -1.35
CA GLY A 101 10.62 4.66 -1.92
C GLY A 101 11.66 3.61 -2.21
N GLY A 102 11.92 3.37 -3.49
CA GLY A 102 12.91 2.38 -3.88
C GLY A 102 12.81 2.01 -5.35
N GLU A 103 13.77 1.20 -5.82
CA GLU A 103 13.78 0.77 -7.20
C GLU A 103 12.57 -0.10 -7.52
N ARG A 104 12.00 -0.70 -6.48
CA ARG A 104 10.84 -1.56 -6.62
C ARG A 104 9.58 -0.74 -6.85
N VAL A 105 9.53 0.44 -6.23
CA VAL A 105 8.39 1.33 -6.38
C VAL A 105 8.34 1.87 -7.80
N ARG A 106 9.52 2.04 -8.38
CA ARG A 106 9.66 2.55 -9.74
C ARG A 106 8.81 1.73 -10.70
N ALA A 107 8.55 0.47 -10.36
CA ALA A 107 7.74 -0.41 -11.19
C ALA A 107 6.28 -0.01 -11.13
N ALA A 108 5.82 0.32 -9.92
CA ALA A 108 4.44 0.74 -9.72
C ALA A 108 4.15 2.07 -10.42
N MET A 109 5.08 3.02 -10.30
CA MET A 109 4.91 4.31 -10.93
C MET A 109 4.99 4.19 -12.45
N GLU A 110 5.85 3.30 -12.92
CA GLU A 110 6.01 3.08 -14.36
C GLU A 110 4.72 2.53 -14.93
N LYS A 111 3.99 1.78 -14.12
CA LYS A 111 2.73 1.19 -14.53
C LYS A 111 1.69 2.28 -14.80
N LEU A 112 1.69 3.31 -13.96
CA LEU A 112 0.74 4.41 -14.12
C LEU A 112 1.09 5.25 -15.34
N ALA A 113 2.38 5.47 -15.55
CA ALA A 113 2.84 6.25 -16.69
C ALA A 113 2.32 5.66 -17.99
N GLU A 114 1.97 4.38 -17.96
CA GLU A 114 1.45 3.69 -19.12
C GLU A 114 -0.07 3.76 -19.14
N THR A 115 -0.65 3.96 -17.96
CA THR A 115 -2.10 4.06 -17.80
C THR A 115 -2.49 5.40 -17.19
N GLY A 116 -1.79 6.45 -17.61
CA GLY A 116 -2.06 7.79 -17.09
C GLY A 116 -3.53 8.08 -16.88
N THR A 117 -3.95 8.06 -15.61
CA THR A 117 -5.33 8.33 -15.26
C THR A 117 -5.42 9.08 -13.94
N GLY A 118 -6.22 10.15 -13.92
CA GLY A 118 -6.38 10.95 -12.72
C GLY A 118 -5.06 11.54 -12.25
N PHE A 119 -4.89 11.60 -10.92
CA PHE A 119 -3.67 12.16 -10.35
C PHE A 119 -2.58 11.09 -10.27
N ALA A 120 -3.00 9.83 -10.23
CA ALA A 120 -2.08 8.70 -10.15
C ALA A 120 -0.91 8.87 -11.11
N ARG A 121 -1.19 9.42 -12.28
CA ARG A 121 -0.17 9.63 -13.30
C ARG A 121 0.89 10.63 -12.81
N LYS A 122 0.44 11.86 -12.53
CA LYS A 122 1.34 12.90 -12.05
C LYS A 122 2.09 12.42 -10.81
N VAL A 123 1.41 11.61 -10.02
CA VAL A 123 1.97 11.06 -8.80
C VAL A 123 3.14 10.14 -9.11
N ALA A 124 2.96 9.27 -10.10
CA ALA A 124 3.99 8.31 -10.49
C ALA A 124 5.24 8.99 -11.05
N VAL A 125 5.05 9.75 -12.12
CA VAL A 125 6.13 10.45 -12.81
C VAL A 125 6.94 11.34 -11.87
N ASN A 126 6.28 12.34 -11.30
CA ASN A 126 6.95 13.29 -10.40
C ASN A 126 7.64 12.56 -9.24
N TYR A 127 7.01 11.51 -8.73
CA TYR A 127 7.56 10.75 -7.62
C TYR A 127 8.92 10.17 -7.97
N LEU A 128 9.02 9.61 -9.17
CA LEU A 128 10.26 8.98 -9.64
C LEU A 128 11.46 9.90 -9.48
N GLU A 129 11.22 11.19 -9.31
CA GLU A 129 12.30 12.16 -9.15
C GLU A 129 13.13 11.85 -7.90
N THR A 130 12.65 10.90 -7.10
CA THR A 130 13.35 10.50 -5.87
C THR A 130 13.67 9.01 -5.88
N HIS A 131 12.71 8.21 -6.33
CA HIS A 131 12.88 6.76 -6.40
C HIS A 131 12.21 6.19 -7.63
N MET A 21 11.83 -23.30 7.34
CA MET A 21 11.31 -23.72 8.67
C MET A 21 12.05 -23.02 9.80
N ALA A 22 11.30 -22.33 10.65
CA ALA A 22 11.89 -21.60 11.78
C ALA A 22 12.97 -20.63 11.32
N ASP A 23 12.85 -20.17 10.08
CA ASP A 23 13.81 -19.23 9.52
C ASP A 23 13.35 -17.79 9.73
N GLU A 24 12.31 -17.38 9.01
CA GLU A 24 11.78 -16.04 9.12
C GLU A 24 10.52 -16.01 10.00
N ASN A 25 9.64 -16.98 9.78
CA ASN A 25 8.41 -17.07 10.55
C ASN A 25 8.56 -18.03 11.73
N LYS A 26 8.74 -17.46 12.91
CA LYS A 26 8.90 -18.26 14.13
C LYS A 26 7.68 -18.10 15.03
N TRP A 27 7.46 -16.87 15.49
CA TRP A 27 6.31 -16.57 16.34
C TRP A 27 5.12 -16.15 15.50
N VAL A 28 5.39 -15.42 14.42
CA VAL A 28 4.35 -14.97 13.50
C VAL A 28 3.20 -14.30 14.27
N ARG A 29 1.97 -14.53 13.82
CA ARG A 29 0.80 -13.93 14.46
C ARG A 29 0.37 -14.71 15.70
N ARG A 30 1.01 -15.86 15.92
CA ARG A 30 0.69 -16.67 17.08
C ARG A 30 0.91 -15.85 18.35
N ASP A 31 -0.08 -15.83 19.24
CA ASP A 31 0.00 -15.08 20.48
C ASP A 31 0.04 -13.58 20.20
N VAL A 32 -0.31 -13.21 18.97
CA VAL A 32 -0.33 -11.81 18.55
C VAL A 32 -1.62 -11.47 17.82
N SER A 33 -2.10 -10.25 18.00
CA SER A 33 -3.33 -9.81 17.35
C SER A 33 -3.43 -8.29 17.31
N THR A 34 -2.35 -7.61 17.72
CA THR A 34 -2.33 -6.15 17.73
C THR A 34 -1.06 -5.62 17.07
N ALA A 35 -0.57 -6.35 16.07
CA ALA A 35 0.64 -5.96 15.36
C ALA A 35 0.30 -5.06 14.17
N LEU A 36 -0.98 -4.83 13.95
CA LEU A 36 -1.44 -4.01 12.84
C LEU A 36 -1.09 -2.54 13.05
N SER A 37 -0.80 -2.18 14.30
CA SER A 37 -0.46 -0.80 14.63
C SER A 37 0.56 -0.24 13.66
N ARG A 38 1.66 -0.98 13.47
CA ARG A 38 2.72 -0.57 12.57
C ARG A 38 3.79 -1.65 12.48
N MET A 39 3.66 -2.66 13.33
CA MET A 39 4.61 -3.76 13.37
C MET A 39 4.70 -4.45 12.01
N GLY A 40 3.55 -4.57 11.36
CA GLY A 40 3.50 -5.21 10.05
C GLY A 40 4.02 -6.63 10.07
N ASP A 41 4.19 -7.21 8.88
CA ASP A 41 4.68 -8.57 8.74
C ASP A 41 3.74 -9.56 9.40
N GLU A 42 3.84 -9.67 10.72
CA GLU A 42 3.00 -10.59 11.48
C GLU A 42 1.51 -10.31 11.22
N ALA A 43 1.17 -9.03 11.16
CA ALA A 43 -0.21 -8.62 10.91
C ALA A 43 -0.39 -8.09 9.49
N PHE A 44 0.55 -8.42 8.61
CA PHE A 44 0.49 -7.97 7.23
C PHE A 44 -0.78 -8.48 6.53
N GLU A 45 -1.07 -9.77 6.69
CA GLU A 45 -2.26 -10.37 6.06
C GLU A 45 -3.56 -9.75 6.57
N PRO A 46 -3.80 -9.72 7.91
CA PRO A 46 -5.02 -9.14 8.47
C PRO A 46 -5.32 -7.78 7.83
N LEU A 47 -4.27 -7.17 7.32
CA LEU A 47 -4.34 -5.88 6.67
C LEU A 47 -4.73 -6.06 5.20
N LEU A 48 -4.08 -7.01 4.53
CA LEU A 48 -4.35 -7.30 3.14
C LEU A 48 -5.73 -7.95 3.00
N GLU A 49 -6.26 -8.44 4.11
CA GLU A 49 -7.56 -9.09 4.13
C GLU A 49 -8.68 -8.07 4.03
N SER A 50 -8.47 -6.92 4.67
CA SER A 50 -9.45 -5.84 4.68
C SER A 50 -9.65 -5.24 3.28
N LEU A 51 -8.67 -5.44 2.40
CA LEU A 51 -8.74 -4.91 1.05
C LEU A 51 -9.87 -5.56 0.25
N SER A 52 -10.47 -6.61 0.80
CA SER A 52 -11.55 -7.32 0.13
C SER A 52 -12.91 -6.91 0.70
N ASN A 53 -12.91 -5.86 1.51
CA ASN A 53 -14.15 -5.38 2.12
C ASN A 53 -15.05 -4.72 1.08
N GLU A 54 -16.36 -4.84 1.28
CA GLU A 54 -17.34 -4.26 0.37
C GLU A 54 -17.25 -2.73 0.38
N ASP A 55 -16.63 -2.18 1.42
CA ASP A 55 -16.48 -0.74 1.53
C ASP A 55 -15.23 -0.26 0.81
N TRP A 56 -15.16 1.03 0.54
CA TRP A 56 -14.02 1.62 -0.15
C TRP A 56 -13.11 2.35 0.84
N ARG A 57 -13.72 3.04 1.78
CA ARG A 57 -12.96 3.78 2.79
C ARG A 57 -12.04 2.85 3.58
N ILE A 58 -12.54 1.64 3.85
CA ILE A 58 -11.76 0.66 4.59
C ILE A 58 -10.47 0.30 3.84
N ARG A 59 -10.59 0.15 2.53
CA ARG A 59 -9.44 -0.18 1.70
C ARG A 59 -8.41 0.94 1.76
N GLY A 60 -8.87 2.15 2.09
CA GLY A 60 -7.98 3.28 2.18
C GLY A 60 -6.97 3.13 3.30
N ALA A 61 -7.47 3.09 4.54
CA ALA A 61 -6.61 2.93 5.70
C ALA A 61 -5.67 1.74 5.54
N ALA A 62 -6.16 0.70 4.87
CA ALA A 62 -5.36 -0.49 4.64
C ALA A 62 -4.17 -0.19 3.71
N ALA A 63 -4.48 0.35 2.55
CA ALA A 63 -3.45 0.72 1.57
C ALA A 63 -2.52 1.78 2.14
N TRP A 64 -3.05 2.57 3.08
CA TRP A 64 -2.29 3.64 3.71
C TRP A 64 -1.19 3.11 4.63
N ILE A 65 -1.44 1.97 5.27
CA ILE A 65 -0.48 1.38 6.19
C ILE A 65 0.31 0.27 5.53
N ILE A 66 -0.26 -0.31 4.48
CA ILE A 66 0.37 -1.40 3.76
C ILE A 66 1.72 -1.00 3.16
N GLY A 67 1.80 0.24 2.65
CA GLY A 67 3.03 0.70 2.04
C GLY A 67 4.09 1.10 3.05
N ASN A 68 3.68 1.27 4.31
CA ASN A 68 4.61 1.67 5.36
C ASN A 68 5.58 0.53 5.72
N PHE A 69 5.27 -0.69 5.28
CA PHE A 69 6.13 -1.84 5.58
C PHE A 69 7.14 -2.09 4.45
N GLN A 70 6.97 -1.41 3.32
CA GLN A 70 7.87 -1.58 2.18
C GLN A 70 8.06 -3.05 1.83
N ASP A 71 6.97 -3.72 1.47
CA ASP A 71 7.02 -5.13 1.10
C ASP A 71 6.37 -5.37 -0.25
N GLU A 72 6.68 -6.52 -0.85
CA GLU A 72 6.12 -6.89 -2.14
C GLU A 72 4.62 -7.11 -2.04
N ARG A 73 4.19 -7.66 -0.91
CA ARG A 73 2.77 -7.93 -0.67
C ARG A 73 1.98 -6.64 -0.57
N ALA A 74 2.68 -5.51 -0.53
CA ALA A 74 2.04 -4.21 -0.43
C ALA A 74 2.03 -3.50 -1.77
N VAL A 75 2.82 -4.01 -2.70
CA VAL A 75 2.93 -3.42 -4.03
C VAL A 75 1.68 -3.66 -4.88
N GLU A 76 1.09 -4.85 -4.77
CA GLU A 76 -0.10 -5.17 -5.55
C GLU A 76 -1.23 -4.17 -5.29
N PRO A 77 -1.59 -3.90 -4.02
CA PRO A 77 -2.65 -2.95 -3.67
C PRO A 77 -2.58 -1.69 -4.52
N LEU A 78 -1.40 -1.08 -4.56
CA LEU A 78 -1.18 0.13 -5.34
C LEU A 78 -1.63 -0.02 -6.78
N ILE A 79 -1.41 -1.21 -7.35
CA ILE A 79 -1.77 -1.46 -8.75
C ILE A 79 -3.26 -1.20 -9.00
N LYS A 80 -4.12 -1.96 -8.32
CA LYS A 80 -5.57 -1.83 -8.49
C LYS A 80 -6.13 -0.55 -7.88
N LEU A 81 -5.30 0.15 -7.11
CA LEU A 81 -5.74 1.38 -6.44
C LEU A 81 -5.51 2.63 -7.30
N LEU A 82 -4.32 2.77 -7.84
CA LEU A 82 -3.99 3.92 -8.67
C LEU A 82 -4.95 4.05 -9.84
N GLU A 83 -5.69 3.00 -10.11
CA GLU A 83 -6.66 2.99 -11.20
C GLU A 83 -8.09 2.88 -10.66
N ASP A 84 -8.20 2.56 -9.37
CA ASP A 84 -9.51 2.43 -8.73
C ASP A 84 -10.29 3.73 -8.78
N ASP A 85 -9.60 4.81 -8.46
CA ASP A 85 -10.18 6.15 -8.46
C ASP A 85 -11.32 6.26 -7.45
N SER A 86 -11.27 5.41 -6.42
CA SER A 86 -12.30 5.41 -5.38
C SER A 86 -11.99 6.42 -4.27
N GLY A 87 -10.96 7.23 -4.47
CA GLY A 87 -10.59 8.22 -3.47
C GLY A 87 -9.59 7.68 -2.47
N PHE A 88 -10.04 7.45 -1.24
CA PHE A 88 -9.16 6.92 -0.19
C PHE A 88 -8.41 5.71 -0.72
N VAL A 89 -9.05 4.99 -1.64
CA VAL A 89 -8.46 3.82 -2.27
C VAL A 89 -7.36 4.22 -3.24
N ARG A 90 -7.67 5.16 -4.13
CA ARG A 90 -6.70 5.63 -5.12
C ARG A 90 -5.58 6.42 -4.47
N SER A 91 -5.94 7.53 -3.83
CA SER A 91 -4.96 8.38 -3.15
C SER A 91 -4.09 7.56 -2.21
N GLY A 92 -4.63 6.46 -1.71
CA GLY A 92 -3.87 5.61 -0.81
C GLY A 92 -2.60 5.12 -1.45
N ALA A 93 -2.74 4.47 -2.60
CA ALA A 93 -1.59 3.96 -3.33
C ALA A 93 -0.60 5.08 -3.64
N ALA A 94 -1.11 6.21 -4.11
CA ALA A 94 -0.29 7.36 -4.44
C ALA A 94 0.51 7.80 -3.22
N ARG A 95 -0.03 7.54 -2.04
CA ARG A 95 0.62 7.92 -0.79
C ARG A 95 1.65 6.87 -0.38
N SER A 96 1.35 5.61 -0.66
CA SER A 96 2.24 4.50 -0.32
C SER A 96 3.59 4.63 -1.02
N LEU A 97 3.57 5.05 -2.28
CA LEU A 97 4.80 5.20 -3.06
C LEU A 97 5.76 6.18 -2.40
N GLU A 98 5.31 7.41 -2.22
CA GLU A 98 6.13 8.45 -1.61
C GLU A 98 6.78 7.98 -0.31
N GLN A 99 6.05 7.20 0.48
CA GLN A 99 6.56 6.69 1.74
C GLN A 99 7.63 5.63 1.51
N ILE A 100 7.34 4.68 0.63
CA ILE A 100 8.29 3.60 0.33
C ILE A 100 9.58 4.14 -0.26
N GLY A 101 9.48 4.82 -1.40
CA GLY A 101 10.65 5.39 -2.05
C GLY A 101 11.74 4.35 -2.28
N GLY A 102 11.49 3.44 -3.21
CA GLY A 102 12.46 2.40 -3.51
C GLY A 102 12.36 1.90 -4.94
N GLU A 103 13.40 1.20 -5.39
CA GLU A 103 13.43 0.66 -6.75
C GLU A 103 12.35 -0.40 -6.93
N ARG A 104 11.98 -1.05 -5.84
CA ARG A 104 10.95 -2.10 -5.87
C ARG A 104 9.58 -1.49 -6.15
N VAL A 105 9.22 -0.47 -5.37
CA VAL A 105 7.94 0.20 -5.55
C VAL A 105 7.93 1.01 -6.83
N ARG A 106 9.12 1.38 -7.28
CA ARG A 106 9.29 2.15 -8.50
C ARG A 106 8.59 1.47 -9.67
N ALA A 107 8.51 0.14 -9.62
CA ALA A 107 7.86 -0.62 -10.66
C ALA A 107 6.36 -0.31 -10.69
N ALA A 108 5.81 0.00 -9.52
CA ALA A 108 4.40 0.33 -9.40
C ALA A 108 4.06 1.57 -10.22
N MET A 109 4.81 2.64 -10.03
CA MET A 109 4.57 3.87 -10.78
C MET A 109 4.94 3.69 -12.24
N GLU A 110 5.84 2.74 -12.51
CA GLU A 110 6.27 2.44 -13.87
C GLU A 110 5.12 1.83 -14.65
N LYS A 111 4.37 0.94 -13.98
CA LYS A 111 3.24 0.27 -14.61
C LYS A 111 2.02 1.19 -14.64
N LEU A 112 1.99 2.20 -13.77
CA LEU A 112 0.89 3.13 -13.73
C LEU A 112 1.11 4.27 -14.73
N ALA A 113 2.38 4.59 -14.97
CA ALA A 113 2.74 5.65 -15.90
C ALA A 113 2.24 5.33 -17.31
N GLU A 114 2.11 4.04 -17.60
CA GLU A 114 1.64 3.60 -18.91
C GLU A 114 0.12 3.69 -18.98
N THR A 115 -0.52 3.63 -17.82
CA THR A 115 -1.97 3.73 -17.74
C THR A 115 -2.34 4.96 -16.92
N GLY A 116 -1.42 5.92 -16.90
CA GLY A 116 -1.61 7.15 -16.16
C GLY A 116 -2.85 7.90 -16.58
N THR A 117 -3.74 8.12 -15.63
CA THR A 117 -4.97 8.85 -15.87
C THR A 117 -5.29 9.79 -14.71
N GLY A 118 -5.59 11.04 -15.03
CA GLY A 118 -5.90 12.02 -14.01
C GLY A 118 -4.79 12.18 -12.99
N PHE A 119 -5.16 12.19 -11.71
CA PHE A 119 -4.20 12.34 -10.63
C PHE A 119 -3.26 11.14 -10.55
N ALA A 120 -3.79 9.96 -10.87
CA ALA A 120 -3.01 8.72 -10.85
C ALA A 120 -1.69 8.85 -11.61
N ARG A 121 -1.74 9.54 -12.74
CA ARG A 121 -0.56 9.73 -13.57
C ARG A 121 0.47 10.65 -12.92
N LYS A 122 0.05 11.89 -12.65
CA LYS A 122 0.93 12.88 -12.02
C LYS A 122 1.65 12.27 -10.83
N VAL A 123 1.04 11.25 -10.25
CA VAL A 123 1.61 10.56 -9.10
C VAL A 123 2.88 9.80 -9.49
N ALA A 124 2.74 8.86 -10.41
CA ALA A 124 3.86 8.04 -10.87
C ALA A 124 5.07 8.85 -11.27
N VAL A 125 4.89 9.72 -12.24
CA VAL A 125 5.97 10.56 -12.79
C VAL A 125 6.65 11.43 -11.74
N ASN A 126 5.90 12.37 -11.17
CA ASN A 126 6.43 13.29 -10.18
C ASN A 126 7.08 12.56 -9.00
N TYR A 127 6.47 11.46 -8.58
CA TYR A 127 6.99 10.68 -7.47
C TYR A 127 8.41 10.20 -7.74
N LEU A 128 8.61 9.62 -8.92
CA LEU A 128 9.92 9.09 -9.32
C LEU A 128 11.02 10.13 -9.17
N GLU A 129 10.65 11.41 -9.15
CA GLU A 129 11.62 12.49 -9.02
C GLU A 129 12.48 12.30 -7.77
N THR A 130 11.97 11.52 -6.82
CA THR A 130 12.70 11.26 -5.58
C THR A 130 13.48 9.95 -5.66
N HIS A 131 12.81 8.89 -6.11
CA HIS A 131 13.45 7.59 -6.24
C HIS A 131 13.13 6.95 -7.60
N MET A 21 -1.20 -24.50 14.88
CA MET A 21 0.11 -24.46 14.17
C MET A 21 1.22 -24.98 15.08
N ALA A 22 1.25 -24.49 16.32
CA ALA A 22 2.27 -24.90 17.29
C ALA A 22 3.67 -24.66 16.75
N ASP A 23 3.78 -23.88 15.68
CA ASP A 23 5.06 -23.58 15.07
C ASP A 23 5.07 -22.15 14.52
N GLU A 24 6.13 -21.41 14.82
CA GLU A 24 6.28 -20.03 14.36
C GLU A 24 5.18 -19.15 14.94
N ASN A 25 4.04 -19.11 14.25
CA ASN A 25 2.90 -18.30 14.69
C ASN A 25 2.26 -18.90 15.95
N LYS A 26 2.22 -18.11 17.01
CA LYS A 26 1.64 -18.56 18.28
C LYS A 26 1.43 -17.39 19.24
N TRP A 27 2.13 -16.29 18.98
CA TRP A 27 2.03 -15.11 19.83
C TRP A 27 2.54 -13.86 19.11
N VAL A 28 2.57 -13.91 17.78
CA VAL A 28 3.04 -12.77 17.00
C VAL A 28 2.00 -11.67 16.93
N ARG A 29 1.90 -10.91 18.02
CA ARG A 29 0.94 -9.80 18.11
C ARG A 29 -0.46 -10.24 17.74
N ARG A 30 -0.72 -11.54 17.80
CA ARG A 30 -2.04 -12.06 17.51
C ARG A 30 -3.01 -11.65 18.61
N ASP A 31 -3.86 -10.67 18.32
CA ASP A 31 -4.83 -10.17 19.29
C ASP A 31 -4.13 -9.43 20.43
N VAL A 32 -2.85 -9.12 20.24
CA VAL A 32 -2.07 -8.42 21.25
C VAL A 32 -2.75 -7.11 21.65
N SER A 33 -3.53 -6.55 20.72
CA SER A 33 -4.24 -5.29 20.96
C SER A 33 -5.26 -5.04 19.85
N THR A 34 -4.76 -4.61 18.70
CA THR A 34 -5.61 -4.34 17.54
C THR A 34 -5.28 -5.29 16.39
N ALA A 35 -6.10 -5.27 15.35
CA ALA A 35 -5.88 -6.15 14.20
C ALA A 35 -5.12 -5.47 13.06
N LEU A 36 -5.77 -4.52 12.40
CA LEU A 36 -5.14 -3.82 11.27
C LEU A 36 -4.31 -2.62 11.74
N SER A 37 -4.51 -2.23 13.00
CA SER A 37 -3.78 -1.09 13.54
C SER A 37 -2.39 -1.49 14.04
N ARG A 38 -2.32 -2.52 14.88
CA ARG A 38 -1.03 -2.95 15.42
C ARG A 38 -0.95 -4.48 15.59
N MET A 39 -0.43 -5.16 14.58
CA MET A 39 -0.26 -6.61 14.62
C MET A 39 1.11 -7.02 14.14
N GLY A 40 1.89 -6.05 13.66
CA GLY A 40 3.22 -6.34 13.17
C GLY A 40 3.21 -7.08 11.84
N ASP A 41 3.59 -8.36 11.87
CA ASP A 41 3.61 -9.18 10.67
C ASP A 41 2.23 -9.75 10.38
N GLU A 42 1.46 -9.96 11.45
CA GLU A 42 0.12 -10.49 11.31
C GLU A 42 -0.86 -9.40 10.86
N ALA A 43 -0.31 -8.23 10.58
CA ALA A 43 -1.13 -7.09 10.13
C ALA A 43 -1.05 -6.94 8.61
N PHE A 44 0.02 -7.47 8.02
CA PHE A 44 0.22 -7.39 6.59
C PHE A 44 -0.94 -7.98 5.81
N GLU A 45 -1.33 -9.20 6.16
CA GLU A 45 -2.44 -9.86 5.47
C GLU A 45 -3.76 -9.12 5.66
N PRO A 46 -4.21 -8.86 6.91
CA PRO A 46 -5.46 -8.14 7.18
C PRO A 46 -5.59 -6.91 6.29
N LEU A 47 -4.43 -6.37 5.93
CA LEU A 47 -4.37 -5.20 5.07
C LEU A 47 -4.77 -5.57 3.65
N LEU A 48 -4.15 -6.65 3.15
CA LEU A 48 -4.44 -7.15 1.81
C LEU A 48 -5.80 -7.83 1.77
N GLU A 49 -6.31 -8.19 2.94
CA GLU A 49 -7.60 -8.85 3.05
C GLU A 49 -8.73 -7.82 2.99
N SER A 50 -8.50 -6.69 3.64
CA SER A 50 -9.49 -5.61 3.69
C SER A 50 -9.71 -4.99 2.30
N LEU A 51 -8.84 -5.34 1.36
CA LEU A 51 -8.95 -4.80 0.00
C LEU A 51 -10.26 -5.23 -0.67
N SER A 52 -10.85 -6.31 -0.15
CA SER A 52 -12.10 -6.82 -0.70
C SER A 52 -13.27 -6.47 0.22
N ASN A 53 -13.00 -5.64 1.22
CA ASN A 53 -14.03 -5.23 2.18
C ASN A 53 -15.12 -4.42 1.49
N GLU A 54 -16.33 -4.50 2.03
CA GLU A 54 -17.47 -3.78 1.49
C GLU A 54 -17.31 -2.27 1.68
N ASP A 55 -16.88 -1.88 2.88
CA ASP A 55 -16.68 -0.47 3.20
C ASP A 55 -15.37 0.04 2.59
N TRP A 56 -15.45 1.21 1.97
CA TRP A 56 -14.26 1.81 1.35
C TRP A 56 -13.41 2.51 2.40
N ARG A 57 -14.03 2.87 3.52
CA ARG A 57 -13.33 3.53 4.60
C ARG A 57 -12.22 2.63 5.16
N ILE A 58 -12.58 1.38 5.43
CA ILE A 58 -11.63 0.42 5.96
C ILE A 58 -10.68 -0.06 4.86
N ARG A 59 -11.22 -0.23 3.66
CA ARG A 59 -10.43 -0.67 2.52
C ARG A 59 -9.33 0.34 2.22
N GLY A 60 -9.61 1.61 2.48
CA GLY A 60 -8.64 2.65 2.23
C GLY A 60 -7.48 2.60 3.20
N ALA A 61 -7.79 2.66 4.49
CA ALA A 61 -6.77 2.62 5.54
C ALA A 61 -5.77 1.49 5.28
N ALA A 62 -6.23 0.44 4.62
CA ALA A 62 -5.37 -0.70 4.30
C ALA A 62 -4.17 -0.23 3.47
N ALA A 63 -4.46 0.43 2.37
CA ALA A 63 -3.42 0.95 1.49
C ALA A 63 -2.58 2.00 2.20
N TRP A 64 -3.21 2.70 3.15
CA TRP A 64 -2.56 3.76 3.91
C TRP A 64 -1.42 3.23 4.80
N ILE A 65 -1.60 2.01 5.31
CA ILE A 65 -0.60 1.41 6.18
C ILE A 65 0.26 0.38 5.44
N ILE A 66 -0.28 -0.11 4.32
CA ILE A 66 0.42 -1.12 3.53
C ILE A 66 1.77 -0.63 3.02
N GLY A 67 1.87 0.64 2.65
CA GLY A 67 3.13 1.16 2.15
C GLY A 67 4.17 1.34 3.25
N ASN A 68 3.74 1.16 4.49
CA ASN A 68 4.62 1.30 5.63
C ASN A 68 5.64 0.16 5.71
N PHE A 69 5.31 -0.97 5.09
CA PHE A 69 6.21 -2.12 5.11
C PHE A 69 7.22 -2.09 3.95
N GLN A 70 6.79 -1.53 2.81
CA GLN A 70 7.66 -1.42 1.64
C GLN A 70 8.00 -2.79 1.07
N ASP A 71 7.20 -3.81 1.42
CA ASP A 71 7.43 -5.17 0.93
C ASP A 71 6.76 -5.38 -0.42
N GLU A 72 7.08 -6.49 -1.07
CA GLU A 72 6.52 -6.80 -2.38
C GLU A 72 5.00 -7.02 -2.31
N ARG A 73 4.54 -7.62 -1.22
CA ARG A 73 3.12 -7.88 -1.03
C ARG A 73 2.34 -6.58 -0.84
N ALA A 74 3.06 -5.48 -0.66
CA ALA A 74 2.44 -4.18 -0.47
C ALA A 74 2.54 -3.34 -1.74
N VAL A 75 3.06 -3.96 -2.79
CA VAL A 75 3.22 -3.30 -4.07
C VAL A 75 2.00 -3.49 -4.97
N GLU A 76 1.36 -4.65 -4.85
CA GLU A 76 0.18 -4.96 -5.66
C GLU A 76 -0.95 -3.95 -5.42
N PRO A 77 -1.31 -3.68 -4.13
CA PRO A 77 -2.38 -2.73 -3.81
C PRO A 77 -2.24 -1.42 -4.57
N LEU A 78 -1.05 -0.85 -4.55
CA LEU A 78 -0.78 0.41 -5.22
C LEU A 78 -1.06 0.32 -6.72
N ILE A 79 -0.93 -0.88 -7.29
CA ILE A 79 -1.16 -1.07 -8.71
C ILE A 79 -2.60 -0.78 -9.11
N LYS A 80 -3.55 -1.53 -8.56
CA LYS A 80 -4.96 -1.35 -8.88
C LYS A 80 -5.53 -0.06 -8.27
N LEU A 81 -5.12 0.24 -7.05
CA LEU A 81 -5.61 1.42 -6.33
C LEU A 81 -5.42 2.72 -7.11
N LEU A 82 -4.20 2.97 -7.58
CA LEU A 82 -3.91 4.20 -8.31
C LEU A 82 -4.74 4.26 -9.58
N GLU A 83 -5.38 3.15 -9.90
CA GLU A 83 -6.22 3.06 -11.08
C GLU A 83 -7.68 2.87 -10.67
N ASP A 84 -7.88 2.52 -9.40
CA ASP A 84 -9.22 2.29 -8.86
C ASP A 84 -10.07 3.55 -8.94
N ASP A 85 -9.49 4.65 -8.50
CA ASP A 85 -10.17 5.95 -8.51
C ASP A 85 -11.39 5.94 -7.60
N SER A 86 -11.37 5.10 -6.57
CA SER A 86 -12.49 5.01 -5.64
C SER A 86 -12.37 6.08 -4.55
N GLY A 87 -11.18 6.65 -4.40
CA GLY A 87 -10.95 7.68 -3.40
C GLY A 87 -10.00 7.21 -2.32
N PHE A 88 -10.53 6.90 -1.14
CA PHE A 88 -9.69 6.42 -0.03
C PHE A 88 -8.82 5.27 -0.53
N VAL A 89 -9.33 4.57 -1.53
CA VAL A 89 -8.62 3.45 -2.13
C VAL A 89 -7.47 3.93 -2.99
N ARG A 90 -7.78 4.81 -3.95
CA ARG A 90 -6.76 5.36 -4.85
C ARG A 90 -5.78 6.25 -4.09
N SER A 91 -6.30 7.32 -3.51
CA SER A 91 -5.47 8.25 -2.73
C SER A 91 -4.63 7.51 -1.69
N GLY A 92 -5.18 6.42 -1.18
CA GLY A 92 -4.48 5.64 -0.18
C GLY A 92 -3.17 5.09 -0.70
N ALA A 93 -3.14 4.73 -1.98
CA ALA A 93 -1.95 4.19 -2.61
C ALA A 93 -1.03 5.31 -3.10
N ALA A 94 -1.62 6.48 -3.32
CA ALA A 94 -0.85 7.63 -3.81
C ALA A 94 0.26 7.99 -2.83
N ARG A 95 -0.10 8.18 -1.56
CA ARG A 95 0.87 8.52 -0.54
C ARG A 95 1.64 7.28 -0.08
N SER A 96 1.10 6.10 -0.38
CA SER A 96 1.76 4.85 0.00
C SER A 96 3.10 4.72 -0.71
N LEU A 97 3.10 5.00 -2.01
CA LEU A 97 4.32 4.93 -2.81
C LEU A 97 5.39 5.82 -2.22
N GLU A 98 5.08 7.11 -2.08
CA GLU A 98 6.01 8.07 -1.50
C GLU A 98 6.46 7.61 -0.12
N GLN A 99 5.56 6.96 0.61
CA GLN A 99 5.86 6.46 1.95
C GLN A 99 6.86 5.31 1.86
N ILE A 100 6.89 4.65 0.70
CA ILE A 100 7.79 3.53 0.47
C ILE A 100 9.20 4.00 0.09
N GLY A 101 9.29 4.73 -1.03
CA GLY A 101 10.58 5.22 -1.47
C GLY A 101 11.61 4.12 -1.67
N GLY A 102 11.69 3.60 -2.89
CA GLY A 102 12.64 2.54 -3.17
C GLY A 102 12.48 1.98 -4.57
N GLU A 103 13.41 1.11 -4.97
CA GLU A 103 13.37 0.49 -6.29
C GLU A 103 12.13 -0.38 -6.45
N ARG A 104 11.62 -0.88 -5.33
CA ARG A 104 10.45 -1.75 -5.35
C ARG A 104 9.24 -1.00 -5.90
N VAL A 105 8.90 0.12 -5.27
CA VAL A 105 7.78 0.93 -5.69
C VAL A 105 8.08 1.62 -7.01
N ARG A 106 9.37 1.80 -7.27
CA ARG A 106 9.82 2.45 -8.50
C ARG A 106 9.17 1.81 -9.72
N ALA A 107 8.93 0.51 -9.64
CA ALA A 107 8.30 -0.23 -10.72
C ALA A 107 6.80 0.03 -10.75
N ALA A 108 6.21 0.25 -9.58
CA ALA A 108 4.79 0.52 -9.46
C ALA A 108 4.41 1.75 -10.27
N MET A 109 5.30 2.74 -10.29
CA MET A 109 5.05 3.97 -11.04
C MET A 109 5.10 3.68 -12.52
N GLU A 110 6.20 3.08 -12.96
CA GLU A 110 6.37 2.73 -14.37
C GLU A 110 5.20 1.89 -14.85
N LYS A 111 4.60 1.15 -13.94
CA LYS A 111 3.46 0.30 -14.27
C LYS A 111 2.18 1.11 -14.41
N LEU A 112 2.07 2.19 -13.64
CA LEU A 112 0.89 3.03 -13.70
C LEU A 112 1.03 4.09 -14.81
N ALA A 113 2.27 4.47 -15.08
CA ALA A 113 2.55 5.46 -16.12
C ALA A 113 2.01 5.00 -17.47
N GLU A 114 2.00 3.69 -17.67
CA GLU A 114 1.49 3.12 -18.92
C GLU A 114 -0.02 3.06 -18.90
N THR A 115 -0.59 3.02 -17.70
CA THR A 115 -2.04 2.98 -17.52
C THR A 115 -2.48 4.21 -16.76
N GLY A 116 -1.77 5.31 -16.99
CA GLY A 116 -2.05 6.56 -16.32
C GLY A 116 -3.51 6.96 -16.33
N THR A 117 -4.04 7.19 -15.14
CA THR A 117 -5.44 7.61 -14.98
C THR A 117 -5.56 8.61 -13.84
N GLY A 118 -6.23 9.72 -14.11
CA GLY A 118 -6.40 10.75 -13.09
C GLY A 118 -5.09 11.40 -12.69
N PHE A 119 -4.93 11.70 -11.41
CA PHE A 119 -3.71 12.32 -10.91
C PHE A 119 -2.63 11.28 -10.67
N ALA A 120 -3.04 10.03 -10.50
CA ALA A 120 -2.10 8.94 -10.28
C ALA A 120 -0.99 8.95 -11.31
N ARG A 121 -1.35 9.22 -12.56
CA ARG A 121 -0.39 9.27 -13.65
C ARG A 121 0.72 10.28 -13.34
N LYS A 122 0.32 11.53 -13.18
CA LYS A 122 1.26 12.61 -12.86
C LYS A 122 2.08 12.26 -11.64
N VAL A 123 1.51 11.42 -10.78
CA VAL A 123 2.16 11.00 -9.55
C VAL A 123 3.31 10.03 -9.83
N ALA A 124 3.03 8.99 -10.60
CA ALA A 124 4.03 7.97 -10.92
C ALA A 124 5.32 8.57 -11.50
N VAL A 125 5.16 9.34 -12.56
CA VAL A 125 6.29 9.96 -13.25
C VAL A 125 7.08 10.91 -12.36
N ASN A 126 6.42 11.95 -11.88
CA ASN A 126 7.06 12.96 -11.04
C ASN A 126 7.70 12.36 -9.79
N TYR A 127 7.07 11.34 -9.22
CA TYR A 127 7.58 10.71 -8.01
C TYR A 127 8.95 10.07 -8.26
N LEU A 128 9.16 9.64 -9.49
CA LEU A 128 10.43 9.00 -9.88
C LEU A 128 11.63 9.90 -9.59
N GLU A 129 11.38 11.19 -9.37
CA GLU A 129 12.44 12.14 -9.10
C GLU A 129 12.98 11.99 -7.68
N THR A 130 12.43 11.03 -6.94
CA THR A 130 12.86 10.79 -5.57
C THR A 130 13.58 9.44 -5.45
N HIS A 131 12.87 8.37 -5.75
CA HIS A 131 13.43 7.02 -5.69
C HIS A 131 13.07 6.22 -6.94
N MET A 21 14.82 -6.95 25.89
CA MET A 21 13.70 -5.99 26.09
C MET A 21 14.00 -4.68 25.37
N ALA A 22 12.94 -3.91 25.11
CA ALA A 22 13.05 -2.62 24.42
C ALA A 22 13.56 -2.79 22.99
N ASP A 23 14.89 -2.79 22.83
CA ASP A 23 15.48 -2.94 21.50
C ASP A 23 15.09 -4.28 20.87
N GLU A 24 14.99 -5.30 21.71
CA GLU A 24 14.63 -6.64 21.24
C GLU A 24 13.13 -6.74 20.98
N ASN A 25 12.64 -7.96 20.78
CA ASN A 25 11.22 -8.18 20.53
C ASN A 25 10.38 -7.60 21.66
N LYS A 26 9.67 -6.52 21.36
CA LYS A 26 8.82 -5.86 22.35
C LYS A 26 7.50 -5.43 21.72
N TRP A 27 7.54 -5.12 20.43
CA TRP A 27 6.35 -4.70 19.70
C TRP A 27 5.74 -5.86 18.93
N VAL A 28 4.54 -6.25 19.33
CA VAL A 28 3.84 -7.35 18.68
C VAL A 28 2.36 -7.36 19.08
N ARG A 29 2.11 -7.09 20.35
CA ARG A 29 0.73 -7.06 20.87
C ARG A 29 0.73 -6.58 22.32
N ARG A 30 1.87 -6.70 22.98
CA ARG A 30 1.99 -6.26 24.37
C ARG A 30 1.64 -4.78 24.47
N ASP A 31 0.54 -4.48 25.18
CA ASP A 31 0.07 -3.11 25.34
C ASP A 31 -0.65 -2.63 24.09
N VAL A 32 0.00 -2.82 22.94
CA VAL A 32 -0.56 -2.41 21.67
C VAL A 32 -1.80 -3.26 21.32
N SER A 33 -2.97 -2.77 21.71
CA SER A 33 -4.21 -3.48 21.45
C SER A 33 -4.69 -3.24 20.01
N THR A 34 -4.16 -2.21 19.37
CA THR A 34 -4.54 -1.89 18.00
C THR A 34 -4.28 -3.07 17.08
N ALA A 35 -5.23 -3.37 16.21
CA ALA A 35 -5.11 -4.49 15.28
C ALA A 35 -4.58 -4.07 13.91
N LEU A 36 -5.37 -3.29 13.18
CA LEU A 36 -4.99 -2.86 11.84
C LEU A 36 -4.08 -1.62 11.88
N SER A 37 -4.03 -0.95 13.01
CA SER A 37 -3.21 0.25 13.16
C SER A 37 -1.73 -0.10 13.17
N ARG A 38 -1.35 -1.06 14.02
CA ARG A 38 0.05 -1.47 14.13
C ARG A 38 0.20 -2.70 15.02
N MET A 39 0.78 -3.76 14.46
CA MET A 39 1.00 -5.00 15.21
C MET A 39 2.43 -5.51 14.99
N GLY A 40 3.00 -5.15 13.85
CA GLY A 40 4.36 -5.57 13.54
C GLY A 40 4.41 -6.96 12.93
N ASP A 41 4.25 -7.03 11.61
CA ASP A 41 4.27 -8.30 10.88
C ASP A 41 3.08 -9.18 11.26
N GLU A 42 2.29 -8.73 12.23
CA GLU A 42 1.12 -9.49 12.68
C GLU A 42 -0.15 -8.85 12.13
N ALA A 43 -0.01 -7.62 11.63
CA ALA A 43 -1.13 -6.90 11.05
C ALA A 43 -1.03 -6.88 9.53
N PHE A 44 0.04 -7.48 9.02
CA PHE A 44 0.30 -7.54 7.58
C PHE A 44 -0.84 -8.21 6.82
N GLU A 45 -1.13 -9.47 7.13
CA GLU A 45 -2.19 -10.20 6.44
C GLU A 45 -3.57 -9.57 6.66
N PRO A 46 -3.99 -9.35 7.93
CA PRO A 46 -5.29 -8.74 8.21
C PRO A 46 -5.46 -7.44 7.42
N LEU A 47 -4.32 -6.85 7.09
CA LEU A 47 -4.28 -5.63 6.32
C LEU A 47 -4.56 -5.99 4.86
N LEU A 48 -3.98 -7.12 4.44
CA LEU A 48 -4.18 -7.65 3.10
C LEU A 48 -5.58 -8.27 3.01
N GLU A 49 -6.13 -8.58 4.18
CA GLU A 49 -7.45 -9.18 4.27
C GLU A 49 -8.54 -8.14 4.08
N SER A 50 -8.33 -6.96 4.66
CA SER A 50 -9.29 -5.88 4.56
C SER A 50 -9.48 -5.43 3.11
N LEU A 51 -8.51 -5.77 2.27
CA LEU A 51 -8.57 -5.41 0.85
C LEU A 51 -9.73 -6.15 0.15
N SER A 52 -10.32 -7.09 0.86
CA SER A 52 -11.42 -7.88 0.32
C SER A 52 -12.74 -7.51 1.00
N ASN A 53 -12.76 -6.35 1.65
CA ASN A 53 -13.96 -5.88 2.34
C ASN A 53 -14.90 -5.16 1.38
N GLU A 54 -16.19 -5.48 1.48
CA GLU A 54 -17.20 -4.87 0.63
C GLU A 54 -17.21 -3.35 0.81
N ASP A 55 -16.75 -2.90 1.97
CA ASP A 55 -16.70 -1.48 2.27
C ASP A 55 -15.43 -0.85 1.72
N TRP A 56 -15.48 0.45 1.42
CA TRP A 56 -14.33 1.16 0.87
C TRP A 56 -13.66 2.03 1.94
N ARG A 57 -14.44 2.44 2.93
CA ARG A 57 -13.92 3.29 4.01
C ARG A 57 -12.85 2.56 4.80
N ILE A 58 -13.03 1.25 4.97
CA ILE A 58 -12.07 0.44 5.71
C ILE A 58 -10.90 0.05 4.82
N ARG A 59 -11.19 -0.21 3.55
CA ARG A 59 -10.17 -0.60 2.59
C ARG A 59 -9.16 0.53 2.38
N GLY A 60 -9.65 1.76 2.49
CA GLY A 60 -8.79 2.91 2.31
C GLY A 60 -7.60 2.90 3.25
N ALA A 61 -7.87 2.83 4.55
CA ALA A 61 -6.83 2.80 5.56
C ALA A 61 -5.82 1.71 5.26
N ALA A 62 -6.31 0.56 4.79
CA ALA A 62 -5.44 -0.56 4.46
C ALA A 62 -4.39 -0.14 3.45
N ALA A 63 -4.84 0.49 2.37
CA ALA A 63 -3.94 0.97 1.32
C ALA A 63 -3.04 2.07 1.85
N TRP A 64 -3.58 2.88 2.75
CA TRP A 64 -2.84 3.99 3.34
C TRP A 64 -1.68 3.51 4.21
N ILE A 65 -1.85 2.35 4.85
CA ILE A 65 -0.83 1.80 5.72
C ILE A 65 0.01 0.71 5.04
N ILE A 66 -0.54 0.09 4.00
CA ILE A 66 0.16 -0.98 3.29
C ILE A 66 1.54 -0.54 2.81
N GLY A 67 1.65 0.70 2.35
CA GLY A 67 2.92 1.21 1.84
C GLY A 67 3.99 1.35 2.90
N ASN A 68 3.58 1.40 4.17
CA ASN A 68 4.53 1.55 5.26
C ASN A 68 5.37 0.28 5.47
N PHE A 69 5.13 -0.75 4.68
CA PHE A 69 5.87 -2.01 4.82
C PHE A 69 6.95 -2.16 3.76
N GLN A 70 6.76 -1.49 2.61
CA GLN A 70 7.75 -1.55 1.52
C GLN A 70 7.93 -2.97 1.00
N ASP A 71 6.98 -3.84 1.28
CA ASP A 71 7.05 -5.23 0.82
C ASP A 71 6.30 -5.39 -0.50
N GLU A 72 6.50 -6.54 -1.16
CA GLU A 72 5.85 -6.82 -2.43
C GLU A 72 4.33 -6.84 -2.26
N ARG A 73 3.87 -7.27 -1.09
CA ARG A 73 2.45 -7.33 -0.78
C ARG A 73 1.89 -5.92 -0.65
N ALA A 74 2.78 -4.94 -0.64
CA ALA A 74 2.40 -3.54 -0.53
C ALA A 74 2.42 -2.87 -1.90
N VAL A 75 2.92 -3.61 -2.87
CA VAL A 75 3.03 -3.13 -4.24
C VAL A 75 1.78 -3.46 -5.05
N GLU A 76 1.25 -4.66 -4.85
CA GLU A 76 0.06 -5.09 -5.59
C GLU A 76 -1.14 -4.17 -5.33
N PRO A 77 -1.47 -3.88 -4.05
CA PRO A 77 -2.60 -3.01 -3.72
C PRO A 77 -2.59 -1.73 -4.53
N LEU A 78 -1.42 -1.11 -4.61
CA LEU A 78 -1.25 0.13 -5.35
C LEU A 78 -1.66 -0.01 -6.81
N ILE A 79 -1.48 -1.22 -7.37
CA ILE A 79 -1.82 -1.46 -8.76
C ILE A 79 -3.28 -1.15 -9.06
N LYS A 80 -4.18 -1.88 -8.39
CA LYS A 80 -5.62 -1.70 -8.59
C LYS A 80 -6.13 -0.41 -7.96
N LEU A 81 -5.30 0.24 -7.16
CA LEU A 81 -5.68 1.47 -6.48
C LEU A 81 -5.47 2.72 -7.33
N LEU A 82 -4.29 2.86 -7.92
CA LEU A 82 -3.98 4.02 -8.75
C LEU A 82 -4.96 4.12 -9.91
N GLU A 83 -5.74 3.06 -10.08
CA GLU A 83 -6.72 3.01 -11.15
C GLU A 83 -8.14 2.95 -10.59
N ASP A 84 -8.26 2.62 -9.31
CA ASP A 84 -9.56 2.53 -8.66
C ASP A 84 -10.27 3.88 -8.68
N ASP A 85 -9.48 4.93 -8.61
CA ASP A 85 -10.01 6.29 -8.63
C ASP A 85 -11.12 6.48 -7.60
N SER A 86 -11.05 5.72 -6.51
CA SER A 86 -12.07 5.82 -5.46
C SER A 86 -11.73 6.94 -4.46
N GLY A 87 -10.64 7.65 -4.73
CA GLY A 87 -10.23 8.74 -3.85
C GLY A 87 -9.39 8.26 -2.68
N PHE A 88 -10.06 7.91 -1.59
CA PHE A 88 -9.35 7.42 -0.40
C PHE A 88 -8.54 6.18 -0.73
N VAL A 89 -9.10 5.33 -1.57
CA VAL A 89 -8.43 4.09 -1.98
C VAL A 89 -7.29 4.39 -2.96
N ARG A 90 -7.58 5.18 -4.00
CA ARG A 90 -6.57 5.53 -5.00
C ARG A 90 -5.42 6.31 -4.36
N SER A 91 -5.75 7.44 -3.75
CA SER A 91 -4.75 8.28 -3.10
C SER A 91 -3.90 7.45 -2.13
N GLY A 92 -4.49 6.37 -1.62
CA GLY A 92 -3.77 5.51 -0.70
C GLY A 92 -2.52 4.94 -1.34
N ALA A 93 -2.65 4.56 -2.61
CA ALA A 93 -1.54 4.02 -3.35
C ALA A 93 -0.51 5.09 -3.65
N ALA A 94 -0.99 6.21 -4.19
CA ALA A 94 -0.12 7.33 -4.53
C ALA A 94 0.65 7.79 -3.30
N ARG A 95 0.07 7.53 -2.13
CA ARG A 95 0.67 7.90 -0.87
C ARG A 95 1.67 6.84 -0.42
N SER A 96 1.38 5.59 -0.77
CA SER A 96 2.24 4.47 -0.40
C SER A 96 3.59 4.52 -1.12
N LEU A 97 3.56 4.81 -2.42
CA LEU A 97 4.80 4.88 -3.20
C LEU A 97 5.80 5.87 -2.60
N GLU A 98 5.39 7.13 -2.50
CA GLU A 98 6.24 8.17 -1.93
C GLU A 98 6.86 7.74 -0.60
N GLN A 99 6.09 7.00 0.20
CA GLN A 99 6.58 6.53 1.49
C GLN A 99 7.73 5.55 1.33
N ILE A 100 7.47 4.46 0.60
CA ILE A 100 8.49 3.43 0.37
C ILE A 100 9.76 4.03 -0.20
N GLY A 101 9.65 4.65 -1.38
CA GLY A 101 10.81 5.25 -2.02
C GLY A 101 11.89 4.23 -2.31
N GLY A 102 11.82 3.61 -3.48
CA GLY A 102 12.80 2.62 -3.86
C GLY A 102 12.47 1.94 -5.17
N GLU A 103 13.41 1.13 -5.67
CA GLU A 103 13.21 0.41 -6.92
C GLU A 103 12.09 -0.62 -6.81
N ARG A 104 11.81 -1.04 -5.59
CA ARG A 104 10.76 -2.02 -5.35
C ARG A 104 9.40 -1.47 -5.76
N VAL A 105 8.98 -0.41 -5.10
CA VAL A 105 7.72 0.24 -5.39
C VAL A 105 7.78 0.97 -6.73
N ARG A 106 8.99 1.27 -7.16
CA ARG A 106 9.23 1.97 -8.41
C ARG A 106 8.49 1.30 -9.57
N ALA A 107 8.59 -0.02 -9.64
CA ALA A 107 7.94 -0.78 -10.70
C ALA A 107 6.44 -0.49 -10.74
N ALA A 108 5.90 -0.05 -9.61
CA ALA A 108 4.49 0.26 -9.51
C ALA A 108 4.17 1.54 -10.27
N MET A 109 5.05 2.55 -10.13
CA MET A 109 4.87 3.81 -10.82
C MET A 109 5.15 3.63 -12.31
N GLU A 110 6.05 2.70 -12.62
CA GLU A 110 6.39 2.41 -14.00
C GLU A 110 5.19 1.79 -14.71
N LYS A 111 4.48 0.93 -13.99
CA LYS A 111 3.30 0.27 -14.54
C LYS A 111 2.10 1.21 -14.54
N LEU A 112 2.14 2.23 -13.68
CA LEU A 112 1.06 3.19 -13.61
C LEU A 112 1.27 4.29 -14.64
N ALA A 113 2.53 4.53 -14.98
CA ALA A 113 2.88 5.54 -15.96
C ALA A 113 2.36 5.15 -17.34
N GLU A 114 2.17 3.85 -17.54
CA GLU A 114 1.66 3.33 -18.81
C GLU A 114 0.15 3.49 -18.88
N THR A 115 -0.50 3.53 -17.72
CA THR A 115 -1.94 3.69 -17.64
C THR A 115 -2.26 4.98 -16.92
N GLY A 116 -1.28 5.87 -16.89
CA GLY A 116 -1.43 7.15 -16.22
C GLY A 116 -2.64 7.93 -16.68
N THR A 117 -3.52 8.23 -15.73
CA THR A 117 -4.73 9.00 -16.03
C THR A 117 -5.06 9.96 -14.90
N GLY A 118 -5.30 11.22 -15.25
CA GLY A 118 -5.62 12.23 -14.26
C GLY A 118 -4.54 12.38 -13.21
N PHE A 119 -4.95 12.33 -11.94
CA PHE A 119 -4.03 12.47 -10.82
C PHE A 119 -3.13 11.24 -10.69
N ALA A 120 -3.68 10.07 -11.00
CA ALA A 120 -2.94 8.82 -10.92
C ALA A 120 -1.62 8.87 -11.67
N ARG A 121 -1.60 9.59 -12.79
CA ARG A 121 -0.40 9.70 -13.61
C ARG A 121 0.65 10.58 -12.95
N LYS A 122 0.26 11.83 -12.67
CA LYS A 122 1.16 12.79 -12.04
C LYS A 122 1.86 12.17 -10.83
N VAL A 123 1.25 11.12 -10.29
CA VAL A 123 1.79 10.42 -9.14
C VAL A 123 3.08 9.67 -9.49
N ALA A 124 2.97 8.74 -10.43
CA ALA A 124 4.12 7.93 -10.85
C ALA A 124 5.30 8.79 -11.29
N VAL A 125 5.04 9.68 -12.24
CA VAL A 125 6.07 10.56 -12.80
C VAL A 125 6.73 11.43 -11.74
N ASN A 126 5.95 12.28 -11.09
CA ASN A 126 6.47 13.19 -10.08
C ASN A 126 7.21 12.45 -8.97
N TYR A 127 6.69 11.28 -8.59
CA TYR A 127 7.29 10.49 -7.54
C TYR A 127 8.74 10.12 -7.86
N LEU A 128 9.05 9.99 -9.15
CA LEU A 128 10.41 9.63 -9.58
C LEU A 128 11.47 10.52 -8.94
N GLU A 129 11.09 11.76 -8.63
CA GLU A 129 12.01 12.72 -8.02
C GLU A 129 12.26 12.40 -6.55
N THR A 130 11.73 11.27 -6.08
CA THR A 130 11.90 10.88 -4.68
C THR A 130 13.00 9.83 -4.53
N HIS A 131 12.82 8.69 -5.17
CA HIS A 131 13.80 7.61 -5.09
C HIS A 131 14.89 7.78 -6.15
N MET A 21 13.99 -11.39 12.43
CA MET A 21 13.52 -10.63 13.60
C MET A 21 13.80 -9.14 13.43
N ALA A 22 15.03 -8.81 13.03
CA ALA A 22 15.43 -7.43 12.81
C ALA A 22 15.37 -7.06 11.33
N ASP A 23 15.93 -5.91 10.99
CA ASP A 23 15.96 -5.42 9.61
C ASP A 23 14.56 -5.17 9.09
N GLU A 24 13.90 -6.24 8.60
CA GLU A 24 12.56 -6.13 8.05
C GLU A 24 11.54 -5.83 9.16
N ASN A 25 11.38 -4.54 9.47
CA ASN A 25 10.45 -4.10 10.50
C ASN A 25 10.51 -2.58 10.65
N LYS A 26 11.67 -2.09 11.06
CA LYS A 26 11.89 -0.65 11.24
C LYS A 26 11.03 -0.09 12.37
N TRP A 27 9.77 0.17 12.07
CA TRP A 27 8.86 0.74 13.07
C TRP A 27 7.64 -0.15 13.30
N VAL A 28 7.69 -0.92 14.39
CA VAL A 28 6.58 -1.80 14.76
C VAL A 28 5.78 -1.17 15.90
N ARG A 29 4.45 -1.27 15.80
CA ARG A 29 3.56 -0.69 16.81
C ARG A 29 3.62 0.83 16.79
N ARG A 30 4.69 1.39 17.33
CA ARG A 30 4.89 2.84 17.35
C ARG A 30 4.61 3.44 15.98
N ASP A 31 4.38 4.75 15.95
CA ASP A 31 4.10 5.47 14.71
C ASP A 31 2.71 5.16 14.17
N VAL A 32 2.02 4.23 14.81
CA VAL A 32 0.68 3.82 14.39
C VAL A 32 -0.25 3.65 15.59
N SER A 33 0.09 2.69 16.45
CA SER A 33 -0.70 2.42 17.66
C SER A 33 -2.12 1.93 17.34
N THR A 34 -2.30 1.31 16.18
CA THR A 34 -3.62 0.80 15.80
C THR A 34 -3.61 -0.72 15.73
N ALA A 35 -4.70 -1.30 15.23
CA ALA A 35 -4.82 -2.75 15.12
C ALA A 35 -3.73 -3.33 14.24
N LEU A 36 -3.48 -2.67 13.11
CA LEU A 36 -2.45 -3.11 12.16
C LEU A 36 -1.10 -3.19 12.85
N SER A 37 -0.79 -2.16 13.64
CA SER A 37 0.48 -2.13 14.35
C SER A 37 0.37 -2.85 15.68
N ARG A 38 -0.84 -3.23 16.04
CA ARG A 38 -1.10 -3.92 17.30
C ARG A 38 -0.45 -5.30 17.28
N MET A 39 -0.80 -6.10 16.28
CA MET A 39 -0.23 -7.43 16.13
C MET A 39 1.13 -7.35 15.45
N GLY A 40 1.48 -6.15 15.01
CA GLY A 40 2.75 -5.94 14.34
C GLY A 40 2.80 -6.53 12.95
N ASP A 41 3.89 -7.20 12.63
CA ASP A 41 4.07 -7.81 11.32
C ASP A 41 3.10 -8.97 11.12
N GLU A 42 2.29 -9.24 12.15
CA GLU A 42 1.32 -10.31 12.09
C GLU A 42 0.00 -9.77 11.52
N ALA A 43 -0.22 -8.47 11.72
CA ALA A 43 -1.42 -7.81 11.22
C ALA A 43 -1.19 -7.31 9.80
N PHE A 44 -0.04 -7.67 9.24
CA PHE A 44 0.32 -7.29 7.89
C PHE A 44 -0.66 -7.88 6.89
N GLU A 45 -1.05 -9.13 7.13
CA GLU A 45 -2.01 -9.81 6.27
C GLU A 45 -3.38 -9.11 6.29
N PRO A 46 -3.99 -8.93 7.49
CA PRO A 46 -5.29 -8.26 7.62
C PRO A 46 -5.43 -7.08 6.65
N LEU A 47 -4.29 -6.47 6.33
CA LEU A 47 -4.26 -5.35 5.41
C LEU A 47 -4.63 -5.81 4.01
N LEU A 48 -3.86 -6.77 3.48
CA LEU A 48 -4.11 -7.32 2.16
C LEU A 48 -5.42 -8.09 2.15
N GLU A 49 -5.88 -8.48 3.33
CA GLU A 49 -7.12 -9.22 3.47
C GLU A 49 -8.32 -8.30 3.39
N SER A 50 -8.16 -7.08 3.90
CA SER A 50 -9.23 -6.09 3.89
C SER A 50 -9.58 -5.66 2.47
N LEU A 51 -8.62 -5.79 1.56
CA LEU A 51 -8.83 -5.40 0.17
C LEU A 51 -9.96 -6.22 -0.46
N SER A 52 -10.37 -7.28 0.23
CA SER A 52 -11.43 -8.15 -0.27
C SER A 52 -12.80 -7.69 0.23
N ASN A 53 -12.88 -6.42 0.64
CA ASN A 53 -14.14 -5.86 1.12
C ASN A 53 -14.79 -4.96 0.08
N GLU A 54 -16.10 -5.06 -0.03
CA GLU A 54 -16.86 -4.26 -0.99
C GLU A 54 -16.85 -2.80 -0.59
N ASP A 55 -16.47 -2.54 0.66
CA ASP A 55 -16.40 -1.18 1.18
C ASP A 55 -15.18 -0.44 0.65
N TRP A 56 -15.29 0.88 0.56
CA TRP A 56 -14.20 1.72 0.07
C TRP A 56 -13.36 2.27 1.21
N ARG A 57 -14.04 2.60 2.31
CA ARG A 57 -13.38 3.14 3.49
C ARG A 57 -12.32 2.16 3.99
N ILE A 58 -12.66 0.88 3.93
CA ILE A 58 -11.75 -0.17 4.38
C ILE A 58 -10.63 -0.37 3.37
N ARG A 59 -10.95 -0.21 2.09
CA ARG A 59 -9.97 -0.37 1.01
C ARG A 59 -8.82 0.61 1.16
N GLY A 60 -9.17 1.90 1.22
CA GLY A 60 -8.16 2.93 1.33
C GLY A 60 -7.30 2.78 2.57
N ALA A 61 -7.93 2.75 3.74
CA ALA A 61 -7.21 2.59 5.01
C ALA A 61 -6.16 1.50 4.92
N ALA A 62 -6.48 0.43 4.20
CA ALA A 62 -5.56 -0.69 4.04
C ALA A 62 -4.27 -0.24 3.35
N ALA A 63 -4.41 0.39 2.20
CA ALA A 63 -3.25 0.86 1.44
C ALA A 63 -2.57 2.04 2.13
N TRP A 64 -3.32 2.78 2.94
CA TRP A 64 -2.79 3.94 3.64
C TRP A 64 -1.64 3.59 4.59
N ILE A 65 -1.78 2.48 5.33
CA ILE A 65 -0.76 2.08 6.28
C ILE A 65 0.16 0.99 5.72
N ILE A 66 -0.34 0.24 4.75
CA ILE A 66 0.43 -0.85 4.15
C ILE A 66 1.73 -0.37 3.53
N GLY A 67 1.73 0.84 2.98
CA GLY A 67 2.92 1.38 2.34
C GLY A 67 4.08 1.56 3.30
N ASN A 68 3.76 1.77 4.58
CA ASN A 68 4.80 1.97 5.60
C ASN A 68 5.57 0.69 5.90
N PHE A 69 5.25 -0.40 5.21
CA PHE A 69 5.94 -1.67 5.44
C PHE A 69 7.09 -1.87 4.45
N GLN A 70 6.98 -1.27 3.27
CA GLN A 70 8.02 -1.38 2.25
C GLN A 70 8.19 -2.82 1.80
N ASP A 71 7.12 -3.59 1.95
CA ASP A 71 7.14 -4.99 1.57
C ASP A 71 6.42 -5.20 0.24
N GLU A 72 6.61 -6.38 -0.35
CA GLU A 72 5.99 -6.72 -1.62
C GLU A 72 4.47 -6.79 -1.49
N ARG A 73 3.99 -7.25 -0.34
CA ARG A 73 2.56 -7.36 -0.09
C ARG A 73 1.93 -5.97 -0.01
N ALA A 74 2.77 -4.94 0.03
CA ALA A 74 2.29 -3.56 0.11
C ALA A 74 2.44 -2.87 -1.24
N VAL A 75 2.95 -3.60 -2.22
CA VAL A 75 3.15 -3.08 -3.55
C VAL A 75 1.93 -3.29 -4.45
N GLU A 76 1.44 -4.52 -4.47
CA GLU A 76 0.28 -4.86 -5.29
C GLU A 76 -0.95 -4.02 -4.92
N PRO A 77 -1.30 -3.93 -3.62
CA PRO A 77 -2.46 -3.16 -3.16
C PRO A 77 -2.48 -1.75 -3.73
N LEU A 78 -1.30 -1.21 -4.05
CA LEU A 78 -1.20 0.13 -4.59
C LEU A 78 -1.66 0.17 -6.05
N ILE A 79 -1.06 -0.69 -6.87
CA ILE A 79 -1.38 -0.75 -8.28
C ILE A 79 -2.89 -0.86 -8.52
N LYS A 80 -3.53 -1.76 -7.79
CA LYS A 80 -4.97 -1.98 -7.92
C LYS A 80 -5.79 -0.80 -7.37
N LEU A 81 -5.25 -0.11 -6.37
CA LEU A 81 -5.97 1.00 -5.75
C LEU A 81 -5.67 2.35 -6.42
N LEU A 82 -4.59 2.43 -7.19
CA LEU A 82 -4.23 3.67 -7.87
C LEU A 82 -5.21 3.97 -8.98
N GLU A 83 -6.01 2.98 -9.36
CA GLU A 83 -6.99 3.14 -10.41
C GLU A 83 -8.41 3.01 -9.87
N ASP A 84 -8.53 2.92 -8.54
CA ASP A 84 -9.83 2.78 -7.90
C ASP A 84 -10.71 3.99 -8.19
N ASP A 85 -10.07 5.13 -8.34
CA ASP A 85 -10.75 6.39 -8.64
C ASP A 85 -11.84 6.71 -7.61
N SER A 86 -11.73 6.15 -6.41
CA SER A 86 -12.73 6.41 -5.37
C SER A 86 -12.39 7.68 -4.60
N GLY A 87 -11.11 8.03 -4.58
CA GLY A 87 -10.67 9.23 -3.88
C GLY A 87 -9.59 8.94 -2.87
N PHE A 88 -9.91 9.04 -1.58
CA PHE A 88 -8.93 8.76 -0.54
C PHE A 88 -8.37 7.36 -0.73
N VAL A 89 -9.17 6.52 -1.38
CA VAL A 89 -8.78 5.15 -1.66
C VAL A 89 -7.65 5.14 -2.68
N ARG A 90 -7.72 6.06 -3.63
CA ARG A 90 -6.69 6.18 -4.67
C ARG A 90 -5.45 6.88 -4.12
N SER A 91 -5.66 8.04 -3.50
CA SER A 91 -4.57 8.83 -2.93
C SER A 91 -3.81 8.02 -1.89
N GLY A 92 -4.53 7.22 -1.12
CA GLY A 92 -3.90 6.40 -0.10
C GLY A 92 -2.79 5.55 -0.66
N ALA A 93 -3.10 4.81 -1.73
CA ALA A 93 -2.11 3.95 -2.36
C ALA A 93 -1.02 4.78 -3.03
N ALA A 94 -1.40 5.95 -3.54
CA ALA A 94 -0.48 6.85 -4.21
C ALA A 94 0.72 7.20 -3.31
N ARG A 95 0.44 7.84 -2.18
CA ARG A 95 1.48 8.24 -1.25
C ARG A 95 2.33 7.07 -0.79
N SER A 96 1.73 5.88 -0.78
CA SER A 96 2.43 4.67 -0.34
C SER A 96 3.64 4.37 -1.22
N LEU A 97 3.58 4.76 -2.49
CA LEU A 97 4.68 4.52 -3.42
C LEU A 97 5.99 5.10 -2.91
N GLU A 98 6.01 6.42 -2.72
CA GLU A 98 7.20 7.09 -2.22
C GLU A 98 7.56 6.59 -0.83
N GLN A 99 6.56 6.08 -0.12
CA GLN A 99 6.74 5.56 1.22
C GLN A 99 7.54 4.26 1.20
N ILE A 100 7.49 3.55 0.08
CA ILE A 100 8.19 2.28 -0.05
C ILE A 100 9.68 2.48 -0.37
N GLY A 101 9.98 3.12 -1.51
CA GLY A 101 11.36 3.34 -1.87
C GLY A 101 11.55 3.97 -3.23
N GLY A 102 12.43 3.38 -4.04
CA GLY A 102 12.69 3.90 -5.36
C GLY A 102 12.87 2.83 -6.42
N GLU A 103 14.01 2.14 -6.38
CA GLU A 103 14.31 1.10 -7.36
C GLU A 103 13.29 -0.05 -7.33
N ARG A 104 12.64 -0.22 -6.19
CA ARG A 104 11.64 -1.29 -6.04
C ARG A 104 10.28 -0.82 -6.50
N VAL A 105 9.84 0.33 -6.00
CA VAL A 105 8.54 0.89 -6.38
C VAL A 105 8.57 1.38 -7.81
N ARG A 106 9.77 1.63 -8.32
CA ARG A 106 9.93 2.10 -9.70
C ARG A 106 9.15 1.22 -10.66
N ALA A 107 9.01 -0.06 -10.30
CA ALA A 107 8.28 -1.00 -11.13
C ALA A 107 6.78 -0.79 -10.96
N ALA A 108 6.40 -0.39 -9.75
CA ALA A 108 5.00 -0.14 -9.44
C ALA A 108 4.48 1.09 -10.18
N MET A 109 5.20 2.21 -10.06
CA MET A 109 4.81 3.43 -10.73
C MET A 109 4.84 3.26 -12.23
N GLU A 110 5.68 2.33 -12.70
CA GLU A 110 5.79 2.07 -14.13
C GLU A 110 4.53 1.39 -14.63
N LYS A 111 3.98 0.51 -13.80
CA LYS A 111 2.75 -0.19 -14.15
C LYS A 111 1.56 0.77 -14.15
N LEU A 112 1.65 1.81 -13.33
CA LEU A 112 0.60 2.80 -13.24
C LEU A 112 0.81 3.90 -14.28
N ALA A 113 2.08 4.10 -14.64
CA ALA A 113 2.44 5.12 -15.63
C ALA A 113 1.81 4.83 -16.99
N GLU A 114 1.63 3.54 -17.29
CA GLU A 114 1.03 3.13 -18.56
C GLU A 114 -0.48 3.28 -18.48
N THR A 115 -1.00 3.25 -17.25
CA THR A 115 -2.43 3.40 -17.01
C THR A 115 -2.68 4.75 -16.37
N GLY A 116 -1.65 5.59 -16.42
CA GLY A 116 -1.72 6.91 -15.84
C GLY A 116 -2.87 7.73 -16.38
N THR A 117 -3.82 8.02 -15.50
CA THR A 117 -4.98 8.82 -15.87
C THR A 117 -5.35 9.79 -14.75
N GLY A 118 -5.53 11.05 -15.12
CA GLY A 118 -5.89 12.06 -14.14
C GLY A 118 -4.84 12.21 -13.05
N PHE A 119 -5.28 12.11 -11.80
CA PHE A 119 -4.39 12.23 -10.65
C PHE A 119 -3.52 10.98 -10.49
N ALA A 120 -4.09 9.83 -10.83
CA ALA A 120 -3.37 8.56 -10.72
C ALA A 120 -2.03 8.59 -11.45
N ARG A 121 -1.97 9.33 -12.54
CA ARG A 121 -0.74 9.42 -13.33
C ARG A 121 0.31 10.26 -12.62
N LYS A 122 -0.06 11.50 -12.28
CA LYS A 122 0.85 12.41 -11.59
C LYS A 122 1.51 11.73 -10.40
N VAL A 123 0.84 10.69 -9.90
CA VAL A 123 1.34 9.93 -8.77
C VAL A 123 2.62 9.16 -9.11
N ALA A 124 2.56 8.35 -10.16
CA ALA A 124 3.70 7.55 -10.59
C ALA A 124 4.89 8.41 -11.00
N VAL A 125 4.66 9.30 -11.96
CA VAL A 125 5.71 10.17 -12.48
C VAL A 125 6.33 11.07 -11.42
N ASN A 126 5.52 11.90 -10.78
CA ASN A 126 6.02 12.83 -9.75
C ASN A 126 6.76 12.09 -8.65
N TYR A 127 6.34 10.85 -8.40
CA TYR A 127 6.98 10.03 -7.36
C TYR A 127 8.46 9.85 -7.65
N LEU A 128 8.79 9.77 -8.93
CA LEU A 128 10.17 9.58 -9.37
C LEU A 128 11.09 10.64 -8.77
N GLU A 129 10.51 11.71 -8.22
CA GLU A 129 11.29 12.79 -7.62
C GLU A 129 11.78 12.44 -6.21
N THR A 130 11.55 11.19 -5.79
CA THR A 130 11.98 10.75 -4.47
C THR A 130 12.91 9.56 -4.54
N HIS A 131 12.39 8.45 -5.07
CA HIS A 131 13.16 7.21 -5.21
C HIS A 131 13.98 6.91 -3.95
N MET A 21 14.77 -5.68 18.76
CA MET A 21 15.01 -6.76 19.75
C MET A 21 14.16 -6.55 21.00
N ALA A 22 13.71 -7.65 21.60
CA ALA A 22 12.88 -7.59 22.81
C ALA A 22 11.60 -6.80 22.55
N ASP A 23 11.23 -6.67 21.28
CA ASP A 23 10.02 -5.95 20.91
C ASP A 23 9.64 -6.26 19.46
N GLU A 24 10.54 -6.92 18.75
CA GLU A 24 10.29 -7.28 17.34
C GLU A 24 9.52 -8.59 17.25
N ASN A 25 10.03 -9.63 17.91
CA ASN A 25 9.39 -10.94 17.90
C ASN A 25 8.56 -11.16 19.16
N LYS A 26 8.29 -10.07 19.89
CA LYS A 26 7.51 -10.14 21.11
C LYS A 26 6.16 -10.79 20.85
N TRP A 27 5.72 -10.73 19.59
CA TRP A 27 4.45 -11.32 19.18
C TRP A 27 4.44 -11.54 17.68
N VAL A 28 3.90 -12.69 17.25
CA VAL A 28 3.83 -13.01 15.83
C VAL A 28 2.42 -13.40 15.43
N ARG A 29 1.64 -13.91 16.38
CA ARG A 29 0.26 -14.31 16.10
C ARG A 29 -0.64 -13.99 17.28
N ARG A 30 -0.07 -13.45 18.33
CA ARG A 30 -0.84 -13.09 19.51
C ARG A 30 -1.20 -11.62 19.42
N ASP A 31 -2.37 -11.26 19.95
CA ASP A 31 -2.86 -9.89 19.93
C ASP A 31 -3.41 -9.51 18.56
N VAL A 32 -2.76 -10.00 17.50
CA VAL A 32 -3.19 -9.71 16.14
C VAL A 32 -4.67 -10.08 15.95
N SER A 33 -5.50 -9.07 15.74
CA SER A 33 -6.93 -9.27 15.55
C SER A 33 -7.59 -7.97 15.12
N THR A 34 -7.12 -6.87 15.72
CA THR A 34 -7.64 -5.54 15.41
C THR A 34 -6.53 -4.51 15.54
N ALA A 35 -5.31 -4.99 15.74
CA ALA A 35 -4.14 -4.13 15.89
C ALA A 35 -3.50 -3.82 14.55
N LEU A 36 -4.06 -4.39 13.47
CA LEU A 36 -3.54 -4.18 12.12
C LEU A 36 -3.26 -2.71 11.83
N SER A 37 -3.90 -1.82 12.58
CA SER A 37 -3.69 -0.39 12.41
C SER A 37 -2.21 -0.06 12.34
N ARG A 38 -1.42 -0.79 13.13
CA ARG A 38 0.03 -0.60 13.16
C ARG A 38 0.68 -1.62 14.09
N MET A 39 1.13 -2.74 13.52
CA MET A 39 1.78 -3.79 14.29
C MET A 39 3.07 -4.26 13.63
N GLY A 40 3.02 -4.45 12.32
CA GLY A 40 4.20 -4.88 11.59
C GLY A 40 3.88 -5.88 10.50
N ASP A 41 4.43 -7.10 10.63
CA ASP A 41 4.21 -8.14 9.64
C ASP A 41 3.18 -9.16 10.12
N GLU A 42 3.01 -9.25 11.44
CA GLU A 42 2.06 -10.19 12.02
C GLU A 42 0.63 -9.85 11.61
N ALA A 43 0.30 -8.57 11.61
CA ALA A 43 -1.03 -8.11 11.25
C ALA A 43 -1.08 -7.64 9.80
N PHE A 44 -0.06 -8.01 9.03
CA PHE A 44 0.01 -7.63 7.63
C PHE A 44 -1.13 -8.25 6.84
N GLU A 45 -1.38 -9.52 7.09
CA GLU A 45 -2.45 -10.25 6.41
C GLU A 45 -3.84 -9.68 6.73
N PRO A 46 -4.22 -9.59 8.02
CA PRO A 46 -5.54 -9.06 8.41
C PRO A 46 -5.73 -7.67 7.84
N LEU A 47 -4.62 -7.10 7.39
CA LEU A 47 -4.59 -5.79 6.79
C LEU A 47 -4.89 -5.92 5.29
N LEU A 48 -4.31 -6.95 4.70
CA LEU A 48 -4.49 -7.24 3.27
C LEU A 48 -5.88 -7.83 3.03
N GLU A 49 -6.45 -8.41 4.08
CA GLU A 49 -7.77 -9.01 4.00
C GLU A 49 -8.85 -7.94 3.80
N SER A 50 -8.58 -6.75 4.33
CA SER A 50 -9.52 -5.64 4.23
C SER A 50 -9.69 -5.19 2.77
N LEU A 51 -8.66 -5.41 1.96
CA LEU A 51 -8.71 -5.02 0.55
C LEU A 51 -9.76 -5.83 -0.21
N SER A 52 -10.27 -6.89 0.44
CA SER A 52 -11.27 -7.75 -0.18
C SER A 52 -12.66 -7.41 0.34
N ASN A 53 -12.78 -6.23 0.95
CA ASN A 53 -14.06 -5.78 1.49
C ASN A 53 -14.87 -5.01 0.44
N GLU A 54 -16.19 -5.16 0.50
CA GLU A 54 -17.07 -4.48 -0.43
C GLU A 54 -17.05 -2.98 -0.20
N ASP A 55 -16.78 -2.58 1.02
CA ASP A 55 -16.72 -1.16 1.38
C ASP A 55 -15.44 -0.52 0.87
N TRP A 56 -15.53 0.76 0.49
CA TRP A 56 -14.38 1.49 -0.02
C TRP A 56 -13.58 2.13 1.11
N ARG A 57 -14.28 2.54 2.16
CA ARG A 57 -13.64 3.17 3.31
C ARG A 57 -12.70 2.18 3.99
N ILE A 58 -13.06 0.90 3.95
CA ILE A 58 -12.24 -0.14 4.57
C ILE A 58 -11.08 -0.55 3.67
N ARG A 59 -11.35 -0.65 2.37
CA ARG A 59 -10.33 -1.05 1.41
C ARG A 59 -9.21 -0.03 1.33
N GLY A 60 -9.58 1.24 1.20
CA GLY A 60 -8.58 2.30 1.11
C GLY A 60 -7.64 2.33 2.30
N ALA A 61 -8.22 2.31 3.50
CA ALA A 61 -7.44 2.35 4.73
C ALA A 61 -6.37 1.27 4.74
N ALA A 62 -6.61 0.19 4.01
CA ALA A 62 -5.65 -0.91 3.95
C ALA A 62 -4.33 -0.45 3.32
N ALA A 63 -4.41 0.08 2.11
CA ALA A 63 -3.22 0.55 1.41
C ALA A 63 -2.61 1.75 2.15
N TRP A 64 -3.46 2.51 2.83
CA TRP A 64 -3.04 3.69 3.57
C TRP A 64 -1.96 3.34 4.60
N ILE A 65 -2.13 2.20 5.26
CA ILE A 65 -1.18 1.75 6.28
C ILE A 65 -0.17 0.75 5.73
N ILE A 66 -0.57 0.04 4.68
CA ILE A 66 0.30 -0.96 4.06
C ILE A 66 1.62 -0.35 3.61
N GLY A 67 1.62 0.96 3.41
CA GLY A 67 2.82 1.65 2.97
C GLY A 67 3.85 1.79 4.08
N ASN A 68 3.38 1.83 5.32
CA ASN A 68 4.26 1.96 6.47
C ASN A 68 5.24 0.80 6.55
N PHE A 69 4.81 -0.36 6.06
CA PHE A 69 5.65 -1.55 6.09
C PHE A 69 6.20 -1.85 4.70
N GLN A 70 7.49 -1.58 4.51
CA GLN A 70 8.15 -1.82 3.22
C GLN A 70 8.23 -3.32 2.93
N ASP A 71 7.13 -3.88 2.44
CA ASP A 71 7.07 -5.30 2.13
C ASP A 71 6.55 -5.52 0.70
N GLU A 72 6.90 -6.67 0.12
CA GLU A 72 6.46 -7.00 -1.24
C GLU A 72 4.95 -7.16 -1.30
N ARG A 73 4.35 -7.57 -0.18
CA ARG A 73 2.91 -7.77 -0.10
C ARG A 73 2.18 -6.43 -0.16
N ALA A 74 2.94 -5.34 -0.08
CA ALA A 74 2.36 -4.00 -0.12
C ALA A 74 2.61 -3.35 -1.47
N VAL A 75 2.98 -4.16 -2.44
CA VAL A 75 3.27 -3.68 -3.78
C VAL A 75 2.04 -3.70 -4.68
N GLU A 76 1.46 -4.88 -4.86
CA GLU A 76 0.28 -5.03 -5.71
C GLU A 76 -0.86 -4.10 -5.27
N PRO A 77 -1.21 -4.09 -3.96
CA PRO A 77 -2.29 -3.24 -3.44
C PRO A 77 -2.26 -1.84 -4.04
N LEU A 78 -1.08 -1.23 -4.05
CA LEU A 78 -0.92 0.11 -4.58
C LEU A 78 -1.26 0.15 -6.07
N ILE A 79 -0.77 -0.83 -6.80
CA ILE A 79 -1.01 -0.91 -8.24
C ILE A 79 -2.50 -0.84 -8.58
N LYS A 80 -3.26 -1.79 -8.06
CA LYS A 80 -4.69 -1.88 -8.32
C LYS A 80 -5.50 -0.75 -7.68
N LEU A 81 -4.93 -0.08 -6.68
CA LEU A 81 -5.65 0.98 -5.99
C LEU A 81 -5.45 2.36 -6.63
N LEU A 82 -4.27 2.59 -7.20
CA LEU A 82 -3.98 3.87 -7.83
C LEU A 82 -4.87 4.07 -9.05
N GLU A 83 -5.57 3.02 -9.43
CA GLU A 83 -6.47 3.06 -10.57
C GLU A 83 -7.92 2.89 -10.14
N ASP A 84 -8.13 2.68 -8.85
CA ASP A 84 -9.48 2.48 -8.31
C ASP A 84 -10.35 3.72 -8.56
N ASP A 85 -9.70 4.86 -8.59
CA ASP A 85 -10.37 6.14 -8.82
C ASP A 85 -11.52 6.37 -7.84
N SER A 86 -11.43 5.78 -6.65
CA SER A 86 -12.47 5.94 -5.64
C SER A 86 -12.24 7.21 -4.82
N GLY A 87 -11.01 7.71 -4.86
CA GLY A 87 -10.68 8.91 -4.12
C GLY A 87 -9.59 8.69 -3.10
N PHE A 88 -9.94 8.74 -1.81
CA PHE A 88 -8.96 8.52 -0.76
C PHE A 88 -8.32 7.16 -0.96
N VAL A 89 -9.05 6.26 -1.60
CA VAL A 89 -8.57 4.93 -1.89
C VAL A 89 -7.44 5.00 -2.91
N ARG A 90 -7.55 5.95 -3.82
CA ARG A 90 -6.54 6.15 -4.86
C ARG A 90 -5.33 6.87 -4.30
N SER A 91 -5.58 7.88 -3.47
CA SER A 91 -4.51 8.68 -2.86
C SER A 91 -3.69 7.85 -1.90
N GLY A 92 -4.35 6.98 -1.14
CA GLY A 92 -3.66 6.15 -0.17
C GLY A 92 -2.52 5.36 -0.79
N ALA A 93 -2.83 4.61 -1.82
CA ALA A 93 -1.82 3.81 -2.52
C ALA A 93 -0.66 4.67 -2.99
N ALA A 94 -0.96 5.91 -3.35
CA ALA A 94 0.06 6.83 -3.83
C ALA A 94 1.13 7.10 -2.77
N ARG A 95 0.72 7.70 -1.66
CA ARG A 95 1.63 8.02 -0.57
C ARG A 95 2.40 6.78 -0.11
N SER A 96 1.75 5.61 -0.20
CA SER A 96 2.39 4.36 0.21
C SER A 96 3.69 4.15 -0.55
N LEU A 97 3.68 4.48 -1.84
CA LEU A 97 4.86 4.33 -2.68
C LEU A 97 5.99 5.22 -2.18
N GLU A 98 5.73 6.51 -2.12
CA GLU A 98 6.72 7.47 -1.65
C GLU A 98 7.30 7.02 -0.31
N GLN A 99 6.46 6.42 0.52
CA GLN A 99 6.90 5.94 1.83
C GLN A 99 7.96 4.85 1.66
N ILE A 100 7.78 4.03 0.64
CA ILE A 100 8.72 2.96 0.34
C ILE A 100 10.02 3.52 -0.24
N GLY A 101 9.90 4.20 -1.37
CA GLY A 101 11.06 4.79 -2.02
C GLY A 101 12.11 3.76 -2.39
N GLY A 102 12.12 3.35 -3.65
CA GLY A 102 13.10 2.37 -4.11
C GLY A 102 12.83 1.91 -5.53
N GLU A 103 13.54 0.86 -5.95
CA GLU A 103 13.37 0.32 -7.30
C GLU A 103 12.04 -0.41 -7.43
N ARG A 104 11.57 -0.98 -6.32
CA ARG A 104 10.31 -1.70 -6.31
C ARG A 104 9.15 -0.80 -6.72
N VAL A 105 9.06 0.37 -6.08
CA VAL A 105 8.01 1.32 -6.40
C VAL A 105 8.23 1.95 -7.78
N ARG A 106 9.49 1.97 -8.19
CA ARG A 106 9.86 2.53 -9.48
C ARG A 106 9.09 1.86 -10.61
N ALA A 107 8.70 0.60 -10.38
CA ALA A 107 7.94 -0.15 -11.37
C ALA A 107 6.47 0.21 -11.32
N ALA A 108 5.98 0.50 -10.11
CA ALA A 108 4.59 0.86 -9.91
C ALA A 108 4.22 2.09 -10.74
N MET A 109 5.05 3.13 -10.64
CA MET A 109 4.81 4.35 -11.40
C MET A 109 4.83 4.04 -12.88
N GLU A 110 5.83 3.28 -13.29
CA GLU A 110 5.97 2.88 -14.69
C GLU A 110 4.67 2.22 -15.15
N LYS A 111 4.00 1.53 -14.23
CA LYS A 111 2.75 0.86 -14.55
C LYS A 111 1.62 1.87 -14.71
N LEU A 112 1.70 2.98 -13.97
CA LEU A 112 0.67 4.02 -14.05
C LEU A 112 0.84 4.84 -15.32
N ALA A 113 2.09 5.12 -15.68
CA ALA A 113 2.39 5.88 -16.87
C ALA A 113 1.71 5.29 -18.10
N GLU A 114 1.55 3.97 -18.11
CA GLU A 114 0.91 3.27 -19.22
C GLU A 114 -0.60 3.27 -19.05
N THR A 115 -1.05 3.49 -17.82
CA THR A 115 -2.48 3.53 -17.51
C THR A 115 -2.85 4.86 -16.87
N GLY A 116 -2.23 5.93 -17.38
CA GLY A 116 -2.49 7.27 -16.87
C GLY A 116 -3.95 7.53 -16.58
N THR A 117 -4.26 7.78 -15.31
CA THR A 117 -5.63 8.06 -14.90
C THR A 117 -5.66 8.83 -13.58
N GLY A 118 -6.52 9.84 -13.52
CA GLY A 118 -6.62 10.65 -12.31
C GLY A 118 -5.32 11.33 -11.95
N PHE A 119 -5.05 11.46 -10.66
CA PHE A 119 -3.83 12.10 -10.20
C PHE A 119 -2.73 11.06 -9.99
N ALA A 120 -3.13 9.78 -9.97
CA ALA A 120 -2.18 8.69 -9.79
C ALA A 120 -1.07 8.78 -10.83
N ARG A 121 -1.45 9.22 -12.03
CA ARG A 121 -0.50 9.38 -13.12
C ARG A 121 0.48 10.51 -12.80
N LYS A 122 -0.06 11.69 -12.53
CA LYS A 122 0.73 12.86 -12.17
C LYS A 122 1.75 12.48 -11.10
N VAL A 123 1.38 11.49 -10.32
CA VAL A 123 2.21 10.99 -9.24
C VAL A 123 3.32 10.10 -9.77
N ALA A 124 2.97 9.20 -10.68
CA ALA A 124 3.93 8.25 -11.25
C ALA A 124 5.15 8.96 -11.86
N VAL A 125 4.88 9.83 -12.81
CA VAL A 125 5.94 10.56 -13.51
C VAL A 125 6.77 11.42 -12.58
N ASN A 126 6.11 12.35 -11.89
CA ASN A 126 6.79 13.26 -10.97
C ASN A 126 7.58 12.53 -9.90
N TYR A 127 7.01 11.48 -9.32
CA TYR A 127 7.65 10.73 -8.27
C TYR A 127 8.96 10.10 -8.74
N LEU A 128 9.04 9.81 -10.03
CA LEU A 128 10.22 9.19 -10.61
C LEU A 128 11.47 10.05 -10.38
N GLU A 129 11.26 11.29 -9.94
CA GLU A 129 12.38 12.20 -9.69
C GLU A 129 13.03 11.92 -8.34
N THR A 130 12.57 10.85 -7.68
CA THR A 130 13.12 10.47 -6.38
C THR A 130 13.23 8.95 -6.26
N HIS A 131 12.09 8.28 -6.17
CA HIS A 131 12.03 6.82 -6.05
C HIS A 131 13.06 6.30 -5.06
N MET A 21 16.17 -8.74 3.69
CA MET A 21 15.80 -10.10 4.13
C MET A 21 16.68 -10.58 5.28
N ALA A 22 17.49 -9.67 5.81
CA ALA A 22 18.39 -9.99 6.92
C ALA A 22 18.37 -8.90 7.98
N ASP A 23 17.84 -7.73 7.63
CA ASP A 23 17.76 -6.61 8.55
C ASP A 23 16.31 -6.34 8.95
N GLU A 24 15.41 -6.40 7.98
CA GLU A 24 13.99 -6.17 8.23
C GLU A 24 13.34 -7.39 8.86
N ASN A 25 12.04 -7.28 9.12
CA ASN A 25 11.26 -8.37 9.72
C ASN A 25 12.04 -9.11 10.81
N LYS A 26 12.00 -8.57 12.02
CA LYS A 26 12.69 -9.17 13.15
C LYS A 26 12.21 -8.56 14.46
N TRP A 27 11.97 -7.25 14.44
CA TRP A 27 11.49 -6.54 15.62
C TRP A 27 9.98 -6.69 15.76
N VAL A 28 9.41 -7.60 14.97
CA VAL A 28 7.97 -7.84 14.98
C VAL A 28 7.47 -8.15 16.39
N ARG A 29 6.43 -7.44 16.80
CA ARG A 29 5.81 -7.62 18.12
C ARG A 29 6.69 -7.04 19.24
N ARG A 30 7.99 -7.26 19.15
CA ARG A 30 8.90 -6.74 20.17
C ARG A 30 8.74 -5.23 20.29
N ASP A 31 8.53 -4.76 21.52
CA ASP A 31 8.35 -3.34 21.80
C ASP A 31 6.93 -2.88 21.44
N VAL A 32 6.51 -3.15 20.21
CA VAL A 32 5.18 -2.77 19.74
C VAL A 32 4.09 -3.50 20.51
N SER A 33 2.83 -3.15 20.21
CA SER A 33 1.68 -3.77 20.85
C SER A 33 0.44 -3.65 19.98
N THR A 34 0.35 -2.54 19.24
CA THR A 34 -0.79 -2.30 18.35
C THR A 34 -1.00 -3.48 17.42
N ALA A 35 -2.24 -3.65 16.95
CA ALA A 35 -2.56 -4.76 16.06
C ALA A 35 -2.35 -4.40 14.60
N LEU A 36 -3.18 -3.51 14.07
CA LEU A 36 -3.07 -3.10 12.66
C LEU A 36 -2.14 -1.90 12.48
N SER A 37 -2.18 -0.96 13.42
CA SER A 37 -1.36 0.25 13.35
C SER A 37 0.12 -0.07 13.17
N ARG A 38 0.66 -0.93 14.04
CA ARG A 38 2.07 -1.30 13.97
C ARG A 38 2.24 -2.76 14.38
N MET A 39 2.48 -3.61 13.39
CA MET A 39 2.65 -5.03 13.64
C MET A 39 3.88 -5.59 12.90
N GLY A 40 4.04 -5.19 11.65
CA GLY A 40 5.16 -5.67 10.86
C GLY A 40 4.74 -6.67 9.81
N ASP A 41 4.82 -7.95 10.15
CA ASP A 41 4.46 -9.02 9.23
C ASP A 41 3.49 -9.99 9.87
N GLU A 42 3.08 -9.71 11.10
CA GLU A 42 2.15 -10.57 11.82
C GLU A 42 0.71 -10.27 11.41
N ALA A 43 0.37 -8.98 11.33
CA ALA A 43 -0.97 -8.58 10.94
C ALA A 43 -0.99 -8.00 9.52
N PHE A 44 0.10 -8.24 8.79
CA PHE A 44 0.23 -7.77 7.41
C PHE A 44 -1.01 -8.15 6.58
N GLU A 45 -1.39 -9.41 6.65
CA GLU A 45 -2.54 -9.93 5.89
C GLU A 45 -3.87 -9.28 6.28
N PRO A 46 -4.24 -9.27 7.60
CA PRO A 46 -5.51 -8.66 8.05
C PRO A 46 -5.88 -7.44 7.24
N LEU A 47 -4.85 -6.71 6.84
CA LEU A 47 -5.02 -5.52 6.01
C LEU A 47 -5.36 -5.92 4.59
N LEU A 48 -4.50 -6.75 4.02
CA LEU A 48 -4.67 -7.26 2.67
C LEU A 48 -6.09 -7.83 2.49
N GLU A 49 -6.59 -8.47 3.53
CA GLU A 49 -7.92 -9.06 3.50
C GLU A 49 -8.99 -7.99 3.40
N SER A 50 -8.72 -6.84 4.00
CA SER A 50 -9.65 -5.72 3.98
C SER A 50 -9.85 -5.18 2.56
N LEU A 51 -8.97 -5.59 1.65
CA LEU A 51 -9.05 -5.15 0.27
C LEU A 51 -10.28 -5.74 -0.42
N SER A 52 -10.81 -6.82 0.15
CA SER A 52 -11.98 -7.47 -0.41
C SER A 52 -13.26 -6.95 0.23
N ASN A 53 -13.12 -5.91 1.04
CA ASN A 53 -14.27 -5.30 1.72
C ASN A 53 -15.03 -4.38 0.77
N GLU A 54 -16.34 -4.59 0.68
CA GLU A 54 -17.19 -3.79 -0.20
C GLU A 54 -17.13 -2.31 0.16
N ASP A 55 -16.75 -2.00 1.40
CA ASP A 55 -16.67 -0.63 1.85
C ASP A 55 -15.39 0.03 1.31
N TRP A 56 -15.47 1.34 1.07
CA TRP A 56 -14.32 2.09 0.55
C TRP A 56 -13.50 2.72 1.67
N ARG A 57 -14.19 3.20 2.71
CA ARG A 57 -13.51 3.83 3.84
C ARG A 57 -12.63 2.83 4.57
N ILE A 58 -13.13 1.61 4.75
CA ILE A 58 -12.39 0.56 5.44
C ILE A 58 -11.18 0.12 4.60
N ARG A 59 -11.40 -0.07 3.30
CA ARG A 59 -10.34 -0.49 2.40
C ARG A 59 -9.25 0.58 2.33
N GLY A 60 -9.62 1.82 2.65
CA GLY A 60 -8.66 2.91 2.62
C GLY A 60 -7.56 2.75 3.66
N ALA A 61 -7.95 2.71 4.93
CA ALA A 61 -7.00 2.57 6.03
C ALA A 61 -6.00 1.44 5.75
N ALA A 62 -6.48 0.38 5.12
CA ALA A 62 -5.63 -0.76 4.79
C ALA A 62 -4.50 -0.35 3.85
N ALA A 63 -4.87 0.26 2.73
CA ALA A 63 -3.91 0.72 1.74
C ALA A 63 -3.02 1.83 2.30
N TRP A 64 -3.57 2.61 3.22
CA TRP A 64 -2.87 3.73 3.83
C TRP A 64 -1.75 3.28 4.78
N ILE A 65 -1.93 2.14 5.43
CA ILE A 65 -0.94 1.63 6.38
C ILE A 65 -0.05 0.57 5.75
N ILE A 66 -0.59 -0.13 4.76
CA ILE A 66 0.14 -1.19 4.08
C ILE A 66 1.41 -0.67 3.42
N GLY A 67 1.39 0.60 3.01
CA GLY A 67 2.55 1.18 2.37
C GLY A 67 3.72 1.38 3.30
N ASN A 68 3.51 1.09 4.57
CA ASN A 68 4.57 1.22 5.56
C ASN A 68 5.65 0.17 5.33
N PHE A 69 5.21 -1.04 5.01
CA PHE A 69 6.13 -2.14 4.75
C PHE A 69 6.50 -2.21 3.28
N GLN A 70 7.78 -2.06 2.98
CA GLN A 70 8.29 -2.10 1.60
C GLN A 70 8.26 -3.52 1.05
N ASP A 71 7.38 -4.36 1.58
CA ASP A 71 7.27 -5.75 1.14
C ASP A 71 6.38 -5.85 -0.10
N GLU A 72 6.60 -6.91 -0.88
CA GLU A 72 5.83 -7.14 -2.10
C GLU A 72 4.33 -7.24 -1.80
N ARG A 73 4.00 -7.79 -0.63
CA ARG A 73 2.61 -7.95 -0.23
C ARG A 73 1.96 -6.60 0.02
N ALA A 74 2.77 -5.55 0.07
CA ALA A 74 2.27 -4.20 0.31
C ALA A 74 2.30 -3.38 -0.96
N VAL A 75 2.90 -3.93 -1.99
CA VAL A 75 3.02 -3.24 -3.27
C VAL A 75 1.85 -3.59 -4.19
N GLU A 76 1.32 -4.79 -4.05
CA GLU A 76 0.21 -5.25 -4.88
C GLU A 76 -1.02 -4.36 -4.73
N PRO A 77 -1.46 -4.08 -3.48
CA PRO A 77 -2.64 -3.22 -3.25
C PRO A 77 -2.55 -1.92 -4.03
N LEU A 78 -1.43 -1.23 -3.87
CA LEU A 78 -1.19 0.04 -4.53
C LEU A 78 -1.32 -0.07 -6.04
N ILE A 79 -1.08 -1.26 -6.59
CA ILE A 79 -1.19 -1.47 -8.03
C ILE A 79 -2.62 -1.25 -8.52
N LYS A 80 -3.56 -2.03 -7.98
CA LYS A 80 -4.96 -1.93 -8.38
C LYS A 80 -5.59 -0.64 -7.86
N LEU A 81 -5.00 -0.07 -6.82
CA LEU A 81 -5.51 1.16 -6.22
C LEU A 81 -5.42 2.36 -7.15
N LEU A 82 -4.23 2.59 -7.72
CA LEU A 82 -4.02 3.71 -8.62
C LEU A 82 -5.05 3.72 -9.75
N GLU A 83 -5.67 2.57 -10.00
CA GLU A 83 -6.67 2.44 -11.03
C GLU A 83 -8.08 2.38 -10.44
N ASP A 84 -8.15 2.06 -9.15
CA ASP A 84 -9.42 1.96 -8.45
C ASP A 84 -10.19 3.27 -8.50
N ASP A 85 -9.44 4.36 -8.43
CA ASP A 85 -10.03 5.71 -8.46
C ASP A 85 -11.13 5.86 -7.43
N SER A 86 -11.02 5.13 -6.32
CA SER A 86 -12.02 5.18 -5.26
C SER A 86 -11.82 6.41 -4.38
N GLY A 87 -10.77 7.17 -4.65
CA GLY A 87 -10.49 8.35 -3.86
C GLY A 87 -9.63 8.04 -2.65
N PHE A 88 -10.26 7.55 -1.59
CA PHE A 88 -9.53 7.18 -0.38
C PHE A 88 -8.57 6.04 -0.67
N VAL A 89 -9.08 5.03 -1.36
CA VAL A 89 -8.30 3.86 -1.72
C VAL A 89 -7.23 4.20 -2.76
N ARG A 90 -7.62 4.94 -3.78
CA ARG A 90 -6.70 5.34 -4.85
C ARG A 90 -5.59 6.24 -4.31
N SER A 91 -5.98 7.40 -3.79
CA SER A 91 -5.01 8.36 -3.24
C SER A 91 -4.15 7.69 -2.18
N GLY A 92 -4.70 6.70 -1.50
CA GLY A 92 -3.95 6.01 -0.47
C GLY A 92 -2.69 5.36 -1.00
N ALA A 93 -2.78 4.80 -2.19
CA ALA A 93 -1.64 4.16 -2.82
C ALA A 93 -0.57 5.17 -3.21
N ALA A 94 -1.01 6.33 -3.69
CA ALA A 94 -0.09 7.39 -4.09
C ALA A 94 0.93 7.69 -2.99
N ARG A 95 0.44 7.97 -1.80
CA ARG A 95 1.31 8.27 -0.67
C ARG A 95 2.10 7.04 -0.23
N SER A 96 1.42 5.90 -0.19
CA SER A 96 2.03 4.64 0.20
C SER A 96 3.21 4.27 -0.70
N LEU A 97 3.12 4.67 -1.97
CA LEU A 97 4.17 4.38 -2.93
C LEU A 97 5.43 5.18 -2.64
N GLU A 98 5.30 6.51 -2.68
CA GLU A 98 6.43 7.39 -2.40
C GLU A 98 6.95 7.15 -0.98
N GLN A 99 6.08 6.59 -0.14
CA GLN A 99 6.43 6.29 1.25
C GLN A 99 7.64 5.37 1.30
N ILE A 100 7.72 4.44 0.35
CA ILE A 100 8.83 3.51 0.28
C ILE A 100 10.10 4.20 -0.17
N GLY A 101 10.06 4.78 -1.36
CA GLY A 101 11.22 5.47 -1.91
C GLY A 101 12.34 4.52 -2.25
N GLY A 102 12.23 3.88 -3.42
CA GLY A 102 13.24 2.95 -3.85
C GLY A 102 12.97 2.39 -5.24
N GLU A 103 13.86 1.54 -5.72
CA GLU A 103 13.71 0.92 -7.03
C GLU A 103 12.47 0.05 -7.10
N ARG A 104 12.02 -0.41 -5.93
CA ARG A 104 10.84 -1.26 -5.85
C ARG A 104 9.60 -0.55 -6.38
N VAL A 105 9.24 0.56 -5.76
CA VAL A 105 8.08 1.32 -6.18
C VAL A 105 8.33 1.98 -7.53
N ARG A 106 9.60 2.20 -7.86
CA ARG A 106 9.97 2.83 -9.12
C ARG A 106 9.40 2.06 -10.30
N ALA A 107 9.18 0.76 -10.12
CA ALA A 107 8.65 -0.09 -11.18
C ALA A 107 7.12 0.01 -11.24
N ALA A 108 6.51 0.22 -10.08
CA ALA A 108 5.06 0.34 -10.01
C ALA A 108 4.60 1.63 -10.68
N MET A 109 5.41 2.67 -10.57
CA MET A 109 5.10 3.96 -11.17
C MET A 109 5.23 3.88 -12.69
N GLU A 110 6.34 3.30 -13.14
CA GLU A 110 6.58 3.15 -14.57
C GLU A 110 5.44 2.35 -15.20
N LYS A 111 4.86 1.46 -14.41
CA LYS A 111 3.76 0.63 -14.88
C LYS A 111 2.44 1.40 -14.85
N LEU A 112 2.31 2.31 -13.89
CA LEU A 112 1.10 3.11 -13.76
C LEU A 112 1.15 4.27 -14.75
N ALA A 113 2.37 4.68 -15.10
CA ALA A 113 2.56 5.77 -16.05
C ALA A 113 2.07 5.37 -17.44
N GLU A 114 2.00 4.06 -17.68
CA GLU A 114 1.53 3.54 -18.95
C GLU A 114 0.00 3.57 -19.00
N THR A 115 -0.61 3.50 -17.82
CA THR A 115 -2.05 3.55 -17.69
C THR A 115 -2.44 4.77 -16.85
N GLY A 116 -1.56 5.75 -16.85
CA GLY A 116 -1.78 6.96 -16.09
C GLY A 116 -3.07 7.68 -16.44
N THR A 117 -3.94 7.81 -15.44
CA THR A 117 -5.22 8.48 -15.62
C THR A 117 -5.60 9.26 -14.36
N GLY A 118 -5.96 10.52 -14.54
CA GLY A 118 -6.35 11.35 -13.42
C GLY A 118 -5.17 11.79 -12.57
N PHE A 119 -5.28 11.60 -11.26
CA PHE A 119 -4.22 11.98 -10.33
C PHE A 119 -3.19 10.86 -10.18
N ALA A 120 -3.62 9.62 -10.40
CA ALA A 120 -2.73 8.47 -10.28
C ALA A 120 -1.48 8.64 -11.13
N ARG A 121 -1.63 9.24 -12.30
CA ARG A 121 -0.52 9.46 -13.22
C ARG A 121 0.50 10.45 -12.65
N LYS A 122 0.03 11.65 -12.36
CA LYS A 122 0.88 12.70 -11.80
C LYS A 122 1.75 12.16 -10.67
N VAL A 123 1.27 11.09 -10.05
CA VAL A 123 1.99 10.44 -8.96
C VAL A 123 3.23 9.70 -9.45
N ALA A 124 3.03 8.74 -10.33
CA ALA A 124 4.12 7.93 -10.87
C ALA A 124 5.21 8.77 -11.54
N VAL A 125 4.80 9.64 -12.44
CA VAL A 125 5.73 10.48 -13.20
C VAL A 125 6.53 11.43 -12.31
N ASN A 126 5.84 12.35 -11.65
CA ASN A 126 6.50 13.33 -10.79
C ASN A 126 7.38 12.69 -9.72
N TYR A 127 6.92 11.58 -9.14
CA TYR A 127 7.67 10.90 -8.10
C TYR A 127 9.02 10.40 -8.60
N LEU A 128 9.07 10.06 -9.89
CA LEU A 128 10.29 9.57 -10.50
C LEU A 128 11.43 10.58 -10.37
N GLU A 129 11.10 11.80 -9.96
CA GLU A 129 12.10 12.85 -9.79
C GLU A 129 13.04 12.52 -8.63
N THR A 130 12.67 11.53 -7.82
CA THR A 130 13.47 11.13 -6.67
C THR A 130 14.04 9.73 -6.85
N HIS A 131 13.16 8.75 -6.95
CA HIS A 131 13.57 7.36 -7.12
C HIS A 131 12.80 6.70 -8.26
N MET A 21 7.67 -22.39 25.79
CA MET A 21 6.31 -21.88 26.13
C MET A 21 6.41 -20.63 26.98
N ALA A 22 5.76 -19.55 26.52
CA ALA A 22 5.77 -18.28 27.23
C ALA A 22 7.17 -17.71 27.33
N ASP A 23 8.09 -18.26 26.54
CA ASP A 23 9.48 -17.80 26.54
C ASP A 23 9.82 -17.11 25.23
N GLU A 24 9.49 -17.76 24.12
CA GLU A 24 9.76 -17.21 22.80
C GLU A 24 8.59 -16.35 22.32
N ASN A 25 7.38 -16.80 22.57
CA ASN A 25 6.18 -16.07 22.16
C ASN A 25 5.87 -14.93 23.13
N LYS A 26 6.27 -13.72 22.75
CA LYS A 26 6.02 -12.54 23.58
C LYS A 26 6.43 -11.27 22.84
N TRP A 27 7.61 -11.31 22.23
CA TRP A 27 8.11 -10.15 21.48
C TRP A 27 7.83 -10.30 19.99
N VAL A 28 6.99 -11.27 19.65
CA VAL A 28 6.62 -11.52 18.26
C VAL A 28 5.91 -10.32 17.66
N ARG A 29 5.07 -9.67 18.46
CA ARG A 29 4.34 -8.49 18.00
C ARG A 29 4.85 -7.24 18.69
N ARG A 30 4.65 -7.17 20.00
CA ARG A 30 5.11 -6.03 20.77
C ARG A 30 6.60 -5.79 20.50
N ASP A 31 7.03 -4.53 20.65
CA ASP A 31 8.43 -4.16 20.42
C ASP A 31 8.75 -4.04 18.93
N VAL A 32 8.20 -4.94 18.12
CA VAL A 32 8.43 -4.92 16.68
C VAL A 32 7.79 -3.70 16.02
N SER A 33 6.47 -3.76 15.84
CA SER A 33 5.74 -2.66 15.21
C SER A 33 4.24 -2.85 15.34
N THR A 34 3.49 -1.87 14.84
CA THR A 34 2.02 -1.91 14.89
C THR A 34 1.44 -1.71 13.49
N ALA A 35 0.68 -2.68 13.00
CA ALA A 35 0.11 -2.56 11.67
C ALA A 35 -1.33 -2.04 11.70
N LEU A 36 -2.27 -2.89 12.12
CA LEU A 36 -3.67 -2.45 12.19
C LEU A 36 -3.99 -1.89 13.57
N SER A 37 -4.04 -2.78 14.56
CA SER A 37 -4.32 -2.40 15.93
C SER A 37 -3.03 -2.12 16.71
N ARG A 38 -2.13 -3.10 16.65
CA ARG A 38 -0.84 -3.04 17.35
C ARG A 38 -0.10 -4.35 17.16
N MET A 39 -0.38 -5.02 16.04
CA MET A 39 0.22 -6.32 15.74
C MET A 39 1.54 -6.19 14.98
N GLY A 40 1.56 -5.31 13.99
CA GLY A 40 2.77 -5.12 13.21
C GLY A 40 2.93 -6.14 12.08
N ASP A 41 3.52 -7.29 12.41
CA ASP A 41 3.75 -8.33 11.42
C ASP A 41 2.62 -9.37 11.41
N GLU A 42 1.61 -9.16 12.25
CA GLU A 42 0.48 -10.10 12.30
C GLU A 42 -0.76 -9.50 11.63
N ALA A 43 -0.80 -8.18 11.56
CA ALA A 43 -1.92 -7.48 10.94
C ALA A 43 -1.63 -7.13 9.49
N PHE A 44 -0.47 -7.55 9.00
CA PHE A 44 -0.06 -7.28 7.63
C PHE A 44 -1.07 -7.89 6.67
N GLU A 45 -1.38 -9.16 6.89
CA GLU A 45 -2.34 -9.87 6.05
C GLU A 45 -3.74 -9.25 6.13
N PRO A 46 -4.34 -9.14 7.34
CA PRO A 46 -5.67 -8.57 7.51
C PRO A 46 -5.84 -7.30 6.68
N LEU A 47 -4.73 -6.63 6.45
CA LEU A 47 -4.71 -5.41 5.66
C LEU A 47 -4.99 -5.73 4.21
N LEU A 48 -4.19 -6.64 3.65
CA LEU A 48 -4.33 -7.05 2.26
C LEU A 48 -5.64 -7.84 2.08
N GLU A 49 -6.18 -8.32 3.18
CA GLU A 49 -7.42 -9.09 3.15
C GLU A 49 -8.63 -8.18 3.02
N SER A 50 -8.62 -7.08 3.78
CA SER A 50 -9.72 -6.12 3.76
C SER A 50 -9.82 -5.42 2.41
N LEU A 51 -8.78 -5.56 1.58
CA LEU A 51 -8.77 -4.93 0.27
C LEU A 51 -9.81 -5.55 -0.66
N SER A 52 -10.43 -6.64 -0.20
CA SER A 52 -11.45 -7.32 -0.98
C SER A 52 -12.85 -6.84 -0.59
N ASN A 53 -12.89 -5.72 0.11
CA ASN A 53 -14.16 -5.14 0.56
C ASN A 53 -14.65 -4.08 -0.42
N GLU A 54 -15.95 -4.11 -0.72
CA GLU A 54 -16.54 -3.15 -1.65
C GLU A 54 -16.52 -1.74 -1.07
N ASP A 55 -16.02 -1.63 0.16
CA ASP A 55 -15.93 -0.33 0.83
C ASP A 55 -14.67 0.41 0.43
N TRP A 56 -14.71 1.74 0.48
CA TRP A 56 -13.56 2.56 0.14
C TRP A 56 -12.88 3.10 1.39
N ARG A 57 -13.70 3.47 2.36
CA ARG A 57 -13.19 4.01 3.63
C ARG A 57 -12.37 2.95 4.36
N ILE A 58 -12.81 1.71 4.31
CA ILE A 58 -12.12 0.60 4.97
C ILE A 58 -10.92 0.14 4.13
N ARG A 59 -11.15 -0.06 2.84
CA ARG A 59 -10.09 -0.50 1.93
C ARG A 59 -8.99 0.56 1.84
N GLY A 60 -9.38 1.82 2.05
CA GLY A 60 -8.42 2.90 1.97
C GLY A 60 -7.43 2.87 3.13
N ALA A 61 -7.94 2.94 4.35
CA ALA A 61 -7.09 2.92 5.53
C ALA A 61 -6.14 1.73 5.50
N ALA A 62 -6.58 0.65 4.86
CA ALA A 62 -5.76 -0.56 4.76
C ALA A 62 -4.49 -0.29 3.97
N ALA A 63 -4.65 0.22 2.74
CA ALA A 63 -3.51 0.53 1.90
C ALA A 63 -2.72 1.71 2.43
N TRP A 64 -3.38 2.55 3.23
CA TRP A 64 -2.73 3.72 3.80
C TRP A 64 -1.64 3.31 4.79
N ILE A 65 -1.82 2.13 5.39
CA ILE A 65 -0.84 1.61 6.35
C ILE A 65 0.06 0.57 5.68
N ILE A 66 -0.44 -0.02 4.60
CA ILE A 66 0.31 -1.03 3.87
C ILE A 66 1.62 -0.49 3.31
N GLY A 67 1.62 0.80 2.95
CA GLY A 67 2.81 1.41 2.41
C GLY A 67 3.92 1.50 3.43
N ASN A 68 3.58 1.34 4.71
CA ASN A 68 4.56 1.40 5.77
C ASN A 68 5.49 0.19 5.70
N PHE A 69 4.99 -0.91 5.15
CA PHE A 69 5.78 -2.13 5.02
C PHE A 69 6.35 -2.25 3.62
N GLN A 70 7.67 -2.15 3.51
CA GLN A 70 8.36 -2.26 2.23
C GLN A 70 8.46 -3.72 1.80
N ASP A 71 7.43 -4.50 2.11
CA ASP A 71 7.40 -5.92 1.76
C ASP A 71 6.67 -6.15 0.44
N GLU A 72 6.83 -7.34 -0.12
CA GLU A 72 6.19 -7.69 -1.39
C GLU A 72 4.68 -7.74 -1.26
N ARG A 73 4.21 -8.11 -0.08
CA ARG A 73 2.77 -8.21 0.19
C ARG A 73 2.11 -6.83 0.20
N ALA A 74 2.92 -5.78 0.27
CA ALA A 74 2.40 -4.41 0.30
C ALA A 74 2.63 -3.73 -1.03
N VAL A 75 3.12 -4.50 -2.00
CA VAL A 75 3.39 -3.97 -3.32
C VAL A 75 2.17 -4.04 -4.23
N GLU A 76 1.50 -5.20 -4.24
CA GLU A 76 0.33 -5.37 -5.08
C GLU A 76 -0.78 -4.38 -4.73
N PRO A 77 -1.13 -4.22 -3.43
CA PRO A 77 -2.17 -3.30 -3.00
C PRO A 77 -2.12 -1.96 -3.73
N LEU A 78 -0.93 -1.34 -3.74
CA LEU A 78 -0.76 -0.05 -4.40
C LEU A 78 -1.06 -0.15 -5.89
N ILE A 79 -0.68 -1.27 -6.49
CA ILE A 79 -0.91 -1.48 -7.92
C ILE A 79 -2.38 -1.30 -8.28
N LYS A 80 -3.24 -2.11 -7.68
CA LYS A 80 -4.67 -2.03 -7.96
C LYS A 80 -5.28 -0.75 -7.38
N LEU A 81 -4.55 -0.10 -6.49
CA LEU A 81 -5.02 1.13 -5.84
C LEU A 81 -4.97 2.32 -6.79
N LEU A 82 -3.81 2.55 -7.39
CA LEU A 82 -3.62 3.67 -8.30
C LEU A 82 -4.61 3.61 -9.46
N GLU A 83 -5.33 2.50 -9.57
CA GLU A 83 -6.31 2.33 -10.63
C GLU A 83 -7.74 2.29 -10.08
N ASP A 84 -7.86 2.14 -8.77
CA ASP A 84 -9.17 2.08 -8.12
C ASP A 84 -9.97 3.36 -8.34
N ASP A 85 -9.25 4.47 -8.43
CA ASP A 85 -9.87 5.78 -8.63
C ASP A 85 -11.03 5.98 -7.64
N SER A 86 -10.91 5.40 -6.45
CA SER A 86 -11.95 5.52 -5.44
C SER A 86 -11.83 6.82 -4.65
N GLY A 87 -10.63 7.37 -4.62
CA GLY A 87 -10.38 8.60 -3.88
C GLY A 87 -9.50 8.36 -2.67
N PHE A 88 -10.09 7.96 -1.56
CA PHE A 88 -9.32 7.68 -0.35
C PHE A 88 -8.38 6.52 -0.63
N VAL A 89 -8.92 5.52 -1.32
CA VAL A 89 -8.15 4.33 -1.69
C VAL A 89 -7.10 4.66 -2.74
N ARG A 90 -7.53 5.22 -3.86
CA ARG A 90 -6.62 5.57 -4.95
C ARG A 90 -5.48 6.48 -4.46
N SER A 91 -5.85 7.57 -3.78
CA SER A 91 -4.86 8.51 -3.27
C SER A 91 -3.96 7.87 -2.22
N GLY A 92 -4.42 6.77 -1.64
CA GLY A 92 -3.64 6.07 -0.64
C GLY A 92 -2.29 5.62 -1.16
N ALA A 93 -2.31 4.70 -2.11
CA ALA A 93 -1.08 4.17 -2.71
C ALA A 93 -0.14 5.29 -3.14
N ALA A 94 -0.71 6.42 -3.54
CA ALA A 94 0.10 7.56 -3.98
C ALA A 94 1.13 7.96 -2.92
N ARG A 95 0.68 8.05 -1.67
CA ARG A 95 1.57 8.41 -0.57
C ARG A 95 2.35 7.21 -0.08
N SER A 96 1.80 6.02 -0.31
CA SER A 96 2.44 4.78 0.12
C SER A 96 3.78 4.56 -0.58
N LEU A 97 3.83 4.90 -1.87
CA LEU A 97 5.05 4.73 -2.65
C LEU A 97 6.20 5.52 -2.04
N GLU A 98 6.03 6.83 -1.95
CA GLU A 98 7.04 7.72 -1.37
C GLU A 98 7.58 7.14 -0.06
N GLN A 99 6.72 6.44 0.68
CA GLN A 99 7.12 5.84 1.94
C GLN A 99 8.06 4.66 1.73
N ILE A 100 7.75 3.84 0.72
CA ILE A 100 8.56 2.67 0.43
C ILE A 100 9.87 3.04 -0.25
N GLY A 101 9.78 3.65 -1.43
CA GLY A 101 10.97 4.04 -2.16
C GLY A 101 11.81 2.86 -2.63
N GLY A 102 12.79 3.12 -3.50
CA GLY A 102 13.64 2.07 -4.00
C GLY A 102 13.22 1.56 -5.37
N GLU A 103 13.83 0.47 -5.81
CA GLU A 103 13.52 -0.12 -7.10
C GLU A 103 12.08 -0.65 -7.11
N ARG A 104 11.58 -0.95 -5.91
CA ARG A 104 10.22 -1.45 -5.75
C ARG A 104 9.21 -0.50 -6.39
N VAL A 105 9.16 0.72 -5.87
CA VAL A 105 8.25 1.73 -6.37
C VAL A 105 8.56 2.08 -7.81
N ARG A 106 9.80 1.87 -8.21
CA ARG A 106 10.23 2.17 -9.57
C ARG A 106 9.33 1.47 -10.58
N ALA A 107 8.85 0.29 -10.20
CA ALA A 107 7.98 -0.50 -11.06
C ALA A 107 6.52 -0.12 -10.87
N ALA A 108 6.20 0.42 -9.71
CA ALA A 108 4.82 0.81 -9.39
C ALA A 108 4.36 2.02 -10.21
N MET A 109 5.17 3.07 -10.23
CA MET A 109 4.82 4.28 -10.96
C MET A 109 4.86 4.04 -12.46
N GLU A 110 5.74 3.14 -12.89
CA GLU A 110 5.87 2.81 -14.31
C GLU A 110 4.63 2.06 -14.80
N LYS A 111 4.17 1.10 -14.00
CA LYS A 111 3.01 0.30 -14.35
C LYS A 111 1.75 1.16 -14.33
N LEU A 112 1.75 2.19 -13.49
CA LEU A 112 0.61 3.08 -13.39
C LEU A 112 0.71 4.19 -14.44
N ALA A 113 1.94 4.51 -14.83
CA ALA A 113 2.17 5.55 -15.84
C ALA A 113 1.68 5.09 -17.20
N GLU A 114 1.58 3.76 -17.37
CA GLU A 114 1.11 3.19 -18.63
C GLU A 114 -0.41 3.23 -18.70
N THR A 115 -1.06 3.23 -17.53
CA THR A 115 -2.51 3.29 -17.45
C THR A 115 -2.92 4.49 -16.63
N GLY A 116 -2.02 5.48 -16.58
CA GLY A 116 -2.28 6.68 -15.82
C GLY A 116 -3.52 7.41 -16.26
N THR A 117 -4.40 7.65 -15.29
CA THR A 117 -5.65 8.36 -15.56
C THR A 117 -5.98 9.30 -14.40
N GLY A 118 -6.28 10.55 -14.73
CA GLY A 118 -6.61 11.53 -13.71
C GLY A 118 -5.46 11.79 -12.76
N PHE A 119 -5.78 11.93 -11.48
CA PHE A 119 -4.76 12.18 -10.45
C PHE A 119 -3.79 11.01 -10.38
N ALA A 120 -4.30 9.80 -10.58
CA ALA A 120 -3.48 8.58 -10.53
C ALA A 120 -2.29 8.69 -11.49
N ARG A 121 -2.52 9.33 -12.64
CA ARG A 121 -1.47 9.49 -13.64
C ARG A 121 -0.38 10.44 -13.17
N LYS A 122 -0.77 11.70 -12.92
CA LYS A 122 0.17 12.72 -12.48
C LYS A 122 0.99 12.24 -11.27
N VAL A 123 0.44 11.27 -10.55
CA VAL A 123 1.11 10.72 -9.37
C VAL A 123 2.37 9.97 -9.74
N ALA A 124 2.24 9.03 -10.67
CA ALA A 124 3.38 8.22 -11.11
C ALA A 124 4.55 9.08 -11.58
N VAL A 125 4.30 9.84 -12.64
CA VAL A 125 5.33 10.69 -13.24
C VAL A 125 5.96 11.63 -12.22
N ASN A 126 5.13 12.46 -11.59
CA ASN A 126 5.63 13.42 -10.60
C ASN A 126 6.40 12.74 -9.47
N TYR A 127 6.01 11.53 -9.11
CA TYR A 127 6.66 10.82 -8.03
C TYR A 127 8.12 10.54 -8.37
N LEU A 128 8.43 10.48 -9.66
CA LEU A 128 9.80 10.23 -10.12
C LEU A 128 10.78 11.18 -9.45
N GLU A 129 10.29 12.35 -9.05
CA GLU A 129 11.13 13.35 -8.39
C GLU A 129 11.85 12.77 -7.18
N THR A 130 11.43 11.58 -6.75
CA THR A 130 12.04 10.92 -5.61
C THR A 130 12.63 9.56 -6.00
N HIS A 131 11.81 8.51 -5.94
CA HIS A 131 12.26 7.17 -6.30
C HIS A 131 11.62 6.71 -7.61
N MET A 21 10.88 -21.38 15.71
CA MET A 21 9.96 -22.25 16.50
C MET A 21 10.68 -22.86 17.69
N ALA A 22 11.98 -22.56 17.81
CA ALA A 22 12.78 -23.09 18.91
C ALA A 22 12.70 -22.20 20.15
N ASP A 23 12.62 -20.89 19.92
CA ASP A 23 12.54 -19.93 21.02
C ASP A 23 11.14 -19.92 21.63
N GLU A 24 11.02 -19.28 22.80
CA GLU A 24 9.74 -19.20 23.49
C GLU A 24 8.96 -17.96 23.06
N ASN A 25 8.80 -17.79 21.75
CA ASN A 25 8.08 -16.66 21.17
C ASN A 25 8.42 -15.35 21.90
N LYS A 26 9.51 -14.73 21.50
CA LYS A 26 9.94 -13.47 22.09
C LYS A 26 10.19 -12.42 21.03
N TRP A 27 10.36 -12.87 19.79
CA TRP A 27 10.60 -11.97 18.66
C TRP A 27 9.48 -12.07 17.64
N VAL A 28 8.24 -11.93 18.12
CA VAL A 28 7.08 -12.00 17.24
C VAL A 28 5.82 -11.51 17.94
N ARG A 29 5.81 -11.59 19.27
CA ARG A 29 4.67 -11.14 20.05
C ARG A 29 5.06 -10.02 21.00
N ARG A 30 6.30 -10.03 21.45
CA ARG A 30 6.79 -8.99 22.35
C ARG A 30 6.67 -7.64 21.67
N ASP A 31 6.17 -6.64 22.41
CA ASP A 31 6.00 -5.29 21.89
C ASP A 31 4.81 -5.20 20.94
N VAL A 32 4.40 -6.34 20.39
CA VAL A 32 3.26 -6.38 19.47
C VAL A 32 1.96 -5.99 20.17
N SER A 33 1.45 -6.91 20.99
CA SER A 33 0.20 -6.68 21.73
C SER A 33 -0.97 -6.51 20.77
N THR A 34 -1.14 -5.30 20.25
CA THR A 34 -2.23 -5.00 19.31
C THR A 34 -2.12 -5.89 18.06
N ALA A 35 -3.15 -5.87 17.24
CA ALA A 35 -3.14 -6.69 16.03
C ALA A 35 -2.69 -5.90 14.80
N LEU A 36 -3.52 -4.96 14.34
CA LEU A 36 -3.20 -4.18 13.16
C LEU A 36 -2.38 -2.93 13.49
N SER A 37 -2.52 -2.41 14.72
CA SER A 37 -1.78 -1.22 15.14
C SER A 37 -0.29 -1.47 15.02
N ARG A 38 0.17 -2.56 15.63
CA ARG A 38 1.58 -2.93 15.60
C ARG A 38 1.72 -4.45 15.62
N MET A 39 2.21 -5.01 14.52
CA MET A 39 2.38 -6.46 14.41
C MET A 39 3.74 -6.83 13.86
N GLY A 40 4.16 -6.11 12.81
CA GLY A 40 5.44 -6.39 12.18
C GLY A 40 5.51 -7.79 11.59
N ASP A 41 5.02 -7.91 10.35
CA ASP A 41 5.04 -9.18 9.63
C ASP A 41 4.13 -10.22 10.27
N GLU A 42 3.32 -9.81 11.24
CA GLU A 42 2.41 -10.74 11.91
C GLU A 42 0.97 -10.54 11.43
N ALA A 43 0.54 -9.29 11.33
CA ALA A 43 -0.81 -8.98 10.86
C ALA A 43 -0.78 -8.40 9.46
N PHE A 44 0.34 -8.60 8.76
CA PHE A 44 0.50 -8.11 7.40
C PHE A 44 -0.66 -8.56 6.52
N GLU A 45 -0.98 -9.85 6.58
CA GLU A 45 -2.06 -10.40 5.77
C GLU A 45 -3.42 -9.78 6.09
N PRO A 46 -3.88 -9.84 7.37
CA PRO A 46 -5.18 -9.27 7.75
C PRO A 46 -5.32 -7.84 7.27
N LEU A 47 -4.18 -7.23 6.97
CA LEU A 47 -4.14 -5.87 6.48
C LEU A 47 -4.42 -5.84 4.98
N LEU A 48 -3.86 -6.83 4.28
CA LEU A 48 -4.05 -6.97 2.85
C LEU A 48 -5.40 -7.62 2.55
N GLU A 49 -5.94 -8.33 3.53
CA GLU A 49 -7.23 -9.01 3.38
C GLU A 49 -8.37 -8.00 3.42
N SER A 50 -8.20 -6.96 4.22
CA SER A 50 -9.20 -5.92 4.36
C SER A 50 -9.37 -5.13 3.06
N LEU A 51 -8.38 -5.26 2.17
CA LEU A 51 -8.43 -4.57 0.89
C LEU A 51 -9.52 -5.13 -0.01
N SER A 52 -10.15 -6.21 0.45
CA SER A 52 -11.22 -6.86 -0.31
C SER A 52 -12.57 -6.51 0.28
N ASN A 53 -12.59 -5.54 1.18
CA ASN A 53 -13.83 -5.11 1.82
C ASN A 53 -14.72 -4.36 0.83
N GLU A 54 -16.02 -4.57 0.93
CA GLU A 54 -16.99 -3.93 0.05
C GLU A 54 -16.91 -2.41 0.17
N ASP A 55 -16.63 -1.92 1.37
CA ASP A 55 -16.53 -0.49 1.61
C ASP A 55 -15.16 0.05 1.20
N TRP A 56 -15.14 1.26 0.67
CA TRP A 56 -13.90 1.88 0.22
C TRP A 56 -13.22 2.62 1.38
N ARG A 57 -14.02 3.17 2.28
CA ARG A 57 -13.49 3.90 3.44
C ARG A 57 -12.60 2.99 4.27
N ILE A 58 -12.97 1.71 4.34
CA ILE A 58 -12.19 0.73 5.09
C ILE A 58 -11.01 0.25 4.27
N ARG A 59 -11.25 0.02 2.98
CA ARG A 59 -10.21 -0.45 2.08
C ARG A 59 -9.10 0.59 1.96
N GLY A 60 -9.42 1.84 2.31
CA GLY A 60 -8.44 2.91 2.24
C GLY A 60 -7.35 2.77 3.27
N ALA A 61 -7.73 2.84 4.55
CA ALA A 61 -6.78 2.73 5.65
C ALA A 61 -5.80 1.58 5.43
N ALA A 62 -6.27 0.52 4.80
CA ALA A 62 -5.42 -0.63 4.51
C ALA A 62 -4.26 -0.22 3.62
N ALA A 63 -4.58 0.43 2.51
CA ALA A 63 -3.57 0.91 1.57
C ALA A 63 -2.70 1.97 2.21
N TRP A 64 -3.28 2.69 3.17
CA TRP A 64 -2.59 3.77 3.86
C TRP A 64 -1.45 3.25 4.73
N ILE A 65 -1.64 2.09 5.35
CA ILE A 65 -0.63 1.51 6.23
C ILE A 65 0.18 0.43 5.53
N ILE A 66 -0.38 -0.14 4.47
CA ILE A 66 0.31 -1.20 3.74
C ILE A 66 1.64 -0.74 3.14
N GLY A 67 1.66 0.49 2.63
CA GLY A 67 2.88 1.01 2.03
C GLY A 67 4.03 1.14 3.02
N ASN A 68 3.75 0.91 4.29
CA ASN A 68 4.76 1.01 5.34
C ASN A 68 5.79 -0.12 5.25
N PHE A 69 5.30 -1.36 5.15
CA PHE A 69 6.18 -2.53 5.09
C PHE A 69 7.01 -2.55 3.80
N GLN A 70 6.50 -1.93 2.74
CA GLN A 70 7.19 -1.88 1.45
C GLN A 70 7.42 -3.27 0.88
N ASP A 71 6.69 -4.24 1.41
CA ASP A 71 6.82 -5.63 0.95
C ASP A 71 5.95 -5.87 -0.28
N GLU A 72 5.97 -7.11 -0.78
CA GLU A 72 5.20 -7.48 -1.97
C GLU A 72 3.70 -7.29 -1.77
N ARG A 73 3.21 -7.58 -0.56
CA ARG A 73 1.77 -7.44 -0.30
C ARG A 73 1.35 -5.98 -0.32
N ALA A 74 2.34 -5.08 -0.37
CA ALA A 74 2.08 -3.64 -0.39
C ALA A 74 2.33 -3.06 -1.78
N VAL A 75 2.92 -3.87 -2.65
CA VAL A 75 3.23 -3.44 -4.00
C VAL A 75 2.02 -3.52 -4.93
N GLU A 76 1.33 -4.67 -4.90
CA GLU A 76 0.17 -4.87 -5.76
C GLU A 76 -0.93 -3.84 -5.46
N PRO A 77 -1.29 -3.61 -4.18
CA PRO A 77 -2.34 -2.65 -3.82
C PRO A 77 -2.23 -1.35 -4.61
N LEU A 78 -1.06 -0.74 -4.58
CA LEU A 78 -0.81 0.52 -5.29
C LEU A 78 -1.21 0.43 -6.76
N ILE A 79 -1.01 -0.74 -7.37
CA ILE A 79 -1.32 -0.92 -8.78
C ILE A 79 -2.82 -0.74 -9.07
N LYS A 80 -3.64 -1.59 -8.45
CA LYS A 80 -5.09 -1.53 -8.65
C LYS A 80 -5.73 -0.32 -7.98
N LEU A 81 -5.02 0.26 -7.01
CA LEU A 81 -5.54 1.42 -6.26
C LEU A 81 -5.45 2.71 -7.05
N LEU A 82 -4.27 3.00 -7.58
CA LEU A 82 -4.06 4.22 -8.35
C LEU A 82 -4.92 4.19 -9.60
N GLU A 83 -5.53 3.04 -9.85
CA GLU A 83 -6.41 2.85 -11.00
C GLU A 83 -7.85 2.64 -10.55
N ASP A 84 -8.02 2.34 -9.27
CA ASP A 84 -9.34 2.10 -8.70
C ASP A 84 -10.22 3.33 -8.81
N ASP A 85 -9.70 4.43 -8.30
CA ASP A 85 -10.39 5.71 -8.31
C ASP A 85 -11.55 5.71 -7.32
N SER A 86 -11.46 4.87 -6.30
CA SER A 86 -12.50 4.77 -5.29
C SER A 86 -12.36 5.89 -4.26
N GLY A 87 -11.29 6.67 -4.38
CA GLY A 87 -11.05 7.77 -3.45
C GLY A 87 -10.04 7.42 -2.37
N PHE A 88 -10.54 7.12 -1.17
CA PHE A 88 -9.66 6.76 -0.06
C PHE A 88 -8.74 5.62 -0.48
N VAL A 89 -9.24 4.78 -1.38
CA VAL A 89 -8.48 3.65 -1.89
C VAL A 89 -7.39 4.10 -2.84
N ARG A 90 -7.74 4.98 -3.77
CA ARG A 90 -6.77 5.49 -4.74
C ARG A 90 -5.75 6.42 -4.07
N SER A 91 -6.26 7.50 -3.49
CA SER A 91 -5.41 8.46 -2.79
C SER A 91 -4.55 7.78 -1.74
N GLY A 92 -5.06 6.68 -1.20
CA GLY A 92 -4.34 5.93 -0.19
C GLY A 92 -3.02 5.41 -0.70
N ALA A 93 -3.01 4.97 -1.95
CA ALA A 93 -1.80 4.43 -2.56
C ALA A 93 -0.89 5.56 -3.03
N ALA A 94 -1.48 6.64 -3.53
CA ALA A 94 -0.73 7.79 -4.03
C ALA A 94 0.38 8.21 -3.07
N ARG A 95 0.13 8.07 -1.78
CA ARG A 95 1.12 8.46 -0.77
C ARG A 95 2.13 7.34 -0.52
N SER A 96 1.66 6.10 -0.62
CA SER A 96 2.51 4.93 -0.41
C SER A 96 3.73 4.93 -1.36
N LEU A 97 3.52 5.36 -2.60
CA LEU A 97 4.60 5.40 -3.58
C LEU A 97 5.78 6.21 -3.06
N GLU A 98 5.53 7.49 -2.79
CA GLU A 98 6.57 8.37 -2.26
C GLU A 98 7.01 7.92 -0.87
N GLN A 99 6.12 7.22 -0.17
CA GLN A 99 6.40 6.73 1.17
C GLN A 99 7.60 5.77 1.16
N ILE A 100 7.48 4.71 0.39
CA ILE A 100 8.54 3.72 0.27
C ILE A 100 9.80 4.32 -0.33
N GLY A 101 9.66 4.98 -1.47
CA GLY A 101 10.79 5.61 -2.12
C GLY A 101 11.92 4.63 -2.38
N GLY A 102 11.76 3.79 -3.41
CA GLY A 102 12.77 2.83 -3.75
C GLY A 102 12.45 2.06 -5.01
N GLU A 103 13.34 1.14 -5.39
CA GLU A 103 13.14 0.33 -6.59
C GLU A 103 11.86 -0.48 -6.48
N ARG A 104 11.39 -0.68 -5.25
CA ARG A 104 10.17 -1.44 -5.00
C ARG A 104 8.99 -0.79 -5.71
N VAL A 105 8.66 0.42 -5.27
CA VAL A 105 7.57 1.17 -5.86
C VAL A 105 7.91 1.65 -7.26
N ARG A 106 9.21 1.70 -7.55
CA ARG A 106 9.69 2.14 -8.86
C ARG A 106 9.01 1.36 -9.98
N ALA A 107 8.70 0.09 -9.71
CA ALA A 107 8.05 -0.76 -10.69
C ALA A 107 6.54 -0.51 -10.70
N ALA A 108 6.02 -0.04 -9.56
CA ALA A 108 4.61 0.26 -9.44
C ALA A 108 4.24 1.51 -10.23
N MET A 109 5.06 2.55 -10.12
CA MET A 109 4.81 3.79 -10.83
C MET A 109 5.01 3.60 -12.33
N GLU A 110 5.89 2.67 -12.70
CA GLU A 110 6.16 2.37 -14.10
C GLU A 110 4.97 1.66 -14.70
N LYS A 111 4.27 0.88 -13.88
CA LYS A 111 3.10 0.14 -14.33
C LYS A 111 1.91 1.05 -14.52
N LEU A 112 1.83 2.11 -13.73
CA LEU A 112 0.73 3.05 -13.83
C LEU A 112 1.04 4.11 -14.89
N ALA A 113 2.32 4.45 -15.02
CA ALA A 113 2.75 5.43 -16.01
C ALA A 113 2.27 5.03 -17.40
N GLU A 114 2.11 3.74 -17.59
CA GLU A 114 1.64 3.19 -18.86
C GLU A 114 0.12 3.26 -18.93
N THR A 115 -0.52 3.25 -17.77
CA THR A 115 -1.97 3.32 -17.67
C THR A 115 -2.39 4.61 -16.96
N GLY A 116 -1.59 5.65 -17.17
CA GLY A 116 -1.84 6.94 -16.55
C GLY A 116 -3.28 7.39 -16.66
N THR A 117 -3.90 7.62 -15.50
CA THR A 117 -5.28 8.08 -15.44
C THR A 117 -5.50 8.92 -14.18
N GLY A 118 -6.10 10.10 -14.36
CA GLY A 118 -6.36 10.98 -13.23
C GLY A 118 -5.09 11.61 -12.71
N PHE A 119 -4.98 11.71 -11.39
CA PHE A 119 -3.80 12.30 -10.76
C PHE A 119 -2.74 11.24 -10.49
N ALA A 120 -3.18 9.98 -10.50
CA ALA A 120 -2.29 8.85 -10.27
C ALA A 120 -1.10 8.91 -11.25
N ARG A 121 -1.41 9.19 -12.51
CA ARG A 121 -0.38 9.28 -13.53
C ARG A 121 0.73 10.23 -13.08
N LYS A 122 0.36 11.46 -12.79
CA LYS A 122 1.32 12.46 -12.32
C LYS A 122 2.04 11.95 -11.08
N VAL A 123 1.33 11.17 -10.28
CA VAL A 123 1.89 10.60 -9.06
C VAL A 123 3.05 9.65 -9.36
N ALA A 124 2.88 8.82 -10.40
CA ALA A 124 3.90 7.86 -10.79
C ALA A 124 5.18 8.55 -11.25
N VAL A 125 5.03 9.40 -12.27
CA VAL A 125 6.16 10.11 -12.88
C VAL A 125 6.82 11.09 -11.91
N ASN A 126 6.02 11.99 -11.34
CA ASN A 126 6.55 13.00 -10.41
C ASN A 126 7.31 12.35 -9.26
N TYR A 127 6.85 11.18 -8.83
CA TYR A 127 7.48 10.47 -7.74
C TYR A 127 8.95 10.16 -8.04
N LEU A 128 9.25 9.94 -9.32
CA LEU A 128 10.62 9.63 -9.75
C LEU A 128 11.63 10.61 -9.17
N GLU A 129 11.15 11.78 -8.76
CA GLU A 129 12.01 12.80 -8.18
C GLU A 129 12.54 12.39 -6.81
N THR A 130 12.24 11.15 -6.40
CA THR A 130 12.68 10.65 -5.11
C THR A 130 13.77 9.59 -5.27
N HIS A 131 13.39 8.40 -5.74
CA HIS A 131 14.34 7.32 -5.94
C HIS A 131 14.98 7.41 -7.33
N MET A 21 5.63 -10.48 23.23
CA MET A 21 4.59 -11.06 24.11
C MET A 21 5.11 -12.31 24.82
N ALA A 22 6.13 -12.94 24.23
CA ALA A 22 6.72 -14.14 24.79
C ALA A 22 8.23 -13.98 24.94
N ASP A 23 8.67 -12.74 25.11
CA ASP A 23 10.10 -12.43 25.28
C ASP A 23 10.88 -12.80 24.02
N GLU A 24 10.16 -13.13 22.96
CA GLU A 24 10.79 -13.50 21.69
C GLU A 24 10.81 -12.31 20.73
N ASN A 25 9.65 -11.66 20.59
CA ASN A 25 9.53 -10.50 19.71
C ASN A 25 9.47 -9.20 20.51
N LYS A 26 10.53 -8.40 20.39
CA LYS A 26 10.60 -7.13 21.11
C LYS A 26 10.35 -5.97 20.16
N TRP A 27 10.94 -6.02 18.97
CA TRP A 27 10.77 -4.97 17.98
C TRP A 27 9.69 -5.34 16.96
N VAL A 28 8.57 -4.63 17.00
CA VAL A 28 7.46 -4.88 16.09
C VAL A 28 6.34 -3.87 16.27
N ARG A 29 6.27 -3.27 17.46
CA ARG A 29 5.24 -2.28 17.76
C ARG A 29 5.82 -0.87 17.80
N ARG A 30 7.12 -0.76 17.51
CA ARG A 30 7.78 0.54 17.50
C ARG A 30 7.02 1.51 16.62
N ASP A 31 6.31 2.45 17.26
CA ASP A 31 5.52 3.46 16.56
C ASP A 31 4.24 2.86 15.99
N VAL A 32 4.27 1.57 15.71
CA VAL A 32 3.11 0.87 15.15
C VAL A 32 1.98 0.80 16.18
N SER A 33 0.76 0.59 15.69
CA SER A 33 -0.40 0.49 16.57
C SER A 33 -1.54 -0.26 15.89
N THR A 34 -2.77 0.00 16.34
CA THR A 34 -3.97 -0.64 15.79
C THR A 34 -3.82 -2.16 15.68
N ALA A 35 -4.77 -2.80 15.02
CA ALA A 35 -4.77 -4.25 14.85
C ALA A 35 -3.49 -4.74 14.17
N LEU A 36 -3.03 -4.01 13.17
CA LEU A 36 -1.83 -4.38 12.44
C LEU A 36 -0.68 -4.67 13.41
N SER A 37 -0.69 -4.03 14.57
CA SER A 37 0.35 -4.24 15.57
C SER A 37 0.05 -5.42 16.48
N ARG A 38 -1.24 -5.71 16.67
CA ARG A 38 -1.65 -6.82 17.54
C ARG A 38 -0.94 -8.12 17.17
N MET A 39 -0.56 -8.25 15.90
CA MET A 39 0.14 -9.44 15.42
C MET A 39 1.49 -9.05 14.83
N GLY A 40 1.57 -7.82 14.32
CA GLY A 40 2.81 -7.35 13.73
C GLY A 40 2.95 -7.76 12.28
N ASP A 41 4.03 -8.46 11.96
CA ASP A 41 4.28 -8.93 10.60
C ASP A 41 3.23 -9.94 10.18
N GLU A 42 2.65 -10.61 11.17
CA GLU A 42 1.61 -11.60 10.91
C GLU A 42 0.29 -10.89 10.60
N ALA A 43 0.26 -9.60 10.90
CA ALA A 43 -0.93 -8.78 10.66
C ALA A 43 -0.83 -8.08 9.32
N PHE A 44 0.26 -8.35 8.60
CA PHE A 44 0.47 -7.76 7.28
C PHE A 44 -0.63 -8.20 6.34
N GLU A 45 -1.01 -9.47 6.46
CA GLU A 45 -2.06 -10.03 5.63
C GLU A 45 -3.42 -9.36 5.91
N PRO A 46 -3.90 -9.35 7.17
CA PRO A 46 -5.18 -8.71 7.53
C PRO A 46 -5.40 -7.42 6.74
N LEU A 47 -4.30 -6.79 6.37
CA LEU A 47 -4.32 -5.56 5.59
C LEU A 47 -4.70 -5.86 4.15
N LEU A 48 -3.91 -6.71 3.51
CA LEU A 48 -4.15 -7.10 2.12
C LEU A 48 -5.50 -7.78 1.98
N GLU A 49 -5.98 -8.37 3.06
CA GLU A 49 -7.26 -9.07 3.06
C GLU A 49 -8.41 -8.07 3.15
N SER A 50 -8.28 -7.10 4.04
CA SER A 50 -9.31 -6.09 4.24
C SER A 50 -9.46 -5.21 2.99
N LEU A 51 -8.51 -5.33 2.07
CA LEU A 51 -8.53 -4.56 0.84
C LEU A 51 -9.65 -5.03 -0.08
N SER A 52 -10.32 -6.11 0.29
CA SER A 52 -11.41 -6.67 -0.49
C SER A 52 -12.74 -6.51 0.24
N ASN A 53 -12.73 -5.68 1.27
CA ASN A 53 -13.94 -5.43 2.05
C ASN A 53 -14.97 -4.65 1.25
N GLU A 54 -16.25 -4.91 1.51
CA GLU A 54 -17.35 -4.27 0.80
C GLU A 54 -17.29 -2.74 0.91
N ASP A 55 -17.03 -2.24 2.11
CA ASP A 55 -16.96 -0.79 2.32
C ASP A 55 -15.67 -0.20 1.77
N TRP A 56 -15.67 1.12 1.60
CA TRP A 56 -14.50 1.82 1.07
C TRP A 56 -13.75 2.53 2.19
N ARG A 57 -14.48 2.94 3.22
CA ARG A 57 -13.90 3.65 4.36
C ARG A 57 -12.91 2.75 5.11
N ILE A 58 -13.18 1.45 5.12
CA ILE A 58 -12.31 0.51 5.81
C ILE A 58 -11.11 0.15 4.93
N ARG A 59 -11.37 -0.06 3.63
CA ARG A 59 -10.31 -0.40 2.69
C ARG A 59 -9.27 0.70 2.61
N GLY A 60 -9.71 1.94 2.84
CA GLY A 60 -8.81 3.07 2.78
C GLY A 60 -7.63 2.90 3.73
N ALA A 61 -7.91 2.85 5.03
CA ALA A 61 -6.87 2.70 6.04
C ALA A 61 -5.94 1.55 5.71
N ALA A 62 -6.45 0.54 5.01
CA ALA A 62 -5.64 -0.61 4.63
C ALA A 62 -4.53 -0.19 3.67
N ALA A 63 -4.91 0.50 2.61
CA ALA A 63 -3.96 0.97 1.61
C ALA A 63 -3.05 2.04 2.21
N TRP A 64 -3.60 2.79 3.16
CA TRP A 64 -2.87 3.87 3.82
C TRP A 64 -1.77 3.35 4.75
N ILE A 65 -1.97 2.15 5.29
CA ILE A 65 -0.99 1.56 6.21
C ILE A 65 -0.08 0.57 5.50
N ILE A 66 -0.60 -0.04 4.45
CA ILE A 66 0.16 -1.04 3.70
C ILE A 66 1.44 -0.45 3.11
N GLY A 67 1.41 0.84 2.79
CA GLY A 67 2.59 1.49 2.22
C GLY A 67 3.78 1.50 3.16
N ASN A 68 3.51 1.34 4.45
CA ASN A 68 4.57 1.34 5.45
C ASN A 68 5.47 0.12 5.26
N PHE A 69 4.94 -0.91 4.63
CA PHE A 69 5.68 -2.14 4.38
C PHE A 69 6.28 -2.12 2.98
N GLN A 70 7.60 -1.98 2.91
CA GLN A 70 8.31 -1.95 1.64
C GLN A 70 8.33 -3.33 0.98
N ASP A 71 7.46 -4.21 1.46
CA ASP A 71 7.37 -5.57 0.92
C ASP A 71 6.50 -5.60 -0.33
N GLU A 72 6.63 -6.66 -1.12
CA GLU A 72 5.86 -6.80 -2.36
C GLU A 72 4.37 -6.96 -2.06
N ARG A 73 4.04 -7.52 -0.91
CA ARG A 73 2.64 -7.72 -0.53
C ARG A 73 1.94 -6.38 -0.37
N ALA A 74 2.72 -5.31 -0.31
CA ALA A 74 2.19 -3.97 -0.16
C ALA A 74 2.27 -3.21 -1.48
N VAL A 75 2.99 -3.80 -2.43
CA VAL A 75 3.17 -3.19 -3.75
C VAL A 75 1.97 -3.47 -4.66
N GLU A 76 1.40 -4.67 -4.53
CA GLU A 76 0.25 -5.04 -5.37
C GLU A 76 -0.93 -4.09 -5.14
N PRO A 77 -1.32 -3.84 -3.87
CA PRO A 77 -2.43 -2.94 -3.56
C PRO A 77 -2.37 -1.64 -4.36
N LEU A 78 -1.21 -1.01 -4.33
CA LEU A 78 -0.99 0.24 -5.04
C LEU A 78 -1.31 0.11 -6.52
N ILE A 79 -1.05 -1.06 -7.09
CA ILE A 79 -1.31 -1.28 -8.51
C ILE A 79 -2.80 -1.13 -8.83
N LYS A 80 -3.62 -1.96 -8.20
CA LYS A 80 -5.07 -1.93 -8.42
C LYS A 80 -5.73 -0.70 -7.80
N LEU A 81 -4.96 0.03 -6.98
CA LEU A 81 -5.48 1.22 -6.31
C LEU A 81 -5.31 2.48 -7.15
N LEU A 82 -4.11 2.68 -7.67
CA LEU A 82 -3.82 3.86 -8.48
C LEU A 82 -4.72 3.92 -9.70
N GLU A 83 -5.41 2.82 -9.97
CA GLU A 83 -6.32 2.73 -11.10
C GLU A 83 -7.76 2.58 -10.62
N ASP A 84 -7.92 2.30 -9.33
CA ASP A 84 -9.25 2.13 -8.74
C ASP A 84 -10.09 3.40 -8.88
N ASP A 85 -9.45 4.53 -8.58
CA ASP A 85 -10.08 5.83 -8.66
C ASP A 85 -11.18 5.98 -7.63
N SER A 86 -11.10 5.18 -6.57
CA SER A 86 -12.08 5.20 -5.50
C SER A 86 -11.75 6.25 -4.44
N GLY A 87 -10.86 7.18 -4.79
CA GLY A 87 -10.48 8.22 -3.86
C GLY A 87 -9.63 7.71 -2.70
N PHE A 88 -10.26 7.51 -1.55
CA PHE A 88 -9.56 7.01 -0.36
C PHE A 88 -8.68 5.82 -0.71
N VAL A 89 -9.20 4.95 -1.56
CA VAL A 89 -8.47 3.74 -1.97
C VAL A 89 -7.31 4.10 -2.91
N ARG A 90 -7.61 4.88 -3.95
CA ARG A 90 -6.59 5.28 -4.92
C ARG A 90 -5.50 6.12 -4.26
N SER A 91 -5.90 7.26 -3.70
CA SER A 91 -4.96 8.15 -3.02
C SER A 91 -4.16 7.42 -1.96
N GLY A 92 -4.80 6.45 -1.31
CA GLY A 92 -4.12 5.68 -0.29
C GLY A 92 -2.87 5.00 -0.81
N ALA A 93 -2.86 4.73 -2.11
CA ALA A 93 -1.73 4.09 -2.75
C ALA A 93 -0.72 5.12 -3.22
N ALA A 94 -1.22 6.24 -3.74
CA ALA A 94 -0.36 7.32 -4.22
C ALA A 94 0.64 7.74 -3.16
N ARG A 95 0.21 7.70 -1.90
CA ARG A 95 1.06 8.09 -0.78
C ARG A 95 2.01 6.95 -0.40
N SER A 96 1.61 5.72 -0.72
CA SER A 96 2.42 4.54 -0.42
C SER A 96 3.71 4.53 -1.22
N LEU A 97 3.64 4.95 -2.48
CA LEU A 97 4.82 4.99 -3.34
C LEU A 97 5.91 5.83 -2.69
N GLU A 98 5.59 7.08 -2.38
CA GLU A 98 6.54 7.98 -1.76
C GLU A 98 6.95 7.50 -0.37
N GLN A 99 6.01 6.88 0.34
CA GLN A 99 6.26 6.37 1.68
C GLN A 99 7.44 5.40 1.69
N ILE A 100 7.47 4.50 0.72
CA ILE A 100 8.54 3.52 0.61
C ILE A 100 9.79 4.15 0.01
N GLY A 101 9.66 4.66 -1.22
CA GLY A 101 10.77 5.29 -1.88
C GLY A 101 11.89 4.32 -2.21
N GLY A 102 11.90 3.83 -3.44
CA GLY A 102 12.93 2.89 -3.85
C GLY A 102 12.64 2.27 -5.21
N GLU A 103 13.51 1.35 -5.64
CA GLU A 103 13.34 0.68 -6.92
C GLU A 103 12.14 -0.24 -6.90
N ARG A 104 11.84 -0.80 -5.73
CA ARG A 104 10.70 -1.70 -5.60
C ARG A 104 9.40 -0.99 -5.97
N VAL A 105 9.16 0.16 -5.34
CA VAL A 105 7.97 0.95 -5.63
C VAL A 105 8.04 1.60 -7.00
N ARG A 106 9.26 1.77 -7.50
CA ARG A 106 9.46 2.40 -8.81
C ARG A 106 8.76 1.62 -9.92
N ALA A 107 8.79 0.29 -9.81
CA ALA A 107 8.16 -0.56 -10.80
C ALA A 107 6.65 -0.53 -10.66
N ALA A 108 6.18 -0.17 -9.47
CA ALA A 108 4.75 -0.10 -9.20
C ALA A 108 4.15 1.09 -9.92
N MET A 109 4.82 2.23 -9.80
CA MET A 109 4.35 3.45 -10.43
C MET A 109 4.58 3.38 -11.94
N GLU A 110 5.64 2.70 -12.36
CA GLU A 110 5.93 2.55 -13.78
C GLU A 110 4.77 1.87 -14.48
N LYS A 111 4.22 0.85 -13.83
CA LYS A 111 3.08 0.14 -14.36
C LYS A 111 1.88 1.06 -14.45
N LEU A 112 1.89 2.11 -13.63
CA LEU A 112 0.82 3.09 -13.63
C LEU A 112 1.10 4.17 -14.67
N ALA A 113 2.38 4.40 -14.95
CA ALA A 113 2.78 5.41 -15.93
C ALA A 113 2.28 5.06 -17.32
N GLU A 114 2.18 3.77 -17.61
CA GLU A 114 1.69 3.31 -18.91
C GLU A 114 0.17 3.40 -18.98
N THR A 115 -0.45 3.47 -17.80
CA THR A 115 -1.90 3.56 -17.71
C THR A 115 -2.26 4.80 -16.91
N GLY A 116 -1.35 5.77 -16.92
CA GLY A 116 -1.53 6.99 -16.17
C GLY A 116 -2.68 7.84 -16.69
N THR A 117 -3.57 8.19 -15.79
CA THR A 117 -4.72 9.01 -16.12
C THR A 117 -5.03 10.01 -15.01
N GLY A 118 -5.23 11.27 -15.38
CA GLY A 118 -5.53 12.30 -14.40
C GLY A 118 -4.48 12.39 -13.30
N PHE A 119 -4.94 12.34 -12.06
CA PHE A 119 -4.04 12.42 -10.92
C PHE A 119 -3.12 11.21 -10.84
N ALA A 120 -3.67 10.03 -11.14
CA ALA A 120 -2.91 8.79 -11.10
C ALA A 120 -1.60 8.91 -11.89
N ARG A 121 -1.67 9.55 -13.05
CA ARG A 121 -0.50 9.74 -13.90
C ARG A 121 0.55 10.60 -13.20
N LYS A 122 0.16 11.82 -12.85
CA LYS A 122 1.06 12.76 -12.19
C LYS A 122 1.74 12.12 -10.99
N VAL A 123 1.12 11.08 -10.46
CA VAL A 123 1.66 10.36 -9.31
C VAL A 123 2.96 9.63 -9.65
N ALA A 124 2.89 8.72 -10.61
CA ALA A 124 4.06 7.94 -11.03
C ALA A 124 5.22 8.82 -11.51
N VAL A 125 4.92 9.71 -12.45
CA VAL A 125 5.92 10.59 -13.04
C VAL A 125 6.59 11.52 -12.01
N ASN A 126 5.80 12.21 -11.21
CA ASN A 126 6.34 13.12 -10.22
C ASN A 126 7.03 12.38 -9.06
N TYR A 127 6.55 11.18 -8.76
CA TYR A 127 7.10 10.41 -7.66
C TYR A 127 8.55 10.01 -7.90
N LEU A 128 8.81 9.46 -9.08
CA LEU A 128 10.16 9.01 -9.43
C LEU A 128 11.20 10.11 -9.28
N GLU A 129 10.74 11.35 -9.10
CA GLU A 129 11.66 12.47 -8.93
C GLU A 129 12.44 12.34 -7.63
N THR A 130 11.82 11.70 -6.63
CA THR A 130 12.46 11.51 -5.34
C THR A 130 12.75 10.03 -5.09
N HIS A 131 11.78 9.18 -5.44
CA HIS A 131 11.90 7.73 -5.28
C HIS A 131 12.49 7.37 -3.92
N MET A 21 1.94 -8.31 22.82
CA MET A 21 3.21 -8.14 22.06
C MET A 21 4.42 -8.20 22.99
N ALA A 22 4.19 -7.89 24.27
CA ALA A 22 5.25 -7.91 25.27
C ALA A 22 5.49 -9.31 25.80
N ASP A 23 4.43 -9.92 26.36
CA ASP A 23 4.53 -11.26 26.91
C ASP A 23 3.85 -12.28 25.98
N GLU A 24 4.67 -13.08 25.29
CA GLU A 24 4.16 -14.09 24.37
C GLU A 24 3.28 -13.46 23.30
N ASN A 25 2.57 -14.30 22.55
CA ASN A 25 1.69 -13.84 21.49
C ASN A 25 0.27 -13.62 22.02
N LYS A 26 0.12 -12.61 22.88
CA LYS A 26 -1.18 -12.30 23.46
C LYS A 26 -1.69 -10.97 22.91
N TRP A 27 -3.01 -10.76 23.00
CA TRP A 27 -3.62 -9.53 22.51
C TRP A 27 -3.54 -9.44 20.98
N VAL A 28 -2.81 -10.38 20.38
CA VAL A 28 -2.65 -10.43 18.92
C VAL A 28 -3.98 -10.28 18.21
N ARG A 29 -4.95 -11.11 18.57
CA ARG A 29 -6.28 -11.07 17.96
C ARG A 29 -7.25 -11.98 18.68
N ARG A 30 -6.79 -12.60 19.76
CA ARG A 30 -7.65 -13.47 20.54
C ARG A 30 -8.81 -12.67 21.10
N ASP A 31 -9.99 -12.85 20.50
CA ASP A 31 -11.19 -12.15 20.94
C ASP A 31 -11.13 -10.66 20.60
N VAL A 32 -10.06 -10.26 19.91
CA VAL A 32 -9.89 -8.86 19.54
C VAL A 32 -10.52 -8.57 18.19
N SER A 33 -9.96 -9.12 17.12
CA SER A 33 -10.47 -8.93 15.77
C SER A 33 -10.36 -7.46 15.36
N THR A 34 -10.41 -7.21 14.05
CA THR A 34 -10.32 -5.85 13.51
C THR A 34 -9.16 -5.08 14.15
N ALA A 35 -8.08 -5.82 14.45
CA ALA A 35 -6.91 -5.22 15.07
C ALA A 35 -6.00 -4.57 14.04
N LEU A 36 -6.39 -4.67 12.76
CA LEU A 36 -5.60 -4.08 11.68
C LEU A 36 -5.23 -2.63 11.96
N SER A 37 -5.96 -2.00 12.88
CA SER A 37 -5.70 -0.62 13.24
C SER A 37 -4.36 -0.48 13.97
N ARG A 38 -4.14 -1.30 14.99
CA ARG A 38 -2.90 -1.27 15.76
C ARG A 38 -2.42 -2.67 16.11
N MET A 39 -1.92 -3.40 15.12
CA MET A 39 -1.42 -4.75 15.34
C MET A 39 -0.07 -4.94 14.63
N GLY A 40 0.01 -4.46 13.40
CA GLY A 40 1.24 -4.57 12.63
C GLY A 40 1.47 -5.96 12.06
N ASP A 41 1.89 -6.89 12.90
CA ASP A 41 2.16 -8.25 12.46
C ASP A 41 0.88 -8.99 12.06
N GLU A 42 0.05 -9.30 13.06
CA GLU A 42 -1.21 -10.00 12.80
C GLU A 42 -2.12 -9.17 11.91
N ALA A 43 -1.68 -7.94 11.62
CA ALA A 43 -2.45 -7.05 10.78
C ALA A 43 -1.94 -7.05 9.34
N PHE A 44 -0.67 -7.44 9.18
CA PHE A 44 -0.04 -7.47 7.86
C PHE A 44 -0.99 -8.04 6.81
N GLU A 45 -1.49 -9.24 7.05
CA GLU A 45 -2.42 -9.86 6.12
C GLU A 45 -3.71 -9.03 6.02
N PRO A 46 -4.44 -8.82 7.15
CA PRO A 46 -5.68 -8.03 7.17
C PRO A 46 -5.59 -6.79 6.29
N LEU A 47 -4.40 -6.18 6.26
CA LEU A 47 -4.16 -5.00 5.44
C LEU A 47 -4.56 -5.27 3.99
N LEU A 48 -3.95 -6.31 3.42
CA LEU A 48 -4.22 -6.71 2.04
C LEU A 48 -5.58 -7.41 1.95
N GLU A 49 -5.96 -8.10 3.01
CA GLU A 49 -7.23 -8.81 3.05
C GLU A 49 -8.40 -7.83 2.96
N SER A 50 -8.18 -6.63 3.48
CA SER A 50 -9.19 -5.58 3.47
C SER A 50 -9.51 -5.12 2.05
N LEU A 51 -8.62 -5.44 1.11
CA LEU A 51 -8.82 -5.07 -0.28
C LEU A 51 -9.99 -5.83 -0.88
N SER A 52 -10.54 -6.77 -0.12
CA SER A 52 -11.66 -7.57 -0.58
C SER A 52 -12.86 -7.43 0.36
N ASN A 53 -12.89 -6.35 1.11
CA ASN A 53 -13.98 -6.11 2.04
C ASN A 53 -15.15 -5.41 1.35
N GLU A 54 -16.37 -5.68 1.81
CA GLU A 54 -17.56 -5.08 1.24
C GLU A 54 -17.58 -3.57 1.43
N ASP A 55 -17.00 -3.11 2.54
CA ASP A 55 -16.95 -1.68 2.84
C ASP A 55 -15.80 -1.00 2.10
N TRP A 56 -15.86 0.33 2.01
CA TRP A 56 -14.83 1.09 1.32
C TRP A 56 -14.01 1.92 2.30
N ARG A 57 -14.68 2.54 3.27
CA ARG A 57 -14.01 3.36 4.27
C ARG A 57 -12.97 2.56 5.05
N ILE A 58 -13.22 1.26 5.18
CA ILE A 58 -12.29 0.38 5.89
C ILE A 58 -11.10 0.04 5.02
N ARG A 59 -11.36 -0.26 3.75
CA ARG A 59 -10.30 -0.60 2.81
C ARG A 59 -9.34 0.57 2.65
N GLY A 60 -9.82 1.77 3.00
CA GLY A 60 -8.99 2.96 2.89
C GLY A 60 -7.78 2.90 3.78
N ALA A 61 -8.01 2.91 5.09
CA ALA A 61 -6.93 2.85 6.06
C ALA A 61 -5.95 1.71 5.74
N ALA A 62 -6.48 0.66 5.11
CA ALA A 62 -5.65 -0.48 4.74
C ALA A 62 -4.55 -0.06 3.77
N ALA A 63 -4.96 0.52 2.64
CA ALA A 63 -4.02 0.98 1.63
C ALA A 63 -3.14 2.09 2.18
N TRP A 64 -3.70 2.88 3.09
CA TRP A 64 -2.99 4.01 3.69
C TRP A 64 -1.87 3.56 4.65
N ILE A 65 -2.09 2.46 5.35
CA ILE A 65 -1.09 1.97 6.32
C ILE A 65 -0.24 0.85 5.73
N ILE A 66 -0.75 0.19 4.69
CA ILE A 66 -0.05 -0.91 4.06
C ILE A 66 1.30 -0.49 3.49
N GLY A 67 1.39 0.74 3.00
CA GLY A 67 2.63 1.23 2.42
C GLY A 67 3.73 1.43 3.45
N ASN A 68 3.35 1.60 4.70
CA ASN A 68 4.31 1.82 5.77
C ASN A 68 5.11 0.55 6.08
N PHE A 69 4.67 -0.58 5.52
CA PHE A 69 5.34 -1.85 5.76
C PHE A 69 6.52 -2.07 4.81
N GLN A 70 6.39 -1.58 3.58
CA GLN A 70 7.45 -1.71 2.58
C GLN A 70 7.76 -3.19 2.32
N ASP A 71 6.71 -3.97 2.13
CA ASP A 71 6.86 -5.40 1.86
C ASP A 71 6.11 -5.82 0.60
N GLU A 72 6.21 -7.11 0.25
CA GLU A 72 5.56 -7.64 -0.93
C GLU A 72 4.03 -7.48 -0.87
N ARG A 73 3.45 -7.78 0.28
CA ARG A 73 2.01 -7.67 0.46
C ARG A 73 1.53 -6.24 0.32
N ALA A 74 2.49 -5.31 0.30
CA ALA A 74 2.17 -3.89 0.17
C ALA A 74 2.48 -3.38 -1.22
N VAL A 75 2.86 -4.31 -2.09
CA VAL A 75 3.21 -3.97 -3.47
C VAL A 75 2.00 -4.04 -4.40
N GLU A 76 1.34 -5.19 -4.43
CA GLU A 76 0.18 -5.39 -5.29
C GLU A 76 -0.93 -4.36 -5.02
N PRO A 77 -1.31 -4.15 -3.74
CA PRO A 77 -2.35 -3.19 -3.37
C PRO A 77 -2.23 -1.88 -4.15
N LEU A 78 -1.05 -1.29 -4.08
CA LEU A 78 -0.80 -0.02 -4.76
C LEU A 78 -1.14 -0.09 -6.25
N ILE A 79 -0.83 -1.22 -6.87
CA ILE A 79 -1.10 -1.39 -8.30
C ILE A 79 -2.59 -1.27 -8.63
N LYS A 80 -3.40 -2.14 -8.04
CA LYS A 80 -4.84 -2.13 -8.27
C LYS A 80 -5.52 -0.91 -7.66
N LEU A 81 -4.76 -0.14 -6.89
CA LEU A 81 -5.30 1.04 -6.21
C LEU A 81 -5.20 2.31 -7.06
N LEU A 82 -4.05 2.50 -7.70
CA LEU A 82 -3.83 3.68 -8.53
C LEU A 82 -4.84 3.73 -9.67
N GLU A 83 -5.55 2.62 -9.83
CA GLU A 83 -6.56 2.50 -10.88
C GLU A 83 -7.91 2.15 -10.28
N ASP A 84 -7.94 1.93 -8.96
CA ASP A 84 -9.18 1.59 -8.26
C ASP A 84 -10.21 2.70 -8.39
N ASP A 85 -9.71 3.92 -8.52
CA ASP A 85 -10.57 5.10 -8.66
C ASP A 85 -11.57 5.20 -7.51
N SER A 86 -11.21 4.64 -6.35
CA SER A 86 -12.10 4.70 -5.20
C SER A 86 -11.88 5.97 -4.40
N GLY A 87 -10.92 6.78 -4.83
CA GLY A 87 -10.62 8.02 -4.13
C GLY A 87 -9.81 7.79 -2.87
N PHE A 88 -10.43 7.20 -1.86
CA PHE A 88 -9.74 6.90 -0.61
C PHE A 88 -8.73 5.79 -0.84
N VAL A 89 -9.20 4.68 -1.39
CA VAL A 89 -8.34 3.54 -1.67
C VAL A 89 -7.35 3.84 -2.79
N ARG A 90 -7.76 4.71 -3.71
CA ARG A 90 -6.90 5.08 -4.84
C ARG A 90 -5.74 5.96 -4.37
N SER A 91 -6.06 7.14 -3.85
CA SER A 91 -5.05 8.07 -3.38
C SER A 91 -4.24 7.48 -2.23
N GLY A 92 -4.82 6.47 -1.56
CA GLY A 92 -4.13 5.84 -0.46
C GLY A 92 -2.88 5.11 -0.89
N ALA A 93 -2.82 4.76 -2.17
CA ALA A 93 -1.67 4.06 -2.73
C ALA A 93 -0.61 5.03 -3.21
N ALA A 94 -1.02 6.01 -4.01
CA ALA A 94 -0.10 7.01 -4.57
C ALA A 94 0.88 7.51 -3.51
N ARG A 95 0.43 7.57 -2.26
CA ARG A 95 1.27 8.04 -1.18
C ARG A 95 2.22 6.93 -0.70
N SER A 96 1.73 5.70 -0.75
CA SER A 96 2.51 4.54 -0.32
C SER A 96 3.74 4.36 -1.20
N LEU A 97 3.61 4.64 -2.50
CA LEU A 97 4.73 4.50 -3.42
C LEU A 97 5.92 5.31 -2.94
N GLU A 98 5.72 6.61 -2.80
CA GLU A 98 6.77 7.51 -2.33
C GLU A 98 7.19 7.17 -0.91
N GLN A 99 6.27 6.57 -0.15
CA GLN A 99 6.56 6.18 1.23
C GLN A 99 7.68 5.15 1.28
N ILE A 100 7.53 4.09 0.48
CA ILE A 100 8.53 3.04 0.43
C ILE A 100 9.84 3.56 -0.16
N GLY A 101 9.76 4.14 -1.36
CA GLY A 101 10.93 4.69 -2.02
C GLY A 101 11.94 3.62 -2.39
N GLY A 102 12.18 3.46 -3.68
CA GLY A 102 13.13 2.47 -4.14
C GLY A 102 12.77 1.92 -5.51
N GLU A 103 13.61 1.05 -6.04
CA GLU A 103 13.38 0.44 -7.34
C GLU A 103 12.12 -0.40 -7.33
N ARG A 104 11.70 -0.83 -6.16
CA ARG A 104 10.49 -1.65 -6.01
C ARG A 104 9.26 -0.89 -6.46
N VAL A 105 8.99 0.24 -5.82
CA VAL A 105 7.83 1.06 -6.16
C VAL A 105 8.00 1.73 -7.50
N ARG A 106 9.25 1.88 -7.93
CA ARG A 106 9.55 2.52 -9.20
C ARG A 106 8.88 1.78 -10.35
N ALA A 107 8.81 0.46 -10.24
CA ALA A 107 8.19 -0.37 -11.27
C ALA A 107 6.69 -0.11 -11.31
N ALA A 108 6.13 0.25 -10.16
CA ALA A 108 4.70 0.53 -10.07
C ALA A 108 4.36 1.85 -10.77
N MET A 109 5.27 2.82 -10.69
CA MET A 109 5.07 4.11 -11.32
C MET A 109 5.11 3.98 -12.83
N GLU A 110 6.17 3.34 -13.33
CA GLU A 110 6.32 3.13 -14.76
C GLU A 110 5.10 2.41 -15.31
N LYS A 111 4.55 1.50 -14.50
CA LYS A 111 3.36 0.75 -14.89
C LYS A 111 2.11 1.60 -14.73
N LEU A 112 2.19 2.59 -13.84
CA LEU A 112 1.07 3.48 -13.60
C LEU A 112 1.10 4.64 -14.59
N ALA A 113 2.28 4.91 -15.13
CA ALA A 113 2.45 5.99 -16.10
C ALA A 113 1.86 5.62 -17.45
N GLU A 114 1.71 4.32 -17.67
CA GLU A 114 1.15 3.82 -18.93
C GLU A 114 -0.37 3.92 -18.91
N THR A 115 -0.93 3.92 -17.70
CA THR A 115 -2.37 4.01 -17.53
C THR A 115 -2.69 5.22 -16.66
N GLY A 116 -1.68 6.07 -16.51
CA GLY A 116 -1.82 7.27 -15.71
C GLY A 116 -2.90 8.20 -16.21
N THR A 117 -3.79 8.58 -15.31
CA THR A 117 -4.87 9.49 -15.66
C THR A 117 -5.13 10.49 -14.53
N GLY A 118 -5.18 11.77 -14.90
CA GLY A 118 -5.42 12.83 -13.93
C GLY A 118 -4.30 12.96 -12.91
N PHE A 119 -4.61 12.55 -11.67
CA PHE A 119 -3.64 12.64 -10.58
C PHE A 119 -2.72 11.41 -10.54
N ALA A 120 -3.31 10.24 -10.78
CA ALA A 120 -2.57 8.99 -10.76
C ALA A 120 -1.28 9.07 -11.58
N ARG A 121 -1.34 9.77 -12.71
CA ARG A 121 -0.18 9.91 -13.59
C ARG A 121 0.86 10.86 -13.00
N LYS A 122 0.42 12.09 -12.72
CA LYS A 122 1.31 13.12 -12.16
C LYS A 122 2.12 12.56 -11.00
N VAL A 123 1.62 11.48 -10.43
CA VAL A 123 2.29 10.81 -9.31
C VAL A 123 3.52 10.02 -9.76
N ALA A 124 3.31 9.06 -10.65
CA ALA A 124 4.38 8.21 -11.15
C ALA A 124 5.51 9.00 -11.80
N VAL A 125 5.12 9.97 -12.62
CA VAL A 125 6.09 10.79 -13.35
C VAL A 125 6.98 11.63 -12.44
N ASN A 126 6.36 12.55 -11.71
CA ASN A 126 7.08 13.44 -10.83
C ASN A 126 7.86 12.72 -9.74
N TYR A 127 7.29 11.64 -9.21
CA TYR A 127 7.94 10.89 -8.15
C TYR A 127 9.28 10.34 -8.61
N LEU A 128 9.36 10.00 -9.89
CA LEU A 128 10.58 9.45 -10.48
C LEU A 128 11.78 10.36 -10.21
N GLU A 129 11.51 11.61 -9.86
CA GLU A 129 12.57 12.57 -9.58
C GLU A 129 13.26 12.26 -8.25
N THR A 130 12.83 11.18 -7.61
CA THR A 130 13.40 10.78 -6.32
C THR A 130 14.12 9.45 -6.45
N HIS A 131 13.36 8.36 -6.42
CA HIS A 131 13.93 7.02 -6.53
C HIS A 131 13.70 6.43 -7.91
N MET A 21 6.48 -0.47 22.04
CA MET A 21 7.84 -1.02 22.26
C MET A 21 7.97 -1.58 23.68
N ALA A 22 8.54 -2.77 23.78
CA ALA A 22 8.73 -3.42 25.08
C ALA A 22 9.89 -4.40 25.05
N ASP A 23 9.75 -5.47 24.28
CA ASP A 23 10.80 -6.48 24.17
C ASP A 23 11.32 -6.57 22.73
N GLU A 24 10.61 -7.33 21.89
CA GLU A 24 11.02 -7.50 20.50
C GLU A 24 9.83 -7.95 19.65
N ASN A 25 8.71 -7.25 19.82
CA ASN A 25 7.49 -7.57 19.06
C ASN A 25 7.02 -8.99 19.36
N LYS A 26 7.63 -9.61 20.38
CA LYS A 26 7.27 -10.97 20.75
C LYS A 26 5.86 -11.01 21.32
N TRP A 27 5.16 -12.12 21.07
CA TRP A 27 3.79 -12.31 21.54
C TRP A 27 2.81 -11.46 20.72
N VAL A 28 3.24 -10.26 20.35
CA VAL A 28 2.43 -9.34 19.53
C VAL A 28 1.02 -9.14 20.09
N ARG A 29 0.28 -8.25 19.45
CA ARG A 29 -1.08 -7.94 19.86
C ARG A 29 -2.07 -8.83 19.15
N ARG A 30 -1.76 -10.12 19.08
CA ARG A 30 -2.65 -11.07 18.44
C ARG A 30 -3.97 -11.09 19.19
N ASP A 31 -5.00 -10.47 18.60
CA ASP A 31 -6.31 -10.40 19.22
C ASP A 31 -6.25 -9.52 20.47
N VAL A 32 -5.16 -8.77 20.59
CA VAL A 32 -4.97 -7.89 21.74
C VAL A 32 -5.40 -6.46 21.43
N SER A 33 -6.71 -6.22 21.44
CA SER A 33 -7.29 -4.91 21.19
C SER A 33 -7.02 -4.42 19.76
N THR A 34 -8.10 -4.17 19.02
CA THR A 34 -8.04 -3.68 17.64
C THR A 34 -7.25 -4.60 16.71
N ALA A 35 -7.77 -4.78 15.50
CA ALA A 35 -7.13 -5.64 14.51
C ALA A 35 -6.26 -4.86 13.51
N LEU A 36 -6.90 -4.04 12.69
CA LEU A 36 -6.20 -3.26 11.67
C LEU A 36 -5.66 -1.93 12.19
N SER A 37 -6.08 -1.53 13.39
CA SER A 37 -5.65 -0.25 13.97
C SER A 37 -4.15 -0.02 13.80
N ARG A 38 -3.32 -0.97 14.22
CA ARG A 38 -1.87 -0.84 14.11
C ARG A 38 -1.14 -2.00 14.79
N MET A 39 -1.66 -3.21 14.61
CA MET A 39 -1.06 -4.40 15.21
C MET A 39 0.22 -4.79 14.47
N GLY A 40 0.48 -4.11 13.35
CA GLY A 40 1.67 -4.40 12.57
C GLY A 40 1.68 -5.80 11.99
N ASP A 41 2.50 -6.67 12.57
CA ASP A 41 2.62 -8.04 12.11
C ASP A 41 1.27 -8.75 12.13
N GLU A 42 0.47 -8.47 13.15
CA GLU A 42 -0.85 -9.09 13.27
C GLU A 42 -1.88 -8.38 12.39
N ALA A 43 -1.54 -7.17 11.97
CA ALA A 43 -2.44 -6.39 11.12
C ALA A 43 -2.04 -6.52 9.66
N PHE A 44 -0.96 -7.25 9.42
CA PHE A 44 -0.46 -7.47 8.07
C PHE A 44 -1.56 -8.06 7.20
N GLU A 45 -2.05 -9.22 7.59
CA GLU A 45 -3.11 -9.89 6.85
C GLU A 45 -4.41 -9.07 6.83
N PRO A 46 -4.96 -8.69 8.01
CA PRO A 46 -6.19 -7.91 8.09
C PRO A 46 -6.22 -6.80 7.04
N LEU A 47 -5.03 -6.28 6.74
CA LEU A 47 -4.87 -5.23 5.76
C LEU A 47 -5.20 -5.76 4.36
N LEU A 48 -4.46 -6.78 3.95
CA LEU A 48 -4.66 -7.42 2.65
C LEU A 48 -6.06 -8.01 2.56
N GLU A 49 -6.66 -8.28 3.71
CA GLU A 49 -8.00 -8.85 3.77
C GLU A 49 -9.05 -7.79 3.50
N SER A 50 -8.72 -6.54 3.81
CA SER A 50 -9.63 -5.42 3.59
C SER A 50 -9.91 -5.21 2.12
N LEU A 51 -8.98 -5.65 1.27
CA LEU A 51 -9.12 -5.51 -0.17
C LEU A 51 -10.28 -6.36 -0.68
N SER A 52 -10.71 -7.31 0.14
CA SER A 52 -11.81 -8.20 -0.21
C SER A 52 -13.10 -7.79 0.49
N ASN A 53 -13.13 -6.55 1.00
CA ASN A 53 -14.32 -6.06 1.69
C ASN A 53 -15.20 -5.26 0.74
N GLU A 54 -16.51 -5.38 0.93
CA GLU A 54 -17.48 -4.68 0.11
C GLU A 54 -17.42 -3.17 0.35
N ASP A 55 -16.79 -2.79 1.46
CA ASP A 55 -16.65 -1.37 1.82
C ASP A 55 -15.44 -0.76 1.13
N TRP A 56 -15.41 0.56 1.03
CA TRP A 56 -14.30 1.27 0.39
C TRP A 56 -13.46 2.02 1.42
N ARG A 57 -14.10 2.56 2.44
CA ARG A 57 -13.40 3.30 3.48
C ARG A 57 -12.39 2.42 4.20
N ILE A 58 -12.69 1.13 4.30
CA ILE A 58 -11.81 0.18 4.96
C ILE A 58 -10.69 -0.29 4.02
N ARG A 59 -11.04 -0.50 2.75
CA ARG A 59 -10.08 -0.96 1.76
C ARG A 59 -8.97 0.07 1.53
N GLY A 60 -9.36 1.32 1.36
CA GLY A 60 -8.39 2.38 1.13
C GLY A 60 -7.39 2.51 2.26
N ALA A 61 -7.89 2.54 3.49
CA ALA A 61 -7.04 2.67 4.67
C ALA A 61 -5.99 1.56 4.71
N ALA A 62 -6.32 0.41 4.11
CA ALA A 62 -5.41 -0.73 4.09
C ALA A 62 -4.09 -0.34 3.43
N ALA A 63 -4.17 0.14 2.19
CA ALA A 63 -2.97 0.54 1.45
C ALA A 63 -2.30 1.73 2.12
N TRP A 64 -3.11 2.55 2.79
CA TRP A 64 -2.61 3.74 3.48
C TRP A 64 -1.50 3.39 4.46
N ILE A 65 -1.70 2.30 5.21
CA ILE A 65 -0.71 1.85 6.19
C ILE A 65 0.16 0.72 5.64
N ILE A 66 -0.34 0.05 4.60
CA ILE A 66 0.38 -1.07 3.99
C ILE A 66 1.78 -0.64 3.51
N GLY A 67 1.88 0.58 3.00
CA GLY A 67 3.15 1.07 2.49
C GLY A 67 4.23 1.16 3.56
N ASN A 68 3.82 1.20 4.82
CA ASN A 68 4.77 1.29 5.93
C ASN A 68 5.57 0.01 6.10
N PHE A 69 5.05 -1.10 5.59
CA PHE A 69 5.73 -2.39 5.71
C PHE A 69 6.80 -2.58 4.65
N GLN A 70 6.64 -1.93 3.49
CA GLN A 70 7.62 -2.04 2.41
C GLN A 70 7.81 -3.49 1.98
N ASP A 71 6.79 -4.29 2.17
CA ASP A 71 6.85 -5.70 1.81
C ASP A 71 6.14 -5.96 0.49
N GLU A 72 6.49 -7.07 -0.17
CA GLU A 72 5.87 -7.44 -1.44
C GLU A 72 4.36 -7.55 -1.29
N ARG A 73 3.93 -8.04 -0.14
CA ARG A 73 2.51 -8.19 0.15
C ARG A 73 1.84 -6.82 0.20
N ALA A 74 2.63 -5.80 0.53
CA ALA A 74 2.13 -4.45 0.65
C ALA A 74 2.36 -3.66 -0.62
N VAL A 75 2.96 -4.32 -1.60
CA VAL A 75 3.27 -3.69 -2.87
C VAL A 75 2.13 -3.87 -3.87
N GLU A 76 1.54 -5.08 -3.89
CA GLU A 76 0.44 -5.38 -4.80
C GLU A 76 -0.77 -4.47 -4.58
N PRO A 77 -1.22 -4.32 -3.30
CA PRO A 77 -2.39 -3.48 -2.97
C PRO A 77 -2.27 -2.06 -3.49
N LEU A 78 -1.05 -1.65 -3.84
CA LEU A 78 -0.83 -0.30 -4.34
C LEU A 78 -1.05 -0.24 -5.84
N ILE A 79 -0.75 -1.34 -6.52
CA ILE A 79 -0.90 -1.42 -7.96
C ILE A 79 -2.36 -1.26 -8.40
N LYS A 80 -3.24 -2.06 -7.82
CA LYS A 80 -4.65 -2.03 -8.17
C LYS A 80 -5.35 -0.76 -7.69
N LEU A 81 -5.08 -0.36 -6.45
CA LEU A 81 -5.72 0.82 -5.87
C LEU A 81 -5.49 2.10 -6.67
N LEU A 82 -4.31 2.24 -7.26
CA LEU A 82 -3.99 3.44 -8.04
C LEU A 82 -4.97 3.63 -9.21
N GLU A 83 -5.77 2.61 -9.48
CA GLU A 83 -6.73 2.69 -10.58
C GLU A 83 -8.17 2.66 -10.06
N ASP A 84 -8.33 2.52 -8.75
CA ASP A 84 -9.66 2.49 -8.15
C ASP A 84 -10.40 3.80 -8.39
N ASP A 85 -9.64 4.88 -8.42
CA ASP A 85 -10.19 6.21 -8.66
C ASP A 85 -11.37 6.50 -7.73
N SER A 86 -11.39 5.85 -6.56
CA SER A 86 -12.46 6.04 -5.60
C SER A 86 -12.20 7.29 -4.76
N GLY A 87 -10.96 7.75 -4.78
CA GLY A 87 -10.58 8.95 -4.04
C GLY A 87 -9.47 8.68 -3.05
N PHE A 88 -9.75 8.79 -1.75
CA PHE A 88 -8.74 8.54 -0.74
C PHE A 88 -8.15 7.16 -0.95
N VAL A 89 -8.97 6.28 -1.53
CA VAL A 89 -8.55 4.91 -1.82
C VAL A 89 -7.43 4.95 -2.86
N ARG A 90 -7.58 5.84 -3.83
CA ARG A 90 -6.59 5.99 -4.88
C ARG A 90 -5.34 6.69 -4.36
N SER A 91 -5.55 7.71 -3.52
CA SER A 91 -4.46 8.48 -2.94
C SER A 91 -3.60 7.61 -2.03
N GLY A 92 -4.24 6.65 -1.36
CA GLY A 92 -3.52 5.77 -0.46
C GLY A 92 -2.36 5.08 -1.13
N ALA A 93 -2.66 4.30 -2.17
CA ALA A 93 -1.64 3.58 -2.91
C ALA A 93 -0.59 4.54 -3.46
N ALA A 94 -1.02 5.76 -3.78
CA ALA A 94 -0.12 6.77 -4.32
C ALA A 94 0.99 7.12 -3.34
N ARG A 95 0.60 7.59 -2.15
CA ARG A 95 1.57 7.99 -1.12
C ARG A 95 2.35 6.80 -0.58
N SER A 96 1.67 5.66 -0.44
CA SER A 96 2.31 4.45 0.09
C SER A 96 3.58 4.11 -0.70
N LEU A 97 3.51 4.27 -2.01
CA LEU A 97 4.66 3.99 -2.87
C LEU A 97 5.79 4.98 -2.62
N GLU A 98 5.50 6.27 -2.84
CA GLU A 98 6.49 7.32 -2.61
C GLU A 98 7.05 7.21 -1.20
N GLN A 99 6.26 6.63 -0.31
CA GLN A 99 6.66 6.45 1.09
C GLN A 99 7.78 5.42 1.16
N ILE A 100 7.66 4.36 0.39
CA ILE A 100 8.66 3.31 0.35
C ILE A 100 9.99 3.84 -0.16
N GLY A 101 9.96 4.44 -1.34
CA GLY A 101 11.17 4.99 -1.93
C GLY A 101 12.19 3.93 -2.29
N GLY A 102 12.52 3.85 -3.58
CA GLY A 102 13.47 2.86 -4.04
C GLY A 102 13.24 2.45 -5.48
N GLU A 103 14.06 1.54 -5.98
CA GLU A 103 13.94 1.06 -7.35
C GLU A 103 12.65 0.28 -7.54
N ARG A 104 12.23 -0.44 -6.49
CA ARG A 104 11.02 -1.24 -6.55
C ARG A 104 9.79 -0.36 -6.77
N VAL A 105 9.80 0.80 -6.12
CA VAL A 105 8.68 1.74 -6.25
C VAL A 105 8.57 2.25 -7.67
N ARG A 106 9.72 2.46 -8.31
CA ARG A 106 9.75 2.97 -9.67
C ARG A 106 9.02 2.04 -10.63
N ALA A 107 8.96 0.76 -10.30
CA ALA A 107 8.29 -0.22 -11.14
C ALA A 107 6.79 -0.01 -11.13
N ALA A 108 6.24 0.27 -9.96
CA ALA A 108 4.80 0.50 -9.82
C ALA A 108 4.39 1.76 -10.54
N MET A 109 5.23 2.79 -10.46
CA MET A 109 4.94 4.06 -11.12
C MET A 109 4.96 3.90 -12.63
N GLU A 110 6.02 3.29 -13.14
CA GLU A 110 6.16 3.06 -14.57
C GLU A 110 4.96 2.30 -15.12
N LYS A 111 4.43 1.37 -14.32
CA LYS A 111 3.27 0.59 -14.73
C LYS A 111 1.99 1.39 -14.61
N LEU A 112 1.98 2.36 -13.69
CA LEU A 112 0.81 3.20 -13.48
C LEU A 112 0.85 4.38 -14.45
N ALA A 113 2.04 4.66 -14.97
CA ALA A 113 2.23 5.75 -15.92
C ALA A 113 1.69 5.38 -17.29
N GLU A 114 1.52 4.06 -17.52
CA GLU A 114 1.00 3.57 -18.79
C GLU A 114 -0.51 3.68 -18.81
N THR A 115 -1.12 3.62 -17.64
CA THR A 115 -2.56 3.73 -17.49
C THR A 115 -2.89 4.93 -16.63
N GLY A 116 -1.92 5.82 -16.50
CA GLY A 116 -2.08 7.00 -15.69
C GLY A 116 -3.31 7.82 -16.06
N THR A 117 -4.13 8.08 -15.06
CA THR A 117 -5.35 8.86 -15.26
C THR A 117 -5.57 9.82 -14.09
N GLY A 118 -5.82 11.09 -14.42
CA GLY A 118 -6.05 12.10 -13.39
C GLY A 118 -4.88 12.26 -12.44
N PHE A 119 -5.14 12.05 -11.16
CA PHE A 119 -4.11 12.19 -10.13
C PHE A 119 -3.15 11.00 -10.12
N ALA A 120 -3.68 9.81 -10.38
CA ALA A 120 -2.87 8.59 -10.41
C ALA A 120 -1.64 8.74 -11.29
N ARG A 121 -1.81 9.39 -12.44
CA ARG A 121 -0.70 9.59 -13.38
C ARG A 121 0.38 10.49 -12.79
N LYS A 122 -0.01 11.73 -12.45
CA LYS A 122 0.91 12.71 -11.88
C LYS A 122 1.76 12.07 -10.78
N VAL A 123 1.16 11.12 -10.07
CA VAL A 123 1.85 10.43 -9.00
C VAL A 123 3.11 9.71 -9.48
N ALA A 124 2.93 8.79 -10.42
CA ALA A 124 4.05 8.02 -10.96
C ALA A 124 5.13 8.90 -11.59
N VAL A 125 4.72 9.73 -12.54
CA VAL A 125 5.64 10.60 -13.27
C VAL A 125 6.38 11.58 -12.35
N ASN A 126 5.64 12.44 -11.66
CA ASN A 126 6.25 13.43 -10.78
C ASN A 126 7.18 12.80 -9.75
N TYR A 127 6.81 11.63 -9.23
CA TYR A 127 7.60 10.96 -8.22
C TYR A 127 8.98 10.59 -8.78
N LEU A 128 9.06 10.47 -10.10
CA LEU A 128 10.31 10.11 -10.76
C LEU A 128 11.42 11.11 -10.42
N GLU A 129 11.04 12.28 -9.92
CA GLU A 129 12.00 13.31 -9.56
C GLU A 129 12.88 12.83 -8.40
N THR A 130 12.37 11.88 -7.62
CA THR A 130 13.10 11.33 -6.49
C THR A 130 13.69 9.97 -6.84
N HIS A 131 12.81 9.04 -7.22
CA HIS A 131 13.23 7.69 -7.58
C HIS A 131 12.47 7.19 -8.80
N MET A 21 5.57 -23.45 22.68
CA MET A 21 6.21 -23.99 21.45
C MET A 21 5.20 -24.77 20.62
N ALA A 22 4.94 -24.27 19.40
CA ALA A 22 4.00 -24.92 18.50
C ALA A 22 4.48 -24.82 17.06
N ASP A 23 5.69 -24.31 16.86
CA ASP A 23 6.27 -24.16 15.54
C ASP A 23 5.41 -23.25 14.66
N GLU A 24 4.45 -22.56 15.28
CA GLU A 24 3.57 -21.66 14.55
C GLU A 24 3.20 -20.45 15.40
N ASN A 25 2.82 -20.70 16.65
CA ASN A 25 2.43 -19.64 17.57
C ASN A 25 3.65 -18.89 18.11
N LYS A 26 4.19 -18.00 17.29
CA LYS A 26 5.34 -17.19 17.68
C LYS A 26 4.96 -15.72 17.76
N TRP A 27 3.94 -15.42 18.56
CA TRP A 27 3.46 -14.06 18.73
C TRP A 27 2.92 -13.53 17.41
N VAL A 28 2.66 -14.46 16.49
CA VAL A 28 2.12 -14.12 15.17
C VAL A 28 0.62 -13.89 15.24
N ARG A 29 -0.09 -14.85 15.81
CA ARG A 29 -1.54 -14.77 15.95
C ARG A 29 -1.99 -15.22 17.33
N ARG A 30 -1.08 -15.85 18.07
CA ARG A 30 -1.40 -16.30 19.41
C ARG A 30 -1.77 -15.12 20.28
N ASP A 31 -3.08 -14.96 20.55
CA ASP A 31 -3.60 -13.86 21.36
C ASP A 31 -3.59 -12.55 20.59
N VAL A 32 -2.79 -12.50 19.53
CA VAL A 32 -2.67 -11.30 18.70
C VAL A 32 -4.03 -10.85 18.17
N SER A 33 -4.63 -11.68 17.30
CA SER A 33 -5.92 -11.38 16.70
C SER A 33 -5.84 -10.20 15.74
N THR A 34 -5.87 -8.99 16.29
CA THR A 34 -5.81 -7.78 15.47
C THR A 34 -4.49 -7.02 15.69
N ALA A 35 -3.53 -7.29 14.82
CA ALA A 35 -2.22 -6.63 14.91
C ALA A 35 -2.15 -5.41 13.99
N LEU A 36 -3.22 -5.18 13.25
CA LEU A 36 -3.28 -4.06 12.32
C LEU A 36 -3.03 -2.72 13.00
N SER A 37 -3.19 -2.70 14.33
CA SER A 37 -2.99 -1.48 15.10
C SER A 37 -1.69 -0.77 14.71
N ARG A 38 -0.59 -1.52 14.72
CA ARG A 38 0.72 -0.97 14.39
C ARG A 38 1.81 -2.02 14.62
N MET A 39 1.39 -3.24 14.94
CA MET A 39 2.33 -4.32 15.20
C MET A 39 3.19 -4.62 13.97
N GLY A 40 2.57 -4.62 12.80
CA GLY A 40 3.29 -4.90 11.57
C GLY A 40 3.68 -6.35 11.43
N ASP A 41 4.19 -6.72 10.25
CA ASP A 41 4.59 -8.10 9.97
C ASP A 41 3.41 -9.05 10.08
N GLU A 42 3.07 -9.41 11.30
CA GLU A 42 1.94 -10.32 11.54
C GLU A 42 0.63 -9.65 11.13
N ALA A 43 0.69 -8.34 10.91
CA ALA A 43 -0.48 -7.57 10.53
C ALA A 43 -0.50 -7.30 9.02
N PHE A 44 0.52 -7.78 8.33
CA PHE A 44 0.63 -7.58 6.89
C PHE A 44 -0.53 -8.26 6.16
N GLU A 45 -0.78 -9.52 6.49
CA GLU A 45 -1.86 -10.27 5.86
C GLU A 45 -3.23 -9.65 6.15
N PRO A 46 -3.63 -9.49 7.43
CA PRO A 46 -4.93 -8.90 7.78
C PRO A 46 -5.08 -7.51 7.17
N LEU A 47 -3.94 -6.98 6.73
CA LEU A 47 -3.90 -5.67 6.09
C LEU A 47 -4.34 -5.79 4.65
N LEU A 48 -3.94 -6.88 4.00
CA LEU A 48 -4.32 -7.15 2.62
C LEU A 48 -5.70 -7.77 2.58
N GLU A 49 -6.08 -8.36 3.71
CA GLU A 49 -7.39 -8.99 3.83
C GLU A 49 -8.47 -7.95 3.57
N SER A 50 -8.17 -6.72 3.95
CA SER A 50 -9.10 -5.60 3.78
C SER A 50 -9.33 -5.28 2.31
N LEU A 51 -8.36 -5.61 1.47
CA LEU A 51 -8.46 -5.35 0.03
C LEU A 51 -9.71 -5.99 -0.58
N SER A 52 -10.29 -6.96 0.13
CA SER A 52 -11.49 -7.64 -0.36
C SER A 52 -12.77 -6.94 0.10
N ASN A 53 -12.65 -5.66 0.46
CA ASN A 53 -13.81 -4.90 0.91
C ASN A 53 -14.16 -3.78 -0.07
N GLU A 54 -15.40 -3.80 -0.55
CA GLU A 54 -15.88 -2.80 -1.50
C GLU A 54 -15.97 -1.42 -0.85
N ASP A 55 -15.73 -1.36 0.44
CA ASP A 55 -15.80 -0.10 1.18
C ASP A 55 -14.56 0.76 0.91
N TRP A 56 -14.70 2.06 1.08
CA TRP A 56 -13.60 2.99 0.84
C TRP A 56 -12.78 3.21 2.12
N ARG A 57 -13.46 3.20 3.26
CA ARG A 57 -12.79 3.37 4.55
C ARG A 57 -11.93 2.17 4.89
N ILE A 58 -12.37 0.99 4.46
CA ILE A 58 -11.63 -0.24 4.72
C ILE A 58 -10.51 -0.43 3.69
N ARG A 59 -10.89 -0.39 2.42
CA ARG A 59 -9.92 -0.56 1.33
C ARG A 59 -8.82 0.49 1.42
N GLY A 60 -9.20 1.71 1.75
CA GLY A 60 -8.23 2.79 1.84
C GLY A 60 -7.22 2.58 2.96
N ALA A 61 -7.71 2.44 4.18
CA ALA A 61 -6.84 2.24 5.34
C ALA A 61 -5.77 1.19 5.08
N ALA A 62 -6.06 0.25 4.18
CA ALA A 62 -5.11 -0.81 3.84
C ALA A 62 -3.88 -0.24 3.15
N ALA A 63 -4.08 0.48 2.05
CA ALA A 63 -2.98 1.07 1.30
C ALA A 63 -2.30 2.17 2.11
N TRP A 64 -3.11 2.93 2.86
CA TRP A 64 -2.60 4.02 3.68
C TRP A 64 -1.51 3.55 4.64
N ILE A 65 -1.64 2.32 5.12
CA ILE A 65 -0.68 1.75 6.06
C ILE A 65 0.32 0.86 5.33
N ILE A 66 -0.07 0.41 4.14
CA ILE A 66 0.78 -0.46 3.33
C ILE A 66 2.10 0.21 2.96
N GLY A 67 2.02 1.50 2.62
CA GLY A 67 3.22 2.22 2.24
C GLY A 67 4.26 2.26 3.34
N ASN A 68 3.84 1.94 4.56
CA ASN A 68 4.74 1.94 5.70
C ASN A 68 5.74 0.79 5.63
N PHE A 69 5.25 -0.40 5.25
CA PHE A 69 6.11 -1.57 5.14
C PHE A 69 6.64 -1.72 3.72
N GLN A 70 7.92 -1.39 3.53
CA GLN A 70 8.53 -1.51 2.22
C GLN A 70 8.74 -2.96 1.83
N ASP A 71 7.64 -3.62 1.48
CA ASP A 71 7.70 -5.04 1.10
C ASP A 71 7.02 -5.27 -0.24
N GLU A 72 7.42 -6.35 -0.92
CA GLU A 72 6.86 -6.68 -2.22
C GLU A 72 5.38 -7.03 -2.12
N ARG A 73 4.97 -7.55 -0.97
CA ARG A 73 3.58 -7.93 -0.73
C ARG A 73 2.67 -6.70 -0.64
N ALA A 74 3.29 -5.52 -0.57
CA ALA A 74 2.52 -4.27 -0.48
C ALA A 74 2.55 -3.51 -1.80
N VAL A 75 2.99 -4.19 -2.85
CA VAL A 75 3.10 -3.58 -4.17
C VAL A 75 1.79 -3.68 -4.95
N GLU A 76 1.22 -4.88 -5.02
CA GLU A 76 -0.03 -5.10 -5.75
C GLU A 76 -1.14 -4.17 -5.26
N PRO A 77 -1.36 -4.06 -3.94
CA PRO A 77 -2.42 -3.19 -3.39
C PRO A 77 -2.45 -1.81 -4.03
N LEU A 78 -1.27 -1.31 -4.40
CA LEU A 78 -1.17 0.00 -5.02
C LEU A 78 -1.64 -0.04 -6.46
N ILE A 79 -1.26 -1.10 -7.16
CA ILE A 79 -1.63 -1.28 -8.57
C ILE A 79 -3.14 -1.18 -8.79
N LYS A 80 -3.90 -1.97 -8.04
CA LYS A 80 -5.35 -1.99 -8.18
C LYS A 80 -6.01 -0.70 -7.67
N LEU A 81 -5.32 0.03 -6.80
CA LEU A 81 -5.88 1.25 -6.22
C LEU A 81 -5.58 2.50 -7.03
N LEU A 82 -4.37 2.60 -7.56
CA LEU A 82 -3.97 3.76 -8.34
C LEU A 82 -4.84 3.89 -9.59
N GLU A 83 -5.61 2.83 -9.84
CA GLU A 83 -6.52 2.80 -10.97
C GLU A 83 -7.87 3.32 -10.55
N ASP A 84 -8.27 2.94 -9.35
CA ASP A 84 -9.56 3.32 -8.81
C ASP A 84 -9.74 4.82 -8.79
N ASP A 85 -10.89 5.22 -8.30
CA ASP A 85 -11.24 6.63 -8.19
C ASP A 85 -12.25 6.85 -7.06
N SER A 86 -12.18 6.00 -6.04
CA SER A 86 -13.11 6.10 -4.90
C SER A 86 -12.60 7.11 -3.88
N GLY A 87 -11.42 7.68 -4.13
CA GLY A 87 -10.85 8.65 -3.22
C GLY A 87 -9.91 8.03 -2.21
N PHE A 88 -10.42 7.78 -1.00
CA PHE A 88 -9.62 7.17 0.05
C PHE A 88 -8.91 5.93 -0.48
N VAL A 89 -9.57 5.26 -1.42
CA VAL A 89 -9.02 4.07 -2.03
C VAL A 89 -7.89 4.40 -3.00
N ARG A 90 -8.18 5.26 -3.98
CA ARG A 90 -7.18 5.66 -4.97
C ARG A 90 -6.04 6.45 -4.31
N SER A 91 -6.37 7.61 -3.77
CA SER A 91 -5.38 8.47 -3.12
C SER A 91 -4.58 7.70 -2.08
N GLY A 92 -5.15 6.60 -1.59
CA GLY A 92 -4.47 5.79 -0.60
C GLY A 92 -3.18 5.19 -1.12
N ALA A 93 -3.24 4.67 -2.35
CA ALA A 93 -2.07 4.05 -2.96
C ALA A 93 -1.08 5.10 -3.44
N ALA A 94 -1.59 6.22 -3.93
CA ALA A 94 -0.73 7.30 -4.43
C ALA A 94 0.29 7.72 -3.40
N ARG A 95 -0.13 7.79 -2.14
CA ARG A 95 0.75 8.19 -1.05
C ARG A 95 1.56 7.01 -0.53
N SER A 96 1.12 5.80 -0.86
CA SER A 96 1.80 4.60 -0.40
C SER A 96 3.19 4.47 -1.00
N LEU A 97 3.32 4.71 -2.30
CA LEU A 97 4.61 4.62 -2.98
C LEU A 97 5.66 5.50 -2.31
N GLU A 98 5.40 6.81 -2.27
CA GLU A 98 6.34 7.74 -1.65
C GLU A 98 6.68 7.31 -0.22
N GLN A 99 5.75 6.63 0.44
CA GLN A 99 5.99 6.15 1.81
C GLN A 99 7.00 5.01 1.80
N ILE A 100 6.99 4.23 0.73
CA ILE A 100 7.90 3.10 0.58
C ILE A 100 9.28 3.57 0.11
N GLY A 101 9.33 4.18 -1.05
CA GLY A 101 10.60 4.67 -1.59
C GLY A 101 11.57 3.55 -1.90
N GLY A 102 11.87 3.37 -3.19
CA GLY A 102 12.80 2.33 -3.59
C GLY A 102 12.52 1.81 -4.99
N GLU A 103 13.51 1.11 -5.56
CA GLU A 103 13.36 0.55 -6.90
C GLU A 103 12.25 -0.49 -6.94
N ARG A 104 12.00 -1.12 -5.79
CA ARG A 104 10.96 -2.14 -5.69
C ARG A 104 9.57 -1.52 -5.91
N VAL A 105 9.26 -0.49 -5.16
CA VAL A 105 7.98 0.20 -5.28
C VAL A 105 7.92 0.97 -6.59
N ARG A 106 9.10 1.32 -7.07
CA ARG A 106 9.23 2.07 -8.33
C ARG A 106 8.54 1.34 -9.46
N ALA A 107 8.33 0.04 -9.28
CA ALA A 107 7.67 -0.78 -10.29
C ALA A 107 6.17 -0.49 -10.30
N ALA A 108 5.63 -0.20 -9.13
CA ALA A 108 4.20 0.10 -9.00
C ALA A 108 3.83 1.32 -9.84
N MET A 109 4.61 2.39 -9.70
CA MET A 109 4.37 3.62 -10.46
C MET A 109 4.67 3.40 -11.94
N GLU A 110 5.65 2.54 -12.21
CA GLU A 110 6.04 2.24 -13.57
C GLU A 110 4.88 1.58 -14.33
N LYS A 111 4.12 0.75 -13.61
CA LYS A 111 2.99 0.07 -14.20
C LYS A 111 1.77 0.98 -14.27
N LEU A 112 1.69 1.93 -13.36
CA LEU A 112 0.59 2.87 -13.34
C LEU A 112 0.86 3.99 -14.34
N ALA A 113 2.13 4.21 -14.65
CA ALA A 113 2.52 5.24 -15.60
C ALA A 113 2.16 4.82 -17.02
N GLU A 114 1.83 3.55 -17.19
CA GLU A 114 1.47 3.01 -18.50
C GLU A 114 -0.04 3.00 -18.70
N THR A 115 -0.77 3.16 -17.60
CA THR A 115 -2.22 3.20 -17.63
C THR A 115 -2.72 4.35 -16.78
N GLY A 116 -1.80 5.26 -16.49
CA GLY A 116 -2.11 6.41 -15.66
C GLY A 116 -3.18 7.29 -16.25
N THR A 117 -3.94 7.90 -15.37
CA THR A 117 -5.01 8.81 -15.76
C THR A 117 -5.25 9.87 -14.69
N GLY A 118 -5.29 11.13 -15.12
CA GLY A 118 -5.52 12.23 -14.19
C GLY A 118 -4.48 12.29 -13.09
N PHE A 119 -4.96 12.38 -11.85
CA PHE A 119 -4.08 12.47 -10.68
C PHE A 119 -3.19 11.23 -10.57
N ALA A 120 -3.80 10.06 -10.70
CA ALA A 120 -3.08 8.79 -10.61
C ALA A 120 -1.84 8.79 -11.50
N ARG A 121 -1.99 9.32 -12.71
CA ARG A 121 -0.89 9.37 -13.67
C ARG A 121 0.27 10.21 -13.14
N LYS A 122 0.00 11.49 -12.89
CA LYS A 122 1.02 12.41 -12.39
C LYS A 122 1.69 11.86 -11.13
N VAL A 123 0.95 11.03 -10.39
CA VAL A 123 1.47 10.43 -9.17
C VAL A 123 2.65 9.50 -9.43
N ALA A 124 2.52 8.65 -10.44
CA ALA A 124 3.57 7.70 -10.78
C ALA A 124 4.87 8.37 -11.20
N VAL A 125 4.79 9.18 -12.25
CA VAL A 125 5.95 9.87 -12.80
C VAL A 125 6.56 10.87 -11.83
N ASN A 126 5.75 11.79 -11.30
CA ASN A 126 6.24 12.79 -10.37
C ASN A 126 6.95 12.17 -9.18
N TYR A 127 6.49 10.99 -8.76
CA TYR A 127 7.07 10.30 -7.63
C TYR A 127 8.55 10.00 -7.87
N LEU A 128 8.91 9.81 -9.14
CA LEU A 128 10.29 9.52 -9.52
C LEU A 128 11.27 10.50 -8.90
N GLU A 129 10.77 11.69 -8.55
CA GLU A 129 11.62 12.72 -7.95
C GLU A 129 12.03 12.34 -6.53
N THR A 130 11.65 11.14 -6.10
CA THR A 130 11.98 10.67 -4.76
C THR A 130 13.08 9.61 -4.81
N HIS A 131 12.81 8.52 -5.51
CA HIS A 131 13.79 7.43 -5.65
C HIS A 131 14.56 7.58 -6.96
N MET A 21 9.81 -23.31 9.95
CA MET A 21 8.51 -22.71 9.55
C MET A 21 7.69 -22.33 10.77
N ALA A 22 7.78 -23.15 11.82
CA ALA A 22 7.05 -22.90 13.05
C ALA A 22 7.81 -21.96 13.98
N ASP A 23 9.10 -21.79 13.71
CA ASP A 23 9.94 -20.91 14.52
C ASP A 23 9.87 -19.48 14.04
N GLU A 24 9.68 -19.30 12.73
CA GLU A 24 9.59 -17.97 12.15
C GLU A 24 8.18 -17.40 12.29
N ASN A 25 7.25 -18.26 12.70
CA ASN A 25 5.87 -17.84 12.87
C ASN A 25 5.13 -18.79 13.82
N LYS A 26 4.49 -18.21 14.84
CA LYS A 26 3.75 -19.00 15.82
C LYS A 26 2.32 -18.47 15.96
N TRP A 27 2.14 -17.18 15.70
CA TRP A 27 0.82 -16.55 15.79
C TRP A 27 0.73 -15.36 14.85
N VAL A 28 -0.26 -15.41 13.95
CA VAL A 28 -0.46 -14.34 12.98
C VAL A 28 -1.91 -13.86 12.98
N ARG A 29 -2.86 -14.80 13.01
CA ARG A 29 -4.27 -14.46 13.02
C ARG A 29 -4.90 -14.75 14.38
N ARG A 30 -4.21 -15.55 15.19
CA ARG A 30 -4.71 -15.89 16.51
C ARG A 30 -5.02 -14.61 17.28
N ASP A 31 -6.31 -14.40 17.56
CA ASP A 31 -6.76 -13.21 18.30
C ASP A 31 -6.74 -11.97 17.41
N VAL A 32 -5.99 -12.04 16.30
CA VAL A 32 -5.88 -10.92 15.38
C VAL A 32 -7.02 -10.94 14.37
N SER A 33 -7.75 -9.83 14.28
CA SER A 33 -8.86 -9.71 13.35
C SER A 33 -9.23 -8.25 13.14
N THR A 34 -8.83 -7.41 14.08
CA THR A 34 -9.11 -5.98 14.03
C THR A 34 -7.94 -5.19 14.62
N ALA A 35 -6.85 -5.90 14.90
CA ALA A 35 -5.67 -5.30 15.49
C ALA A 35 -4.74 -4.74 14.41
N LEU A 36 -5.12 -4.93 13.15
CA LEU A 36 -4.31 -4.45 12.02
C LEU A 36 -3.98 -2.98 12.16
N SER A 37 -4.68 -2.30 13.07
CA SER A 37 -4.46 -0.87 13.29
C SER A 37 -2.99 -0.59 13.60
N ARG A 38 -2.36 -1.49 14.32
CA ARG A 38 -0.96 -1.31 14.68
C ARG A 38 -0.37 -2.56 15.34
N MET A 39 0.01 -3.54 14.52
CA MET A 39 0.59 -4.78 15.01
C MET A 39 1.83 -5.15 14.21
N GLY A 40 1.72 -5.02 12.89
CA GLY A 40 2.84 -5.35 12.01
C GLY A 40 3.05 -6.83 11.82
N ASP A 41 3.47 -7.21 10.62
CA ASP A 41 3.73 -8.62 10.28
C ASP A 41 2.47 -9.46 10.39
N GLU A 42 2.12 -9.85 11.61
CA GLU A 42 0.94 -10.67 11.84
C GLU A 42 -0.33 -9.94 11.42
N ALA A 43 -0.20 -8.65 11.16
CA ALA A 43 -1.34 -7.83 10.76
C ALA A 43 -1.36 -7.60 9.25
N PHE A 44 -0.31 -8.05 8.57
CA PHE A 44 -0.20 -7.88 7.12
C PHE A 44 -1.37 -8.56 6.41
N GLU A 45 -1.61 -9.81 6.79
CA GLU A 45 -2.69 -10.59 6.18
C GLU A 45 -4.07 -9.98 6.47
N PRO A 46 -4.47 -9.84 7.76
CA PRO A 46 -5.79 -9.27 8.10
C PRO A 46 -5.96 -7.90 7.48
N LEU A 47 -4.85 -7.34 7.03
CA LEU A 47 -4.82 -6.04 6.39
C LEU A 47 -5.19 -6.18 4.92
N LEU A 48 -4.70 -7.26 4.32
CA LEU A 48 -4.97 -7.56 2.92
C LEU A 48 -6.28 -8.33 2.78
N GLU A 49 -6.70 -8.96 3.88
CA GLU A 49 -7.93 -9.73 3.89
C GLU A 49 -9.15 -8.81 3.95
N SER A 50 -9.02 -7.73 4.69
CA SER A 50 -10.10 -6.75 4.84
C SER A 50 -10.42 -6.07 3.51
N LEU A 51 -9.43 -6.04 2.62
CA LEU A 51 -9.60 -5.40 1.31
C LEU A 51 -10.74 -6.04 0.52
N SER A 52 -11.28 -7.14 1.04
CA SER A 52 -12.39 -7.82 0.37
C SER A 52 -13.74 -7.29 0.82
N ASN A 53 -13.74 -6.08 1.37
CA ASN A 53 -14.98 -5.46 1.84
C ASN A 53 -15.66 -4.66 0.73
N GLU A 54 -16.98 -4.62 0.78
CA GLU A 54 -17.76 -3.89 -0.22
C GLU A 54 -17.53 -2.38 -0.08
N ASP A 55 -17.17 -1.96 1.13
CA ASP A 55 -16.92 -0.55 1.40
C ASP A 55 -15.57 -0.12 0.84
N TRP A 56 -15.39 1.19 0.71
CA TRP A 56 -14.15 1.75 0.20
C TRP A 56 -13.37 2.47 1.30
N ARG A 57 -14.09 2.95 2.32
CA ARG A 57 -13.47 3.66 3.43
C ARG A 57 -12.46 2.77 4.13
N ILE A 58 -12.87 1.53 4.44
CA ILE A 58 -11.98 0.59 5.10
C ILE A 58 -10.70 0.40 4.29
N ARG A 59 -10.85 0.14 3.01
CA ARG A 59 -9.70 -0.04 2.11
C ARG A 59 -8.75 1.15 2.24
N GLY A 60 -9.28 2.29 2.66
CA GLY A 60 -8.46 3.48 2.81
C GLY A 60 -7.34 3.29 3.81
N ALA A 61 -7.70 3.12 5.08
CA ALA A 61 -6.71 2.93 6.14
C ALA A 61 -5.77 1.78 5.80
N ALA A 62 -6.34 0.69 5.29
CA ALA A 62 -5.56 -0.49 4.93
C ALA A 62 -4.48 -0.13 3.91
N ALA A 63 -4.93 0.47 2.80
CA ALA A 63 -4.02 0.89 1.74
C ALA A 63 -3.02 1.91 2.25
N TRP A 64 -3.49 2.75 3.19
CA TRP A 64 -2.66 3.79 3.77
C TRP A 64 -1.55 3.22 4.66
N ILE A 65 -1.80 2.04 5.23
CA ILE A 65 -0.81 1.40 6.08
C ILE A 65 0.07 0.46 5.26
N ILE A 66 -0.43 0.04 4.11
CA ILE A 66 0.31 -0.85 3.22
C ILE A 66 1.67 -0.27 2.85
N GLY A 67 1.74 1.05 2.72
CA GLY A 67 2.99 1.70 2.36
C GLY A 67 4.10 1.43 3.36
N ASN A 68 3.72 1.19 4.60
CA ASN A 68 4.70 0.92 5.65
C ASN A 68 5.58 -0.25 5.26
N PHE A 69 4.95 -1.35 4.87
CA PHE A 69 5.67 -2.54 4.46
C PHE A 69 6.08 -2.45 2.98
N GLN A 70 7.38 -2.40 2.75
CA GLN A 70 7.92 -2.32 1.40
C GLN A 70 8.00 -3.71 0.77
N ASP A 71 7.14 -4.61 1.26
CA ASP A 71 7.11 -5.97 0.78
C ASP A 71 6.24 -6.11 -0.48
N GLU A 72 6.43 -7.21 -1.20
CA GLU A 72 5.68 -7.46 -2.43
C GLU A 72 4.18 -7.53 -2.17
N ARG A 73 3.81 -8.12 -1.04
CA ARG A 73 2.39 -8.26 -0.69
C ARG A 73 1.76 -6.88 -0.48
N ALA A 74 2.62 -5.86 -0.42
CA ALA A 74 2.17 -4.49 -0.22
C ALA A 74 2.28 -3.69 -1.51
N VAL A 75 2.96 -4.27 -2.49
CA VAL A 75 3.16 -3.63 -3.79
C VAL A 75 1.93 -3.74 -4.67
N GLU A 76 1.33 -4.93 -4.71
CA GLU A 76 0.14 -5.16 -5.53
C GLU A 76 -1.00 -4.21 -5.15
N PRO A 77 -1.35 -4.11 -3.84
CA PRO A 77 -2.41 -3.22 -3.39
C PRO A 77 -2.33 -1.84 -4.02
N LEU A 78 -1.14 -1.24 -3.92
CA LEU A 78 -0.92 0.10 -4.47
C LEU A 78 -1.15 0.12 -5.98
N ILE A 79 -0.79 -0.97 -6.66
CA ILE A 79 -0.96 -1.04 -8.10
C ILE A 79 -2.43 -0.94 -8.51
N LYS A 80 -3.24 -1.89 -8.02
CA LYS A 80 -4.67 -1.91 -8.34
C LYS A 80 -5.41 -0.76 -7.68
N LEU A 81 -4.71 0.01 -6.86
CA LEU A 81 -5.31 1.14 -6.15
C LEU A 81 -5.24 2.45 -6.94
N LEU A 82 -4.07 2.72 -7.53
CA LEU A 82 -3.87 3.94 -8.31
C LEU A 82 -4.89 4.05 -9.43
N GLU A 83 -5.55 2.95 -9.74
CA GLU A 83 -6.55 2.91 -10.80
C GLU A 83 -7.95 2.73 -10.23
N ASP A 84 -8.04 2.44 -8.94
CA ASP A 84 -9.33 2.24 -8.28
C ASP A 84 -10.19 3.48 -8.36
N ASP A 85 -9.54 4.63 -8.32
CA ASP A 85 -10.22 5.92 -8.40
C ASP A 85 -11.29 6.05 -7.31
N SER A 86 -11.10 5.37 -6.19
CA SER A 86 -12.07 5.42 -5.09
C SER A 86 -11.81 6.63 -4.19
N GLY A 87 -10.68 7.28 -4.38
CA GLY A 87 -10.34 8.45 -3.56
C GLY A 87 -9.44 8.07 -2.40
N PHE A 88 -10.05 7.62 -1.31
CA PHE A 88 -9.29 7.22 -0.13
C PHE A 88 -8.41 6.02 -0.47
N VAL A 89 -8.98 5.09 -1.24
CA VAL A 89 -8.27 3.89 -1.66
C VAL A 89 -7.20 4.21 -2.70
N ARG A 90 -7.56 5.06 -3.67
CA ARG A 90 -6.63 5.45 -4.73
C ARG A 90 -5.51 6.33 -4.18
N SER A 91 -5.88 7.51 -3.68
CA SER A 91 -4.91 8.44 -3.12
C SER A 91 -4.05 7.76 -2.07
N GLY A 92 -4.56 6.68 -1.49
CA GLY A 92 -3.81 5.94 -0.50
C GLY A 92 -2.58 5.28 -1.07
N ALA A 93 -2.70 4.78 -2.30
CA ALA A 93 -1.59 4.12 -2.97
C ALA A 93 -0.52 5.13 -3.34
N ALA A 94 -0.93 6.24 -3.95
CA ALA A 94 0.01 7.28 -4.35
C ALA A 94 0.78 7.77 -3.13
N ARG A 95 0.16 7.64 -1.97
CA ARG A 95 0.77 8.05 -0.71
C ARG A 95 1.70 6.96 -0.18
N SER A 96 1.27 5.72 -0.32
CA SER A 96 2.04 4.58 0.14
C SER A 96 3.32 4.39 -0.67
N LEU A 97 3.27 4.74 -1.94
CA LEU A 97 4.42 4.60 -2.82
C LEU A 97 5.54 5.56 -2.38
N GLU A 98 5.23 6.85 -2.38
CA GLU A 98 6.19 7.86 -1.95
C GLU A 98 6.77 7.49 -0.59
N GLN A 99 6.00 6.69 0.15
CA GLN A 99 6.42 6.22 1.48
C GLN A 99 7.61 5.27 1.35
N ILE A 100 7.49 4.31 0.44
CA ILE A 100 8.56 3.34 0.20
C ILE A 100 9.85 4.05 -0.20
N GLY A 101 9.79 4.79 -1.31
CA GLY A 101 10.96 5.52 -1.79
C GLY A 101 12.13 4.61 -2.12
N GLY A 102 12.40 4.44 -3.41
CA GLY A 102 13.49 3.60 -3.84
C GLY A 102 13.30 3.06 -5.24
N GLU A 103 14.23 2.20 -5.67
CA GLU A 103 14.15 1.60 -7.00
C GLU A 103 13.02 0.59 -7.07
N ARG A 104 12.67 0.01 -5.93
CA ARG A 104 11.61 -0.99 -5.86
C ARG A 104 10.25 -0.35 -6.13
N VAL A 105 9.96 0.74 -5.44
CA VAL A 105 8.70 1.44 -5.59
C VAL A 105 8.65 2.16 -6.94
N ARG A 106 9.82 2.49 -7.44
CA ARG A 106 9.95 3.20 -8.71
C ARG A 106 9.31 2.40 -9.86
N ALA A 107 9.23 1.09 -9.69
CA ALA A 107 8.66 0.23 -10.71
C ALA A 107 7.14 0.35 -10.73
N ALA A 108 6.57 0.67 -9.58
CA ALA A 108 5.13 0.83 -9.46
C ALA A 108 4.65 2.01 -10.28
N MET A 109 5.45 3.07 -10.31
CA MET A 109 5.10 4.26 -11.08
C MET A 109 5.14 3.92 -12.56
N GLU A 110 6.18 3.20 -12.95
CA GLU A 110 6.35 2.78 -14.33
C GLU A 110 5.14 1.97 -14.78
N LYS A 111 4.63 1.14 -13.88
CA LYS A 111 3.48 0.30 -14.16
C LYS A 111 2.18 1.10 -14.19
N LEU A 112 2.14 2.18 -13.42
CA LEU A 112 0.96 3.02 -13.36
C LEU A 112 1.02 4.08 -14.46
N ALA A 113 2.24 4.39 -14.91
CA ALA A 113 2.46 5.38 -15.96
C ALA A 113 1.90 4.90 -17.30
N GLU A 114 1.87 3.59 -17.50
CA GLU A 114 1.35 3.02 -18.74
C GLU A 114 -0.17 2.98 -18.69
N THR A 115 -0.70 3.10 -17.49
CA THR A 115 -2.14 3.11 -17.26
C THR A 115 -2.52 4.40 -16.55
N GLY A 116 -1.64 5.39 -16.68
CA GLY A 116 -1.83 6.67 -16.04
C GLY A 116 -3.10 7.39 -16.48
N THR A 117 -3.93 7.71 -15.51
CA THR A 117 -5.18 8.41 -15.77
C THR A 117 -5.54 9.32 -14.59
N GLY A 118 -5.84 10.58 -14.89
CA GLY A 118 -6.21 11.53 -13.85
C GLY A 118 -5.03 11.94 -12.99
N PHE A 119 -5.24 11.92 -11.67
CA PHE A 119 -4.20 12.30 -10.71
C PHE A 119 -3.18 11.19 -10.52
N ALA A 120 -3.62 9.94 -10.67
CA ALA A 120 -2.73 8.79 -10.52
C ALA A 120 -1.53 8.89 -11.44
N ARG A 121 -1.74 9.39 -12.65
CA ARG A 121 -0.67 9.53 -13.63
C ARG A 121 0.36 10.56 -13.20
N LYS A 122 -0.10 11.80 -13.00
CA LYS A 122 0.77 12.89 -12.59
C LYS A 122 1.67 12.48 -11.42
N VAL A 123 1.23 11.45 -10.71
CA VAL A 123 1.96 10.92 -9.57
C VAL A 123 3.19 10.11 -9.99
N ALA A 124 2.96 9.08 -10.80
CA ALA A 124 4.03 8.19 -11.26
C ALA A 124 5.21 8.95 -11.87
N VAL A 125 4.94 9.73 -12.89
CA VAL A 125 5.97 10.47 -13.63
C VAL A 125 6.78 11.41 -12.74
N ASN A 126 6.12 12.42 -12.17
CA ASN A 126 6.80 13.40 -11.34
C ASN A 126 7.51 12.79 -10.14
N TYR A 127 6.93 11.74 -9.56
CA TYR A 127 7.51 11.11 -8.40
C TYR A 127 8.88 10.51 -8.73
N LEU A 128 9.07 10.17 -10.00
CA LEU A 128 10.33 9.58 -10.45
C LEU A 128 11.50 10.50 -10.12
N GLU A 129 11.21 11.78 -9.89
CA GLU A 129 12.24 12.76 -9.56
C GLU A 129 12.92 12.41 -8.23
N THR A 130 12.32 11.47 -7.50
CA THR A 130 12.87 11.05 -6.22
C THR A 130 12.94 9.53 -6.12
N HIS A 131 12.91 8.85 -7.26
CA HIS A 131 12.97 7.40 -7.32
C HIS A 131 11.78 6.77 -6.61
N MET A 21 3.19 -22.00 -0.04
CA MET A 21 3.11 -22.22 1.43
C MET A 21 2.28 -23.45 1.76
N ALA A 22 2.77 -24.23 2.72
CA ALA A 22 2.06 -25.45 3.14
C ALA A 22 2.64 -26.00 4.44
N ASP A 23 1.92 -25.77 5.54
CA ASP A 23 2.35 -26.24 6.86
C ASP A 23 3.70 -25.64 7.26
N GLU A 24 4.16 -24.65 6.49
CA GLU A 24 5.43 -23.99 6.78
C GLU A 24 5.23 -22.81 7.72
N ASN A 25 4.35 -21.90 7.33
CA ASN A 25 4.06 -20.72 8.15
C ASN A 25 2.75 -20.90 8.91
N LYS A 26 2.86 -21.39 10.15
CA LYS A 26 1.69 -21.62 10.98
C LYS A 26 1.03 -20.30 11.38
N TRP A 27 1.71 -19.55 12.23
CA TRP A 27 1.18 -18.25 12.68
C TRP A 27 1.27 -17.23 11.55
N VAL A 28 0.23 -17.18 10.72
CA VAL A 28 0.19 -16.26 9.60
C VAL A 28 -1.05 -15.38 9.65
N ARG A 29 -2.11 -15.89 10.27
CA ARG A 29 -3.36 -15.13 10.39
C ARG A 29 -4.05 -15.42 11.72
N ARG A 30 -3.82 -16.60 12.25
CA ARG A 30 -4.41 -16.98 13.53
C ARG A 30 -3.98 -15.99 14.61
N ASP A 31 -4.93 -15.59 15.45
CA ASP A 31 -4.65 -14.64 16.53
C ASP A 31 -4.35 -13.25 15.98
N VAL A 32 -4.43 -13.09 14.66
CA VAL A 32 -4.15 -11.81 14.03
C VAL A 32 -5.41 -11.20 13.43
N SER A 33 -5.65 -9.93 13.76
CA SER A 33 -6.82 -9.21 13.27
C SER A 33 -6.61 -7.71 13.42
N THR A 34 -6.56 -7.25 14.67
CA THR A 34 -6.36 -5.85 14.96
C THR A 34 -4.91 -5.57 15.36
N ALA A 35 -4.05 -6.57 15.13
CA ALA A 35 -2.64 -6.45 15.46
C ALA A 35 -1.86 -5.80 14.32
N LEU A 36 -2.57 -5.49 13.23
CA LEU A 36 -1.94 -4.86 12.07
C LEU A 36 -1.12 -3.63 12.45
N SER A 37 -1.35 -3.12 13.65
CA SER A 37 -0.63 -1.95 14.15
C SER A 37 0.87 -2.13 13.98
N ARG A 38 1.36 -3.34 14.25
CA ARG A 38 2.79 -3.62 14.13
C ARG A 38 3.07 -5.10 14.39
N MET A 39 3.15 -5.88 13.31
CA MET A 39 3.43 -7.31 13.42
C MET A 39 4.48 -7.74 12.41
N GLY A 40 4.35 -7.24 11.18
CA GLY A 40 5.30 -7.58 10.14
C GLY A 40 4.64 -8.24 8.94
N ASP A 41 4.76 -9.56 8.85
CA ASP A 41 4.17 -10.31 7.74
C ASP A 41 2.90 -11.02 8.17
N GLU A 42 2.81 -11.33 9.45
CA GLU A 42 1.64 -12.02 9.99
C GLU A 42 0.37 -11.19 9.83
N ALA A 43 0.52 -9.88 9.89
CA ALA A 43 -0.63 -8.98 9.77
C ALA A 43 -0.66 -8.30 8.40
N PHE A 44 0.32 -8.62 7.56
CA PHE A 44 0.39 -8.05 6.23
C PHE A 44 -0.81 -8.43 5.36
N GLU A 45 -1.15 -9.72 5.33
CA GLU A 45 -2.28 -10.19 4.53
C GLU A 45 -3.61 -9.62 4.99
N PRO A 46 -3.94 -9.69 6.31
CA PRO A 46 -5.20 -9.15 6.83
C PRO A 46 -5.53 -7.79 6.21
N LEU A 47 -4.49 -7.11 5.75
CA LEU A 47 -4.61 -5.82 5.10
C LEU A 47 -5.13 -6.00 3.68
N LEU A 48 -4.45 -6.85 2.93
CA LEU A 48 -4.81 -7.14 1.55
C LEU A 48 -6.14 -7.88 1.48
N GLU A 49 -6.50 -8.55 2.57
CA GLU A 49 -7.75 -9.30 2.63
C GLU A 49 -8.93 -8.35 2.83
N SER A 50 -8.74 -7.38 3.71
CA SER A 50 -9.78 -6.39 3.99
C SER A 50 -10.05 -5.52 2.78
N LEU A 51 -9.19 -5.61 1.78
CA LEU A 51 -9.34 -4.82 0.56
C LEU A 51 -10.57 -5.25 -0.22
N SER A 52 -11.17 -6.37 0.19
CA SER A 52 -12.36 -6.89 -0.48
C SER A 52 -13.61 -6.53 0.31
N ASN A 53 -13.46 -5.59 1.25
CA ASN A 53 -14.57 -5.15 2.08
C ASN A 53 -15.59 -4.37 1.25
N GLU A 54 -16.86 -4.44 1.66
CA GLU A 54 -17.92 -3.74 0.96
C GLU A 54 -17.71 -2.23 1.02
N ASP A 55 -17.26 -1.74 2.17
CA ASP A 55 -17.03 -0.31 2.34
C ASP A 55 -15.74 0.12 1.64
N TRP A 56 -15.65 1.41 1.32
CA TRP A 56 -14.47 1.95 0.64
C TRP A 56 -13.55 2.64 1.64
N ARG A 57 -14.16 3.24 2.66
CA ARG A 57 -13.41 3.94 3.69
C ARG A 57 -12.55 2.97 4.49
N ILE A 58 -13.14 1.85 4.90
CA ILE A 58 -12.41 0.84 5.66
C ILE A 58 -11.23 0.30 4.86
N ARG A 59 -11.45 0.12 3.56
CA ARG A 59 -10.40 -0.37 2.67
C ARG A 59 -9.25 0.62 2.61
N GLY A 60 -9.54 1.87 2.97
CA GLY A 60 -8.52 2.90 2.95
C GLY A 60 -7.40 2.65 3.95
N ALA A 61 -7.77 2.53 5.23
CA ALA A 61 -6.80 2.29 6.29
C ALA A 61 -5.80 1.22 5.91
N ALA A 62 -6.26 0.19 5.20
CA ALA A 62 -5.38 -0.90 4.77
C ALA A 62 -4.36 -0.40 3.75
N ALA A 63 -4.85 0.28 2.72
CA ALA A 63 -4.00 0.84 1.68
C ALA A 63 -3.07 1.90 2.23
N TRP A 64 -3.55 2.61 3.24
CA TRP A 64 -2.80 3.69 3.87
C TRP A 64 -1.62 3.18 4.70
N ILE A 65 -1.79 2.01 5.32
CA ILE A 65 -0.75 1.44 6.16
C ILE A 65 0.07 0.37 5.44
N ILE A 66 -0.48 -0.18 4.36
CA ILE A 66 0.19 -1.22 3.61
C ILE A 66 1.55 -0.76 3.07
N GLY A 67 1.62 0.50 2.64
CA GLY A 67 2.87 1.02 2.11
C GLY A 67 3.88 1.34 3.20
N ASN A 68 3.40 1.39 4.44
CA ASN A 68 4.25 1.69 5.58
C ASN A 68 5.21 0.54 5.87
N PHE A 69 4.94 -0.63 5.30
CA PHE A 69 5.77 -1.80 5.51
C PHE A 69 6.97 -1.80 4.57
N GLN A 70 6.85 -1.08 3.46
CA GLN A 70 7.93 -0.99 2.47
C GLN A 70 8.29 -2.37 1.92
N ASP A 71 7.32 -3.28 1.97
CA ASP A 71 7.54 -4.64 1.48
C ASP A 71 7.10 -4.78 0.02
N GLU A 72 7.55 -5.83 -0.63
CA GLU A 72 7.20 -6.11 -2.02
C GLU A 72 5.71 -6.41 -2.16
N ARG A 73 5.15 -7.08 -1.15
CA ARG A 73 3.74 -7.45 -1.16
C ARG A 73 2.85 -6.21 -1.13
N ALA A 74 3.46 -5.04 -0.90
CA ALA A 74 2.70 -3.79 -0.83
C ALA A 74 2.83 -2.97 -2.12
N VAL A 75 3.24 -3.60 -3.22
CA VAL A 75 3.39 -2.89 -4.48
C VAL A 75 2.13 -2.94 -5.34
N GLU A 76 1.53 -4.12 -5.46
CA GLU A 76 0.32 -4.29 -6.27
C GLU A 76 -0.82 -3.41 -5.74
N PRO A 77 -1.12 -3.45 -4.43
CA PRO A 77 -2.19 -2.63 -3.86
C PRO A 77 -2.16 -1.20 -4.37
N LEU A 78 -1.01 -0.57 -4.24
CA LEU A 78 -0.84 0.80 -4.70
C LEU A 78 -1.16 0.93 -6.18
N ILE A 79 -0.80 -0.09 -6.96
CA ILE A 79 -1.03 -0.08 -8.40
C ILE A 79 -2.51 -0.04 -8.76
N LYS A 80 -3.27 -1.04 -8.32
CA LYS A 80 -4.70 -1.12 -8.62
C LYS A 80 -5.47 0.01 -7.96
N LEU A 81 -5.07 0.35 -6.74
CA LEU A 81 -5.73 1.41 -5.97
C LEU A 81 -5.78 2.72 -6.75
N LEU A 82 -4.64 3.15 -7.26
CA LEU A 82 -4.56 4.40 -8.01
C LEU A 82 -5.49 4.35 -9.23
N GLU A 83 -5.93 3.14 -9.58
CA GLU A 83 -6.83 2.96 -10.70
C GLU A 83 -8.27 2.80 -10.21
N ASP A 84 -8.43 2.38 -8.96
CA ASP A 84 -9.75 2.18 -8.36
C ASP A 84 -10.54 3.49 -8.33
N ASP A 85 -9.83 4.57 -8.10
CA ASP A 85 -10.44 5.90 -8.03
C ASP A 85 -11.54 5.94 -6.97
N SER A 86 -11.40 5.12 -5.94
CA SER A 86 -12.40 5.08 -4.88
C SER A 86 -12.30 6.31 -3.98
N GLY A 87 -11.21 7.06 -4.14
CA GLY A 87 -11.01 8.25 -3.33
C GLY A 87 -10.06 8.00 -2.18
N PHE A 88 -10.58 7.38 -1.11
CA PHE A 88 -9.77 7.07 0.06
C PHE A 88 -8.81 5.93 -0.28
N VAL A 89 -9.32 4.96 -1.05
CA VAL A 89 -8.54 3.81 -1.46
C VAL A 89 -7.49 4.20 -2.50
N ARG A 90 -7.91 5.06 -3.43
CA ARG A 90 -7.02 5.53 -4.49
C ARG A 90 -5.91 6.43 -3.93
N SER A 91 -6.30 7.51 -3.27
CA SER A 91 -5.35 8.45 -2.69
C SER A 91 -4.41 7.76 -1.71
N GLY A 92 -4.93 6.78 -0.98
CA GLY A 92 -4.12 6.07 -0.01
C GLY A 92 -2.88 5.46 -0.62
N ALA A 93 -2.97 5.09 -1.89
CA ALA A 93 -1.84 4.50 -2.60
C ALA A 93 -0.76 5.52 -2.91
N ALA A 94 -1.16 6.64 -3.54
CA ALA A 94 -0.22 7.69 -3.93
C ALA A 94 0.76 8.03 -2.81
N ARG A 95 0.22 8.23 -1.60
CA ARG A 95 1.05 8.57 -0.45
C ARG A 95 1.92 7.39 -0.01
N SER A 96 1.42 6.18 -0.23
CA SER A 96 2.16 4.97 0.16
C SER A 96 3.46 4.82 -0.63
N LEU A 97 3.42 5.15 -1.92
CA LEU A 97 4.61 5.03 -2.77
C LEU A 97 5.79 5.81 -2.18
N GLU A 98 5.59 7.11 -2.01
CA GLU A 98 6.63 7.99 -1.44
C GLU A 98 7.11 7.49 -0.09
N GLN A 99 6.18 6.94 0.71
CA GLN A 99 6.53 6.45 2.04
C GLN A 99 7.55 5.32 2.00
N ILE A 100 7.63 4.62 0.86
CA ILE A 100 8.57 3.51 0.74
C ILE A 100 9.92 3.97 0.20
N GLY A 101 9.92 4.51 -1.03
CA GLY A 101 11.16 4.97 -1.63
C GLY A 101 12.15 3.85 -1.90
N GLY A 102 12.61 3.74 -3.14
CA GLY A 102 13.56 2.69 -3.49
C GLY A 102 13.32 2.08 -4.86
N GLU A 103 14.02 0.99 -5.16
CA GLU A 103 13.87 0.30 -6.44
C GLU A 103 12.55 -0.48 -6.55
N ARG A 104 11.94 -0.81 -5.41
CA ARG A 104 10.71 -1.61 -5.39
C ARG A 104 9.55 -0.94 -6.15
N VAL A 105 9.07 0.20 -5.66
CA VAL A 105 8.00 0.91 -6.33
C VAL A 105 8.50 1.53 -7.62
N ARG A 106 9.83 1.68 -7.71
CA ARG A 106 10.45 2.24 -8.89
C ARG A 106 9.89 1.61 -10.15
N ALA A 107 9.60 0.31 -10.05
CA ALA A 107 9.03 -0.44 -11.17
C ALA A 107 7.52 -0.31 -11.20
N ALA A 108 6.93 -0.09 -10.02
CA ALA A 108 5.48 0.05 -9.89
C ALA A 108 4.97 1.30 -10.60
N MET A 109 5.60 2.45 -10.34
CA MET A 109 5.18 3.69 -10.96
C MET A 109 5.26 3.58 -12.48
N GLU A 110 6.32 2.95 -12.98
CA GLU A 110 6.48 2.76 -14.41
C GLU A 110 5.36 1.89 -14.95
N LYS A 111 4.86 0.99 -14.10
CA LYS A 111 3.76 0.10 -14.47
C LYS A 111 2.46 0.88 -14.59
N LEU A 112 2.22 1.79 -13.66
CA LEU A 112 1.02 2.59 -13.69
C LEU A 112 1.14 3.65 -14.77
N ALA A 113 2.37 4.01 -15.12
CA ALA A 113 2.63 5.00 -16.15
C ALA A 113 2.00 4.56 -17.47
N GLU A 114 1.87 3.24 -17.65
CA GLU A 114 1.27 2.69 -18.85
C GLU A 114 -0.26 2.73 -18.73
N THR A 115 -0.73 2.70 -17.49
CA THR A 115 -2.16 2.76 -17.20
C THR A 115 -2.49 4.11 -16.57
N GLY A 116 -1.60 5.06 -16.80
CA GLY A 116 -1.76 6.40 -16.25
C GLY A 116 -3.08 7.04 -16.61
N THR A 117 -3.90 7.28 -15.59
CA THR A 117 -5.19 7.91 -15.78
C THR A 117 -5.48 8.92 -14.67
N GLY A 118 -5.86 10.13 -15.05
CA GLY A 118 -6.16 11.16 -14.06
C GLY A 118 -4.97 11.46 -13.17
N PHE A 119 -5.25 11.71 -11.89
CA PHE A 119 -4.21 12.02 -10.92
C PHE A 119 -3.25 10.85 -10.73
N ALA A 120 -3.74 9.64 -11.01
CA ALA A 120 -2.92 8.43 -10.87
C ALA A 120 -1.64 8.52 -11.68
N ARG A 121 -1.73 9.00 -12.91
CA ARG A 121 -0.57 9.12 -13.77
C ARG A 121 0.44 10.11 -13.21
N LYS A 122 -0.03 11.32 -12.93
CA LYS A 122 0.82 12.38 -12.39
C LYS A 122 1.61 11.87 -11.18
N VAL A 123 1.11 10.82 -10.57
CA VAL A 123 1.74 10.23 -9.40
C VAL A 123 3.01 9.46 -9.76
N ALA A 124 2.87 8.47 -10.65
CA ALA A 124 4.00 7.65 -11.07
C ALA A 124 5.14 8.47 -11.66
N VAL A 125 4.81 9.31 -12.64
CA VAL A 125 5.81 10.13 -13.32
C VAL A 125 6.53 11.09 -12.38
N ASN A 126 5.77 11.76 -11.52
CA ASN A 126 6.35 12.71 -10.58
C ASN A 126 7.14 12.01 -9.49
N TYR A 127 6.63 10.89 -9.00
CA TYR A 127 7.29 10.16 -7.95
C TYR A 127 8.66 9.66 -8.38
N LEU A 128 8.82 9.52 -9.69
CA LEU A 128 10.07 9.05 -10.29
C LEU A 128 11.27 9.84 -9.76
N GLU A 129 11.05 11.11 -9.42
CA GLU A 129 12.12 11.97 -8.93
C GLU A 129 12.67 11.49 -7.58
N THR A 130 12.00 10.51 -6.99
CA THR A 130 12.43 9.97 -5.70
C THR A 130 12.50 8.44 -5.72
N HIS A 131 12.57 7.88 -6.93
CA HIS A 131 12.64 6.43 -7.10
C HIS A 131 11.39 5.75 -6.56
N MET A 21 14.68 -18.06 10.79
CA MET A 21 13.28 -18.48 10.99
C MET A 21 12.97 -18.68 12.47
N ALA A 22 13.99 -18.49 13.31
CA ALA A 22 13.82 -18.64 14.75
C ALA A 22 13.55 -17.30 15.42
N ASP A 23 14.40 -16.31 15.15
CA ASP A 23 14.25 -14.98 15.73
C ASP A 23 14.65 -13.90 14.73
N GLU A 24 13.65 -13.21 14.18
CA GLU A 24 13.90 -12.15 13.22
C GLU A 24 12.75 -11.14 13.21
N ASN A 25 11.56 -11.63 12.88
CA ASN A 25 10.37 -10.79 12.85
C ASN A 25 9.94 -10.39 14.26
N LYS A 26 10.19 -9.13 14.62
CA LYS A 26 9.84 -8.64 15.94
C LYS A 26 9.97 -7.12 16.01
N TRP A 27 10.38 -6.51 14.89
CA TRP A 27 10.56 -5.07 14.82
C TRP A 27 9.89 -4.48 13.59
N VAL A 28 9.11 -5.30 12.90
CA VAL A 28 8.42 -4.87 11.69
C VAL A 28 7.03 -4.31 12.02
N ARG A 29 6.96 -3.49 13.06
CA ARG A 29 5.70 -2.89 13.48
C ARG A 29 5.92 -1.65 14.32
N ARG A 30 7.17 -1.41 14.71
CA ARG A 30 7.49 -0.25 15.51
C ARG A 30 6.99 1.03 14.83
N ASP A 31 5.91 1.58 15.36
CA ASP A 31 5.32 2.81 14.82
C ASP A 31 4.63 2.54 13.48
N VAL A 32 3.88 1.44 13.40
CA VAL A 32 3.19 1.10 12.17
C VAL A 32 1.80 0.52 12.46
N SER A 33 0.77 1.29 12.13
CA SER A 33 -0.63 0.86 12.34
C SER A 33 -0.95 0.70 13.82
N THR A 34 -2.16 0.18 14.10
CA THR A 34 -2.61 -0.03 15.47
C THR A 34 -2.93 -1.50 15.72
N ALA A 35 -4.06 -1.98 15.22
CA ALA A 35 -4.46 -3.37 15.39
C ALA A 35 -3.41 -4.29 14.81
N LEU A 36 -2.84 -3.89 13.69
CA LEU A 36 -1.83 -4.68 13.01
C LEU A 36 -0.48 -4.49 13.70
N SER A 37 -0.39 -3.48 14.55
CA SER A 37 0.83 -3.19 15.28
C SER A 37 0.90 -3.98 16.58
N ARG A 38 -0.17 -4.71 16.89
CA ARG A 38 -0.24 -5.50 18.12
C ARG A 38 -0.01 -6.99 17.84
N MET A 39 0.29 -7.31 16.58
CA MET A 39 0.53 -8.70 16.19
C MET A 39 1.87 -8.84 15.49
N GLY A 40 2.19 -7.89 14.63
CA GLY A 40 3.45 -7.92 13.90
C GLY A 40 3.27 -8.21 12.43
N ASP A 41 4.21 -8.94 11.85
CA ASP A 41 4.16 -9.29 10.43
C ASP A 41 2.94 -10.15 10.14
N GLU A 42 2.49 -10.89 11.15
CA GLU A 42 1.31 -11.74 11.00
C GLU A 42 0.06 -10.89 10.79
N ALA A 43 0.18 -9.62 11.14
CA ALA A 43 -0.93 -8.67 11.01
C ALA A 43 -0.99 -8.10 9.60
N PHE A 44 0.08 -8.33 8.83
CA PHE A 44 0.15 -7.84 7.46
C PHE A 44 -0.99 -8.38 6.60
N GLU A 45 -1.18 -9.69 6.63
CA GLU A 45 -2.24 -10.30 5.83
C GLU A 45 -3.61 -9.71 6.20
N PRO A 46 -4.05 -9.78 7.48
CA PRO A 46 -5.33 -9.21 7.90
C PRO A 46 -5.49 -7.79 7.40
N LEU A 47 -4.35 -7.14 7.21
CA LEU A 47 -4.33 -5.77 6.72
C LEU A 47 -4.67 -5.77 5.23
N LEU A 48 -4.11 -6.74 4.52
CA LEU A 48 -4.35 -6.91 3.09
C LEU A 48 -5.73 -7.54 2.88
N GLU A 49 -6.24 -8.15 3.95
CA GLU A 49 -7.54 -8.80 3.91
C GLU A 49 -8.66 -7.76 3.80
N SER A 50 -8.43 -6.60 4.40
CA SER A 50 -9.41 -5.52 4.40
C SER A 50 -9.62 -4.98 2.98
N LEU A 51 -8.59 -5.11 2.14
CA LEU A 51 -8.66 -4.63 0.78
C LEU A 51 -9.68 -5.44 -0.04
N SER A 52 -10.15 -6.54 0.56
CA SER A 52 -11.13 -7.41 -0.09
C SER A 52 -12.56 -7.02 0.29
N ASN A 53 -12.72 -5.81 0.84
CA ASN A 53 -14.03 -5.33 1.25
C ASN A 53 -14.61 -4.38 0.21
N GLU A 54 -15.91 -4.52 -0.04
CA GLU A 54 -16.60 -3.66 -1.00
C GLU A 54 -16.61 -2.22 -0.52
N ASP A 55 -16.35 -2.04 0.77
CA ASP A 55 -16.32 -0.71 1.38
C ASP A 55 -15.02 0.00 1.06
N TRP A 56 -15.12 1.22 0.54
CA TRP A 56 -13.93 2.01 0.20
C TRP A 56 -13.38 2.72 1.43
N ARG A 57 -14.25 3.01 2.38
CA ARG A 57 -13.85 3.69 3.61
C ARG A 57 -12.85 2.84 4.40
N ILE A 58 -13.18 1.56 4.57
CA ILE A 58 -12.31 0.65 5.31
C ILE A 58 -11.08 0.28 4.49
N ARG A 59 -11.29 -0.01 3.21
CA ARG A 59 -10.19 -0.37 2.33
C ARG A 59 -9.16 0.75 2.23
N GLY A 60 -9.62 1.98 2.45
CA GLY A 60 -8.73 3.13 2.40
C GLY A 60 -7.59 3.02 3.40
N ALA A 61 -7.94 2.91 4.67
CA ALA A 61 -6.94 2.80 5.74
C ALA A 61 -5.95 1.67 5.47
N ALA A 62 -6.46 0.53 5.01
CA ALA A 62 -5.61 -0.62 4.72
C ALA A 62 -4.52 -0.26 3.73
N ALA A 63 -4.94 0.26 2.57
CA ALA A 63 -3.99 0.66 1.53
C ALA A 63 -3.06 1.76 2.02
N TRP A 64 -3.58 2.60 2.91
CA TRP A 64 -2.83 3.73 3.46
C TRP A 64 -1.69 3.29 4.38
N ILE A 65 -1.90 2.21 5.14
CA ILE A 65 -0.90 1.72 6.07
C ILE A 65 -0.09 0.56 5.48
N ILE A 66 -0.65 -0.08 4.46
CA ILE A 66 0.01 -1.22 3.84
C ILE A 66 1.40 -0.87 3.32
N GLY A 67 1.56 0.35 2.81
CA GLY A 67 2.84 0.77 2.27
C GLY A 67 3.85 1.12 3.35
N ASN A 68 3.39 1.26 4.59
CA ASN A 68 4.27 1.61 5.70
C ASN A 68 5.23 0.47 6.04
N PHE A 69 4.89 -0.75 5.64
CA PHE A 69 5.74 -1.90 5.92
C PHE A 69 6.84 -2.04 4.87
N GLN A 70 6.50 -1.72 3.62
CA GLN A 70 7.45 -1.79 2.50
C GLN A 70 7.81 -3.23 2.19
N ASP A 71 6.79 -4.04 1.92
CA ASP A 71 6.98 -5.45 1.60
C ASP A 71 6.26 -5.81 0.31
N GLU A 72 6.34 -7.09 -0.07
CA GLU A 72 5.71 -7.57 -1.29
C GLU A 72 4.18 -7.42 -1.20
N ARG A 73 3.63 -7.68 -0.02
CA ARG A 73 2.20 -7.57 0.19
C ARG A 73 1.72 -6.12 0.05
N ALA A 74 2.68 -5.20 0.01
CA ALA A 74 2.37 -3.77 -0.12
C ALA A 74 2.68 -3.27 -1.52
N VAL A 75 3.02 -4.20 -2.40
CA VAL A 75 3.37 -3.85 -3.77
C VAL A 75 2.16 -3.87 -4.71
N GLU A 76 1.51 -5.02 -4.82
CA GLU A 76 0.36 -5.16 -5.71
C GLU A 76 -0.79 -4.21 -5.34
N PRO A 77 -1.19 -4.16 -4.06
CA PRO A 77 -2.29 -3.28 -3.62
C PRO A 77 -2.22 -1.89 -4.25
N LEU A 78 -1.07 -1.25 -4.12
CA LEU A 78 -0.88 0.08 -4.66
C LEU A 78 -1.09 0.13 -6.17
N ILE A 79 -0.70 -0.95 -6.85
CA ILE A 79 -0.84 -1.02 -8.31
C ILE A 79 -2.29 -0.95 -8.75
N LYS A 80 -3.10 -1.91 -8.30
CA LYS A 80 -4.52 -1.97 -8.67
C LYS A 80 -5.33 -0.86 -8.00
N LEU A 81 -4.69 -0.11 -7.12
CA LEU A 81 -5.36 0.97 -6.39
C LEU A 81 -5.30 2.31 -7.13
N LEU A 82 -4.17 2.59 -7.78
CA LEU A 82 -3.99 3.84 -8.50
C LEU A 82 -5.00 3.95 -9.63
N GLU A 83 -5.70 2.85 -9.90
CA GLU A 83 -6.69 2.82 -10.95
C GLU A 83 -8.10 2.66 -10.36
N ASP A 84 -8.17 2.33 -9.08
CA ASP A 84 -9.44 2.15 -8.39
C ASP A 84 -10.24 3.44 -8.42
N ASP A 85 -9.52 4.55 -8.42
CA ASP A 85 -10.13 5.88 -8.45
C ASP A 85 -11.23 6.02 -7.41
N SER A 86 -11.08 5.31 -6.29
CA SER A 86 -12.07 5.37 -5.22
C SER A 86 -11.82 6.56 -4.30
N GLY A 87 -10.71 7.26 -4.54
CA GLY A 87 -10.37 8.41 -3.72
C GLY A 87 -9.48 8.05 -2.55
N PHE A 88 -10.09 7.53 -1.48
CA PHE A 88 -9.35 7.12 -0.30
C PHE A 88 -8.47 5.92 -0.62
N VAL A 89 -9.04 4.96 -1.35
CA VAL A 89 -8.32 3.76 -1.75
C VAL A 89 -7.31 4.04 -2.85
N ARG A 90 -7.67 4.91 -3.79
CA ARG A 90 -6.78 5.27 -4.90
C ARG A 90 -5.62 6.14 -4.41
N SER A 91 -5.95 7.33 -3.91
CA SER A 91 -4.94 8.25 -3.41
C SER A 91 -4.01 7.57 -2.42
N GLY A 92 -4.53 6.55 -1.75
CA GLY A 92 -3.74 5.82 -0.77
C GLY A 92 -2.52 5.18 -1.40
N ALA A 93 -2.72 4.56 -2.55
CA ALA A 93 -1.61 3.92 -3.26
C ALA A 93 -0.55 4.95 -3.62
N ALA A 94 -0.99 6.08 -4.13
CA ALA A 94 -0.09 7.15 -4.53
C ALA A 94 0.68 7.66 -3.32
N ARG A 95 0.10 7.47 -2.15
CA ARG A 95 0.70 7.91 -0.90
C ARG A 95 1.72 6.88 -0.39
N SER A 96 1.38 5.61 -0.54
CA SER A 96 2.24 4.52 -0.06
C SER A 96 3.54 4.45 -0.86
N LEU A 97 3.48 4.75 -2.15
CA LEU A 97 4.67 4.69 -3.00
C LEU A 97 5.77 5.58 -2.44
N GLU A 98 5.50 6.87 -2.33
CA GLU A 98 6.47 7.82 -1.79
C GLU A 98 6.97 7.34 -0.43
N GLN A 99 6.11 6.63 0.29
CA GLN A 99 6.47 6.11 1.61
C GLN A 99 7.49 4.99 1.51
N ILE A 100 7.36 4.14 0.50
CA ILE A 100 8.28 3.04 0.30
C ILE A 100 9.60 3.52 -0.27
N GLY A 101 9.56 4.10 -1.47
CA GLY A 101 10.76 4.62 -2.11
C GLY A 101 11.81 3.55 -2.32
N GLY A 102 12.04 3.18 -3.58
CA GLY A 102 13.04 2.17 -3.90
C GLY A 102 12.85 1.56 -5.27
N GLU A 103 13.61 0.51 -5.56
CA GLU A 103 13.52 -0.17 -6.84
C GLU A 103 12.15 -0.77 -7.05
N ARG A 104 11.59 -1.34 -5.98
CA ARG A 104 10.26 -1.94 -6.04
C ARG A 104 9.23 -0.92 -6.47
N VAL A 105 9.32 0.29 -5.91
CA VAL A 105 8.40 1.36 -6.24
C VAL A 105 8.67 1.87 -7.65
N ARG A 106 9.92 1.73 -8.09
CA ARG A 106 10.32 2.19 -9.41
C ARG A 106 9.46 1.55 -10.49
N ALA A 107 9.00 0.33 -10.23
CA ALA A 107 8.17 -0.40 -11.17
C ALA A 107 6.70 -0.02 -10.99
N ALA A 108 6.38 0.53 -9.83
CA ALA A 108 5.02 0.94 -9.51
C ALA A 108 4.56 2.12 -10.38
N MET A 109 5.38 3.17 -10.42
CA MET A 109 5.04 4.35 -11.20
C MET A 109 5.18 4.07 -12.69
N GLU A 110 6.08 3.15 -13.04
CA GLU A 110 6.29 2.78 -14.43
C GLU A 110 5.09 2.02 -14.98
N LYS A 111 4.44 1.25 -14.12
CA LYS A 111 3.27 0.47 -14.53
C LYS A 111 2.02 1.35 -14.56
N LEU A 112 2.02 2.42 -13.77
CA LEU A 112 0.89 3.32 -13.72
C LEU A 112 1.02 4.37 -14.81
N ALA A 113 2.27 4.72 -15.14
CA ALA A 113 2.53 5.69 -16.19
C ALA A 113 1.92 5.26 -17.51
N GLU A 114 1.75 3.95 -17.67
CA GLU A 114 1.15 3.40 -18.88
C GLU A 114 -0.36 3.53 -18.80
N THR A 115 -0.86 3.50 -17.56
CA THR A 115 -2.28 3.62 -17.30
C THR A 115 -2.57 4.96 -16.63
N GLY A 116 -1.70 5.93 -16.87
CA GLY A 116 -1.84 7.24 -16.28
C GLY A 116 -3.24 7.78 -16.41
N THR A 117 -3.96 7.83 -15.28
CA THR A 117 -5.32 8.33 -15.27
C THR A 117 -5.61 9.14 -14.01
N GLY A 118 -6.17 10.32 -14.18
CA GLY A 118 -6.50 11.18 -13.06
C GLY A 118 -5.29 11.58 -12.25
N PHE A 119 -5.45 11.62 -10.93
CA PHE A 119 -4.38 12.02 -10.00
C PHE A 119 -3.27 10.97 -9.97
N ALA A 120 -3.61 9.73 -10.26
CA ALA A 120 -2.63 8.64 -10.24
C ALA A 120 -1.44 8.94 -11.14
N ARG A 121 -1.72 9.38 -12.37
CA ARG A 121 -0.67 9.70 -13.32
C ARG A 121 0.31 10.73 -12.78
N LYS A 122 -0.21 11.91 -12.45
CA LYS A 122 0.61 13.00 -11.90
C LYS A 122 1.56 12.50 -10.83
N VAL A 123 1.16 11.40 -10.19
CA VAL A 123 1.96 10.80 -9.14
C VAL A 123 3.16 10.06 -9.70
N ALA A 124 2.92 9.11 -10.60
CA ALA A 124 3.99 8.32 -11.21
C ALA A 124 5.07 9.21 -11.83
N VAL A 125 4.63 10.20 -12.60
CA VAL A 125 5.55 11.10 -13.29
C VAL A 125 6.36 11.97 -12.32
N ASN A 126 5.67 12.69 -11.44
CA ASN A 126 6.33 13.58 -10.49
C ASN A 126 7.23 12.81 -9.52
N TYR A 127 6.74 11.69 -9.01
CA TYR A 127 7.46 10.90 -8.04
C TYR A 127 8.78 10.39 -8.62
N LEU A 128 8.82 10.24 -9.94
CA LEU A 128 10.02 9.76 -10.64
C LEU A 128 11.23 10.65 -10.34
N GLU A 129 10.97 11.88 -9.92
CA GLU A 129 12.03 12.83 -9.62
C GLU A 129 12.68 12.54 -8.27
N THR A 130 12.25 11.45 -7.63
CA THR A 130 12.80 11.06 -6.33
C THR A 130 13.63 9.79 -6.44
N HIS A 131 12.95 8.65 -6.57
CA HIS A 131 13.64 7.37 -6.68
C HIS A 131 13.68 6.90 -8.14
N MET A 21 11.75 -17.96 18.56
CA MET A 21 11.62 -16.60 19.13
C MET A 21 12.93 -15.82 18.98
N ALA A 22 12.80 -14.52 18.72
CA ALA A 22 13.96 -13.65 18.55
C ALA A 22 14.86 -14.13 17.42
N ASP A 23 14.28 -14.91 16.51
CA ASP A 23 15.03 -15.44 15.37
C ASP A 23 14.11 -15.69 14.18
N GLU A 24 14.56 -15.30 13.00
CA GLU A 24 13.79 -15.47 11.77
C GLU A 24 12.45 -14.74 11.87
N ASN A 25 12.33 -13.87 12.86
CA ASN A 25 11.10 -13.10 13.07
C ASN A 25 11.42 -11.69 13.52
N LYS A 26 12.35 -11.57 14.48
CA LYS A 26 12.75 -10.27 15.02
C LYS A 26 11.58 -9.59 15.71
N TRP A 27 10.69 -8.98 14.93
CA TRP A 27 9.53 -8.30 15.47
C TRP A 27 8.27 -8.67 14.69
N VAL A 28 7.33 -9.32 15.36
CA VAL A 28 6.08 -9.74 14.73
C VAL A 28 4.88 -9.41 15.62
N ARG A 29 5.08 -9.48 16.94
CA ARG A 29 4.00 -9.17 17.89
C ARG A 29 4.53 -8.96 19.29
N ARG A 30 5.83 -9.09 19.46
CA ARG A 30 6.44 -8.88 20.76
C ARG A 30 6.23 -7.43 21.19
N ASP A 31 5.37 -7.23 22.19
CA ASP A 31 5.06 -5.90 22.70
C ASP A 31 4.25 -5.09 21.70
N VAL A 32 3.75 -5.75 20.67
CA VAL A 32 2.96 -5.08 19.63
C VAL A 32 1.49 -5.00 20.02
N SER A 33 0.83 -6.16 20.08
CA SER A 33 -0.58 -6.24 20.43
C SER A 33 -1.49 -5.75 19.30
N THR A 34 -0.97 -4.83 18.47
CA THR A 34 -1.73 -4.30 17.35
C THR A 34 -1.70 -5.25 16.16
N ALA A 35 -2.83 -5.40 15.49
CA ALA A 35 -2.94 -6.30 14.35
C ALA A 35 -2.74 -5.57 13.01
N LEU A 36 -3.69 -4.72 12.65
CA LEU A 36 -3.62 -3.99 11.38
C LEU A 36 -2.80 -2.70 11.50
N SER A 37 -2.65 -2.19 12.70
CA SER A 37 -1.91 -0.94 12.91
C SER A 37 -0.43 -1.08 12.55
N ARG A 38 0.23 -2.09 13.11
CA ARG A 38 1.66 -2.34 12.85
C ARG A 38 2.18 -3.48 13.72
N MET A 39 2.51 -4.61 13.09
CA MET A 39 3.01 -5.76 13.83
C MET A 39 4.24 -6.37 13.16
N GLY A 40 4.23 -6.41 11.82
CA GLY A 40 5.35 -6.98 11.10
C GLY A 40 4.96 -7.53 9.75
N ASP A 41 4.85 -8.84 9.67
CA ASP A 41 4.49 -9.51 8.42
C ASP A 41 3.48 -10.62 8.65
N GLU A 42 3.44 -11.15 9.87
CA GLU A 42 2.52 -12.22 10.21
C GLU A 42 1.07 -11.79 10.03
N ALA A 43 0.75 -10.56 10.45
CA ALA A 43 -0.60 -10.05 10.34
C ALA A 43 -0.71 -9.05 9.19
N PHE A 44 0.26 -9.06 8.28
CA PHE A 44 0.24 -8.18 7.13
C PHE A 44 -0.95 -8.50 6.25
N GLU A 45 -1.15 -9.79 5.97
CA GLU A 45 -2.24 -10.25 5.12
C GLU A 45 -3.57 -9.55 5.40
N PRO A 46 -4.06 -9.55 6.67
CA PRO A 46 -5.31 -8.89 7.03
C PRO A 46 -5.52 -7.60 6.25
N LEU A 47 -4.41 -6.95 5.91
CA LEU A 47 -4.43 -5.73 5.14
C LEU A 47 -4.81 -6.02 3.69
N LEU A 48 -4.02 -6.90 3.06
CA LEU A 48 -4.24 -7.30 1.68
C LEU A 48 -5.64 -7.85 1.49
N GLU A 49 -6.11 -8.61 2.48
CA GLU A 49 -7.43 -9.21 2.43
C GLU A 49 -8.52 -8.15 2.40
N SER A 50 -8.25 -6.99 2.99
CA SER A 50 -9.21 -5.89 3.03
C SER A 50 -9.50 -5.36 1.63
N LEU A 51 -8.60 -5.63 0.68
CA LEU A 51 -8.78 -5.17 -0.68
C LEU A 51 -9.92 -5.91 -1.37
N SER A 52 -10.39 -6.99 -0.73
CA SER A 52 -11.48 -7.79 -1.27
C SER A 52 -12.79 -7.47 -0.57
N ASN A 53 -12.82 -6.36 0.16
CA ASN A 53 -14.02 -5.95 0.87
C ASN A 53 -14.83 -4.97 0.04
N GLU A 54 -16.15 -5.13 0.07
CA GLU A 54 -17.05 -4.26 -0.67
C GLU A 54 -16.95 -2.82 -0.19
N ASP A 55 -16.40 -2.65 1.01
CA ASP A 55 -16.24 -1.32 1.60
C ASP A 55 -15.07 -0.58 0.97
N TRP A 56 -15.12 0.75 1.04
CA TRP A 56 -14.07 1.58 0.48
C TRP A 56 -13.28 2.28 1.59
N ARG A 57 -14.00 2.72 2.61
CA ARG A 57 -13.39 3.40 3.75
C ARG A 57 -12.37 2.49 4.44
N ILE A 58 -12.66 1.18 4.46
CA ILE A 58 -11.77 0.22 5.08
C ILE A 58 -10.63 -0.18 4.14
N ARG A 59 -10.97 -0.41 2.88
CA ARG A 59 -9.98 -0.81 1.87
C ARG A 59 -8.88 0.24 1.74
N GLY A 60 -9.26 1.51 1.64
CA GLY A 60 -8.30 2.57 1.51
C GLY A 60 -7.31 2.61 2.66
N ALA A 61 -7.84 2.72 3.89
CA ALA A 61 -7.01 2.77 5.08
C ALA A 61 -5.99 1.64 5.10
N ALA A 62 -6.38 0.49 4.56
CA ALA A 62 -5.51 -0.67 4.51
C ALA A 62 -4.26 -0.38 3.67
N ALA A 63 -4.46 0.21 2.50
CA ALA A 63 -3.36 0.55 1.61
C ALA A 63 -2.63 1.81 2.10
N TRP A 64 -3.34 2.63 2.87
CA TRP A 64 -2.75 3.86 3.41
C TRP A 64 -1.56 3.52 4.31
N ILE A 65 -1.70 2.45 5.08
CA ILE A 65 -0.65 2.00 6.00
C ILE A 65 0.17 0.86 5.40
N ILE A 66 -0.39 0.21 4.38
CA ILE A 66 0.26 -0.93 3.73
C ILE A 66 1.70 -0.60 3.32
N GLY A 67 1.92 0.58 2.75
CA GLY A 67 3.25 0.97 2.32
C GLY A 67 4.17 1.30 3.47
N ASN A 68 3.59 1.51 4.65
CA ASN A 68 4.37 1.85 5.84
C ASN A 68 5.20 0.66 6.33
N PHE A 69 4.94 -0.52 5.78
CA PHE A 69 5.66 -1.73 6.18
C PHE A 69 6.88 -1.98 5.30
N GLN A 70 6.85 -1.49 4.06
CA GLN A 70 7.96 -1.68 3.13
C GLN A 70 8.18 -3.16 2.83
N ASP A 71 7.10 -3.84 2.45
CA ASP A 71 7.18 -5.26 2.13
C ASP A 71 6.57 -5.55 0.76
N GLU A 72 6.75 -6.78 0.28
CA GLU A 72 6.21 -7.18 -1.02
C GLU A 72 4.69 -7.10 -1.03
N ARG A 73 4.08 -7.43 0.11
CA ARG A 73 2.63 -7.39 0.25
C ARG A 73 2.12 -5.96 0.17
N ALA A 74 3.05 -5.01 0.20
CA ALA A 74 2.71 -3.59 0.15
C ALA A 74 2.92 -3.04 -1.24
N VAL A 75 3.28 -3.92 -2.16
CA VAL A 75 3.54 -3.54 -3.53
C VAL A 75 2.29 -3.65 -4.41
N GLU A 76 1.67 -4.83 -4.40
CA GLU A 76 0.48 -5.08 -5.22
C GLU A 76 -0.67 -4.13 -4.88
N PRO A 77 -1.04 -4.01 -3.58
CA PRO A 77 -2.14 -3.13 -3.16
C PRO A 77 -2.08 -1.75 -3.79
N LEU A 78 -0.86 -1.24 -3.94
CA LEU A 78 -0.65 0.08 -4.52
C LEU A 78 -1.08 0.09 -6.00
N ILE A 79 -0.74 -0.98 -6.71
CA ILE A 79 -1.06 -1.09 -8.13
C ILE A 79 -2.55 -0.85 -8.40
N LYS A 80 -3.40 -1.59 -7.71
CA LYS A 80 -4.84 -1.48 -7.88
C LYS A 80 -5.39 -0.16 -7.33
N LEU A 81 -4.88 0.25 -6.18
CA LEU A 81 -5.33 1.47 -5.50
C LEU A 81 -5.03 2.74 -6.31
N LEU A 82 -3.88 2.77 -6.97
CA LEU A 82 -3.50 3.95 -7.76
C LEU A 82 -4.54 4.21 -8.84
N GLU A 83 -5.39 3.22 -9.06
CA GLU A 83 -6.44 3.31 -10.05
C GLU A 83 -7.81 3.34 -9.36
N ASP A 84 -7.82 2.99 -8.07
CA ASP A 84 -9.05 2.99 -7.28
C ASP A 84 -9.66 4.37 -7.22
N ASP A 85 -10.59 4.63 -8.13
CA ASP A 85 -11.25 5.94 -8.21
C ASP A 85 -12.29 6.11 -7.10
N SER A 86 -12.01 5.55 -5.92
CA SER A 86 -12.93 5.66 -4.79
C SER A 86 -12.76 7.02 -4.11
N GLY A 87 -11.57 7.58 -4.23
CA GLY A 87 -11.28 8.87 -3.63
C GLY A 87 -10.03 8.84 -2.77
N PHE A 88 -10.20 8.95 -1.46
CA PHE A 88 -9.04 8.91 -0.56
C PHE A 88 -8.26 7.64 -0.82
N VAL A 89 -8.96 6.64 -1.35
CA VAL A 89 -8.36 5.36 -1.67
C VAL A 89 -7.34 5.55 -2.80
N ARG A 90 -7.74 6.27 -3.84
CA ARG A 90 -6.84 6.51 -4.97
C ARG A 90 -5.53 7.12 -4.48
N SER A 91 -5.65 8.23 -3.75
CA SER A 91 -4.48 8.93 -3.21
C SER A 91 -3.78 8.09 -2.14
N GLY A 92 -4.48 7.07 -1.64
CA GLY A 92 -3.91 6.20 -0.62
C GLY A 92 -2.56 5.64 -1.03
N ALA A 93 -2.57 4.78 -2.03
CA ALA A 93 -1.34 4.18 -2.53
C ALA A 93 -0.37 5.24 -3.02
N ALA A 94 -0.90 6.30 -3.62
CA ALA A 94 -0.07 7.39 -4.14
C ALA A 94 1.00 7.81 -3.14
N ARG A 95 0.58 8.17 -1.94
CA ARG A 95 1.53 8.59 -0.90
C ARG A 95 2.35 7.41 -0.39
N SER A 96 1.78 6.21 -0.49
CA SER A 96 2.47 5.01 -0.04
C SER A 96 3.73 4.74 -0.87
N LEU A 97 3.63 4.98 -2.18
CA LEU A 97 4.76 4.79 -3.07
C LEU A 97 5.92 5.70 -2.67
N GLU A 98 5.67 7.01 -2.71
CA GLU A 98 6.67 8.00 -2.34
C GLU A 98 7.17 7.74 -0.91
N GLN A 99 6.37 7.01 -0.14
CA GLN A 99 6.70 6.69 1.24
C GLN A 99 7.90 5.75 1.29
N ILE A 100 7.76 4.61 0.63
CA ILE A 100 8.82 3.61 0.58
C ILE A 100 10.05 4.15 -0.15
N GLY A 101 9.87 4.50 -1.42
CA GLY A 101 10.97 5.01 -2.21
C GLY A 101 12.04 3.97 -2.45
N GLY A 102 12.06 3.40 -3.66
CA GLY A 102 13.05 2.39 -3.99
C GLY A 102 12.82 1.78 -5.36
N GLU A 103 13.61 0.77 -5.69
CA GLU A 103 13.49 0.09 -6.97
C GLU A 103 12.20 -0.71 -7.06
N ARG A 104 11.80 -1.29 -5.93
CA ARG A 104 10.58 -2.07 -5.87
C ARG A 104 9.38 -1.22 -6.23
N VAL A 105 9.32 -0.02 -5.63
CA VAL A 105 8.23 0.90 -5.88
C VAL A 105 8.30 1.49 -7.29
N ARG A 106 9.51 1.50 -7.85
CA ARG A 106 9.71 2.04 -9.19
C ARG A 106 8.86 1.28 -10.21
N ALA A 107 8.70 -0.01 -9.97
CA ALA A 107 7.90 -0.85 -10.86
C ALA A 107 6.42 -0.64 -10.59
N ALA A 108 6.11 -0.16 -9.40
CA ALA A 108 4.73 0.10 -9.01
C ALA A 108 4.18 1.31 -9.76
N MET A 109 5.01 2.34 -9.88
CA MET A 109 4.62 3.54 -10.60
C MET A 109 4.58 3.27 -12.09
N GLU A 110 5.48 2.43 -12.57
CA GLU A 110 5.53 2.08 -13.99
C GLU A 110 4.22 1.43 -14.43
N LYS A 111 3.73 0.50 -13.60
CA LYS A 111 2.49 -0.20 -13.91
C LYS A 111 1.31 0.78 -13.96
N LEU A 112 1.38 1.83 -13.15
CA LEU A 112 0.32 2.82 -13.12
C LEU A 112 0.54 3.82 -14.26
N ALA A 113 1.79 3.97 -14.66
CA ALA A 113 2.15 4.87 -15.76
C ALA A 113 1.58 4.35 -17.08
N GLU A 114 1.24 3.07 -17.10
CA GLU A 114 0.68 2.44 -18.28
C GLU A 114 -0.80 2.75 -18.38
N THR A 115 -1.43 2.91 -17.21
CA THR A 115 -2.85 3.23 -17.14
C THR A 115 -3.03 4.61 -16.51
N GLY A 116 -1.96 5.41 -16.59
CA GLY A 116 -1.99 6.74 -16.01
C GLY A 116 -3.13 7.59 -16.52
N THR A 117 -3.98 8.02 -15.59
CA THR A 117 -5.11 8.86 -15.93
C THR A 117 -5.37 9.87 -14.82
N GLY A 118 -5.48 11.14 -15.20
CA GLY A 118 -5.74 12.20 -14.23
C GLY A 118 -4.67 12.27 -13.14
N PHE A 119 -5.12 12.44 -11.90
CA PHE A 119 -4.21 12.52 -10.76
C PHE A 119 -3.39 11.24 -10.63
N ALA A 120 -4.03 10.11 -10.90
CA ALA A 120 -3.38 8.81 -10.81
C ALA A 120 -2.07 8.77 -11.57
N ARG A 121 -2.05 9.37 -12.75
CA ARG A 121 -0.85 9.39 -13.59
C ARG A 121 0.25 10.26 -12.98
N LYS A 122 -0.06 11.54 -12.78
CA LYS A 122 0.89 12.49 -12.22
C LYS A 122 1.59 11.91 -10.99
N VAL A 123 0.92 10.95 -10.35
CA VAL A 123 1.47 10.29 -9.18
C VAL A 123 2.71 9.48 -9.52
N ALA A 124 2.55 8.49 -10.40
CA ALA A 124 3.65 7.63 -10.82
C ALA A 124 4.80 8.45 -11.43
N VAL A 125 4.47 9.28 -12.39
CA VAL A 125 5.46 10.11 -13.08
C VAL A 125 6.23 11.01 -12.13
N ASN A 126 5.52 11.91 -11.45
CA ASN A 126 6.15 12.86 -10.53
C ASN A 126 6.93 12.15 -9.42
N TYR A 127 6.49 10.96 -9.03
CA TYR A 127 7.15 10.23 -7.97
C TYR A 127 8.60 9.94 -8.34
N LEU A 128 8.87 9.87 -9.65
CA LEU A 128 10.21 9.61 -10.14
C LEU A 128 11.20 10.68 -9.70
N GLU A 129 10.69 11.90 -9.49
CA GLU A 129 11.53 13.02 -9.05
C GLU A 129 12.33 12.65 -7.81
N THR A 130 11.82 11.70 -7.04
CA THR A 130 12.49 11.26 -5.82
C THR A 130 13.21 9.93 -6.05
N HIS A 131 12.48 8.96 -6.59
CA HIS A 131 13.04 7.64 -6.86
C HIS A 131 12.53 7.10 -8.19
N MET A 21 0.39 -23.14 7.89
CA MET A 21 1.67 -22.39 7.92
C MET A 21 2.75 -23.12 7.15
N ALA A 22 3.58 -22.36 6.45
CA ALA A 22 4.66 -22.94 5.65
C ALA A 22 6.01 -22.76 6.34
N ASP A 23 7.08 -23.05 5.61
CA ASP A 23 8.44 -22.93 6.14
C ASP A 23 8.97 -21.51 5.93
N GLU A 24 8.21 -20.71 5.19
CA GLU A 24 8.60 -19.32 4.92
C GLU A 24 8.18 -18.41 6.05
N ASN A 25 7.92 -18.99 7.22
CA ASN A 25 7.50 -18.22 8.39
C ASN A 25 8.69 -17.56 9.07
N LYS A 26 9.81 -17.48 8.35
CA LYS A 26 11.01 -16.87 8.89
C LYS A 26 11.10 -15.38 8.55
N TRP A 27 10.28 -14.95 7.60
CA TRP A 27 10.28 -13.55 7.17
C TRP A 27 9.27 -12.73 7.96
N VAL A 28 8.85 -13.26 9.11
CA VAL A 28 7.88 -12.58 9.96
C VAL A 28 8.56 -11.91 11.15
N ARG A 29 7.94 -10.84 11.64
CA ARG A 29 8.44 -10.08 12.79
C ARG A 29 9.95 -9.86 12.72
N ARG A 30 10.50 -9.88 11.51
CA ARG A 30 11.93 -9.65 11.33
C ARG A 30 12.24 -8.18 11.59
N ASP A 31 12.80 -7.90 12.77
CA ASP A 31 13.16 -6.54 13.15
C ASP A 31 11.91 -5.72 13.46
N VAL A 32 10.73 -6.27 13.13
CA VAL A 32 9.48 -5.58 13.36
C VAL A 32 8.60 -6.36 14.35
N SER A 33 7.67 -5.66 15.00
CA SER A 33 6.77 -6.30 15.96
C SER A 33 5.48 -5.49 16.13
N THR A 34 5.25 -4.55 15.22
CA THR A 34 4.05 -3.71 15.28
C THR A 34 3.62 -3.27 13.88
N ALA A 35 2.73 -4.03 13.25
CA ALA A 35 2.26 -3.67 11.91
C ALA A 35 0.95 -2.90 11.96
N LEU A 36 -0.15 -3.59 12.27
CA LEU A 36 -1.44 -2.92 12.38
C LEU A 36 -1.69 -2.45 13.81
N SER A 37 -1.88 -3.42 14.71
CA SER A 37 -2.09 -3.13 16.11
C SER A 37 -0.77 -3.13 16.86
N ARG A 38 -0.05 -4.25 16.70
CA ARG A 38 1.26 -4.46 17.33
C ARG A 38 1.70 -5.89 17.12
N MET A 39 1.93 -6.26 15.85
CA MET A 39 2.36 -7.61 15.51
C MET A 39 3.65 -7.60 14.70
N GLY A 40 3.73 -6.71 13.73
CA GLY A 40 4.92 -6.60 12.89
C GLY A 40 4.99 -7.69 11.84
N ASP A 41 4.63 -7.33 10.60
CA ASP A 41 4.65 -8.26 9.47
C ASP A 41 3.56 -9.33 9.60
N GLU A 42 3.07 -9.55 10.81
CA GLU A 42 2.02 -10.54 11.03
C GLU A 42 0.65 -9.94 10.80
N ALA A 43 0.57 -8.62 10.96
CA ALA A 43 -0.67 -7.90 10.75
C ALA A 43 -0.73 -7.33 9.34
N PHE A 44 0.23 -7.74 8.53
CA PHE A 44 0.32 -7.29 7.14
C PHE A 44 -0.89 -7.75 6.34
N GLU A 45 -1.24 -9.02 6.50
CA GLU A 45 -2.39 -9.61 5.80
C GLU A 45 -3.72 -8.95 6.20
N PRO A 46 -4.04 -8.85 7.50
CA PRO A 46 -5.28 -8.23 7.97
C PRO A 46 -5.60 -6.94 7.21
N LEU A 47 -4.57 -6.40 6.59
CA LEU A 47 -4.68 -5.20 5.78
C LEU A 47 -5.10 -5.54 4.37
N LEU A 48 -4.37 -6.46 3.76
CA LEU A 48 -4.64 -6.91 2.40
C LEU A 48 -6.05 -7.49 2.26
N GLU A 49 -6.53 -8.14 3.31
CA GLU A 49 -7.86 -8.74 3.28
C GLU A 49 -8.92 -7.67 3.08
N SER A 50 -8.63 -6.45 3.53
CA SER A 50 -9.57 -5.34 3.42
C SER A 50 -9.83 -4.98 1.95
N LEU A 51 -8.92 -5.37 1.07
CA LEU A 51 -9.07 -5.08 -0.35
C LEU A 51 -10.25 -5.87 -0.94
N SER A 52 -10.82 -6.76 -0.14
CA SER A 52 -11.96 -7.56 -0.59
C SER A 52 -13.23 -7.21 0.18
N ASN A 53 -13.25 -6.02 0.78
CA ASN A 53 -14.42 -5.58 1.54
C ASN A 53 -15.40 -4.81 0.67
N GLU A 54 -16.68 -4.88 1.02
CA GLU A 54 -17.71 -4.18 0.26
C GLU A 54 -17.54 -2.67 0.36
N ASP A 55 -16.99 -2.22 1.49
CA ASP A 55 -16.79 -0.79 1.71
C ASP A 55 -15.56 -0.29 0.94
N TRP A 56 -15.49 1.02 0.75
CA TRP A 56 -14.37 1.63 0.03
C TRP A 56 -13.50 2.46 0.96
N ARG A 57 -14.14 3.19 1.87
CA ARG A 57 -13.43 4.02 2.83
C ARG A 57 -12.46 3.18 3.67
N ILE A 58 -12.89 1.95 3.98
CA ILE A 58 -12.06 1.05 4.78
C ILE A 58 -10.94 0.46 3.94
N ARG A 59 -11.26 0.07 2.71
CA ARG A 59 -10.28 -0.51 1.81
C ARG A 59 -9.08 0.42 1.65
N GLY A 60 -9.33 1.72 1.73
CA GLY A 60 -8.27 2.69 1.60
C GLY A 60 -7.30 2.63 2.77
N ALA A 61 -7.83 2.59 3.98
CA ALA A 61 -7.02 2.53 5.19
C ALA A 61 -6.02 1.38 5.12
N ALA A 62 -6.36 0.36 4.34
CA ALA A 62 -5.49 -0.81 4.18
C ALA A 62 -4.21 -0.46 3.44
N ALA A 63 -4.35 0.07 2.23
CA ALA A 63 -3.20 0.46 1.42
C ALA A 63 -2.53 1.69 2.00
N TRP A 64 -3.27 2.41 2.85
CA TRP A 64 -2.79 3.63 3.47
C TRP A 64 -1.55 3.38 4.35
N ILE A 65 -1.61 2.35 5.18
CA ILE A 65 -0.50 2.04 6.09
C ILE A 65 0.39 0.94 5.53
N ILE A 66 -0.17 0.10 4.67
CA ILE A 66 0.58 -1.02 4.09
C ILE A 66 1.84 -0.53 3.38
N GLY A 67 1.83 0.72 2.94
CA GLY A 67 2.98 1.28 2.24
C GLY A 67 4.15 1.59 3.17
N ASN A 68 3.84 1.87 4.43
CA ASN A 68 4.87 2.18 5.41
C ASN A 68 5.85 1.02 5.57
N PHE A 69 5.42 -0.18 5.21
CA PHE A 69 6.29 -1.35 5.32
C PHE A 69 6.79 -1.77 3.94
N GLN A 70 8.07 -1.53 3.69
CA GLN A 70 8.68 -1.89 2.41
C GLN A 70 8.71 -3.40 2.21
N ASP A 71 7.55 -3.95 1.83
CA ASP A 71 7.45 -5.39 1.59
C ASP A 71 6.86 -5.66 0.22
N GLU A 72 7.18 -6.82 -0.35
CA GLU A 72 6.68 -7.20 -1.67
C GLU A 72 5.16 -7.37 -1.67
N ARG A 73 4.61 -7.74 -0.53
CA ARG A 73 3.17 -7.94 -0.40
C ARG A 73 2.41 -6.61 -0.50
N ALA A 74 3.14 -5.50 -0.43
CA ALA A 74 2.52 -4.18 -0.50
C ALA A 74 2.74 -3.51 -1.86
N VAL A 75 3.02 -4.31 -2.89
CA VAL A 75 3.24 -3.74 -4.21
C VAL A 75 1.95 -3.68 -5.02
N GLU A 76 1.30 -4.83 -5.23
CA GLU A 76 0.06 -4.88 -6.00
C GLU A 76 -1.06 -4.02 -5.38
N PRO A 77 -1.33 -4.17 -4.07
CA PRO A 77 -2.38 -3.40 -3.38
C PRO A 77 -2.43 -1.95 -3.82
N LEU A 78 -1.28 -1.29 -3.77
CA LEU A 78 -1.21 0.12 -4.17
C LEU A 78 -1.55 0.28 -5.65
N ILE A 79 -0.97 -0.56 -6.48
CA ILE A 79 -1.19 -0.51 -7.92
C ILE A 79 -2.67 -0.63 -8.30
N LYS A 80 -3.31 -1.71 -7.86
CA LYS A 80 -4.70 -1.96 -8.19
C LYS A 80 -5.66 -0.99 -7.49
N LEU A 81 -5.18 -0.31 -6.46
CA LEU A 81 -6.04 0.60 -5.70
C LEU A 81 -6.03 2.04 -6.23
N LEU A 82 -4.86 2.54 -6.62
CA LEU A 82 -4.74 3.91 -7.12
C LEU A 82 -5.51 4.10 -8.42
N GLU A 83 -5.98 3.00 -9.00
CA GLU A 83 -6.73 3.04 -10.24
C GLU A 83 -8.23 2.98 -10.00
N ASP A 84 -8.62 2.66 -8.77
CA ASP A 84 -10.03 2.54 -8.41
C ASP A 84 -10.75 3.87 -8.57
N ASP A 85 -10.01 4.94 -8.37
CA ASP A 85 -10.54 6.29 -8.46
C ASP A 85 -11.62 6.54 -7.41
N SER A 86 -11.57 5.77 -6.32
CA SER A 86 -12.54 5.91 -5.25
C SER A 86 -12.12 7.04 -4.30
N GLY A 87 -11.01 7.69 -4.61
CA GLY A 87 -10.52 8.78 -3.80
C GLY A 87 -9.67 8.30 -2.64
N PHE A 88 -10.30 8.12 -1.48
CA PHE A 88 -9.58 7.64 -0.29
C PHE A 88 -8.76 6.42 -0.63
N VAL A 89 -9.37 5.51 -1.37
CA VAL A 89 -8.74 4.26 -1.77
C VAL A 89 -7.53 4.49 -2.67
N ARG A 90 -7.66 5.38 -3.66
CA ARG A 90 -6.56 5.66 -4.59
C ARG A 90 -5.53 6.58 -3.96
N SER A 91 -5.93 7.34 -2.96
CA SER A 91 -5.02 8.26 -2.29
C SER A 91 -3.94 7.50 -1.53
N GLY A 92 -4.36 6.56 -0.70
CA GLY A 92 -3.41 5.77 0.06
C GLY A 92 -2.35 5.13 -0.83
N ALA A 93 -2.81 4.52 -1.91
CA ALA A 93 -1.90 3.88 -2.87
C ALA A 93 -0.87 4.89 -3.39
N ALA A 94 -1.33 6.11 -3.62
CA ALA A 94 -0.46 7.16 -4.13
C ALA A 94 0.67 7.49 -3.15
N ARG A 95 0.29 7.79 -1.90
CA ARG A 95 1.27 8.13 -0.87
C ARG A 95 2.10 6.93 -0.42
N SER A 96 1.54 5.74 -0.53
CA SER A 96 2.24 4.52 -0.12
C SER A 96 3.50 4.29 -0.95
N LEU A 97 3.42 4.56 -2.25
CA LEU A 97 4.56 4.37 -3.13
C LEU A 97 5.70 5.29 -2.70
N GLU A 98 5.45 6.60 -2.71
CA GLU A 98 6.46 7.57 -2.30
C GLU A 98 6.97 7.24 -0.90
N GLN A 99 6.11 6.56 -0.13
CA GLN A 99 6.45 6.17 1.23
C GLN A 99 7.52 5.08 1.21
N ILE A 100 7.34 4.09 0.32
CA ILE A 100 8.29 3.00 0.18
C ILE A 100 9.64 3.52 -0.32
N GLY A 101 9.63 4.11 -1.51
CA GLY A 101 10.86 4.66 -2.08
C GLY A 101 11.91 3.59 -2.34
N GLY A 102 12.37 3.51 -3.58
CA GLY A 102 13.39 2.54 -3.92
C GLY A 102 13.30 2.09 -5.37
N GLU A 103 14.36 1.44 -5.85
CA GLU A 103 14.41 0.95 -7.21
C GLU A 103 13.26 -0.01 -7.49
N ARG A 104 12.71 -0.59 -6.43
CA ARG A 104 11.61 -1.53 -6.56
C ARG A 104 10.31 -0.81 -6.90
N VAL A 105 10.12 0.39 -6.32
CA VAL A 105 8.92 1.16 -6.60
C VAL A 105 8.97 1.70 -8.02
N ARG A 106 10.18 1.92 -8.53
CA ARG A 106 10.38 2.42 -9.88
C ARG A 106 9.59 1.58 -10.87
N ALA A 107 9.41 0.31 -10.54
CA ALA A 107 8.65 -0.61 -11.39
C ALA A 107 7.17 -0.49 -11.10
N ALA A 108 6.84 -0.18 -9.85
CA ALA A 108 5.46 -0.03 -9.43
C ALA A 108 4.81 1.16 -10.14
N MET A 109 5.41 2.33 -10.01
CA MET A 109 4.89 3.53 -10.65
C MET A 109 4.95 3.39 -12.17
N GLU A 110 5.87 2.55 -12.64
CA GLU A 110 6.01 2.33 -14.08
C GLU A 110 4.80 1.58 -14.61
N LYS A 111 4.21 0.74 -13.75
CA LYS A 111 3.04 -0.03 -14.12
C LYS A 111 1.82 0.88 -14.22
N LEU A 112 1.74 1.88 -13.33
CA LEU A 112 0.63 2.81 -13.34
C LEU A 112 0.88 3.90 -14.37
N ALA A 113 2.15 4.16 -14.65
CA ALA A 113 2.54 5.16 -15.63
C ALA A 113 1.99 4.80 -17.00
N GLU A 114 1.78 3.50 -17.20
CA GLU A 114 1.25 2.99 -18.46
C GLU A 114 -0.27 3.17 -18.49
N THR A 115 -0.86 3.20 -17.30
CA THR A 115 -2.30 3.39 -17.15
C THR A 115 -2.57 4.76 -16.54
N GLY A 116 -1.56 5.63 -16.64
CA GLY A 116 -1.67 6.97 -16.09
C GLY A 116 -2.90 7.71 -16.57
N THR A 117 -3.83 7.95 -15.66
CA THR A 117 -5.06 8.66 -15.98
C THR A 117 -5.47 9.56 -14.82
N GLY A 118 -5.78 10.82 -15.15
CA GLY A 118 -6.18 11.77 -14.13
C GLY A 118 -5.10 12.03 -13.11
N PHE A 119 -5.44 11.87 -11.83
CA PHE A 119 -4.51 12.10 -10.74
C PHE A 119 -3.58 10.88 -10.56
N ALA A 120 -4.10 9.71 -10.88
CA ALA A 120 -3.35 8.47 -10.76
C ALA A 120 -1.98 8.56 -11.43
N ARG A 121 -1.92 9.29 -12.54
CA ARG A 121 -0.68 9.45 -13.28
C ARG A 121 0.30 10.34 -12.54
N LYS A 122 -0.12 11.57 -12.25
CA LYS A 122 0.72 12.54 -11.54
C LYS A 122 1.41 11.88 -10.34
N VAL A 123 0.83 10.79 -9.86
CA VAL A 123 1.37 10.05 -8.74
C VAL A 123 2.66 9.33 -9.11
N ALA A 124 2.58 8.47 -10.13
CA ALA A 124 3.72 7.69 -10.58
C ALA A 124 4.90 8.55 -11.05
N VAL A 125 4.62 9.45 -11.99
CA VAL A 125 5.64 10.32 -12.55
C VAL A 125 6.29 11.25 -11.53
N ASN A 126 5.48 12.05 -10.84
CA ASN A 126 5.99 13.00 -9.87
C ASN A 126 6.82 12.31 -8.79
N TYR A 127 6.48 11.07 -8.48
CA TYR A 127 7.20 10.32 -7.45
C TYR A 127 8.66 10.15 -7.84
N LEU A 128 8.91 10.04 -9.14
CA LEU A 128 10.25 9.88 -9.67
C LEU A 128 11.20 10.97 -9.18
N GLU A 129 10.62 12.03 -8.61
CA GLU A 129 11.42 13.14 -8.10
C GLU A 129 12.48 12.67 -7.12
N THR A 130 12.28 11.47 -6.56
CA THR A 130 13.23 10.90 -5.60
C THR A 130 13.95 9.69 -6.19
N HIS A 131 13.21 8.60 -6.38
CA HIS A 131 13.79 7.38 -6.94
C HIS A 131 13.29 7.13 -8.36
N MET A 21 17.83 -14.59 5.34
CA MET A 21 18.64 -15.42 6.28
C MET A 21 19.45 -14.52 7.21
N ALA A 22 20.25 -13.64 6.64
CA ALA A 22 21.08 -12.73 7.42
C ALA A 22 20.48 -11.32 7.42
N ASP A 23 20.00 -10.90 6.25
CA ASP A 23 19.40 -9.58 6.11
C ASP A 23 17.87 -9.65 6.17
N GLU A 24 17.22 -8.49 6.10
CA GLU A 24 15.76 -8.42 6.14
C GLU A 24 15.22 -9.05 7.42
N ASN A 25 16.05 -9.10 8.45
CA ASN A 25 15.66 -9.67 9.74
C ASN A 25 16.00 -8.72 10.88
N LYS A 26 15.87 -9.21 12.10
CA LYS A 26 16.17 -8.42 13.30
C LYS A 26 15.23 -7.22 13.42
N TRP A 27 14.10 -7.27 12.71
CA TRP A 27 13.13 -6.19 12.76
C TRP A 27 11.71 -6.74 12.89
N VAL A 28 11.60 -8.05 13.10
CA VAL A 28 10.30 -8.70 13.25
C VAL A 28 9.61 -8.26 14.53
N ARG A 29 10.38 -8.03 15.58
CA ARG A 29 9.82 -7.59 16.85
C ARG A 29 10.42 -6.25 17.28
N ARG A 30 11.70 -6.06 17.00
CA ARG A 30 12.37 -4.81 17.34
C ARG A 30 11.74 -3.67 16.56
N ASP A 31 11.57 -2.52 17.23
CA ASP A 31 10.99 -1.33 16.62
C ASP A 31 9.47 -1.44 16.49
N VAL A 32 8.96 -2.67 16.39
CA VAL A 32 7.52 -2.89 16.26
C VAL A 32 6.89 -3.28 17.59
N SER A 33 5.60 -3.00 17.72
CA SER A 33 4.84 -3.30 18.93
C SER A 33 3.36 -3.41 18.61
N THR A 34 2.87 -2.51 17.76
CA THR A 34 1.47 -2.51 17.36
C THR A 34 1.13 -3.78 16.58
N ALA A 35 -0.16 -4.02 16.35
CA ALA A 35 -0.59 -5.21 15.64
C ALA A 35 -0.82 -4.96 14.16
N LEU A 36 -1.83 -4.16 13.82
CA LEU A 36 -2.15 -3.88 12.42
C LEU A 36 -1.32 -2.73 11.86
N SER A 37 -1.10 -1.70 12.67
CA SER A 37 -0.33 -0.54 12.23
C SER A 37 1.04 -0.97 11.71
N ARG A 38 1.76 -1.75 12.51
CA ARG A 38 3.09 -2.23 12.13
C ARG A 38 3.41 -3.56 12.80
N MET A 39 3.55 -4.60 11.99
CA MET A 39 3.87 -5.93 12.52
C MET A 39 5.07 -6.53 11.78
N GLY A 40 5.08 -6.38 10.46
CA GLY A 40 6.18 -6.90 9.67
C GLY A 40 5.87 -8.25 9.06
N ASP A 41 5.05 -8.25 8.01
CA ASP A 41 4.69 -9.48 7.32
C ASP A 41 3.96 -10.47 8.23
N GLU A 42 3.60 -10.02 9.43
CA GLU A 42 2.89 -10.88 10.37
C GLU A 42 1.41 -10.57 10.38
N ALA A 43 1.08 -9.29 10.41
CA ALA A 43 -0.30 -8.84 10.42
C ALA A 43 -0.69 -8.26 9.06
N PHE A 44 0.19 -8.44 8.08
CA PHE A 44 -0.05 -7.93 6.74
C PHE A 44 -1.30 -8.55 6.11
N GLU A 45 -1.48 -9.86 6.28
CA GLU A 45 -2.65 -10.53 5.70
C GLU A 45 -3.95 -9.93 6.22
N PRO A 46 -4.16 -9.87 7.56
CA PRO A 46 -5.37 -9.28 8.13
C PRO A 46 -5.67 -7.93 7.49
N LEU A 47 -4.62 -7.30 7.01
CA LEU A 47 -4.69 -6.01 6.35
C LEU A 47 -5.14 -6.20 4.91
N LEU A 48 -4.66 -7.29 4.31
CA LEU A 48 -5.00 -7.64 2.93
C LEU A 48 -6.41 -8.23 2.86
N GLU A 49 -6.86 -8.79 3.98
CA GLU A 49 -8.17 -9.41 4.05
C GLU A 49 -9.27 -8.35 3.97
N SER A 50 -9.06 -7.24 4.67
CA SER A 50 -10.03 -6.14 4.69
C SER A 50 -10.15 -5.48 3.31
N LEU A 51 -9.21 -5.77 2.43
CA LEU A 51 -9.21 -5.20 1.09
C LEU A 51 -10.38 -5.72 0.26
N SER A 52 -11.09 -6.71 0.81
CA SER A 52 -12.23 -7.30 0.11
C SER A 52 -13.54 -6.93 0.80
N ASN A 53 -13.47 -6.02 1.76
CA ASN A 53 -14.65 -5.58 2.50
C ASN A 53 -15.59 -4.79 1.59
N GLU A 54 -16.89 -4.86 1.89
CA GLU A 54 -17.89 -4.15 1.10
C GLU A 54 -17.71 -2.64 1.20
N ASP A 55 -17.20 -2.17 2.34
CA ASP A 55 -16.98 -0.75 2.56
C ASP A 55 -15.73 -0.26 1.82
N TRP A 56 -15.73 1.01 1.45
CA TRP A 56 -14.59 1.59 0.74
C TRP A 56 -13.69 2.39 1.68
N ARG A 57 -14.31 3.01 2.69
CA ARG A 57 -13.56 3.80 3.67
C ARG A 57 -12.52 2.92 4.36
N ILE A 58 -12.95 1.78 4.88
CA ILE A 58 -12.06 0.86 5.56
C ILE A 58 -11.00 0.33 4.59
N ARG A 59 -11.42 0.05 3.35
CA ARG A 59 -10.52 -0.44 2.33
C ARG A 59 -9.44 0.58 2.04
N GLY A 60 -9.75 1.85 2.33
CA GLY A 60 -8.79 2.91 2.11
C GLY A 60 -7.64 2.87 3.10
N ALA A 61 -7.97 2.98 4.39
CA ALA A 61 -6.98 2.94 5.45
C ALA A 61 -5.98 1.81 5.22
N ALA A 62 -6.48 0.69 4.69
CA ALA A 62 -5.64 -0.46 4.41
C ALA A 62 -4.53 -0.07 3.44
N ALA A 63 -4.91 0.60 2.35
CA ALA A 63 -3.95 1.05 1.36
C ALA A 63 -3.04 2.11 1.94
N TRP A 64 -3.59 2.87 2.89
CA TRP A 64 -2.86 3.95 3.56
C TRP A 64 -1.75 3.40 4.44
N ILE A 65 -1.97 2.21 5.02
CA ILE A 65 -0.98 1.59 5.89
C ILE A 65 -0.16 0.53 5.16
N ILE A 66 -0.68 0.06 4.04
CA ILE A 66 -0.02 -0.97 3.25
C ILE A 66 1.36 -0.50 2.75
N GLY A 67 1.45 0.75 2.34
CA GLY A 67 2.71 1.29 1.84
C GLY A 67 3.73 1.51 2.93
N ASN A 68 3.26 1.67 4.16
CA ASN A 68 4.13 1.90 5.30
C ASN A 68 4.93 0.65 5.67
N PHE A 69 4.75 -0.42 4.89
CA PHE A 69 5.45 -1.68 5.15
C PHE A 69 6.64 -1.86 4.21
N GLN A 70 6.54 -1.27 3.01
CA GLN A 70 7.61 -1.38 2.01
C GLN A 70 7.90 -2.83 1.69
N ASP A 71 6.86 -3.65 1.76
CA ASP A 71 6.99 -5.07 1.48
C ASP A 71 6.45 -5.41 0.09
N GLU A 72 6.83 -6.59 -0.41
CA GLU A 72 6.38 -7.03 -1.72
C GLU A 72 4.86 -7.18 -1.75
N ARG A 73 4.31 -7.57 -0.61
CA ARG A 73 2.87 -7.76 -0.47
C ARG A 73 2.15 -6.41 -0.54
N ALA A 74 2.92 -5.35 -0.37
CA ALA A 74 2.38 -4.00 -0.41
C ALA A 74 2.56 -3.38 -1.78
N VAL A 75 3.25 -4.10 -2.64
CA VAL A 75 3.51 -3.63 -3.99
C VAL A 75 2.28 -3.78 -4.88
N GLU A 76 1.63 -4.94 -4.81
CA GLU A 76 0.45 -5.20 -5.62
C GLU A 76 -0.68 -4.21 -5.32
N PRO A 77 -1.04 -4.02 -4.03
CA PRO A 77 -2.12 -3.11 -3.64
C PRO A 77 -2.07 -1.78 -4.38
N LEU A 78 -0.92 -1.11 -4.33
CA LEU A 78 -0.76 0.18 -4.98
C LEU A 78 -1.11 0.10 -6.47
N ILE A 79 -0.77 -1.02 -7.11
CA ILE A 79 -1.05 -1.20 -8.53
C ILE A 79 -2.54 -1.11 -8.84
N LYS A 80 -3.32 -2.01 -8.26
CA LYS A 80 -4.76 -2.05 -8.49
C LYS A 80 -5.49 -0.87 -7.85
N LEU A 81 -4.79 -0.15 -6.99
CA LEU A 81 -5.39 0.98 -6.26
C LEU A 81 -5.27 2.31 -7.00
N LEU A 82 -4.12 2.56 -7.61
CA LEU A 82 -3.89 3.82 -8.31
C LEU A 82 -4.81 3.94 -9.50
N GLU A 83 -5.49 2.85 -9.83
CA GLU A 83 -6.42 2.83 -10.95
C GLU A 83 -7.84 2.59 -10.47
N ASP A 84 -7.97 2.20 -9.20
CA ASP A 84 -9.28 1.93 -8.61
C ASP A 84 -10.15 3.17 -8.62
N ASP A 85 -9.51 4.32 -8.47
CA ASP A 85 -10.22 5.60 -8.45
C ASP A 85 -11.23 5.63 -7.31
N SER A 86 -10.93 4.88 -6.25
CA SER A 86 -11.80 4.81 -5.09
C SER A 86 -11.64 6.03 -4.19
N GLY A 87 -10.93 7.04 -4.66
CA GLY A 87 -10.73 8.25 -3.87
C GLY A 87 -9.86 8.00 -2.66
N PHE A 88 -10.47 7.49 -1.59
CA PHE A 88 -9.74 7.20 -0.36
C PHE A 88 -8.67 6.15 -0.61
N VAL A 89 -9.08 5.06 -1.27
CA VAL A 89 -8.18 3.96 -1.58
C VAL A 89 -7.19 4.34 -2.68
N ARG A 90 -7.70 4.98 -3.73
CA ARG A 90 -6.85 5.39 -4.85
C ARG A 90 -5.74 6.33 -4.36
N SER A 91 -6.14 7.34 -3.58
CA SER A 91 -5.18 8.30 -3.04
C SER A 91 -4.24 7.63 -2.04
N GLY A 92 -4.78 6.69 -1.27
CA GLY A 92 -3.99 5.99 -0.28
C GLY A 92 -2.79 5.29 -0.88
N ALA A 93 -2.92 4.89 -2.13
CA ALA A 93 -1.84 4.20 -2.82
C ALA A 93 -0.82 5.21 -3.36
N ALA A 94 -1.33 6.33 -3.88
CA ALA A 94 -0.47 7.38 -4.44
C ALA A 94 0.64 7.76 -3.48
N ARG A 95 0.29 7.94 -2.21
CA ARG A 95 1.25 8.32 -1.18
C ARG A 95 2.18 7.17 -0.83
N SER A 96 1.72 5.94 -1.05
CA SER A 96 2.51 4.75 -0.74
C SER A 96 3.73 4.63 -1.66
N LEU A 97 3.57 5.04 -2.92
CA LEU A 97 4.66 4.97 -3.88
C LEU A 97 5.88 5.73 -3.36
N GLU A 98 5.70 7.02 -3.11
CA GLU A 98 6.78 7.86 -2.60
C GLU A 98 7.20 7.41 -1.21
N GLN A 99 6.29 6.77 -0.49
CA GLN A 99 6.57 6.28 0.86
C GLN A 99 7.71 5.25 0.85
N ILE A 100 7.65 4.33 -0.11
CA ILE A 100 8.67 3.29 -0.22
C ILE A 100 10.00 3.86 -0.67
N GLY A 101 10.01 4.45 -1.86
CA GLY A 101 11.24 5.04 -2.39
C GLY A 101 12.31 4.00 -2.69
N GLY A 102 12.55 3.77 -3.97
CA GLY A 102 13.56 2.79 -4.37
C GLY A 102 13.27 2.18 -5.72
N GLU A 103 14.09 1.22 -6.12
CA GLU A 103 13.92 0.54 -7.41
C GLU A 103 12.72 -0.39 -7.37
N ARG A 104 12.43 -0.95 -6.21
CA ARG A 104 11.31 -1.86 -6.04
C ARG A 104 9.99 -1.16 -6.36
N VAL A 105 9.76 -0.04 -5.70
CA VAL A 105 8.54 0.74 -5.92
C VAL A 105 8.56 1.41 -7.29
N ARG A 106 9.77 1.62 -7.80
CA ARG A 106 9.95 2.25 -9.10
C ARG A 106 9.22 1.49 -10.20
N ALA A 107 9.04 0.19 -9.99
CA ALA A 107 8.34 -0.65 -10.95
C ALA A 107 6.83 -0.46 -10.86
N ALA A 108 6.38 -0.08 -9.67
CA ALA A 108 4.95 0.15 -9.43
C ALA A 108 4.47 1.41 -10.14
N MET A 109 5.22 2.50 -10.00
CA MET A 109 4.85 3.76 -10.63
C MET A 109 5.04 3.67 -12.14
N GLU A 110 6.05 2.91 -12.56
CA GLU A 110 6.33 2.75 -13.98
C GLU A 110 5.16 2.08 -14.70
N LYS A 111 4.57 1.09 -14.05
CA LYS A 111 3.44 0.37 -14.61
C LYS A 111 2.19 1.25 -14.62
N LEU A 112 2.15 2.23 -13.72
CA LEU A 112 1.01 3.13 -13.65
C LEU A 112 1.19 4.26 -14.65
N ALA A 113 2.44 4.62 -14.93
CA ALA A 113 2.75 5.68 -15.88
C ALA A 113 2.23 5.31 -17.27
N GLU A 114 2.12 4.02 -17.52
CA GLU A 114 1.64 3.52 -18.80
C GLU A 114 0.11 3.59 -18.87
N THR A 115 -0.51 3.54 -17.70
CA THR A 115 -1.96 3.62 -17.59
C THR A 115 -2.34 4.87 -16.81
N GLY A 116 -1.42 5.82 -16.79
CA GLY A 116 -1.62 7.06 -16.07
C GLY A 116 -2.87 7.80 -16.49
N THR A 117 -3.76 8.00 -15.53
CA THR A 117 -5.00 8.72 -15.78
C THR A 117 -5.32 9.63 -14.59
N GLY A 118 -5.62 10.89 -14.90
CA GLY A 118 -5.94 11.85 -13.85
C GLY A 118 -4.79 12.06 -12.88
N PHE A 119 -5.13 12.25 -11.60
CA PHE A 119 -4.13 12.46 -10.56
C PHE A 119 -3.23 11.25 -10.38
N ALA A 120 -3.78 10.06 -10.65
CA ALA A 120 -3.03 8.82 -10.50
C ALA A 120 -1.71 8.84 -11.28
N ARG A 121 -1.71 9.50 -12.43
CA ARG A 121 -0.52 9.59 -13.27
C ARG A 121 0.55 10.47 -12.65
N LYS A 122 0.22 11.73 -12.40
CA LYS A 122 1.15 12.69 -11.80
C LYS A 122 1.88 12.07 -10.61
N VAL A 123 1.24 11.09 -9.99
CA VAL A 123 1.80 10.41 -8.84
C VAL A 123 3.04 9.58 -9.19
N ALA A 124 2.94 8.79 -10.25
CA ALA A 124 4.04 7.92 -10.67
C ALA A 124 5.25 8.72 -11.13
N VAL A 125 5.02 9.54 -12.15
CA VAL A 125 6.06 10.36 -12.76
C VAL A 125 6.74 11.33 -11.80
N ASN A 126 5.97 12.27 -11.26
CA ASN A 126 6.53 13.28 -10.35
C ASN A 126 7.26 12.64 -9.16
N TYR A 127 6.89 11.42 -8.80
CA TYR A 127 7.53 10.74 -7.69
C TYR A 127 9.03 10.59 -7.97
N LEU A 128 9.36 10.37 -9.24
CA LEU A 128 10.74 10.21 -9.67
C LEU A 128 11.63 11.36 -9.20
N GLU A 129 11.01 12.51 -8.92
CA GLU A 129 11.74 13.67 -8.46
C GLU A 129 12.41 13.43 -7.10
N THR A 130 12.13 12.27 -6.50
CA THR A 130 12.70 11.92 -5.20
C THR A 130 13.57 10.69 -5.31
N HIS A 131 13.06 9.64 -5.97
CA HIS A 131 13.80 8.40 -6.14
C HIS A 131 13.70 7.92 -7.58
N MET A 21 -1.21 -22.17 7.49
CA MET A 21 -1.60 -23.55 7.13
C MET A 21 -0.54 -24.55 7.57
N ALA A 22 -0.87 -25.36 8.58
CA ALA A 22 0.04 -26.37 9.10
C ALA A 22 1.33 -25.73 9.64
N ASP A 23 2.27 -25.47 8.74
CA ASP A 23 3.55 -24.87 9.12
C ASP A 23 3.65 -23.44 8.60
N GLU A 24 4.81 -22.82 8.79
CA GLU A 24 5.06 -21.45 8.34
C GLU A 24 4.11 -20.48 9.03
N ASN A 25 2.90 -20.34 8.48
CA ASN A 25 1.91 -19.42 9.05
C ASN A 25 1.23 -20.04 10.26
N LYS A 26 1.71 -19.67 11.45
CA LYS A 26 1.16 -20.19 12.70
C LYS A 26 1.47 -19.26 13.86
N TRP A 27 2.53 -18.47 13.70
CA TRP A 27 2.96 -17.53 14.74
C TRP A 27 2.25 -16.18 14.56
N VAL A 28 1.17 -16.20 13.77
CA VAL A 28 0.40 -14.99 13.51
C VAL A 28 -0.82 -14.89 14.43
N ARG A 29 -1.08 -15.98 15.16
CA ARG A 29 -2.22 -16.00 16.07
C ARG A 29 -1.83 -16.45 17.47
N ARG A 30 -0.54 -16.46 17.77
CA ARG A 30 -0.12 -16.83 19.11
C ARG A 30 -0.69 -15.80 20.07
N ASP A 31 -1.74 -16.18 20.78
CA ASP A 31 -2.42 -15.26 21.69
C ASP A 31 -3.03 -14.14 20.87
N VAL A 32 -3.44 -14.48 19.64
CA VAL A 32 -4.04 -13.53 18.70
C VAL A 32 -5.00 -12.60 19.42
N SER A 33 -5.03 -11.35 18.98
CA SER A 33 -5.88 -10.35 19.59
C SER A 33 -5.77 -9.02 18.85
N THR A 34 -4.78 -8.21 19.21
CA THR A 34 -4.57 -6.92 18.58
C THR A 34 -3.48 -7.04 17.52
N ALA A 35 -3.88 -7.11 16.26
CA ALA A 35 -2.93 -7.26 15.17
C ALA A 35 -2.43 -5.92 14.63
N LEU A 36 -3.31 -5.16 14.00
CA LEU A 36 -2.94 -3.87 13.43
C LEU A 36 -2.42 -2.90 14.49
N SER A 37 -2.65 -3.24 15.76
CA SER A 37 -2.21 -2.39 16.86
C SER A 37 -0.68 -2.37 16.94
N ARG A 38 -0.08 -3.56 16.95
CA ARG A 38 1.38 -3.68 17.03
C ARG A 38 1.83 -5.11 16.80
N MET A 39 2.15 -5.44 15.55
CA MET A 39 2.60 -6.78 15.20
C MET A 39 3.84 -6.74 14.31
N GLY A 40 3.82 -5.83 13.33
CA GLY A 40 4.93 -5.70 12.41
C GLY A 40 4.81 -6.62 11.21
N ASP A 41 4.24 -7.80 11.43
CA ASP A 41 4.07 -8.78 10.35
C ASP A 41 2.72 -9.49 10.48
N GLU A 42 2.35 -9.82 11.70
CA GLU A 42 1.09 -10.50 11.96
C GLU A 42 -0.09 -9.59 11.67
N ALA A 43 0.20 -8.32 11.38
CA ALA A 43 -0.83 -7.35 11.08
C ALA A 43 -0.89 -7.04 9.59
N PHE A 44 0.11 -7.52 8.85
CA PHE A 44 0.16 -7.30 7.42
C PHE A 44 -1.04 -7.95 6.73
N GLU A 45 -1.30 -9.21 7.07
CA GLU A 45 -2.43 -9.94 6.49
C GLU A 45 -3.76 -9.29 6.87
N PRO A 46 -4.06 -9.10 8.19
CA PRO A 46 -5.31 -8.48 8.62
C PRO A 46 -5.53 -7.17 7.87
N LEU A 47 -4.43 -6.64 7.36
CA LEU A 47 -4.41 -5.41 6.62
C LEU A 47 -4.71 -5.69 5.14
N LEU A 48 -4.16 -6.80 4.66
CA LEU A 48 -4.36 -7.23 3.28
C LEU A 48 -5.77 -7.78 3.08
N GLU A 49 -6.38 -8.21 4.18
CA GLU A 49 -7.72 -8.76 4.13
C GLU A 49 -8.75 -7.68 3.81
N SER A 50 -8.50 -6.47 4.31
CA SER A 50 -9.39 -5.34 4.09
C SER A 50 -9.48 -4.98 2.61
N LEU A 51 -8.44 -5.32 1.86
CA LEU A 51 -8.40 -5.02 0.43
C LEU A 51 -9.45 -5.83 -0.33
N SER A 52 -9.96 -6.87 0.31
CA SER A 52 -10.97 -7.73 -0.31
C SER A 52 -12.36 -7.37 0.20
N ASN A 53 -12.46 -6.23 0.88
CA ASN A 53 -13.73 -5.77 1.42
C ASN A 53 -14.52 -4.99 0.37
N GLU A 54 -15.85 -5.15 0.40
CA GLU A 54 -16.72 -4.47 -0.54
C GLU A 54 -16.72 -2.96 -0.30
N ASP A 55 -16.50 -2.57 0.96
CA ASP A 55 -16.48 -1.16 1.33
C ASP A 55 -15.18 -0.49 0.88
N TRP A 56 -15.28 0.77 0.47
CA TRP A 56 -14.11 1.52 0.02
C TRP A 56 -13.44 2.23 1.20
N ARG A 57 -14.24 2.63 2.18
CA ARG A 57 -13.73 3.31 3.36
C ARG A 57 -12.71 2.44 4.08
N ILE A 58 -12.94 1.12 4.07
CA ILE A 58 -12.05 0.18 4.73
C ILE A 58 -10.85 -0.18 3.84
N ARG A 59 -11.14 -0.48 2.58
CA ARG A 59 -10.09 -0.85 1.63
C ARG A 59 -9.03 0.24 1.50
N GLY A 60 -9.47 1.49 1.44
CA GLY A 60 -8.54 2.60 1.32
C GLY A 60 -7.49 2.61 2.41
N ALA A 61 -7.93 2.79 3.65
CA ALA A 61 -7.04 2.82 4.80
C ALA A 61 -6.01 1.68 4.75
N ALA A 62 -6.38 0.59 4.09
CA ALA A 62 -5.48 -0.55 3.97
C ALA A 62 -4.23 -0.17 3.19
N ALA A 63 -4.43 0.32 1.97
CA ALA A 63 -3.32 0.73 1.12
C ALA A 63 -2.56 1.89 1.76
N TRP A 64 -3.26 2.65 2.61
CA TRP A 64 -2.69 3.80 3.29
C TRP A 64 -1.52 3.41 4.19
N ILE A 65 -1.69 2.34 4.96
CA ILE A 65 -0.64 1.88 5.88
C ILE A 65 0.17 0.73 5.29
N ILE A 66 -0.37 0.07 4.28
CA ILE A 66 0.29 -1.07 3.65
C ILE A 66 1.69 -0.72 3.14
N GLY A 67 1.86 0.50 2.66
CA GLY A 67 3.15 0.90 2.13
C GLY A 67 4.18 1.19 3.20
N ASN A 68 3.71 1.40 4.42
CA ASN A 68 4.59 1.70 5.55
C ASN A 68 5.40 0.47 5.99
N PHE A 69 5.24 -0.65 5.29
CA PHE A 69 5.95 -1.88 5.64
C PHE A 69 7.08 -2.19 4.64
N GLN A 70 7.02 -1.60 3.45
CA GLN A 70 8.03 -1.83 2.43
C GLN A 70 8.16 -3.32 2.11
N ASP A 71 7.04 -3.93 1.72
CA ASP A 71 7.04 -5.36 1.39
C ASP A 71 6.43 -5.60 0.02
N GLU A 72 6.71 -6.76 -0.56
CA GLU A 72 6.19 -7.12 -1.87
C GLU A 72 4.66 -7.27 -1.83
N ARG A 73 4.16 -7.69 -0.67
CA ARG A 73 2.73 -7.88 -0.46
C ARG A 73 2.00 -6.54 -0.45
N ALA A 74 2.78 -5.45 -0.41
CA ALA A 74 2.22 -4.11 -0.38
C ALA A 74 2.42 -3.41 -1.72
N VAL A 75 2.99 -4.13 -2.67
CA VAL A 75 3.25 -3.59 -3.99
C VAL A 75 2.03 -3.65 -4.90
N GLU A 76 1.47 -4.84 -5.07
CA GLU A 76 0.29 -5.01 -5.92
C GLU A 76 -0.88 -4.15 -5.44
N PRO A 77 -1.23 -4.19 -4.14
CA PRO A 77 -2.33 -3.39 -3.58
C PRO A 77 -2.36 -1.97 -4.12
N LEU A 78 -1.19 -1.42 -4.40
CA LEU A 78 -1.09 -0.07 -4.92
C LEU A 78 -1.54 -0.01 -6.37
N ILE A 79 -0.96 -0.88 -7.20
CA ILE A 79 -1.28 -0.92 -8.62
C ILE A 79 -2.80 -0.97 -8.86
N LYS A 80 -3.47 -1.90 -8.18
CA LYS A 80 -4.90 -2.07 -8.33
C LYS A 80 -5.71 -0.90 -7.74
N LEU A 81 -5.22 -0.30 -6.66
CA LEU A 81 -5.94 0.79 -6.01
C LEU A 81 -5.59 2.17 -6.56
N LEU A 82 -4.53 2.27 -7.36
CA LEU A 82 -4.13 3.55 -7.93
C LEU A 82 -5.09 3.99 -9.02
N GLU A 83 -5.93 3.06 -9.48
CA GLU A 83 -6.90 3.35 -10.52
C GLU A 83 -8.32 3.20 -10.00
N ASP A 84 -8.47 3.06 -8.68
CA ASP A 84 -9.77 2.92 -8.06
C ASP A 84 -10.63 4.14 -8.31
N ASP A 85 -9.96 5.29 -8.40
CA ASP A 85 -10.63 6.56 -8.65
C ASP A 85 -11.77 6.82 -7.66
N SER A 86 -11.71 6.21 -6.48
CA SER A 86 -12.75 6.39 -5.48
C SER A 86 -12.47 7.63 -4.63
N GLY A 87 -11.23 8.10 -4.67
CA GLY A 87 -10.85 9.27 -3.90
C GLY A 87 -9.71 8.98 -2.95
N PHE A 88 -10.00 8.98 -1.65
CA PHE A 88 -8.97 8.70 -0.65
C PHE A 88 -8.40 7.31 -0.89
N VAL A 89 -9.21 6.44 -1.48
CA VAL A 89 -8.80 5.09 -1.79
C VAL A 89 -7.75 5.12 -2.91
N ARG A 90 -7.87 6.13 -3.77
CA ARG A 90 -6.95 6.30 -4.88
C ARG A 90 -5.63 6.92 -4.39
N SER A 91 -5.75 8.07 -3.73
CA SER A 91 -4.58 8.78 -3.21
C SER A 91 -3.88 7.95 -2.16
N GLY A 92 -4.63 7.09 -1.49
CA GLY A 92 -4.05 6.24 -0.46
C GLY A 92 -2.90 5.40 -0.97
N ALA A 93 -3.20 4.55 -1.95
CA ALA A 93 -2.18 3.69 -2.54
C ALA A 93 -1.05 4.51 -3.15
N ALA A 94 -1.38 5.72 -3.58
CA ALA A 94 -0.40 6.61 -4.20
C ALA A 94 0.73 6.95 -3.22
N ARG A 95 0.36 7.29 -1.99
CA ARG A 95 1.34 7.65 -0.96
C ARG A 95 2.28 6.49 -0.67
N SER A 96 1.76 5.27 -0.76
CA SER A 96 2.55 4.08 -0.46
C SER A 96 3.87 4.06 -1.21
N LEU A 97 3.82 4.37 -2.50
CA LEU A 97 5.03 4.39 -3.31
C LEU A 97 6.06 5.35 -2.71
N GLU A 98 5.64 6.60 -2.52
CA GLU A 98 6.50 7.62 -1.94
C GLU A 98 6.97 7.22 -0.53
N GLN A 99 6.12 6.49 0.19
CA GLN A 99 6.45 6.06 1.54
C GLN A 99 7.60 5.07 1.52
N ILE A 100 7.71 4.31 0.44
CA ILE A 100 8.77 3.33 0.29
C ILE A 100 10.00 3.94 -0.38
N GLY A 101 9.82 4.40 -1.61
CA GLY A 101 10.92 5.01 -2.34
C GLY A 101 12.05 4.05 -2.61
N GLY A 102 12.26 3.73 -3.90
CA GLY A 102 13.32 2.81 -4.26
C GLY A 102 13.12 2.20 -5.63
N GLU A 103 14.11 1.43 -6.10
CA GLU A 103 14.03 0.78 -7.40
C GLU A 103 12.88 -0.22 -7.45
N ARG A 104 12.60 -0.85 -6.31
CA ARG A 104 11.52 -1.82 -6.22
C ARG A 104 10.18 -1.17 -6.54
N VAL A 105 9.86 -0.11 -5.82
CA VAL A 105 8.62 0.62 -6.04
C VAL A 105 8.65 1.38 -7.36
N ARG A 106 9.86 1.64 -7.85
CA ARG A 106 10.04 2.35 -9.11
C ARG A 106 9.31 1.64 -10.24
N ALA A 107 9.15 0.33 -10.12
CA ALA A 107 8.45 -0.46 -11.12
C ALA A 107 6.95 -0.29 -10.97
N ALA A 108 6.51 0.00 -9.75
CA ALA A 108 5.10 0.19 -9.47
C ALA A 108 4.57 1.41 -10.20
N MET A 109 5.31 2.53 -10.12
CA MET A 109 4.89 3.75 -10.79
C MET A 109 4.97 3.58 -12.30
N GLU A 110 5.83 2.68 -12.74
CA GLU A 110 5.98 2.40 -14.17
C GLU A 110 4.73 1.71 -14.69
N LYS A 111 4.20 0.81 -13.86
CA LYS A 111 2.98 0.08 -14.21
C LYS A 111 1.77 1.00 -14.21
N LEU A 112 1.80 2.01 -13.35
CA LEU A 112 0.71 2.96 -13.27
C LEU A 112 0.88 4.07 -14.29
N ALA A 113 2.12 4.29 -14.71
CA ALA A 113 2.42 5.31 -15.71
C ALA A 113 1.77 4.98 -17.04
N GLU A 114 1.58 3.68 -17.30
CA GLU A 114 0.96 3.22 -18.54
C GLU A 114 -0.55 3.35 -18.43
N THR A 115 -1.05 3.31 -17.20
CA THR A 115 -2.47 3.44 -16.95
C THR A 115 -2.75 4.76 -16.25
N GLY A 116 -1.77 5.66 -16.33
CA GLY A 116 -1.89 6.95 -15.71
C GLY A 116 -3.11 7.71 -16.14
N THR A 117 -3.94 8.05 -15.18
CA THR A 117 -5.16 8.80 -15.44
C THR A 117 -5.41 9.86 -14.37
N GLY A 118 -5.68 11.09 -14.81
CA GLY A 118 -5.93 12.18 -13.89
C GLY A 118 -4.85 12.31 -12.83
N PHE A 119 -5.24 12.05 -11.58
CA PHE A 119 -4.30 12.14 -10.46
C PHE A 119 -3.41 10.90 -10.40
N ALA A 120 -3.96 9.76 -10.79
CA ALA A 120 -3.22 8.50 -10.77
C ALA A 120 -1.90 8.61 -11.54
N ARG A 121 -1.92 9.32 -12.67
CA ARG A 121 -0.73 9.50 -13.49
C ARG A 121 0.32 10.33 -12.77
N LYS A 122 -0.03 11.58 -12.44
CA LYS A 122 0.89 12.48 -11.75
C LYS A 122 1.53 11.79 -10.55
N VAL A 123 0.83 10.81 -10.00
CA VAL A 123 1.33 10.06 -8.86
C VAL A 123 2.64 9.34 -9.20
N ALA A 124 2.61 8.57 -10.29
CA ALA A 124 3.77 7.82 -10.73
C ALA A 124 4.93 8.73 -11.16
N VAL A 125 4.66 9.56 -12.15
CA VAL A 125 5.66 10.48 -12.70
C VAL A 125 6.32 11.34 -11.63
N ASN A 126 5.54 12.17 -10.96
CA ASN A 126 6.07 13.06 -9.93
C ASN A 126 6.82 12.30 -8.84
N TYR A 127 6.35 11.08 -8.54
CA TYR A 127 6.97 10.26 -7.51
C TYR A 127 8.41 9.94 -7.87
N LEU A 128 8.72 9.97 -9.16
CA LEU A 128 10.06 9.68 -9.65
C LEU A 128 11.10 10.61 -9.04
N GLU A 129 10.64 11.76 -8.55
CA GLU A 129 11.53 12.75 -7.97
C GLU A 129 11.59 12.64 -6.44
N THR A 130 10.95 11.60 -5.89
CA THR A 130 10.92 11.41 -4.44
C THR A 130 11.55 10.10 -4.01
N HIS A 131 11.73 9.15 -4.94
CA HIS A 131 12.33 7.86 -4.60
C HIS A 131 13.85 7.92 -4.69
N MET A 21 4.31 -25.57 13.53
CA MET A 21 5.43 -24.85 14.20
C MET A 21 6.73 -25.05 13.44
N ALA A 22 7.82 -24.55 14.00
CA ALA A 22 9.14 -24.67 13.39
C ALA A 22 9.16 -23.99 12.03
N ASP A 23 9.73 -22.79 11.98
CA ASP A 23 9.82 -22.00 10.75
C ASP A 23 8.43 -21.53 10.30
N GLU A 24 7.41 -21.94 11.04
CA GLU A 24 6.03 -21.56 10.72
C GLU A 24 5.33 -20.97 11.95
N ASN A 25 5.35 -19.64 12.05
CA ASN A 25 4.72 -18.94 13.17
C ASN A 25 5.35 -19.34 14.50
N LYS A 26 6.12 -18.43 15.07
CA LYS A 26 6.78 -18.67 16.35
C LYS A 26 6.47 -17.56 17.35
N TRP A 27 5.96 -16.44 16.83
CA TRP A 27 5.61 -15.30 17.67
C TRP A 27 4.30 -14.67 17.19
N VAL A 28 3.47 -15.48 16.55
CA VAL A 28 2.19 -15.02 16.03
C VAL A 28 1.17 -14.81 17.16
N ARG A 29 1.66 -14.84 18.40
CA ARG A 29 0.80 -14.66 19.56
C ARG A 29 1.58 -14.11 20.74
N ARG A 30 2.90 -13.96 20.57
CA ARG A 30 3.72 -13.41 21.64
C ARG A 30 3.22 -12.00 21.91
N ASP A 31 2.51 -11.83 23.03
CA ASP A 31 1.93 -10.54 23.36
C ASP A 31 0.87 -10.21 22.32
N VAL A 32 0.18 -11.25 21.84
CA VAL A 32 -0.86 -11.12 20.83
C VAL A 32 -1.76 -9.94 21.10
N SER A 33 -2.37 -9.42 20.04
CA SER A 33 -3.24 -8.27 20.16
C SER A 33 -4.19 -8.19 18.97
N THR A 34 -4.71 -6.98 18.71
CA THR A 34 -5.63 -6.78 17.59
C THR A 34 -5.03 -7.32 16.29
N ALA A 35 -5.84 -7.36 15.23
CA ALA A 35 -5.37 -7.90 13.96
C ALA A 35 -4.59 -6.88 13.13
N LEU A 36 -5.27 -5.85 12.63
CA LEU A 36 -4.64 -4.83 11.80
C LEU A 36 -3.99 -3.70 12.60
N SER A 37 -4.31 -3.61 13.90
CA SER A 37 -3.76 -2.55 14.74
C SER A 37 -2.24 -2.47 14.62
N ARG A 38 -1.56 -3.60 14.85
CA ARG A 38 -0.10 -3.66 14.76
C ARG A 38 0.44 -5.01 15.20
N MET A 39 0.70 -5.89 14.23
CA MET A 39 1.23 -7.21 14.53
C MET A 39 2.39 -7.56 13.59
N GLY A 40 2.57 -6.72 12.56
CA GLY A 40 3.64 -6.95 11.61
C GLY A 40 3.23 -7.89 10.51
N ASP A 41 3.88 -9.06 10.45
CA ASP A 41 3.59 -10.07 9.44
C ASP A 41 2.18 -10.63 9.63
N GLU A 42 1.69 -10.55 10.86
CA GLU A 42 0.37 -11.07 11.19
C GLU A 42 -0.71 -10.06 10.81
N ALA A 43 -0.34 -8.79 10.76
CA ALA A 43 -1.27 -7.72 10.43
C ALA A 43 -1.22 -7.38 8.95
N PHE A 44 -0.21 -7.89 8.25
CA PHE A 44 -0.05 -7.63 6.84
C PHE A 44 -1.22 -8.20 6.04
N GLU A 45 -1.61 -9.43 6.36
CA GLU A 45 -2.71 -10.08 5.66
C GLU A 45 -4.04 -9.33 5.87
N PRO A 46 -4.47 -9.11 7.14
CA PRO A 46 -5.73 -8.40 7.41
C PRO A 46 -5.85 -7.14 6.55
N LEU A 47 -4.70 -6.61 6.17
CA LEU A 47 -4.63 -5.43 5.33
C LEU A 47 -5.06 -5.80 3.91
N LEU A 48 -4.37 -6.79 3.35
CA LEU A 48 -4.68 -7.29 2.02
C LEU A 48 -6.08 -7.89 1.98
N GLU A 49 -6.59 -8.20 3.17
CA GLU A 49 -7.92 -8.78 3.30
C GLU A 49 -8.99 -7.68 3.27
N SER A 50 -8.63 -6.50 3.76
CA SER A 50 -9.55 -5.38 3.80
C SER A 50 -9.94 -4.93 2.39
N LEU A 51 -9.15 -5.35 1.40
CA LEU A 51 -9.42 -5.00 0.02
C LEU A 51 -10.71 -5.63 -0.47
N SER A 52 -11.14 -6.68 0.21
CA SER A 52 -12.38 -7.37 -0.15
C SER A 52 -13.56 -6.76 0.58
N ASN A 53 -13.38 -5.53 1.07
CA ASN A 53 -14.44 -4.83 1.79
C ASN A 53 -15.12 -3.80 0.90
N GLU A 54 -16.45 -3.82 0.90
CA GLU A 54 -17.24 -2.89 0.09
C GLU A 54 -17.08 -1.45 0.57
N ASP A 55 -16.48 -1.29 1.74
CA ASP A 55 -16.29 0.05 2.31
C ASP A 55 -15.00 0.68 1.80
N TRP A 56 -15.10 1.95 1.39
CA TRP A 56 -13.94 2.68 0.89
C TRP A 56 -13.09 3.18 2.04
N ARG A 57 -13.74 3.48 3.16
CA ARG A 57 -13.06 3.96 4.36
C ARG A 57 -12.13 2.89 4.93
N ILE A 58 -12.66 1.70 5.12
CA ILE A 58 -11.87 0.59 5.66
C ILE A 58 -10.78 0.16 4.69
N ARG A 59 -11.16 -0.10 3.44
CA ARG A 59 -10.20 -0.52 2.43
C ARG A 59 -9.11 0.53 2.26
N GLY A 60 -9.43 1.77 2.59
CA GLY A 60 -8.47 2.85 2.47
C GLY A 60 -7.33 2.72 3.47
N ALA A 61 -7.67 2.69 4.75
CA ALA A 61 -6.68 2.58 5.82
C ALA A 61 -5.71 1.45 5.55
N ALA A 62 -6.22 0.34 5.02
CA ALA A 62 -5.39 -0.82 4.71
C ALA A 62 -4.26 -0.45 3.77
N ALA A 63 -4.62 0.18 2.65
CA ALA A 63 -3.66 0.61 1.66
C ALA A 63 -2.75 1.70 2.21
N TRP A 64 -3.31 2.53 3.07
CA TRP A 64 -2.59 3.65 3.67
C TRP A 64 -1.47 3.19 4.60
N ILE A 65 -1.63 2.01 5.20
CA ILE A 65 -0.64 1.48 6.12
C ILE A 65 0.26 0.43 5.45
N ILE A 66 -0.29 -0.22 4.44
CA ILE A 66 0.43 -1.27 3.72
C ILE A 66 1.73 -0.74 3.10
N GLY A 67 1.73 0.53 2.73
CA GLY A 67 2.92 1.12 2.12
C GLY A 67 4.09 1.26 3.08
N ASN A 68 3.81 1.25 4.38
CA ASN A 68 4.86 1.40 5.38
C ASN A 68 5.74 0.15 5.47
N PHE A 69 5.19 -0.99 5.08
CA PHE A 69 5.93 -2.25 5.13
C PHE A 69 7.06 -2.29 4.10
N GLN A 70 6.82 -1.68 2.93
CA GLN A 70 7.82 -1.66 1.86
C GLN A 70 8.09 -3.06 1.36
N ASP A 71 7.17 -3.97 1.66
CA ASP A 71 7.29 -5.36 1.25
C ASP A 71 6.66 -5.59 -0.12
N GLU A 72 6.99 -6.71 -0.74
CA GLU A 72 6.45 -7.07 -2.05
C GLU A 72 4.93 -7.23 -2.00
N ARG A 73 4.45 -7.79 -0.90
CA ARG A 73 3.02 -8.01 -0.71
C ARG A 73 2.28 -6.67 -0.56
N ALA A 74 3.05 -5.59 -0.43
CA ALA A 74 2.49 -4.25 -0.27
C ALA A 74 2.56 -3.49 -1.58
N VAL A 75 3.14 -4.12 -2.58
CA VAL A 75 3.30 -3.51 -3.90
C VAL A 75 2.07 -3.76 -4.76
N GLU A 76 1.46 -4.93 -4.61
CA GLU A 76 0.29 -5.29 -5.39
C GLU A 76 -0.87 -4.32 -5.14
N PRO A 77 -1.21 -4.03 -3.86
CA PRO A 77 -2.29 -3.10 -3.53
C PRO A 77 -2.19 -1.80 -4.32
N LEU A 78 -1.01 -1.21 -4.29
CA LEU A 78 -0.77 0.05 -4.98
C LEU A 78 -1.05 -0.07 -6.48
N ILE A 79 -0.86 -1.26 -7.03
CA ILE A 79 -1.09 -1.48 -8.47
C ILE A 79 -2.56 -1.24 -8.85
N LYS A 80 -3.46 -2.00 -8.23
CA LYS A 80 -4.88 -1.87 -8.52
C LYS A 80 -5.45 -0.56 -8.01
N LEU A 81 -4.95 -0.13 -6.85
CA LEU A 81 -5.41 1.12 -6.22
C LEU A 81 -5.30 2.31 -7.16
N LEU A 82 -4.12 2.55 -7.70
CA LEU A 82 -3.90 3.67 -8.61
C LEU A 82 -4.88 3.63 -9.77
N GLU A 83 -5.58 2.50 -9.92
CA GLU A 83 -6.55 2.34 -10.99
C GLU A 83 -7.97 2.21 -10.43
N ASP A 84 -8.08 1.95 -9.14
CA ASP A 84 -9.38 1.79 -8.49
C ASP A 84 -10.21 3.06 -8.61
N ASP A 85 -9.54 4.17 -8.42
CA ASP A 85 -10.19 5.49 -8.49
C ASP A 85 -11.27 5.58 -7.42
N SER A 86 -11.06 4.85 -6.33
CA SER A 86 -12.03 4.84 -5.24
C SER A 86 -11.83 6.03 -4.32
N GLY A 87 -10.86 6.88 -4.66
CA GLY A 87 -10.58 8.06 -3.86
C GLY A 87 -9.66 7.76 -2.69
N PHE A 88 -10.22 7.34 -1.57
CA PHE A 88 -9.43 7.02 -0.39
C PHE A 88 -8.48 5.86 -0.69
N VAL A 89 -9.01 4.84 -1.36
CA VAL A 89 -8.22 3.67 -1.72
C VAL A 89 -7.21 3.99 -2.81
N ARG A 90 -7.62 4.79 -3.78
CA ARG A 90 -6.74 5.19 -4.88
C ARG A 90 -5.63 6.08 -4.38
N SER A 91 -6.00 7.25 -3.85
CA SER A 91 -5.03 8.21 -3.32
C SER A 91 -4.12 7.55 -2.31
N GLY A 92 -4.62 6.50 -1.66
CA GLY A 92 -3.84 5.80 -0.67
C GLY A 92 -2.54 5.28 -1.24
N ALA A 93 -2.63 4.65 -2.41
CA ALA A 93 -1.45 4.11 -3.07
C ALA A 93 -0.52 5.23 -3.52
N ALA A 94 -1.09 6.40 -3.81
CA ALA A 94 -0.31 7.54 -4.26
C ALA A 94 0.71 7.94 -3.21
N ARG A 95 0.28 7.97 -1.96
CA ARG A 95 1.16 8.34 -0.85
C ARG A 95 1.98 7.13 -0.39
N SER A 96 1.37 5.96 -0.41
CA SER A 96 2.04 4.73 0.00
C SER A 96 3.34 4.54 -0.75
N LEU A 97 3.33 4.83 -2.05
CA LEU A 97 4.52 4.70 -2.88
C LEU A 97 5.66 5.53 -2.28
N GLU A 98 5.43 6.83 -2.15
CA GLU A 98 6.42 7.73 -1.57
C GLU A 98 6.90 7.21 -0.22
N GLN A 99 6.00 6.54 0.51
CA GLN A 99 6.35 5.99 1.82
C GLN A 99 7.39 4.88 1.67
N ILE A 100 7.32 4.17 0.54
CA ILE A 100 8.24 3.08 0.27
C ILE A 100 9.62 3.59 -0.15
N GLY A 101 9.68 4.33 -1.25
CA GLY A 101 10.94 4.88 -1.72
C GLY A 101 11.99 3.81 -1.99
N GLY A 102 12.32 3.60 -3.25
CA GLY A 102 13.32 2.60 -3.61
C GLY A 102 13.08 2.00 -4.98
N GLU A 103 13.75 0.88 -5.25
CA GLU A 103 13.60 0.20 -6.53
C GLU A 103 12.26 -0.49 -6.63
N ARG A 104 11.83 -1.10 -5.52
CA ARG A 104 10.55 -1.79 -5.48
C ARG A 104 9.43 -0.86 -5.90
N VAL A 105 9.39 0.32 -5.29
CA VAL A 105 8.38 1.31 -5.59
C VAL A 105 8.61 1.93 -6.97
N ARG A 106 9.87 1.92 -7.39
CA ARG A 106 10.27 2.49 -8.67
C ARG A 106 9.55 1.83 -9.83
N ALA A 107 9.21 0.56 -9.69
CA ALA A 107 8.52 -0.17 -10.74
C ALA A 107 7.01 0.02 -10.67
N ALA A 108 6.51 0.37 -9.49
CA ALA A 108 5.08 0.58 -9.30
C ALA A 108 4.60 1.85 -9.99
N MET A 109 5.43 2.89 -9.94
CA MET A 109 5.08 4.16 -10.55
C MET A 109 5.13 4.06 -12.07
N GLU A 110 6.09 3.29 -12.58
CA GLU A 110 6.24 3.10 -14.02
C GLU A 110 5.06 2.30 -14.58
N LYS A 111 4.72 1.22 -13.88
CA LYS A 111 3.60 0.37 -14.31
C LYS A 111 2.30 1.17 -14.33
N LEU A 112 2.24 2.23 -13.54
CA LEU A 112 1.06 3.07 -13.49
C LEU A 112 1.13 4.13 -14.59
N ALA A 113 2.35 4.58 -14.87
CA ALA A 113 2.57 5.59 -15.90
C ALA A 113 2.16 5.07 -17.27
N GLU A 114 2.01 3.76 -17.38
CA GLU A 114 1.60 3.13 -18.63
C GLU A 114 0.10 3.18 -18.78
N THR A 115 -0.60 3.13 -17.64
CA THR A 115 -2.06 3.19 -17.63
C THR A 115 -2.52 4.41 -16.85
N GLY A 116 -1.61 5.38 -16.74
CA GLY A 116 -1.88 6.59 -16.02
C GLY A 116 -3.18 7.26 -16.41
N THR A 117 -4.01 7.54 -15.40
CA THR A 117 -5.29 8.19 -15.62
C THR A 117 -5.61 9.13 -14.46
N GLY A 118 -5.98 10.37 -14.78
CA GLY A 118 -6.30 11.34 -13.75
C GLY A 118 -5.16 11.57 -12.78
N PHE A 119 -5.51 11.96 -11.56
CA PHE A 119 -4.52 12.23 -10.52
C PHE A 119 -3.57 11.03 -10.34
N ALA A 120 -4.08 9.83 -10.54
CA ALA A 120 -3.28 8.61 -10.41
C ALA A 120 -2.00 8.69 -11.22
N ARG A 121 -2.08 9.24 -12.43
CA ARG A 121 -0.92 9.35 -13.30
C ARG A 121 0.05 10.41 -12.80
N LYS A 122 -0.47 11.62 -12.57
CA LYS A 122 0.35 12.73 -12.09
C LYS A 122 1.26 12.27 -10.96
N VAL A 123 0.81 11.24 -10.25
CA VAL A 123 1.56 10.67 -9.15
C VAL A 123 2.86 10.01 -9.62
N ALA A 124 2.72 9.05 -10.53
CA ALA A 124 3.86 8.31 -11.06
C ALA A 124 4.94 9.23 -11.65
N VAL A 125 4.55 9.97 -12.70
CA VAL A 125 5.48 10.86 -13.41
C VAL A 125 6.19 11.84 -12.48
N ASN A 126 5.43 12.48 -11.61
CA ASN A 126 6.01 13.47 -10.69
C ASN A 126 6.87 12.80 -9.61
N TYR A 127 6.47 11.63 -9.16
CA TYR A 127 7.18 10.93 -8.12
C TYR A 127 8.59 10.53 -8.59
N LEU A 128 8.75 10.36 -9.89
CA LEU A 128 10.03 9.97 -10.48
C LEU A 128 11.16 10.88 -9.97
N GLU A 129 10.80 12.09 -9.59
CA GLU A 129 11.77 13.07 -9.09
C GLU A 129 12.54 12.55 -7.87
N THR A 130 12.13 11.39 -7.36
CA THR A 130 12.79 10.81 -6.19
C THR A 130 13.49 9.50 -6.52
N HIS A 131 12.70 8.44 -6.71
CA HIS A 131 13.26 7.13 -7.04
C HIS A 131 12.54 6.51 -8.23
N MET A 21 10.00 -7.45 9.97
CA MET A 21 10.76 -8.64 9.49
C MET A 21 11.15 -9.54 10.66
N ALA A 22 12.04 -9.04 11.51
CA ALA A 22 12.49 -9.80 12.67
C ALA A 22 12.01 -9.16 13.97
N ASP A 23 11.63 -10.00 14.93
CA ASP A 23 11.14 -9.52 16.22
C ASP A 23 9.86 -8.71 16.06
N GLU A 24 9.30 -8.27 17.20
CA GLU A 24 8.08 -7.47 17.19
C GLU A 24 6.89 -8.28 16.66
N ASN A 25 7.07 -9.60 16.60
CA ASN A 25 6.01 -10.47 16.12
C ASN A 25 5.72 -11.59 17.13
N LYS A 26 5.96 -11.30 18.41
CA LYS A 26 5.72 -12.29 19.47
C LYS A 26 4.27 -12.72 19.45
N TRP A 27 3.37 -11.73 19.37
CA TRP A 27 1.93 -11.98 19.33
C TRP A 27 1.42 -11.78 17.91
N VAL A 28 1.43 -12.84 17.12
CA VAL A 28 0.99 -12.77 15.74
C VAL A 28 -0.53 -12.92 15.61
N ARG A 29 -1.14 -13.65 16.56
CA ARG A 29 -2.57 -13.88 16.54
C ARG A 29 -3.24 -13.21 17.73
N ARG A 30 -2.78 -13.53 18.93
CA ARG A 30 -3.34 -12.93 20.14
C ARG A 30 -3.44 -11.42 19.95
N ASP A 31 -4.66 -10.91 19.90
CA ASP A 31 -4.92 -9.49 19.70
C ASP A 31 -4.69 -9.11 18.24
N VAL A 32 -5.74 -9.19 17.44
CA VAL A 32 -5.65 -8.86 16.02
C VAL A 32 -7.04 -8.82 15.38
N SER A 33 -7.09 -8.59 14.07
CA SER A 33 -8.35 -8.54 13.33
C SER A 33 -9.17 -7.31 13.73
N THR A 34 -8.54 -6.40 14.44
CA THR A 34 -9.18 -5.17 14.89
C THR A 34 -8.16 -4.22 15.50
N ALA A 35 -6.96 -4.75 15.74
CA ALA A 35 -5.87 -3.98 16.31
C ALA A 35 -5.00 -3.36 15.22
N LEU A 36 -5.37 -3.62 13.96
CA LEU A 36 -4.64 -3.10 12.80
C LEU A 36 -4.25 -1.63 12.97
N SER A 37 -4.93 -0.92 13.86
CA SER A 37 -4.65 0.49 14.11
C SER A 37 -3.16 0.72 14.33
N ARG A 38 -2.49 -0.26 14.91
CA ARG A 38 -1.06 -0.16 15.18
C ARG A 38 -0.54 -1.44 15.82
N MET A 39 -0.09 -2.38 14.99
CA MET A 39 0.44 -3.65 15.50
C MET A 39 1.75 -4.01 14.82
N GLY A 40 1.81 -3.86 13.51
CA GLY A 40 3.02 -4.19 12.77
C GLY A 40 2.82 -5.25 11.72
N ASP A 41 3.49 -6.39 11.89
CA ASP A 41 3.40 -7.50 10.94
C ASP A 41 2.28 -8.46 11.30
N GLU A 42 1.87 -8.48 12.56
CA GLU A 42 0.79 -9.37 12.99
C GLU A 42 -0.53 -8.95 12.35
N ALA A 43 -0.61 -7.67 11.96
CA ALA A 43 -1.81 -7.14 11.33
C ALA A 43 -1.61 -6.98 9.84
N PHE A 44 -0.47 -7.48 9.34
CA PHE A 44 -0.14 -7.42 7.93
C PHE A 44 -1.20 -8.13 7.11
N GLU A 45 -1.47 -9.38 7.47
CA GLU A 45 -2.47 -10.17 6.78
C GLU A 45 -3.87 -9.56 6.92
N PRO A 46 -4.37 -9.36 8.16
CA PRO A 46 -5.70 -8.79 8.39
C PRO A 46 -5.87 -7.51 7.58
N LEU A 47 -4.75 -6.92 7.23
CA LEU A 47 -4.70 -5.70 6.46
C LEU A 47 -4.93 -6.01 4.97
N LEU A 48 -4.29 -7.08 4.51
CA LEU A 48 -4.43 -7.53 3.13
C LEU A 48 -5.77 -8.23 2.93
N GLU A 49 -6.35 -8.69 4.04
CA GLU A 49 -7.63 -9.37 3.99
C GLU A 49 -8.77 -8.36 3.82
N SER A 50 -8.66 -7.24 4.51
CA SER A 50 -9.67 -6.19 4.44
C SER A 50 -9.72 -5.56 3.05
N LEU A 51 -8.68 -5.78 2.26
CA LEU A 51 -8.62 -5.22 0.91
C LEU A 51 -9.71 -5.82 0.02
N SER A 52 -10.38 -6.85 0.52
CA SER A 52 -11.44 -7.52 -0.23
C SER A 52 -12.81 -6.94 0.16
N ASN A 53 -12.79 -5.85 0.91
CA ASN A 53 -14.02 -5.20 1.35
C ASN A 53 -14.58 -4.29 0.26
N GLU A 54 -15.87 -4.48 -0.05
CA GLU A 54 -16.55 -3.71 -1.09
C GLU A 54 -16.53 -2.21 -0.81
N ASP A 55 -16.43 -1.83 0.46
CA ASP A 55 -16.40 -0.42 0.84
C ASP A 55 -15.04 0.19 0.55
N TRP A 56 -14.99 1.52 0.51
CA TRP A 56 -13.74 2.22 0.24
C TRP A 56 -13.20 2.91 1.50
N ARG A 57 -14.11 3.33 2.37
CA ARG A 57 -13.72 3.99 3.61
C ARG A 57 -12.85 3.07 4.47
N ILE A 58 -13.19 1.79 4.48
CA ILE A 58 -12.43 0.81 5.26
C ILE A 58 -11.18 0.38 4.51
N ARG A 59 -11.33 0.10 3.22
CA ARG A 59 -10.21 -0.31 2.38
C ARG A 59 -9.17 0.81 2.26
N GLY A 60 -9.61 2.04 2.55
CA GLY A 60 -8.72 3.18 2.46
C GLY A 60 -7.56 3.08 3.42
N ALA A 61 -7.85 3.12 4.73
CA ALA A 61 -6.83 3.03 5.76
C ALA A 61 -5.87 1.88 5.48
N ALA A 62 -6.41 0.79 4.94
CA ALA A 62 -5.59 -0.38 4.62
C ALA A 62 -4.47 0.00 3.66
N ALA A 63 -4.84 0.68 2.58
CA ALA A 63 -3.88 1.13 1.59
C ALA A 63 -2.94 2.18 2.16
N TRP A 64 -3.50 3.01 3.03
CA TRP A 64 -2.75 4.10 3.67
C TRP A 64 -1.66 3.57 4.60
N ILE A 65 -1.87 2.39 5.16
CA ILE A 65 -0.92 1.80 6.09
C ILE A 65 -0.03 0.76 5.39
N ILE A 66 -0.57 0.12 4.36
CA ILE A 66 0.17 -0.89 3.62
C ILE A 66 1.44 -0.32 2.99
N GLY A 67 1.41 0.98 2.68
CA GLY A 67 2.57 1.63 2.09
C GLY A 67 3.70 1.76 3.07
N ASN A 68 3.39 1.77 4.36
CA ASN A 68 4.40 1.89 5.40
C ASN A 68 5.31 0.67 5.39
N PHE A 69 4.75 -0.48 5.04
CA PHE A 69 5.52 -1.71 4.99
C PHE A 69 6.07 -1.95 3.59
N GLN A 70 7.38 -1.79 3.43
CA GLN A 70 8.03 -1.97 2.14
C GLN A 70 8.18 -3.45 1.82
N ASP A 71 7.24 -4.24 2.29
CA ASP A 71 7.24 -5.68 2.07
C ASP A 71 6.57 -6.03 0.74
N GLU A 72 6.86 -7.22 0.23
CA GLU A 72 6.31 -7.67 -1.05
C GLU A 72 4.78 -7.78 -1.00
N ARG A 73 4.26 -8.29 0.11
CA ARG A 73 2.82 -8.45 0.29
C ARG A 73 2.11 -7.09 0.31
N ALA A 74 2.89 -6.03 0.42
CA ALA A 74 2.34 -4.68 0.48
C ALA A 74 2.57 -3.94 -0.83
N VAL A 75 3.06 -4.66 -1.83
CA VAL A 75 3.34 -4.06 -3.13
C VAL A 75 2.16 -4.16 -4.08
N GLU A 76 1.49 -5.32 -4.09
CA GLU A 76 0.35 -5.53 -4.98
C GLU A 76 -0.73 -4.47 -4.80
N PRO A 77 -1.15 -4.19 -3.53
CA PRO A 77 -2.17 -3.18 -3.26
C PRO A 77 -1.98 -1.92 -4.07
N LEU A 78 -0.77 -1.37 -3.98
CA LEU A 78 -0.41 -0.15 -4.68
C LEU A 78 -0.74 -0.24 -6.17
N ILE A 79 -0.48 -1.40 -6.77
CA ILE A 79 -0.73 -1.60 -8.19
C ILE A 79 -2.21 -1.39 -8.56
N LYS A 80 -3.08 -2.20 -7.97
CA LYS A 80 -4.51 -2.13 -8.23
C LYS A 80 -5.14 -0.86 -7.66
N LEU A 81 -4.50 -0.28 -6.66
CA LEU A 81 -5.01 0.92 -5.99
C LEU A 81 -4.83 2.20 -6.80
N LEU A 82 -3.64 2.37 -7.39
CA LEU A 82 -3.35 3.56 -8.17
C LEU A 82 -4.27 3.64 -9.38
N GLU A 83 -5.00 2.57 -9.60
CA GLU A 83 -5.93 2.51 -10.72
C GLU A 83 -7.32 2.10 -10.24
N ASP A 84 -7.44 1.85 -8.94
CA ASP A 84 -8.71 1.45 -8.34
C ASP A 84 -9.77 2.53 -8.51
N ASP A 85 -9.30 3.77 -8.47
CA ASP A 85 -10.18 4.93 -8.61
C ASP A 85 -11.24 4.94 -7.50
N SER A 86 -10.91 4.32 -6.37
CA SER A 86 -11.82 4.26 -5.24
C SER A 86 -11.69 5.49 -4.35
N GLY A 87 -10.92 6.48 -4.80
CA GLY A 87 -10.71 7.69 -4.03
C GLY A 87 -9.78 7.49 -2.85
N PHE A 88 -10.36 7.21 -1.69
CA PHE A 88 -9.58 6.99 -0.47
C PHE A 88 -8.57 5.85 -0.68
N VAL A 89 -9.02 4.79 -1.35
CA VAL A 89 -8.18 3.64 -1.61
C VAL A 89 -7.12 3.94 -2.68
N ARG A 90 -7.47 4.80 -3.63
CA ARG A 90 -6.55 5.17 -4.70
C ARG A 90 -5.45 6.09 -4.18
N SER A 91 -5.87 7.26 -3.68
CA SER A 91 -4.94 8.24 -3.15
C SER A 91 -3.99 7.61 -2.13
N GLY A 92 -4.49 6.59 -1.44
CA GLY A 92 -3.67 5.91 -0.45
C GLY A 92 -2.40 5.34 -1.03
N ALA A 93 -2.52 4.71 -2.19
CA ALA A 93 -1.37 4.13 -2.86
C ALA A 93 -0.46 5.21 -3.43
N ALA A 94 -1.08 6.30 -3.89
CA ALA A 94 -0.34 7.41 -4.46
C ALA A 94 0.75 7.88 -3.50
N ARG A 95 0.38 8.00 -2.23
CA ARG A 95 1.31 8.43 -1.20
C ARG A 95 2.15 7.24 -0.71
N SER A 96 1.57 6.04 -0.81
CA SER A 96 2.26 4.83 -0.38
C SER A 96 3.51 4.59 -1.20
N LEU A 97 3.58 5.20 -2.39
CA LEU A 97 4.74 5.03 -3.25
C LEU A 97 5.97 5.66 -2.62
N GLU A 98 5.91 6.97 -2.40
CA GLU A 98 7.01 7.67 -1.76
C GLU A 98 7.24 7.13 -0.37
N GLN A 99 6.21 6.50 0.19
CA GLN A 99 6.30 5.91 1.52
C GLN A 99 7.29 4.75 1.51
N ILE A 100 7.29 3.99 0.42
CA ILE A 100 8.18 2.86 0.28
C ILE A 100 9.53 3.28 -0.32
N GLY A 101 9.48 3.83 -1.52
CA GLY A 101 10.70 4.27 -2.18
C GLY A 101 11.63 3.13 -2.54
N GLY A 102 12.01 3.06 -3.81
CA GLY A 102 12.91 2.00 -4.25
C GLY A 102 12.64 1.54 -5.67
N GLU A 103 13.35 0.50 -6.10
CA GLU A 103 13.19 -0.04 -7.45
C GLU A 103 11.86 -0.77 -7.60
N ARG A 104 11.30 -1.21 -6.48
CA ARG A 104 10.03 -1.92 -6.48
C ARG A 104 8.88 -0.99 -6.82
N VAL A 105 8.86 0.17 -6.18
CA VAL A 105 7.81 1.16 -6.41
C VAL A 105 7.95 1.80 -7.78
N ARG A 106 9.18 1.84 -8.29
CA ARG A 106 9.45 2.44 -9.60
C ARG A 106 8.62 1.75 -10.67
N ALA A 107 8.18 0.53 -10.38
CA ALA A 107 7.37 -0.23 -11.32
C ALA A 107 5.91 0.19 -11.25
N ALA A 108 5.49 0.63 -10.06
CA ALA A 108 4.12 1.06 -9.85
C ALA A 108 3.85 2.40 -10.56
N MET A 109 4.83 3.30 -10.51
CA MET A 109 4.68 4.60 -11.15
C MET A 109 4.73 4.44 -12.66
N GLU A 110 5.61 3.56 -13.14
CA GLU A 110 5.73 3.32 -14.57
C GLU A 110 4.44 2.71 -15.11
N LYS A 111 3.72 2.02 -14.23
CA LYS A 111 2.46 1.39 -14.59
C LYS A 111 1.43 2.45 -14.97
N LEU A 112 1.30 3.48 -14.13
CA LEU A 112 0.37 4.56 -14.39
C LEU A 112 0.82 5.39 -15.59
N ALA A 113 2.13 5.52 -15.73
CA ALA A 113 2.69 6.27 -16.84
C ALA A 113 2.18 5.71 -18.17
N GLU A 114 1.96 4.40 -18.23
CA GLU A 114 1.47 3.75 -19.43
C GLU A 114 -0.04 3.56 -19.38
N THR A 115 -0.62 3.76 -18.19
CA THR A 115 -2.07 3.61 -18.02
C THR A 115 -2.79 4.94 -18.23
N GLY A 116 -2.09 6.02 -17.94
CA GLY A 116 -2.67 7.34 -18.10
C GLY A 116 -3.86 7.57 -17.20
N THR A 117 -3.70 8.47 -16.24
CA THR A 117 -4.76 8.78 -15.29
C THR A 117 -4.72 10.25 -14.89
N GLY A 118 -5.60 10.62 -13.96
CA GLY A 118 -5.65 12.00 -13.51
C GLY A 118 -4.64 12.29 -12.42
N PHE A 119 -5.01 11.97 -11.18
CA PHE A 119 -4.13 12.20 -10.04
C PHE A 119 -3.05 11.12 -9.95
N ALA A 120 -3.45 9.89 -10.21
CA ALA A 120 -2.53 8.75 -10.15
C ALA A 120 -1.34 8.95 -11.09
N ARG A 121 -1.61 9.43 -12.29
CA ARG A 121 -0.55 9.65 -13.28
C ARG A 121 0.48 10.64 -12.78
N LYS A 122 0.04 11.87 -12.50
CA LYS A 122 0.95 12.90 -12.00
C LYS A 122 1.74 12.38 -10.83
N VAL A 123 1.10 11.57 -10.01
CA VAL A 123 1.74 10.98 -8.85
C VAL A 123 2.90 10.09 -9.27
N ALA A 124 2.69 9.31 -10.33
CA ALA A 124 3.72 8.40 -10.83
C ALA A 124 4.94 9.14 -11.35
N VAL A 125 4.72 9.99 -12.35
CA VAL A 125 5.80 10.75 -12.97
C VAL A 125 6.52 11.64 -11.96
N ASN A 126 5.76 12.36 -11.16
CA ASN A 126 6.33 13.24 -10.16
C ASN A 126 7.10 12.46 -9.10
N TYR A 127 6.65 11.24 -8.79
CA TYR A 127 7.29 10.43 -7.79
C TYR A 127 8.73 10.09 -8.18
N LEU A 128 9.00 10.07 -9.48
CA LEU A 128 10.33 9.77 -10.00
C LEU A 128 11.39 10.65 -9.34
N GLU A 129 10.97 11.84 -8.89
CA GLU A 129 11.88 12.78 -8.23
C GLU A 129 12.60 12.13 -7.05
N THR A 130 12.05 11.02 -6.57
CA THR A 130 12.63 10.29 -5.45
C THR A 130 13.39 9.06 -5.93
N HIS A 131 12.65 8.03 -6.32
CA HIS A 131 13.27 6.79 -6.80
C HIS A 131 12.62 6.35 -8.11
N MET A 21 10.19 -19.79 16.85
CA MET A 21 11.58 -20.13 17.27
C MET A 21 11.75 -19.89 18.77
N ALA A 22 11.72 -18.62 19.17
CA ALA A 22 11.87 -18.25 20.57
C ALA A 22 10.83 -17.23 20.98
N ASP A 23 10.83 -16.09 20.31
CA ASP A 23 9.88 -15.02 20.60
C ASP A 23 9.37 -14.38 19.31
N GLU A 24 9.90 -14.84 18.18
CA GLU A 24 9.50 -14.32 16.87
C GLU A 24 8.21 -14.96 16.40
N ASN A 25 8.23 -16.27 16.22
CA ASN A 25 7.06 -17.01 15.77
C ASN A 25 6.38 -17.69 16.96
N LYS A 26 6.48 -17.05 18.12
CA LYS A 26 5.86 -17.59 19.34
C LYS A 26 4.45 -17.06 19.54
N TRP A 27 4.16 -15.90 18.95
CA TRP A 27 2.85 -15.28 19.07
C TRP A 27 2.47 -14.52 17.81
N VAL A 28 3.05 -14.91 16.68
CA VAL A 28 2.76 -14.25 15.40
C VAL A 28 1.28 -14.32 15.06
N ARG A 29 0.56 -13.24 15.40
CA ARG A 29 -0.87 -13.14 15.15
C ARG A 29 -1.63 -14.25 15.87
N ARG A 30 -0.94 -14.99 16.72
CA ARG A 30 -1.59 -16.05 17.48
C ARG A 30 -2.59 -15.45 18.45
N ASP A 31 -3.87 -15.56 18.11
CA ASP A 31 -4.94 -15.03 18.96
C ASP A 31 -4.94 -13.51 18.97
N VAL A 32 -4.18 -12.90 18.06
CA VAL A 32 -4.10 -11.45 17.98
C VAL A 32 -5.17 -10.88 17.04
N SER A 33 -4.84 -10.79 15.75
CA SER A 33 -5.78 -10.28 14.75
C SER A 33 -6.29 -8.89 15.12
N THR A 34 -5.58 -8.20 16.01
CA THR A 34 -5.98 -6.85 16.43
C THR A 34 -4.76 -5.96 16.61
N ALA A 35 -3.61 -6.44 16.14
CA ALA A 35 -2.35 -5.70 16.24
C ALA A 35 -2.22 -4.69 15.11
N LEU A 36 -3.22 -4.62 14.23
CA LEU A 36 -3.20 -3.72 13.09
C LEU A 36 -2.72 -2.31 13.45
N SER A 37 -2.73 -1.98 14.74
CA SER A 37 -2.28 -0.67 15.20
C SER A 37 -0.81 -0.47 14.83
N ARG A 38 0.01 -1.48 15.11
CA ARG A 38 1.44 -1.41 14.81
C ARG A 38 2.12 -2.74 15.14
N MET A 39 2.41 -3.52 14.10
CA MET A 39 3.05 -4.82 14.30
C MET A 39 4.22 -5.02 13.32
N GLY A 40 4.00 -4.64 12.07
CA GLY A 40 5.03 -4.80 11.06
C GLY A 40 5.13 -6.21 10.51
N ASP A 41 4.20 -7.08 10.91
CA ASP A 41 4.20 -8.46 10.44
C ASP A 41 3.00 -9.26 10.93
N GLU A 42 2.45 -8.87 12.09
CA GLU A 42 1.31 -9.57 12.67
C GLU A 42 0.01 -9.29 11.93
N ALA A 43 -0.22 -8.03 11.58
CA ALA A 43 -1.46 -7.65 10.90
C ALA A 43 -1.27 -7.35 9.42
N PHE A 44 -0.15 -7.78 8.84
CA PHE A 44 0.09 -7.54 7.42
C PHE A 44 -1.03 -8.15 6.59
N GLU A 45 -1.32 -9.41 6.84
CA GLU A 45 -2.39 -10.10 6.13
C GLU A 45 -3.76 -9.49 6.39
N PRO A 46 -4.21 -9.42 7.68
CA PRO A 46 -5.52 -8.85 8.01
C PRO A 46 -5.75 -7.52 7.29
N LEU A 47 -4.65 -6.87 6.96
CA LEU A 47 -4.68 -5.62 6.25
C LEU A 47 -4.97 -5.85 4.77
N LEU A 48 -4.27 -6.83 4.20
CA LEU A 48 -4.46 -7.19 2.80
C LEU A 48 -5.83 -7.83 2.61
N GLU A 49 -6.39 -8.31 3.71
CA GLU A 49 -7.70 -8.95 3.69
C GLU A 49 -8.80 -7.91 3.57
N SER A 50 -8.49 -6.68 4.00
CA SER A 50 -9.46 -5.59 3.96
C SER A 50 -9.79 -5.21 2.52
N LEU A 51 -8.88 -5.51 1.60
CA LEU A 51 -9.09 -5.20 0.19
C LEU A 51 -10.25 -6.00 -0.37
N SER A 52 -10.73 -6.98 0.41
CA SER A 52 -11.85 -7.80 0.00
C SER A 52 -13.17 -7.18 0.42
N ASN A 53 -13.10 -5.94 0.91
CA ASN A 53 -14.29 -5.22 1.34
C ASN A 53 -14.74 -4.20 0.31
N GLU A 54 -16.01 -4.24 -0.03
CA GLU A 54 -16.57 -3.30 -1.00
C GLU A 54 -16.59 -1.88 -0.44
N ASP A 55 -16.20 -1.74 0.82
CA ASP A 55 -16.17 -0.44 1.46
C ASP A 55 -14.95 0.37 1.01
N TRP A 56 -15.09 1.69 1.02
CA TRP A 56 -14.01 2.57 0.60
C TRP A 56 -13.10 2.92 1.78
N ARG A 57 -13.72 3.27 2.90
CA ARG A 57 -12.99 3.63 4.11
C ARG A 57 -12.12 2.48 4.60
N ILE A 58 -12.64 1.26 4.46
CA ILE A 58 -11.91 0.07 4.89
C ILE A 58 -10.79 -0.28 3.92
N ARG A 59 -11.16 -0.48 2.65
CA ARG A 59 -10.17 -0.82 1.62
C ARG A 59 -9.11 0.26 1.49
N GLY A 60 -9.45 1.48 1.93
CA GLY A 60 -8.50 2.58 1.85
C GLY A 60 -7.45 2.53 2.93
N ALA A 61 -7.90 2.55 4.19
CA ALA A 61 -7.00 2.51 5.33
C ALA A 61 -6.01 1.34 5.23
N ALA A 62 -6.41 0.30 4.50
CA ALA A 62 -5.56 -0.87 4.32
C ALA A 62 -4.25 -0.49 3.63
N ALA A 63 -4.37 0.11 2.45
CA ALA A 63 -3.20 0.54 1.69
C ALA A 63 -2.46 1.65 2.42
N TRP A 64 -3.22 2.50 3.10
CA TRP A 64 -2.64 3.62 3.84
C TRP A 64 -1.61 3.16 4.86
N ILE A 65 -1.81 1.96 5.42
CA ILE A 65 -0.88 1.42 6.40
C ILE A 65 0.06 0.40 5.74
N ILE A 66 -0.39 -0.15 4.63
CA ILE A 66 0.37 -1.14 3.89
C ILE A 66 1.73 -0.59 3.43
N GLY A 67 1.77 0.70 3.13
CA GLY A 67 3.01 1.31 2.68
C GLY A 67 4.05 1.43 3.76
N ASN A 68 3.61 1.41 5.02
CA ASN A 68 4.51 1.54 6.15
C ASN A 68 5.38 0.29 6.34
N PHE A 69 5.08 -0.78 5.59
CA PHE A 69 5.85 -2.02 5.70
C PHE A 69 6.96 -2.09 4.67
N GLN A 70 6.78 -1.41 3.54
CA GLN A 70 7.79 -1.42 2.47
C GLN A 70 8.07 -2.84 2.00
N ASP A 71 7.05 -3.69 2.08
CA ASP A 71 7.17 -5.08 1.66
C ASP A 71 6.53 -5.30 0.30
N GLU A 72 6.91 -6.39 -0.36
CA GLU A 72 6.37 -6.72 -1.67
C GLU A 72 4.86 -6.97 -1.60
N ARG A 73 4.41 -7.59 -0.52
CA ARG A 73 2.99 -7.87 -0.31
C ARG A 73 2.21 -6.58 -0.13
N ALA A 74 2.94 -5.48 0.02
CA ALA A 74 2.32 -4.17 0.23
C ALA A 74 2.36 -3.34 -1.05
N VAL A 75 3.10 -3.83 -2.03
CA VAL A 75 3.24 -3.15 -3.31
C VAL A 75 2.05 -3.46 -4.23
N GLU A 76 1.55 -4.68 -4.14
CA GLU A 76 0.43 -5.10 -4.98
C GLU A 76 -0.82 -4.24 -4.74
N PRO A 77 -1.25 -4.07 -3.47
CA PRO A 77 -2.42 -3.26 -3.14
C PRO A 77 -2.36 -1.87 -3.75
N LEU A 78 -1.16 -1.32 -3.82
CA LEU A 78 -0.97 0.02 -4.37
C LEU A 78 -1.16 0.03 -5.88
N ILE A 79 -0.89 -1.11 -6.50
CA ILE A 79 -1.01 -1.23 -7.96
C ILE A 79 -2.45 -1.01 -8.43
N LYS A 80 -3.37 -1.84 -7.95
CA LYS A 80 -4.77 -1.77 -8.37
C LYS A 80 -5.47 -0.52 -7.82
N LEU A 81 -4.79 0.22 -6.96
CA LEU A 81 -5.39 1.40 -6.33
C LEU A 81 -5.16 2.68 -7.12
N LEU A 82 -3.97 2.85 -7.67
CA LEU A 82 -3.65 4.06 -8.43
C LEU A 82 -4.58 4.21 -9.61
N GLU A 83 -5.28 3.12 -9.91
CA GLU A 83 -6.24 3.10 -11.00
C GLU A 83 -7.64 3.15 -10.44
N ASP A 84 -7.78 2.62 -9.23
CA ASP A 84 -9.08 2.60 -8.56
C ASP A 84 -9.60 4.01 -8.40
N ASP A 85 -10.89 4.18 -8.64
CA ASP A 85 -11.53 5.49 -8.52
C ASP A 85 -12.48 5.56 -7.33
N SER A 86 -12.10 4.95 -6.21
CA SER A 86 -12.95 4.96 -5.03
C SER A 86 -12.70 6.21 -4.18
N GLY A 87 -11.46 6.70 -4.21
CA GLY A 87 -11.11 7.88 -3.44
C GLY A 87 -10.08 7.57 -2.38
N PHE A 88 -10.54 7.24 -1.17
CA PHE A 88 -9.64 6.91 -0.07
C PHE A 88 -8.77 5.74 -0.49
N VAL A 89 -9.34 4.87 -1.32
CA VAL A 89 -8.64 3.69 -1.82
C VAL A 89 -7.51 4.08 -2.76
N ARG A 90 -7.84 4.91 -3.75
CA ARG A 90 -6.87 5.36 -4.75
C ARG A 90 -5.73 6.15 -4.11
N SER A 91 -6.08 7.22 -3.42
CA SER A 91 -5.11 8.09 -2.75
C SER A 91 -4.16 7.30 -1.87
N GLY A 92 -4.61 6.15 -1.38
CA GLY A 92 -3.77 5.32 -0.53
C GLY A 92 -2.48 4.94 -1.20
N ALA A 93 -2.58 4.33 -2.37
CA ALA A 93 -1.41 3.91 -3.13
C ALA A 93 -0.52 5.08 -3.50
N ALA A 94 -1.14 6.21 -3.84
CA ALA A 94 -0.41 7.41 -4.24
C ALA A 94 0.65 7.81 -3.22
N ARG A 95 0.28 7.79 -1.94
CA ARG A 95 1.19 8.16 -0.87
C ARG A 95 2.09 7.00 -0.44
N SER A 96 1.53 5.79 -0.46
CA SER A 96 2.27 4.60 -0.06
C SER A 96 3.46 4.33 -0.97
N LEU A 97 3.31 4.61 -2.26
CA LEU A 97 4.40 4.38 -3.21
C LEU A 97 5.61 5.24 -2.88
N GLU A 98 5.45 6.55 -2.89
CA GLU A 98 6.55 7.46 -2.57
C GLU A 98 7.01 7.24 -1.14
N GLN A 99 6.14 6.63 -0.33
CA GLN A 99 6.45 6.34 1.06
C GLN A 99 7.63 5.38 1.16
N ILE A 100 7.83 4.60 0.11
CA ILE A 100 8.94 3.64 0.06
C ILE A 100 10.19 4.26 -0.53
N GLY A 101 10.07 4.70 -1.79
CA GLY A 101 11.19 5.30 -2.47
C GLY A 101 12.28 4.30 -2.79
N GLY A 102 12.28 3.81 -4.03
CA GLY A 102 13.28 2.85 -4.45
C GLY A 102 12.97 2.23 -5.79
N GLU A 103 13.77 1.24 -6.19
CA GLU A 103 13.57 0.57 -7.46
C GLU A 103 12.32 -0.31 -7.42
N ARG A 104 11.93 -0.71 -6.21
CA ARG A 104 10.75 -1.56 -6.04
C ARG A 104 9.49 -0.83 -6.50
N VAL A 105 9.28 0.37 -5.98
CA VAL A 105 8.14 1.18 -6.36
C VAL A 105 8.27 1.69 -7.78
N ARG A 106 9.52 1.80 -8.25
CA ARG A 106 9.81 2.27 -9.59
C ARG A 106 9.03 1.46 -10.63
N ALA A 107 8.73 0.20 -10.29
CA ALA A 107 8.00 -0.68 -11.16
C ALA A 107 6.50 -0.49 -10.98
N ALA A 108 6.11 -0.11 -9.77
CA ALA A 108 4.70 0.12 -9.46
C ALA A 108 4.21 1.38 -10.14
N MET A 109 5.06 2.41 -10.16
CA MET A 109 4.71 3.66 -10.79
C MET A 109 4.62 3.47 -12.30
N GLU A 110 5.45 2.57 -12.82
CA GLU A 110 5.45 2.27 -14.25
C GLU A 110 4.12 1.66 -14.66
N LYS A 111 3.62 0.74 -13.84
CA LYS A 111 2.36 0.07 -14.12
C LYS A 111 1.22 1.08 -14.24
N LEU A 112 1.25 2.11 -13.40
CA LEU A 112 0.22 3.13 -13.44
C LEU A 112 0.58 4.21 -14.46
N ALA A 113 1.89 4.32 -14.75
CA ALA A 113 2.38 5.29 -15.72
C ALA A 113 1.98 4.89 -17.14
N GLU A 114 1.68 3.61 -17.32
CA GLU A 114 1.28 3.09 -18.61
C GLU A 114 -0.20 3.39 -18.85
N THR A 115 -0.94 3.53 -17.75
CA THR A 115 -2.35 3.84 -17.81
C THR A 115 -2.60 5.16 -17.09
N GLY A 116 -1.54 5.96 -16.99
CA GLY A 116 -1.60 7.24 -16.32
C GLY A 116 -2.72 8.13 -16.83
N THR A 117 -3.58 8.54 -15.92
CA THR A 117 -4.70 9.43 -16.24
C THR A 117 -4.99 10.38 -15.09
N GLY A 118 -5.08 11.66 -15.39
CA GLY A 118 -5.37 12.66 -14.36
C GLY A 118 -4.34 12.65 -13.23
N PHE A 119 -4.81 12.79 -12.00
CA PHE A 119 -3.94 12.80 -10.83
C PHE A 119 -3.17 11.49 -10.71
N ALA A 120 -3.78 10.41 -11.15
CA ALA A 120 -3.16 9.09 -11.08
C ALA A 120 -1.79 9.06 -11.74
N ARG A 121 -1.68 9.72 -12.90
CA ARG A 121 -0.41 9.75 -13.63
C ARG A 121 0.67 10.52 -12.89
N LYS A 122 0.39 11.80 -12.61
CA LYS A 122 1.34 12.67 -11.91
C LYS A 122 1.94 11.95 -10.72
N VAL A 123 1.17 11.05 -10.13
CA VAL A 123 1.62 10.27 -8.97
C VAL A 123 2.86 9.44 -9.31
N ALA A 124 2.73 8.59 -10.33
CA ALA A 124 3.82 7.73 -10.76
C ALA A 124 5.02 8.51 -11.27
N VAL A 125 4.77 9.39 -12.22
CA VAL A 125 5.81 10.20 -12.86
C VAL A 125 6.54 11.12 -11.87
N ASN A 126 5.80 12.03 -11.26
CA ASN A 126 6.39 13.00 -10.34
C ASN A 126 7.15 12.32 -9.20
N TYR A 127 6.71 11.12 -8.83
CA TYR A 127 7.36 10.38 -7.75
C TYR A 127 8.83 10.15 -8.06
N LEU A 128 9.14 9.99 -9.34
CA LEU A 128 10.50 9.75 -9.79
C LEU A 128 11.45 10.85 -9.30
N GLU A 129 10.89 12.02 -9.02
CA GLU A 129 11.69 13.15 -8.54
C GLU A 129 12.03 13.02 -7.07
N THR A 130 11.69 11.88 -6.47
CA THR A 130 11.97 11.64 -5.06
C THR A 130 12.74 10.33 -4.85
N HIS A 131 12.04 9.21 -5.00
CA HIS A 131 12.63 7.88 -4.83
C HIS A 131 13.53 7.81 -3.60
N MET A 21 8.92 -10.14 23.70
CA MET A 21 8.82 -10.72 25.07
C MET A 21 7.86 -9.93 25.95
N ALA A 22 7.19 -8.94 25.35
CA ALA A 22 6.25 -8.10 26.09
C ALA A 22 5.11 -8.95 26.67
N ASP A 23 4.83 -8.72 27.96
CA ASP A 23 3.78 -9.47 28.64
C ASP A 23 4.05 -10.97 28.60
N GLU A 24 3.52 -11.63 27.56
CA GLU A 24 3.71 -13.07 27.40
C GLU A 24 3.17 -13.54 26.06
N ASN A 25 3.65 -12.92 24.98
CA ASN A 25 3.23 -13.28 23.63
C ASN A 25 1.72 -13.17 23.46
N LYS A 26 1.09 -12.38 24.34
CA LYS A 26 -0.35 -12.18 24.29
C LYS A 26 -0.72 -10.99 23.41
N TRP A 27 -0.07 -10.90 22.25
CA TRP A 27 -0.33 -9.80 21.32
C TRP A 27 -0.15 -10.24 19.87
N VAL A 28 -0.23 -11.54 19.63
CA VAL A 28 -0.08 -12.09 18.29
C VAL A 28 -1.44 -12.19 17.57
N ARG A 29 -1.84 -11.08 16.97
CA ARG A 29 -3.10 -11.01 16.24
C ARG A 29 -4.28 -11.09 17.19
N ARG A 30 -3.97 -11.07 18.47
CA ARG A 30 -5.00 -11.12 19.50
C ARG A 30 -5.59 -9.73 19.66
N ASP A 31 -6.83 -9.55 19.17
CA ASP A 31 -7.52 -8.26 19.25
C ASP A 31 -6.94 -7.26 18.27
N VAL A 32 -5.88 -7.68 17.58
CA VAL A 32 -5.21 -6.82 16.60
C VAL A 32 -6.18 -6.39 15.50
N SER A 33 -6.31 -7.22 14.46
CA SER A 33 -7.21 -6.92 13.33
C SER A 33 -6.87 -5.57 12.71
N THR A 34 -7.48 -4.50 13.24
CA THR A 34 -7.26 -3.15 12.73
C THR A 34 -6.20 -2.43 13.53
N ALA A 35 -5.45 -3.18 14.33
CA ALA A 35 -4.38 -2.60 15.15
C ALA A 35 -3.19 -2.20 14.29
N LEU A 36 -3.30 -2.47 12.99
CA LEU A 36 -2.25 -2.15 12.03
C LEU A 36 -1.80 -0.69 12.15
N SER A 37 -2.57 0.10 12.89
CA SER A 37 -2.26 1.52 13.10
C SER A 37 -0.79 1.75 13.43
N ARG A 38 -0.11 0.73 13.97
CA ARG A 38 1.30 0.88 14.32
C ARG A 38 1.99 -0.47 14.50
N MET A 39 1.53 -1.26 15.47
CA MET A 39 2.12 -2.56 15.76
C MET A 39 2.30 -3.39 14.49
N GLY A 40 1.29 -3.39 13.63
CA GLY A 40 1.37 -4.15 12.39
C GLY A 40 1.78 -5.60 12.62
N ASP A 41 2.38 -6.22 11.60
CA ASP A 41 2.81 -7.61 11.66
C ASP A 41 1.61 -8.54 11.81
N GLU A 42 1.04 -8.55 13.01
CA GLU A 42 -0.12 -9.38 13.28
C GLU A 42 -1.30 -8.95 12.42
N ALA A 43 -1.21 -7.73 11.89
CA ALA A 43 -2.27 -7.18 11.04
C ALA A 43 -1.87 -7.18 9.57
N PHE A 44 -0.71 -7.78 9.28
CA PHE A 44 -0.21 -7.84 7.91
C PHE A 44 -1.26 -8.45 7.00
N GLU A 45 -1.74 -9.63 7.36
CA GLU A 45 -2.76 -10.31 6.57
C GLU A 45 -4.06 -9.50 6.53
N PRO A 46 -4.66 -9.16 7.70
CA PRO A 46 -5.90 -8.38 7.75
C PRO A 46 -5.85 -7.20 6.80
N LEU A 47 -4.65 -6.71 6.54
CA LEU A 47 -4.45 -5.57 5.65
C LEU A 47 -4.85 -5.94 4.22
N LEU A 48 -4.22 -6.97 3.66
CA LEU A 48 -4.53 -7.42 2.31
C LEU A 48 -5.92 -8.04 2.29
N GLU A 49 -6.40 -8.43 3.46
CA GLU A 49 -7.72 -9.04 3.59
C GLU A 49 -8.81 -8.02 3.32
N SER A 50 -8.55 -6.77 3.72
CA SER A 50 -9.52 -5.69 3.53
C SER A 50 -9.71 -5.37 2.05
N LEU A 51 -8.81 -5.87 1.21
CA LEU A 51 -8.89 -5.64 -0.23
C LEU A 51 -10.13 -6.32 -0.82
N SER A 52 -10.78 -7.15 0.00
CA SER A 52 -11.97 -7.86 -0.44
C SER A 52 -13.20 -7.39 0.33
N ASN A 53 -13.07 -6.28 1.05
CA ASN A 53 -14.17 -5.73 1.82
C ASN A 53 -15.14 -4.97 0.93
N GLU A 54 -16.43 -5.09 1.24
CA GLU A 54 -17.46 -4.41 0.46
C GLU A 54 -17.38 -2.90 0.62
N ASP A 55 -16.81 -2.46 1.75
CA ASP A 55 -16.68 -1.04 2.02
C ASP A 55 -15.38 -0.49 1.44
N TRP A 56 -15.47 0.66 0.79
CA TRP A 56 -14.29 1.29 0.19
C TRP A 56 -13.49 2.07 1.22
N ARG A 57 -14.20 2.68 2.16
CA ARG A 57 -13.57 3.46 3.22
C ARG A 57 -12.59 2.61 4.03
N ILE A 58 -12.89 1.32 4.13
CA ILE A 58 -12.03 0.40 4.87
C ILE A 58 -10.86 -0.09 4.02
N ARG A 59 -11.14 -0.38 2.75
CA ARG A 59 -10.11 -0.86 1.83
C ARG A 59 -9.03 0.18 1.60
N GLY A 60 -9.44 1.44 1.49
CA GLY A 60 -8.48 2.51 1.27
C GLY A 60 -7.45 2.59 2.37
N ALA A 61 -7.92 2.83 3.60
CA ALA A 61 -7.05 2.94 4.77
C ALA A 61 -6.06 1.78 4.82
N ALA A 62 -6.45 0.64 4.26
CA ALA A 62 -5.59 -0.53 4.24
C ALA A 62 -4.28 -0.24 3.54
N ALA A 63 -4.36 0.22 2.29
CA ALA A 63 -3.17 0.54 1.51
C ALA A 63 -2.46 1.77 2.07
N TRP A 64 -3.22 2.63 2.75
CA TRP A 64 -2.68 3.85 3.32
C TRP A 64 -1.50 3.58 4.26
N ILE A 65 -1.64 2.57 5.12
CA ILE A 65 -0.59 2.23 6.07
C ILE A 65 0.25 1.04 5.61
N ILE A 66 -0.30 0.23 4.71
CA ILE A 66 0.40 -0.96 4.21
C ILE A 66 1.74 -0.61 3.56
N GLY A 67 1.83 0.58 2.97
CA GLY A 67 3.05 0.98 2.32
C GLY A 67 4.21 1.15 3.28
N ASN A 68 3.91 1.26 4.56
CA ASN A 68 4.92 1.44 5.59
C ASN A 68 5.75 0.17 5.79
N PHE A 69 5.17 -0.98 5.46
CA PHE A 69 5.84 -2.27 5.62
C PHE A 69 6.96 -2.47 4.61
N GLN A 70 6.88 -1.78 3.47
CA GLN A 70 7.90 -1.89 2.43
C GLN A 70 8.07 -3.34 1.97
N ASP A 71 7.01 -4.12 2.12
CA ASP A 71 7.04 -5.52 1.73
C ASP A 71 6.33 -5.74 0.39
N GLU A 72 6.62 -6.87 -0.25
CA GLU A 72 6.02 -7.20 -1.54
C GLU A 72 4.53 -7.43 -1.38
N ARG A 73 4.13 -7.98 -0.25
CA ARG A 73 2.73 -8.23 0.05
C ARG A 73 1.98 -6.92 0.24
N ALA A 74 2.74 -5.83 0.34
CA ALA A 74 2.16 -4.50 0.56
C ALA A 74 2.14 -3.65 -0.71
N VAL A 75 2.99 -3.98 -1.68
CA VAL A 75 3.06 -3.20 -2.92
C VAL A 75 1.90 -3.52 -3.86
N GLU A 76 1.47 -4.77 -3.89
CA GLU A 76 0.35 -5.17 -4.76
C GLU A 76 -0.91 -4.36 -4.45
N PRO A 77 -1.35 -4.29 -3.18
CA PRO A 77 -2.55 -3.52 -2.82
C PRO A 77 -2.50 -2.09 -3.33
N LEU A 78 -1.29 -1.60 -3.58
CA LEU A 78 -1.10 -0.25 -4.09
C LEU A 78 -1.36 -0.21 -5.59
N ILE A 79 -0.96 -1.27 -6.28
CA ILE A 79 -1.13 -1.37 -7.72
C ILE A 79 -2.59 -1.28 -8.14
N LYS A 80 -3.42 -2.14 -7.56
CA LYS A 80 -4.85 -2.18 -7.89
C LYS A 80 -5.61 -0.96 -7.38
N LEU A 81 -4.98 -0.19 -6.49
CA LEU A 81 -5.63 0.98 -5.92
C LEU A 81 -5.38 2.26 -6.72
N LEU A 82 -4.25 2.33 -7.42
CA LEU A 82 -3.92 3.49 -8.22
C LEU A 82 -4.91 3.65 -9.37
N GLU A 83 -5.73 2.63 -9.56
CA GLU A 83 -6.72 2.64 -10.62
C GLU A 83 -8.12 2.47 -10.06
N ASP A 84 -8.23 2.38 -8.74
CA ASP A 84 -9.51 2.22 -8.08
C ASP A 84 -10.44 3.38 -8.37
N ASP A 85 -9.84 4.55 -8.52
CA ASP A 85 -10.58 5.77 -8.82
C ASP A 85 -11.71 6.02 -7.81
N SER A 86 -11.53 5.53 -6.58
CA SER A 86 -12.55 5.72 -5.55
C SER A 86 -12.37 7.06 -4.84
N GLY A 87 -11.14 7.56 -4.86
CA GLY A 87 -10.84 8.83 -4.22
C GLY A 87 -9.67 8.72 -3.27
N PHE A 88 -9.94 8.79 -1.96
CA PHE A 88 -8.87 8.67 -0.98
C PHE A 88 -8.20 7.32 -1.14
N VAL A 89 -8.97 6.36 -1.65
CA VAL A 89 -8.46 5.02 -1.89
C VAL A 89 -7.42 5.05 -3.00
N ARG A 90 -7.64 5.93 -3.97
CA ARG A 90 -6.73 6.07 -5.08
C ARG A 90 -5.48 6.83 -4.64
N SER A 91 -5.70 7.96 -3.97
CA SER A 91 -4.60 8.78 -3.47
C SER A 91 -3.84 8.07 -2.36
N GLY A 92 -4.49 7.09 -1.74
CA GLY A 92 -3.86 6.34 -0.67
C GLY A 92 -2.65 5.58 -1.14
N ALA A 93 -2.86 4.63 -2.05
CA ALA A 93 -1.78 3.83 -2.59
C ALA A 93 -0.69 4.72 -3.20
N ALA A 94 -1.08 5.91 -3.61
CA ALA A 94 -0.16 6.86 -4.22
C ALA A 94 0.95 7.26 -3.24
N ARG A 95 0.55 7.81 -2.10
CA ARG A 95 1.51 8.24 -1.08
C ARG A 95 2.28 7.06 -0.51
N SER A 96 1.59 5.94 -0.35
CA SER A 96 2.21 4.73 0.20
C SER A 96 3.43 4.32 -0.61
N LEU A 97 3.34 4.48 -1.93
CA LEU A 97 4.44 4.14 -2.82
C LEU A 97 5.60 5.12 -2.64
N GLU A 98 5.33 6.39 -2.89
CA GLU A 98 6.34 7.43 -2.73
C GLU A 98 6.97 7.34 -1.35
N GLN A 99 6.20 6.78 -0.42
CA GLN A 99 6.65 6.60 0.95
C GLN A 99 7.72 5.52 1.00
N ILE A 100 7.47 4.42 0.28
CA ILE A 100 8.42 3.31 0.22
C ILE A 100 9.78 3.81 -0.30
N GLY A 101 9.76 4.38 -1.50
CA GLY A 101 10.98 4.90 -2.09
C GLY A 101 11.94 3.80 -2.51
N GLY A 102 12.50 3.95 -3.71
CA GLY A 102 13.44 2.96 -4.20
C GLY A 102 13.04 2.39 -5.54
N GLU A 103 13.91 1.56 -6.10
CA GLU A 103 13.66 0.93 -7.40
C GLU A 103 12.42 0.05 -7.33
N ARG A 104 12.08 -0.39 -6.12
CA ARG A 104 10.92 -1.24 -5.90
C ARG A 104 9.66 -0.59 -6.45
N VAL A 105 9.31 0.55 -5.90
CA VAL A 105 8.13 1.28 -6.33
C VAL A 105 8.35 1.88 -7.71
N ARG A 106 9.61 2.10 -8.06
CA ARG A 106 9.95 2.71 -9.34
C ARG A 106 9.36 1.91 -10.50
N ALA A 107 9.19 0.62 -10.31
CA ALA A 107 8.63 -0.24 -11.35
C ALA A 107 7.11 -0.21 -11.31
N ALA A 108 6.56 0.06 -10.14
CA ALA A 108 5.12 0.13 -9.96
C ALA A 108 4.54 1.37 -10.63
N MET A 109 5.17 2.52 -10.41
CA MET A 109 4.70 3.75 -11.01
C MET A 109 4.96 3.79 -12.51
N GLU A 110 6.11 3.25 -12.92
CA GLU A 110 6.45 3.20 -14.33
C GLU A 110 5.35 2.50 -15.11
N LYS A 111 4.77 1.48 -14.49
CA LYS A 111 3.67 0.72 -15.11
C LYS A 111 2.35 1.45 -14.92
N LEU A 112 2.28 2.33 -13.94
CA LEU A 112 1.07 3.09 -13.67
C LEU A 112 1.00 4.30 -14.59
N ALA A 113 2.18 4.76 -15.03
CA ALA A 113 2.27 5.90 -15.93
C ALA A 113 1.66 5.56 -17.29
N GLU A 114 1.62 4.28 -17.60
CA GLU A 114 1.07 3.81 -18.87
C GLU A 114 -0.45 3.75 -18.79
N THR A 115 -0.96 3.66 -17.55
CA THR A 115 -2.39 3.60 -17.32
C THR A 115 -2.78 4.77 -16.42
N GLY A 116 -1.88 5.74 -16.34
CA GLY A 116 -2.09 6.91 -15.52
C GLY A 116 -3.35 7.65 -15.86
N THR A 117 -4.16 7.89 -14.84
CA THR A 117 -5.41 8.62 -15.00
C THR A 117 -5.63 9.57 -13.83
N GLY A 118 -5.94 10.84 -14.15
CA GLY A 118 -6.16 11.83 -13.12
C GLY A 118 -4.95 12.02 -12.22
N PHE A 119 -5.20 12.01 -10.91
CA PHE A 119 -4.13 12.20 -9.93
C PHE A 119 -3.19 11.00 -9.89
N ALA A 120 -3.75 9.81 -10.11
CA ALA A 120 -2.96 8.57 -10.08
C ALA A 120 -1.70 8.64 -10.92
N ARG A 121 -1.75 9.40 -12.03
CA ARG A 121 -0.60 9.52 -12.92
C ARG A 121 0.43 10.51 -12.39
N LYS A 122 -0.02 11.73 -12.07
CA LYS A 122 0.87 12.77 -11.56
C LYS A 122 1.79 12.20 -10.48
N VAL A 123 1.34 11.12 -9.87
CA VAL A 123 2.08 10.44 -8.83
C VAL A 123 3.30 9.72 -9.39
N ALA A 124 3.05 8.78 -10.29
CA ALA A 124 4.11 7.99 -10.91
C ALA A 124 5.19 8.87 -11.55
N VAL A 125 4.75 9.81 -12.36
CA VAL A 125 5.64 10.70 -13.09
C VAL A 125 6.46 11.61 -12.17
N ASN A 126 5.78 12.48 -11.43
CA ASN A 126 6.46 13.42 -10.54
C ASN A 126 7.38 12.71 -9.57
N TYR A 127 6.90 11.65 -8.96
CA TYR A 127 7.68 10.90 -7.99
C TYR A 127 8.95 10.33 -8.60
N LEU A 128 8.86 9.89 -9.84
CA LEU A 128 10.00 9.29 -10.52
C LEU A 128 11.25 10.16 -10.40
N GLU A 129 11.04 11.47 -10.21
CA GLU A 129 12.15 12.41 -10.08
C GLU A 129 12.92 12.20 -8.77
N THR A 130 12.57 11.16 -8.02
CA THR A 130 13.24 10.87 -6.76
C THR A 130 14.34 9.83 -6.93
N HIS A 131 13.96 8.58 -7.17
CA HIS A 131 14.92 7.51 -7.35
C HIS A 131 15.30 7.36 -8.83
N MET A 21 10.51 -15.81 5.24
CA MET A 21 9.29 -15.93 6.07
C MET A 21 9.62 -16.44 7.47
N ALA A 22 10.88 -16.80 7.68
CA ALA A 22 11.34 -17.29 8.97
C ALA A 22 11.73 -16.15 9.89
N ASP A 23 11.76 -16.42 11.19
CA ASP A 23 12.11 -15.41 12.19
C ASP A 23 11.13 -14.24 12.17
N GLU A 24 11.25 -13.36 13.15
CA GLU A 24 10.37 -12.20 13.26
C GLU A 24 8.91 -12.62 13.31
N ASN A 25 8.67 -13.88 13.64
CA ASN A 25 7.32 -14.42 13.73
C ASN A 25 7.10 -15.09 15.08
N LYS A 26 8.17 -15.63 15.65
CA LYS A 26 8.10 -16.31 16.94
C LYS A 26 7.79 -15.32 18.05
N TRP A 27 7.98 -14.03 17.77
CA TRP A 27 7.72 -12.99 18.75
C TRP A 27 6.56 -12.09 18.30
N VAL A 28 5.55 -12.71 17.70
CA VAL A 28 4.39 -11.96 17.23
C VAL A 28 3.54 -11.48 18.40
N ARG A 29 2.96 -10.28 18.24
CA ARG A 29 2.11 -9.67 19.28
C ARG A 29 2.94 -9.23 20.47
N ARG A 30 4.25 -9.30 20.31
CA ARG A 30 5.16 -8.89 21.37
C ARG A 30 4.96 -7.40 21.65
N ASP A 31 4.30 -7.11 22.78
CA ASP A 31 4.02 -5.74 23.18
C ASP A 31 2.96 -5.11 22.26
N VAL A 32 2.46 -5.91 21.32
CA VAL A 32 1.44 -5.44 20.39
C VAL A 32 0.04 -5.79 20.88
N SER A 33 -0.97 -5.19 20.26
CA SER A 33 -2.35 -5.44 20.65
C SER A 33 -3.30 -5.12 19.49
N THR A 34 -3.01 -4.04 18.77
CA THR A 34 -3.84 -3.64 17.64
C THR A 34 -3.69 -4.62 16.48
N ALA A 35 -4.65 -4.62 15.56
CA ALA A 35 -4.60 -5.54 14.43
C ALA A 35 -3.99 -4.89 13.18
N LEU A 36 -4.72 -3.97 12.57
CA LEU A 36 -4.25 -3.32 11.34
C LEU A 36 -3.36 -2.10 11.61
N SER A 37 -3.59 -1.42 12.73
CA SER A 37 -2.80 -0.23 13.07
C SER A 37 -1.30 -0.57 13.08
N ARG A 38 -0.96 -1.70 13.70
CA ARG A 38 0.43 -2.13 13.78
C ARG A 38 0.54 -3.58 14.25
N MET A 39 0.94 -4.47 13.35
CA MET A 39 1.09 -5.88 13.68
C MET A 39 2.42 -6.41 13.16
N GLY A 40 2.79 -5.97 11.96
CA GLY A 40 4.04 -6.39 11.36
C GLY A 40 3.84 -7.44 10.29
N ASP A 41 3.83 -8.70 10.69
CA ASP A 41 3.66 -9.81 9.75
C ASP A 41 2.48 -10.70 10.14
N GLU A 42 1.67 -10.22 11.08
CA GLU A 42 0.51 -10.98 11.54
C GLU A 42 -0.76 -10.50 10.87
N ALA A 43 -0.93 -9.18 10.80
CA ALA A 43 -2.12 -8.60 10.18
C ALA A 43 -1.80 -7.97 8.83
N PHE A 44 -0.62 -8.28 8.30
CA PHE A 44 -0.20 -7.75 7.01
C PHE A 44 -1.16 -8.19 5.92
N GLU A 45 -1.41 -9.49 5.85
CA GLU A 45 -2.31 -10.06 4.86
C GLU A 45 -3.74 -9.54 5.02
N PRO A 46 -4.35 -9.65 6.23
CA PRO A 46 -5.72 -9.16 6.46
C PRO A 46 -5.96 -7.83 5.76
N LEU A 47 -4.89 -7.07 5.61
CA LEU A 47 -4.93 -5.79 4.95
C LEU A 47 -5.11 -5.97 3.45
N LEU A 48 -4.20 -6.75 2.86
CA LEU A 48 -4.24 -7.05 1.43
C LEU A 48 -5.52 -7.82 1.08
N GLU A 49 -6.08 -8.47 2.09
CA GLU A 49 -7.30 -9.24 1.92
C GLU A 49 -8.51 -8.31 2.00
N SER A 50 -8.40 -7.29 2.85
CA SER A 50 -9.47 -6.33 3.04
C SER A 50 -9.70 -5.50 1.77
N LEU A 51 -8.72 -5.55 0.86
CA LEU A 51 -8.81 -4.81 -0.39
C LEU A 51 -9.97 -5.31 -1.24
N SER A 52 -10.51 -6.47 -0.86
CA SER A 52 -11.63 -7.06 -1.58
C SER A 52 -12.94 -6.79 -0.86
N ASN A 53 -12.95 -5.76 -0.03
CA ASN A 53 -14.15 -5.40 0.73
C ASN A 53 -15.08 -4.51 -0.10
N GLU A 54 -16.38 -4.67 0.12
CA GLU A 54 -17.38 -3.89 -0.61
C GLU A 54 -17.31 -2.42 -0.24
N ASP A 55 -16.72 -2.12 0.91
CA ASP A 55 -16.60 -0.74 1.38
C ASP A 55 -15.39 -0.06 0.77
N TRP A 56 -15.37 1.27 0.82
CA TRP A 56 -14.26 2.05 0.27
C TRP A 56 -13.34 2.55 1.38
N ARG A 57 -13.94 2.99 2.49
CA ARG A 57 -13.17 3.49 3.63
C ARG A 57 -12.25 2.42 4.20
N ILE A 58 -12.68 1.17 4.07
CA ILE A 58 -11.89 0.05 4.60
C ILE A 58 -10.75 -0.31 3.66
N ARG A 59 -11.03 -0.31 2.36
CA ARG A 59 -10.01 -0.64 1.36
C ARG A 59 -8.86 0.36 1.38
N GLY A 60 -9.20 1.65 1.46
CA GLY A 60 -8.17 2.68 1.48
C GLY A 60 -7.29 2.62 2.72
N ALA A 61 -7.91 2.70 3.88
CA ALA A 61 -7.18 2.66 5.15
C ALA A 61 -6.21 1.48 5.20
N ALA A 62 -6.54 0.41 4.47
CA ALA A 62 -5.68 -0.77 4.43
C ALA A 62 -4.34 -0.45 3.79
N ALA A 63 -4.37 0.18 2.62
CA ALA A 63 -3.16 0.55 1.91
C ALA A 63 -2.48 1.74 2.56
N TRP A 64 -3.24 2.57 3.26
CA TRP A 64 -2.71 3.74 3.93
C TRP A 64 -1.65 3.38 4.96
N ILE A 65 -1.88 2.26 5.66
CA ILE A 65 -0.96 1.79 6.70
C ILE A 65 -0.06 0.68 6.18
N ILE A 66 -0.47 0.03 5.09
CA ILE A 66 0.30 -1.08 4.52
C ILE A 66 1.71 -0.68 4.10
N GLY A 67 1.86 0.54 3.58
CA GLY A 67 3.17 0.99 3.13
C GLY A 67 4.13 1.26 4.27
N ASN A 68 3.64 1.21 5.50
CA ASN A 68 4.47 1.48 6.68
C ASN A 68 5.47 0.36 6.95
N PHE A 69 5.16 -0.86 6.51
CA PHE A 69 6.05 -2.00 6.74
C PHE A 69 7.11 -2.15 5.65
N GLN A 70 6.80 -1.66 4.45
CA GLN A 70 7.73 -1.75 3.31
C GLN A 70 8.07 -3.21 2.98
N ASP A 71 7.05 -3.98 2.61
CA ASP A 71 7.25 -5.38 2.26
C ASP A 71 6.61 -5.68 0.90
N GLU A 72 6.78 -6.92 0.43
CA GLU A 72 6.22 -7.33 -0.85
C GLU A 72 4.69 -7.30 -0.82
N ARG A 73 4.13 -7.60 0.35
CA ARG A 73 2.68 -7.61 0.52
C ARG A 73 2.11 -6.20 0.44
N ALA A 74 2.99 -5.20 0.47
CA ALA A 74 2.58 -3.81 0.43
C ALA A 74 2.86 -3.20 -0.95
N VAL A 75 3.23 -4.06 -1.89
CA VAL A 75 3.54 -3.62 -3.24
C VAL A 75 2.32 -3.64 -4.15
N GLU A 76 1.70 -4.81 -4.30
CA GLU A 76 0.53 -4.96 -5.16
C GLU A 76 -0.64 -4.07 -4.72
N PRO A 77 -0.96 -4.04 -3.41
CA PRO A 77 -2.06 -3.23 -2.89
C PRO A 77 -2.09 -1.83 -3.49
N LEU A 78 -0.92 -1.18 -3.50
CA LEU A 78 -0.83 0.16 -4.03
C LEU A 78 -1.22 0.22 -5.50
N ILE A 79 -0.88 -0.84 -6.24
CA ILE A 79 -1.20 -0.89 -7.67
C ILE A 79 -2.71 -0.84 -7.93
N LYS A 80 -3.42 -1.83 -7.40
CA LYS A 80 -4.86 -1.93 -7.58
C LYS A 80 -5.62 -0.86 -6.81
N LEU A 81 -4.93 -0.16 -5.91
CA LEU A 81 -5.58 0.86 -5.09
C LEU A 81 -5.57 2.26 -5.71
N LEU A 82 -4.42 2.67 -6.24
CA LEU A 82 -4.30 4.01 -6.83
C LEU A 82 -5.14 4.13 -8.10
N GLU A 83 -5.68 3.01 -8.55
CA GLU A 83 -6.49 2.99 -9.76
C GLU A 83 -7.98 2.94 -9.42
N ASP A 84 -8.29 2.83 -8.13
CA ASP A 84 -9.67 2.76 -7.66
C ASP A 84 -10.44 4.02 -8.02
N ASP A 85 -9.74 5.14 -8.01
CA ASP A 85 -10.35 6.42 -8.33
C ASP A 85 -11.47 6.73 -7.35
N SER A 86 -11.37 6.17 -6.15
CA SER A 86 -12.38 6.37 -5.12
C SER A 86 -12.18 7.68 -4.38
N GLY A 87 -10.93 8.11 -4.25
CA GLY A 87 -10.63 9.35 -3.56
C GLY A 87 -9.45 9.21 -2.62
N PHE A 88 -9.71 9.23 -1.31
CA PHE A 88 -8.62 9.06 -0.36
C PHE A 88 -7.95 7.73 -0.62
N VAL A 89 -8.72 6.79 -1.15
CA VAL A 89 -8.22 5.47 -1.48
C VAL A 89 -7.20 5.59 -2.60
N ARG A 90 -7.54 6.37 -3.61
CA ARG A 90 -6.65 6.57 -4.75
C ARG A 90 -5.37 7.25 -4.29
N SER A 91 -5.50 8.32 -3.52
CA SER A 91 -4.36 9.06 -3.01
C SER A 91 -3.56 8.23 -2.02
N GLY A 92 -4.22 7.27 -1.38
CA GLY A 92 -3.55 6.41 -0.41
C GLY A 92 -2.33 5.73 -0.99
N ALA A 93 -2.55 4.80 -1.89
CA ALA A 93 -1.47 4.07 -2.54
C ALA A 93 -0.38 5.02 -3.04
N ALA A 94 -0.79 6.22 -3.44
CA ALA A 94 0.16 7.21 -3.95
C ALA A 94 1.20 7.62 -2.92
N ARG A 95 0.76 7.93 -1.70
CA ARG A 95 1.69 8.34 -0.64
C ARG A 95 2.54 7.18 -0.14
N SER A 96 1.94 6.01 0.00
CA SER A 96 2.65 4.83 0.48
C SER A 96 3.90 4.55 -0.36
N LEU A 97 3.88 4.95 -1.63
CA LEU A 97 5.02 4.73 -2.53
C LEU A 97 6.29 5.32 -1.92
N GLU A 98 6.28 6.63 -1.70
CA GLU A 98 7.42 7.32 -1.09
C GLU A 98 7.90 6.58 0.17
N GLN A 99 6.94 6.05 0.92
CA GLN A 99 7.26 5.32 2.14
C GLN A 99 8.00 4.02 1.83
N ILE A 100 7.72 3.45 0.67
CA ILE A 100 8.36 2.21 0.24
C ILE A 100 9.75 2.46 -0.33
N GLY A 101 9.80 3.26 -1.40
CA GLY A 101 11.09 3.57 -2.03
C GLY A 101 10.95 3.82 -3.51
N GLY A 102 11.72 4.77 -4.02
CA GLY A 102 11.67 5.11 -5.42
C GLY A 102 12.22 4.01 -6.31
N GLU A 103 13.42 3.53 -6.00
CA GLU A 103 14.08 2.49 -6.80
C GLU A 103 13.21 1.24 -6.98
N ARG A 104 12.44 0.89 -5.94
CA ARG A 104 11.60 -0.30 -5.99
C ARG A 104 10.24 0.02 -6.60
N VAL A 105 9.53 0.96 -5.99
CA VAL A 105 8.21 1.36 -6.46
C VAL A 105 8.26 1.90 -7.88
N ARG A 106 9.43 2.34 -8.32
CA ARG A 106 9.58 2.88 -9.68
C ARG A 106 9.06 1.88 -10.70
N ALA A 107 9.19 0.60 -10.38
CA ALA A 107 8.70 -0.46 -11.27
C ALA A 107 7.18 -0.46 -11.28
N ALA A 108 6.60 -0.13 -10.15
CA ALA A 108 5.15 -0.08 -10.00
C ALA A 108 4.59 1.11 -10.76
N MET A 109 5.23 2.26 -10.57
CA MET A 109 4.80 3.49 -11.24
C MET A 109 4.91 3.37 -12.74
N GLU A 110 6.06 2.90 -13.19
CA GLU A 110 6.29 2.71 -14.62
C GLU A 110 5.16 1.89 -15.22
N LYS A 111 4.62 0.98 -14.40
CA LYS A 111 3.52 0.13 -14.84
C LYS A 111 2.19 0.89 -14.77
N LEU A 112 2.11 1.88 -13.89
CA LEU A 112 0.90 2.67 -13.76
C LEU A 112 0.87 3.75 -14.83
N ALA A 113 2.05 4.15 -15.32
CA ALA A 113 2.15 5.15 -16.36
C ALA A 113 1.45 4.65 -17.62
N GLU A 114 1.33 3.33 -17.71
CA GLU A 114 0.67 2.69 -18.84
C GLU A 114 -0.84 2.76 -18.65
N THR A 115 -1.26 2.76 -17.39
CA THR A 115 -2.68 2.83 -17.04
C THR A 115 -2.98 4.20 -16.45
N GLY A 116 -2.09 5.15 -16.71
CA GLY A 116 -2.24 6.49 -16.21
C GLY A 116 -3.59 7.09 -16.49
N THR A 117 -4.36 7.33 -15.43
CA THR A 117 -5.69 7.92 -15.55
C THR A 117 -5.94 8.93 -14.45
N GLY A 118 -6.38 10.12 -14.83
CA GLY A 118 -6.66 11.17 -13.86
C GLY A 118 -5.46 11.51 -13.00
N PHE A 119 -5.66 11.49 -11.68
CA PHE A 119 -4.60 11.79 -10.73
C PHE A 119 -3.60 10.64 -10.63
N ALA A 120 -4.09 9.43 -10.82
CA ALA A 120 -3.25 8.23 -10.73
C ALA A 120 -2.00 8.35 -11.60
N ARG A 121 -2.14 8.97 -12.77
CA ARG A 121 -1.02 9.13 -13.69
C ARG A 121 0.04 10.08 -13.11
N LYS A 122 -0.38 11.30 -12.81
CA LYS A 122 0.52 12.31 -12.27
C LYS A 122 1.35 11.74 -11.11
N VAL A 123 0.81 10.70 -10.49
CA VAL A 123 1.48 10.04 -9.38
C VAL A 123 2.76 9.34 -9.82
N ALA A 124 2.61 8.39 -10.74
CA ALA A 124 3.77 7.64 -11.25
C ALA A 124 4.79 8.55 -11.90
N VAL A 125 4.31 9.54 -12.62
CA VAL A 125 5.17 10.47 -13.33
C VAL A 125 6.02 11.32 -12.39
N ASN A 126 5.35 12.05 -11.51
CA ASN A 126 6.04 12.94 -10.56
C ASN A 126 6.84 12.19 -9.51
N TYR A 127 6.28 11.12 -8.95
CA TYR A 127 6.95 10.37 -7.91
C TYR A 127 8.26 9.78 -8.41
N LEU A 128 8.23 9.19 -9.59
CA LEU A 128 9.42 8.58 -10.18
C LEU A 128 10.60 9.56 -10.15
N GLU A 129 10.30 10.85 -10.00
CA GLU A 129 11.32 11.88 -9.93
C GLU A 129 12.08 11.81 -8.62
N THR A 130 11.80 10.77 -7.83
CA THR A 130 12.47 10.57 -6.55
C THR A 130 13.68 9.69 -6.71
N HIS A 131 13.54 8.65 -7.53
CA HIS A 131 14.63 7.73 -7.79
C HIS A 131 14.65 7.30 -9.26
N MET A 21 13.67 -8.14 21.48
CA MET A 21 13.74 -6.70 21.83
C MET A 21 15.20 -6.22 21.88
N ALA A 22 16.09 -7.14 22.23
CA ALA A 22 17.52 -6.82 22.32
C ALA A 22 18.36 -8.00 21.85
N ASP A 23 17.70 -9.09 21.49
CA ASP A 23 18.39 -10.29 21.02
C ASP A 23 17.47 -11.14 20.15
N GLU A 24 16.17 -10.88 20.24
CA GLU A 24 15.18 -11.62 19.47
C GLU A 24 14.75 -10.84 18.24
N ASN A 25 14.28 -9.61 18.46
CA ASN A 25 13.81 -8.75 17.37
C ASN A 25 14.45 -7.37 17.47
N LYS A 26 15.00 -6.90 16.36
CA LYS A 26 15.64 -5.58 16.33
C LYS A 26 15.28 -4.83 15.04
N TRP A 27 14.88 -5.58 14.02
CA TRP A 27 14.52 -4.99 12.73
C TRP A 27 13.15 -5.47 12.28
N VAL A 28 12.34 -5.95 13.23
CA VAL A 28 11.01 -6.44 12.93
C VAL A 28 9.93 -5.46 13.38
N ARG A 29 10.03 -5.02 14.63
CA ARG A 29 9.07 -4.08 15.20
C ARG A 29 9.76 -2.83 15.70
N ARG A 30 10.90 -2.50 15.11
CA ARG A 30 11.64 -1.31 15.49
C ARG A 30 10.75 -0.08 15.32
N ASP A 31 10.22 0.43 16.43
CA ASP A 31 9.34 1.60 16.40
C ASP A 31 8.04 1.31 15.65
N VAL A 32 7.91 0.09 15.14
CA VAL A 32 6.71 -0.30 14.39
C VAL A 32 5.59 -0.70 15.34
N SER A 33 5.43 -2.01 15.56
CA SER A 33 4.39 -2.53 16.44
C SER A 33 3.03 -1.92 16.10
N THR A 34 2.85 -1.54 14.85
CA THR A 34 1.60 -0.94 14.40
C THR A 34 1.31 -1.25 12.94
N ALA A 35 0.48 -2.27 12.70
CA ALA A 35 0.13 -2.62 11.33
C ALA A 35 -1.18 -1.98 10.90
N LEU A 36 -2.30 -2.50 11.42
CA LEU A 36 -3.60 -1.91 11.12
C LEU A 36 -3.95 -0.85 12.16
N SER A 37 -4.21 -1.31 13.38
CA SER A 37 -4.52 -0.43 14.49
C SER A 37 -3.24 -0.09 15.25
N ARG A 38 -2.53 -1.13 15.63
CA ARG A 38 -1.27 -1.02 16.38
C ARG A 38 -0.76 -2.41 16.76
N MET A 39 -0.24 -3.15 15.78
CA MET A 39 0.27 -4.49 16.04
C MET A 39 1.63 -4.70 15.39
N GLY A 40 1.76 -4.26 14.15
CA GLY A 40 3.02 -4.41 13.43
C GLY A 40 3.30 -5.83 13.00
N ASP A 41 3.32 -6.05 11.69
CA ASP A 41 3.60 -7.37 11.11
C ASP A 41 2.61 -8.43 11.61
N GLU A 42 1.57 -7.98 12.30
CA GLU A 42 0.56 -8.90 12.81
C GLU A 42 -0.72 -8.78 11.98
N ALA A 43 -1.00 -7.56 11.54
CA ALA A 43 -2.19 -7.30 10.74
C ALA A 43 -1.83 -7.09 9.26
N PHE A 44 -0.64 -7.55 8.88
CA PHE A 44 -0.17 -7.45 7.51
C PHE A 44 -1.17 -8.07 6.55
N GLU A 45 -1.54 -9.32 6.82
CA GLU A 45 -2.50 -10.03 6.00
C GLU A 45 -3.87 -9.36 6.05
N PRO A 46 -4.48 -9.19 7.25
CA PRO A 46 -5.79 -8.54 7.40
C PRO A 46 -5.92 -7.33 6.50
N LEU A 47 -4.80 -6.65 6.30
CA LEU A 47 -4.75 -5.47 5.44
C LEU A 47 -5.11 -5.86 4.02
N LEU A 48 -4.34 -6.80 3.46
CA LEU A 48 -4.58 -7.29 2.11
C LEU A 48 -5.92 -8.00 2.05
N GLU A 49 -6.40 -8.44 3.20
CA GLU A 49 -7.67 -9.14 3.30
C GLU A 49 -8.82 -8.16 3.13
N SER A 50 -8.62 -6.93 3.62
CA SER A 50 -9.63 -5.88 3.54
C SER A 50 -9.91 -5.47 2.09
N LEU A 51 -8.99 -5.82 1.18
CA LEU A 51 -9.15 -5.47 -0.23
C LEU A 51 -10.35 -6.21 -0.83
N SER A 52 -10.94 -7.10 -0.05
CA SER A 52 -12.09 -7.88 -0.50
C SER A 52 -13.28 -7.64 0.43
N ASN A 53 -13.19 -6.57 1.23
CA ASN A 53 -14.24 -6.22 2.17
C ASN A 53 -15.30 -5.34 1.51
N GLU A 54 -16.57 -5.64 1.79
CA GLU A 54 -17.68 -4.89 1.22
C GLU A 54 -17.53 -3.38 1.47
N ASP A 55 -17.01 -3.02 2.64
CA ASP A 55 -16.82 -1.62 2.99
C ASP A 55 -15.61 -1.04 2.27
N TRP A 56 -15.78 0.15 1.68
CA TRP A 56 -14.70 0.81 0.96
C TRP A 56 -13.90 1.73 1.87
N ARG A 57 -14.57 2.25 2.90
CA ARG A 57 -13.92 3.16 3.84
C ARG A 57 -12.73 2.49 4.53
N ILE A 58 -12.87 1.20 4.81
CA ILE A 58 -11.81 0.45 5.47
C ILE A 58 -10.74 0.00 4.47
N ARG A 59 -11.19 -0.40 3.28
CA ARG A 59 -10.27 -0.86 2.24
C ARG A 59 -9.24 0.22 1.93
N GLY A 60 -9.61 1.47 2.18
CA GLY A 60 -8.70 2.58 1.94
C GLY A 60 -7.54 2.60 2.90
N ALA A 61 -7.84 2.77 4.18
CA ALA A 61 -6.82 2.81 5.22
C ALA A 61 -5.86 1.63 5.09
N ALA A 62 -6.33 0.55 4.46
CA ALA A 62 -5.52 -0.65 4.27
C ALA A 62 -4.22 -0.32 3.55
N ALA A 63 -4.33 0.27 2.36
CA ALA A 63 -3.16 0.62 1.56
C ALA A 63 -2.42 1.80 2.19
N TRP A 64 -3.13 2.60 2.95
CA TRP A 64 -2.56 3.79 3.59
C TRP A 64 -1.35 3.44 4.45
N ILE A 65 -1.46 2.38 5.24
CA ILE A 65 -0.37 1.97 6.12
C ILE A 65 0.45 0.83 5.51
N ILE A 66 -0.15 0.12 4.56
CA ILE A 66 0.51 -1.01 3.92
C ILE A 66 1.86 -0.60 3.31
N GLY A 67 1.94 0.63 2.81
CA GLY A 67 3.17 1.10 2.19
C GLY A 67 4.33 1.21 3.18
N ASN A 68 4.01 1.43 4.45
CA ASN A 68 5.04 1.58 5.48
C ASN A 68 5.73 0.24 5.78
N PHE A 69 5.33 -0.82 5.09
CA PHE A 69 5.93 -2.14 5.31
C PHE A 69 7.10 -2.38 4.37
N GLN A 70 6.97 -1.92 3.13
CA GLN A 70 8.02 -2.07 2.14
C GLN A 70 8.16 -3.54 1.73
N ASP A 71 7.01 -4.16 1.48
CA ASP A 71 6.98 -5.57 1.08
C ASP A 71 6.17 -5.75 -0.19
N GLU A 72 6.32 -6.90 -0.83
CA GLU A 72 5.61 -7.20 -2.06
C GLU A 72 4.10 -7.19 -1.84
N ARG A 73 3.67 -7.76 -0.72
CA ARG A 73 2.26 -7.83 -0.39
C ARG A 73 1.70 -6.44 -0.11
N ALA A 74 2.60 -5.45 -0.02
CA ALA A 74 2.20 -4.08 0.25
C ALA A 74 2.25 -3.23 -1.01
N VAL A 75 2.81 -3.80 -2.07
CA VAL A 75 2.93 -3.10 -3.33
C VAL A 75 1.74 -3.36 -4.24
N GLU A 76 1.22 -4.59 -4.19
CA GLU A 76 0.08 -4.97 -5.03
C GLU A 76 -1.16 -4.11 -4.74
N PRO A 77 -1.58 -3.99 -3.45
CA PRO A 77 -2.76 -3.20 -3.08
C PRO A 77 -2.70 -1.78 -3.57
N LEU A 78 -1.50 -1.33 -3.92
CA LEU A 78 -1.30 0.02 -4.40
C LEU A 78 -1.55 0.11 -5.90
N ILE A 79 -1.18 -0.94 -6.62
CA ILE A 79 -1.35 -0.98 -8.06
C ILE A 79 -2.82 -0.88 -8.45
N LYS A 80 -3.65 -1.75 -7.89
CA LYS A 80 -5.07 -1.77 -8.21
C LYS A 80 -5.80 -0.55 -7.65
N LEU A 81 -5.15 0.17 -6.76
CA LEU A 81 -5.76 1.34 -6.13
C LEU A 81 -5.53 2.65 -6.88
N LEU A 82 -4.35 2.80 -7.47
CA LEU A 82 -4.02 4.03 -8.19
C LEU A 82 -4.92 4.23 -9.40
N GLU A 83 -5.73 3.21 -9.69
CA GLU A 83 -6.64 3.28 -10.82
C GLU A 83 -8.09 3.31 -10.35
N ASP A 84 -8.31 3.03 -9.06
CA ASP A 84 -9.65 3.03 -8.49
C ASP A 84 -10.30 4.40 -8.61
N ASP A 85 -9.46 5.43 -8.53
CA ASP A 85 -9.92 6.82 -8.64
C ASP A 85 -11.12 7.09 -7.74
N SER A 86 -11.21 6.37 -6.62
CA SER A 86 -12.32 6.53 -5.69
C SER A 86 -12.06 7.65 -4.69
N GLY A 87 -10.79 7.78 -4.28
CA GLY A 87 -10.42 8.79 -3.31
C GLY A 87 -9.60 8.18 -2.18
N PHE A 88 -10.26 7.86 -1.08
CA PHE A 88 -9.57 7.24 0.05
C PHE A 88 -8.86 5.99 -0.45
N VAL A 89 -9.47 5.36 -1.45
CA VAL A 89 -8.93 4.16 -2.07
C VAL A 89 -7.73 4.51 -2.97
N ARG A 90 -7.97 5.34 -3.97
CA ARG A 90 -6.91 5.74 -4.92
C ARG A 90 -5.87 6.62 -4.25
N SER A 91 -6.30 7.81 -3.80
CA SER A 91 -5.40 8.75 -3.15
C SER A 91 -4.62 8.08 -2.02
N GLY A 92 -5.20 7.00 -1.48
CA GLY A 92 -4.55 6.27 -0.42
C GLY A 92 -3.26 5.66 -0.88
N ALA A 93 -3.34 4.77 -1.87
CA ALA A 93 -2.16 4.11 -2.40
C ALA A 93 -1.21 5.13 -3.03
N ALA A 94 -1.76 6.27 -3.47
CA ALA A 94 -0.97 7.32 -4.09
C ALA A 94 0.22 7.70 -3.23
N ARG A 95 -0.04 7.90 -1.94
CA ARG A 95 1.01 8.26 -1.01
C ARG A 95 1.79 7.03 -0.56
N SER A 96 1.11 5.88 -0.52
CA SER A 96 1.73 4.63 -0.11
C SER A 96 3.00 4.35 -0.91
N LEU A 97 2.93 4.56 -2.22
CA LEU A 97 4.08 4.33 -3.09
C LEU A 97 5.29 5.12 -2.61
N GLU A 98 5.13 6.45 -2.57
CA GLU A 98 6.21 7.33 -2.13
C GLU A 98 6.76 6.90 -0.77
N GLN A 99 5.90 6.32 0.07
CA GLN A 99 6.32 5.87 1.39
C GLN A 99 7.38 4.77 1.26
N ILE A 100 7.21 3.92 0.26
CA ILE A 100 8.15 2.83 0.01
C ILE A 100 9.46 3.36 -0.54
N GLY A 101 9.37 4.11 -1.63
CA GLY A 101 10.55 4.70 -2.24
C GLY A 101 11.54 3.68 -2.76
N GLY A 102 12.67 4.16 -3.24
CA GLY A 102 13.70 3.27 -3.76
C GLY A 102 13.32 2.69 -5.11
N GLU A 103 14.28 2.07 -5.77
CA GLU A 103 14.06 1.45 -7.07
C GLU A 103 12.90 0.44 -7.00
N ARG A 104 12.62 -0.03 -5.79
CA ARG A 104 11.56 -1.00 -5.59
C ARG A 104 10.21 -0.47 -6.02
N VAL A 105 9.74 0.57 -5.32
CA VAL A 105 8.46 1.17 -5.66
C VAL A 105 8.57 1.95 -6.96
N ARG A 106 9.80 2.34 -7.29
CA ARG A 106 10.08 3.09 -8.51
C ARG A 106 9.53 2.37 -9.74
N ALA A 107 9.29 1.07 -9.60
CA ALA A 107 8.77 0.26 -10.70
C ALA A 107 7.27 0.47 -10.85
N ALA A 108 6.58 0.62 -9.72
CA ALA A 108 5.14 0.83 -9.72
C ALA A 108 4.79 2.07 -10.52
N MET A 109 5.64 3.09 -10.43
CA MET A 109 5.41 4.33 -11.17
C MET A 109 5.34 4.05 -12.66
N GLU A 110 6.45 3.55 -13.19
CA GLU A 110 6.55 3.20 -14.60
C GLU A 110 5.39 2.30 -15.03
N LYS A 111 4.98 1.40 -14.13
CA LYS A 111 3.89 0.48 -14.42
C LYS A 111 2.54 1.19 -14.39
N LEU A 112 2.44 2.26 -13.60
CA LEU A 112 1.21 3.01 -13.51
C LEU A 112 1.16 4.05 -14.63
N ALA A 113 2.33 4.48 -15.07
CA ALA A 113 2.44 5.46 -16.15
C ALA A 113 1.75 4.95 -17.41
N GLU A 114 1.71 3.64 -17.56
CA GLU A 114 1.08 3.00 -18.71
C GLU A 114 -0.43 2.97 -18.51
N THR A 115 -0.83 2.93 -17.25
CA THR A 115 -2.24 2.91 -16.89
C THR A 115 -2.62 4.22 -16.21
N GLY A 116 -1.88 5.26 -16.55
CA GLY A 116 -2.09 6.57 -15.97
C GLY A 116 -3.52 7.02 -16.02
N THR A 117 -4.10 7.26 -14.85
CA THR A 117 -5.47 7.74 -14.73
C THR A 117 -5.60 8.75 -13.59
N GLY A 118 -6.22 9.88 -13.87
CA GLY A 118 -6.38 10.91 -12.87
C GLY A 118 -5.08 11.61 -12.54
N PHE A 119 -4.78 11.76 -11.25
CA PHE A 119 -3.56 12.41 -10.80
C PHE A 119 -2.47 11.38 -10.54
N ALA A 120 -2.87 10.11 -10.42
CA ALA A 120 -1.92 9.03 -10.17
C ALA A 120 -0.85 8.99 -11.25
N ARG A 121 -1.26 9.28 -12.49
CA ARG A 121 -0.33 9.28 -13.61
C ARG A 121 0.81 10.25 -13.36
N LYS A 122 0.46 11.53 -13.19
CA LYS A 122 1.44 12.56 -12.93
C LYS A 122 2.30 12.19 -11.72
N VAL A 123 1.68 11.48 -10.78
CA VAL A 123 2.38 11.05 -9.58
C VAL A 123 3.53 10.11 -9.91
N ALA A 124 3.25 9.06 -10.68
CA ALA A 124 4.25 8.07 -11.05
C ALA A 124 5.48 8.69 -11.73
N VAL A 125 5.23 9.31 -12.88
CA VAL A 125 6.31 9.92 -13.67
C VAL A 125 7.09 10.97 -12.89
N ASN A 126 6.38 11.95 -12.34
CA ASN A 126 7.02 13.03 -11.59
C ASN A 126 7.79 12.52 -10.37
N TYR A 127 7.22 11.53 -9.69
CA TYR A 127 7.84 10.99 -8.50
C TYR A 127 9.20 10.36 -8.81
N LEU A 128 9.37 9.97 -10.07
CA LEU A 128 10.61 9.35 -10.52
C LEU A 128 11.82 10.22 -10.17
N GLU A 129 11.58 11.51 -9.99
CA GLU A 129 12.65 12.45 -9.66
C GLU A 129 13.04 12.35 -8.19
N THR A 130 12.49 11.36 -7.50
CA THR A 130 12.77 11.16 -6.07
C THR A 130 13.15 9.72 -5.77
N HIS A 131 12.30 8.78 -6.20
CA HIS A 131 12.53 7.35 -5.99
C HIS A 131 13.00 7.07 -4.57
N MET A 21 6.80 -23.06 11.24
CA MET A 21 7.05 -21.65 11.67
C MET A 21 8.12 -21.00 10.81
N ALA A 22 9.18 -21.76 10.53
CA ALA A 22 10.29 -21.26 9.71
C ALA A 22 10.91 -20.01 10.31
N ASP A 23 11.85 -19.42 9.57
CA ASP A 23 12.53 -18.21 10.03
C ASP A 23 11.70 -16.96 9.74
N GLU A 24 10.67 -17.12 8.91
CA GLU A 24 9.80 -16.02 8.56
C GLU A 24 8.80 -15.73 9.68
N ASN A 25 7.91 -16.68 9.94
CA ASN A 25 6.91 -16.52 10.99
C ASN A 25 7.49 -16.89 12.35
N LYS A 26 7.16 -16.10 13.36
CA LYS A 26 7.66 -16.33 14.71
C LYS A 26 6.58 -16.01 15.74
N TRP A 27 5.73 -15.04 15.41
CA TRP A 27 4.65 -14.63 16.30
C TRP A 27 3.58 -13.86 15.53
N VAL A 28 3.33 -14.27 14.28
CA VAL A 28 2.34 -13.63 13.44
C VAL A 28 0.94 -13.79 14.02
N ARG A 29 0.19 -12.68 14.05
CA ARG A 29 -1.17 -12.65 14.58
C ARG A 29 -1.24 -13.28 15.96
N ARG A 30 -0.09 -13.35 16.60
CA ARG A 30 0.01 -13.88 17.94
C ARG A 30 -0.01 -12.73 18.93
N ASP A 31 -1.14 -12.59 19.64
CA ASP A 31 -1.31 -11.51 20.62
C ASP A 31 -1.55 -10.17 19.92
N VAL A 32 -1.49 -10.20 18.59
CA VAL A 32 -1.70 -9.01 17.79
C VAL A 32 -3.07 -8.39 18.06
N SER A 33 -4.10 -8.93 17.39
CA SER A 33 -5.46 -8.45 17.56
C SER A 33 -5.60 -6.95 17.28
N THR A 34 -6.10 -6.63 16.09
CA THR A 34 -6.30 -5.23 15.68
C THR A 34 -5.08 -4.36 15.96
N ALA A 35 -3.90 -4.98 15.95
CA ALA A 35 -2.66 -4.25 16.19
C ALA A 35 -2.08 -3.70 14.90
N LEU A 36 -2.78 -3.97 13.79
CA LEU A 36 -2.34 -3.52 12.46
C LEU A 36 -1.88 -2.07 12.46
N SER A 37 -2.31 -1.28 13.44
CA SER A 37 -1.91 0.12 13.54
C SER A 37 -0.40 0.26 13.46
N ARG A 38 0.31 -0.65 14.13
CA ARG A 38 1.77 -0.64 14.14
C ARG A 38 2.32 -1.93 14.72
N MET A 39 2.51 -2.92 13.85
CA MET A 39 3.02 -4.22 14.28
C MET A 39 4.14 -4.72 13.37
N GLY A 40 4.03 -4.42 12.08
CA GLY A 40 5.03 -4.85 11.13
C GLY A 40 4.47 -5.80 10.09
N ASP A 41 4.87 -7.07 10.18
CA ASP A 41 4.42 -8.08 9.25
C ASP A 41 3.42 -9.03 9.90
N GLU A 42 3.30 -8.94 11.22
CA GLU A 42 2.39 -9.80 11.97
C GLU A 42 0.96 -9.62 11.49
N ALA A 43 0.54 -8.37 11.30
CA ALA A 43 -0.80 -8.07 10.85
C ALA A 43 -0.81 -7.65 9.38
N PHE A 44 0.30 -7.90 8.70
CA PHE A 44 0.41 -7.57 7.27
C PHE A 44 -0.79 -8.06 6.48
N GLU A 45 -1.21 -9.30 6.73
CA GLU A 45 -2.35 -9.87 6.01
C GLU A 45 -3.64 -9.10 6.32
N PRO A 46 -4.04 -8.96 7.61
CA PRO A 46 -5.25 -8.22 8.00
C PRO A 46 -5.47 -6.98 7.15
N LEU A 47 -4.39 -6.45 6.59
CA LEU A 47 -4.45 -5.27 5.75
C LEU A 47 -5.07 -5.62 4.41
N LEU A 48 -4.49 -6.63 3.77
CA LEU A 48 -4.98 -7.12 2.49
C LEU A 48 -6.34 -7.77 2.66
N GLU A 49 -6.59 -8.27 3.87
CA GLU A 49 -7.84 -8.94 4.16
C GLU A 49 -9.00 -7.95 4.05
N SER A 50 -8.79 -6.74 4.53
CA SER A 50 -9.81 -5.70 4.50
C SER A 50 -10.13 -5.28 3.07
N LEU A 51 -9.27 -5.64 2.13
CA LEU A 51 -9.46 -5.30 0.72
C LEU A 51 -10.67 -6.02 0.15
N SER A 52 -11.19 -7.00 0.89
CA SER A 52 -12.34 -7.76 0.45
C SER A 52 -13.63 -7.23 1.07
N ASN A 53 -13.57 -6.02 1.61
CA ASN A 53 -14.75 -5.40 2.23
C ASN A 53 -15.59 -4.67 1.20
N GLU A 54 -16.90 -4.62 1.45
CA GLU A 54 -17.82 -3.94 0.54
C GLU A 54 -17.59 -2.44 0.56
N ASP A 55 -17.28 -1.90 1.73
CA ASP A 55 -17.03 -0.47 1.87
C ASP A 55 -15.66 -0.09 1.33
N TRP A 56 -15.49 1.19 1.00
CA TRP A 56 -14.23 1.67 0.47
C TRP A 56 -13.49 2.51 1.51
N ARG A 57 -14.22 3.01 2.50
CA ARG A 57 -13.64 3.82 3.55
C ARG A 57 -12.66 2.99 4.39
N ILE A 58 -13.13 1.84 4.86
CA ILE A 58 -12.30 0.95 5.66
C ILE A 58 -11.10 0.47 4.86
N ARG A 59 -11.34 0.16 3.59
CA ARG A 59 -10.29 -0.30 2.70
C ARG A 59 -9.23 0.78 2.51
N GLY A 60 -9.61 2.03 2.78
CA GLY A 60 -8.69 3.14 2.64
C GLY A 60 -7.50 3.02 3.57
N ALA A 61 -7.75 3.08 4.87
CA ALA A 61 -6.69 2.97 5.87
C ALA A 61 -5.72 1.84 5.55
N ALA A 62 -6.26 0.74 5.02
CA ALA A 62 -5.43 -0.40 4.65
C ALA A 62 -4.40 0.00 3.59
N ALA A 63 -4.87 0.68 2.57
CA ALA A 63 -4.02 1.14 1.47
C ALA A 63 -3.08 2.25 1.95
N TRP A 64 -3.54 3.02 2.93
CA TRP A 64 -2.77 4.14 3.46
C TRP A 64 -1.57 3.68 4.30
N ILE A 65 -1.73 2.56 5.00
CA ILE A 65 -0.65 2.03 5.83
C ILE A 65 0.13 0.93 5.11
N ILE A 66 -0.48 0.35 4.09
CA ILE A 66 0.13 -0.72 3.33
C ILE A 66 1.50 -0.33 2.76
N GLY A 67 1.64 0.92 2.35
CA GLY A 67 2.90 1.39 1.77
C GLY A 67 4.02 1.52 2.79
N ASN A 68 3.67 1.60 4.06
CA ASN A 68 4.67 1.73 5.11
C ASN A 68 5.66 0.58 5.08
N PHE A 69 5.19 -0.61 4.71
CA PHE A 69 6.04 -1.79 4.63
C PHE A 69 6.57 -1.98 3.22
N GLN A 70 7.88 -1.93 3.07
CA GLN A 70 8.54 -2.10 1.78
C GLN A 70 8.48 -3.56 1.30
N ASP A 71 7.54 -4.32 1.83
CA ASP A 71 7.39 -5.72 1.44
C ASP A 71 6.55 -5.83 0.17
N GLU A 72 6.99 -6.70 -0.75
CA GLU A 72 6.30 -6.89 -2.03
C GLU A 72 4.91 -7.48 -1.83
N ARG A 73 4.62 -7.93 -0.62
CA ARG A 73 3.32 -8.52 -0.33
C ARG A 73 2.20 -7.50 -0.54
N ALA A 74 2.51 -6.23 -0.29
CA ALA A 74 1.53 -5.16 -0.45
C ALA A 74 1.81 -4.34 -1.71
N VAL A 75 2.57 -4.91 -2.64
CA VAL A 75 2.90 -4.22 -3.88
C VAL A 75 1.68 -4.16 -4.81
N GLU A 76 0.92 -5.24 -4.84
CA GLU A 76 -0.27 -5.31 -5.68
C GLU A 76 -1.29 -4.23 -5.32
N PRO A 77 -1.69 -4.13 -4.02
CA PRO A 77 -2.66 -3.13 -3.58
C PRO A 77 -2.46 -1.78 -4.26
N LEU A 78 -1.24 -1.27 -4.19
CA LEU A 78 -0.91 0.02 -4.79
C LEU A 78 -1.26 0.06 -6.27
N ILE A 79 -0.86 -0.97 -7.00
CA ILE A 79 -1.11 -1.07 -8.43
C ILE A 79 -2.61 -1.01 -8.74
N LYS A 80 -3.37 -1.91 -8.12
CA LYS A 80 -4.82 -1.97 -8.33
C LYS A 80 -5.55 -0.76 -7.72
N LEU A 81 -4.84 0.01 -6.90
CA LEU A 81 -5.42 1.18 -6.26
C LEU A 81 -5.33 2.43 -7.12
N LEU A 82 -4.16 2.69 -7.68
CA LEU A 82 -3.95 3.87 -8.52
C LEU A 82 -4.95 3.89 -9.68
N GLU A 83 -5.56 2.74 -9.93
CA GLU A 83 -6.53 2.60 -11.00
C GLU A 83 -7.94 2.38 -10.46
N ASP A 84 -8.03 2.09 -9.15
CA ASP A 84 -9.31 1.86 -8.51
C ASP A 84 -10.21 3.09 -8.59
N ASP A 85 -9.56 4.25 -8.51
CA ASP A 85 -10.25 5.54 -8.58
C ASP A 85 -11.41 5.61 -7.58
N SER A 86 -11.27 4.90 -6.45
CA SER A 86 -12.32 4.91 -5.43
C SER A 86 -12.16 6.11 -4.50
N GLY A 87 -11.11 6.89 -4.71
CA GLY A 87 -10.86 8.06 -3.88
C GLY A 87 -9.96 7.76 -2.70
N PHE A 88 -10.55 7.38 -1.58
CA PHE A 88 -9.78 7.05 -0.38
C PHE A 88 -8.81 5.91 -0.69
N VAL A 89 -9.34 4.88 -1.36
CA VAL A 89 -8.55 3.72 -1.72
C VAL A 89 -7.51 4.07 -2.79
N ARG A 90 -7.91 4.85 -3.78
CA ARG A 90 -7.01 5.24 -4.87
C ARG A 90 -5.90 6.15 -4.34
N SER A 91 -6.29 7.32 -3.83
CA SER A 91 -5.33 8.28 -3.29
C SER A 91 -4.45 7.65 -2.23
N GLY A 92 -4.96 6.59 -1.60
CA GLY A 92 -4.20 5.91 -0.57
C GLY A 92 -2.88 5.38 -1.07
N ALA A 93 -2.86 4.94 -2.32
CA ALA A 93 -1.64 4.41 -2.91
C ALA A 93 -0.66 5.52 -3.23
N ALA A 94 -1.18 6.66 -3.70
CA ALA A 94 -0.35 7.80 -4.06
C ALA A 94 0.76 8.05 -3.04
N ARG A 95 0.43 7.94 -1.77
CA ARG A 95 1.39 8.15 -0.70
C ARG A 95 2.20 6.89 -0.42
N SER A 96 1.56 5.74 -0.63
CA SER A 96 2.20 4.45 -0.39
C SER A 96 3.42 4.20 -1.27
N LEU A 97 3.29 4.46 -2.57
CA LEU A 97 4.39 4.24 -3.50
C LEU A 97 5.66 4.98 -3.07
N GLU A 98 5.58 6.30 -2.98
CA GLU A 98 6.73 7.11 -2.57
C GLU A 98 7.18 6.75 -1.15
N GLN A 99 6.25 6.26 -0.35
CA GLN A 99 6.55 5.90 1.04
C GLN A 99 7.42 4.65 1.14
N ILE A 100 7.38 3.80 0.11
CA ILE A 100 8.17 2.56 0.11
C ILE A 100 9.65 2.83 -0.13
N GLY A 101 9.98 3.40 -1.30
CA GLY A 101 11.37 3.66 -1.61
C GLY A 101 11.58 4.30 -2.96
N GLY A 102 12.58 3.79 -3.68
CA GLY A 102 12.90 4.30 -4.99
C GLY A 102 12.95 3.22 -6.05
N GLU A 103 14.07 2.50 -6.09
CA GLU A 103 14.27 1.42 -7.05
C GLU A 103 13.19 0.34 -6.93
N ARG A 104 12.53 0.29 -5.78
CA ARG A 104 11.50 -0.71 -5.52
C ARG A 104 10.22 -0.33 -6.24
N VAL A 105 9.67 0.80 -5.86
CA VAL A 105 8.45 1.31 -6.45
C VAL A 105 8.68 1.80 -7.87
N ARG A 106 9.95 2.08 -8.19
CA ARG A 106 10.32 2.55 -9.52
C ARG A 106 9.65 1.70 -10.60
N ALA A 107 9.36 0.45 -10.25
CA ALA A 107 8.73 -0.47 -11.19
C ALA A 107 7.21 -0.29 -11.17
N ALA A 108 6.67 -0.02 -9.99
CA ALA A 108 5.23 0.18 -9.83
C ALA A 108 4.77 1.46 -10.51
N MET A 109 5.52 2.54 -10.34
CA MET A 109 5.17 3.81 -10.95
C MET A 109 5.23 3.70 -12.47
N GLU A 110 6.09 2.80 -12.94
CA GLU A 110 6.23 2.58 -14.37
C GLU A 110 4.99 1.87 -14.90
N LYS A 111 4.46 0.96 -14.10
CA LYS A 111 3.25 0.22 -14.47
C LYS A 111 2.06 1.15 -14.54
N LEU A 112 2.05 2.17 -13.68
CA LEU A 112 0.95 3.13 -13.66
C LEU A 112 1.22 4.23 -14.67
N ALA A 113 2.50 4.48 -14.95
CA ALA A 113 2.89 5.50 -15.92
C ALA A 113 2.33 5.18 -17.30
N GLU A 114 2.17 3.88 -17.56
CA GLU A 114 1.64 3.42 -18.83
C GLU A 114 0.12 3.53 -18.85
N THR A 115 -0.47 3.51 -17.66
CA THR A 115 -1.91 3.62 -17.51
C THR A 115 -2.24 4.95 -16.85
N GLY A 116 -1.29 5.88 -16.96
CA GLY A 116 -1.44 7.19 -16.37
C GLY A 116 -2.73 7.88 -16.75
N THR A 117 -3.53 8.18 -15.73
CA THR A 117 -4.80 8.86 -15.93
C THR A 117 -5.18 9.65 -14.68
N GLY A 118 -5.54 10.93 -14.88
CA GLY A 118 -5.91 11.77 -13.76
C GLY A 118 -4.77 11.99 -12.78
N PHE A 119 -5.10 12.06 -11.50
CA PHE A 119 -4.10 12.27 -10.46
C PHE A 119 -3.21 11.04 -10.31
N ALA A 120 -3.78 9.87 -10.61
CA ALA A 120 -3.06 8.61 -10.51
C ALA A 120 -1.71 8.68 -11.23
N ARG A 121 -1.70 9.30 -12.40
CA ARG A 121 -0.48 9.43 -13.19
C ARG A 121 0.53 10.34 -12.52
N LYS A 122 0.10 11.56 -12.19
CA LYS A 122 0.97 12.53 -11.55
C LYS A 122 1.73 11.88 -10.40
N VAL A 123 1.13 10.86 -9.82
CA VAL A 123 1.73 10.13 -8.71
C VAL A 123 3.03 9.46 -9.15
N ALA A 124 2.95 8.58 -10.14
CA ALA A 124 4.11 7.87 -10.67
C ALA A 124 5.23 8.83 -11.08
N VAL A 125 4.91 9.68 -12.04
CA VAL A 125 5.87 10.65 -12.58
C VAL A 125 6.48 11.53 -11.49
N ASN A 126 5.65 12.28 -10.76
CA ASN A 126 6.14 13.17 -9.72
C ASN A 126 6.96 12.42 -8.68
N TYR A 127 6.62 11.16 -8.45
CA TYR A 127 7.33 10.35 -7.47
C TYR A 127 8.81 10.23 -7.85
N LEU A 128 9.09 10.34 -9.15
CA LEU A 128 10.45 10.24 -9.66
C LEU A 128 11.35 11.28 -9.00
N GLU A 129 10.76 12.35 -8.48
CA GLU A 129 11.51 13.41 -7.82
C GLU A 129 12.39 12.87 -6.69
N THR A 130 12.07 11.65 -6.23
CA THR A 130 12.83 11.02 -5.15
C THR A 130 13.93 10.13 -5.72
N HIS A 131 13.53 9.07 -6.42
CA HIS A 131 14.48 8.13 -7.01
C HIS A 131 13.95 7.57 -8.32
N MET A 21 21.98 -9.41 11.97
CA MET A 21 22.11 -10.73 12.62
C MET A 21 22.82 -10.61 13.96
N ALA A 22 23.81 -9.73 14.02
CA ALA A 22 24.57 -9.51 15.24
C ALA A 22 23.68 -8.92 16.34
N ASP A 23 22.61 -8.26 15.92
CA ASP A 23 21.68 -7.64 16.85
C ASP A 23 20.35 -8.40 16.86
N GLU A 24 20.33 -9.56 16.21
CA GLU A 24 19.14 -10.39 16.12
C GLU A 24 18.01 -9.66 15.40
N ASN A 25 17.84 -9.98 14.12
CA ASN A 25 16.80 -9.37 13.29
C ASN A 25 17.16 -7.95 12.89
N LYS A 26 17.60 -7.15 13.86
CA LYS A 26 17.98 -5.76 13.61
C LYS A 26 16.80 -4.95 13.07
N TRP A 27 16.68 -4.89 11.74
CA TRP A 27 15.59 -4.16 11.12
C TRP A 27 14.30 -4.98 11.13
N VAL A 28 13.37 -4.66 10.23
CA VAL A 28 12.08 -5.37 10.14
C VAL A 28 11.15 -4.96 11.28
N ARG A 29 11.68 -4.20 12.22
CA ARG A 29 10.89 -3.73 13.36
C ARG A 29 10.77 -2.22 13.37
N ARG A 30 11.78 -1.55 12.83
CA ARG A 30 11.76 -0.09 12.75
C ARG A 30 10.49 0.38 12.05
N ASP A 31 9.73 1.23 12.73
CA ASP A 31 8.48 1.77 12.18
C ASP A 31 7.36 0.73 12.23
N VAL A 32 7.72 -0.54 12.22
CA VAL A 32 6.73 -1.62 12.26
C VAL A 32 6.26 -1.86 13.69
N SER A 33 6.01 -3.12 14.05
CA SER A 33 5.54 -3.48 15.39
C SER A 33 4.17 -2.86 15.67
N THR A 34 3.47 -2.48 14.61
CA THR A 34 2.14 -1.88 14.74
C THR A 34 1.50 -1.68 13.37
N ALA A 35 0.62 -2.61 12.97
CA ALA A 35 -0.04 -2.50 11.67
C ALA A 35 -1.42 -1.85 11.79
N LEU A 36 -2.39 -2.58 12.33
CA LEU A 36 -3.73 -2.01 12.50
C LEU A 36 -3.86 -1.33 13.85
N SER A 37 -3.82 -2.13 14.92
CA SER A 37 -3.89 -1.61 16.27
C SER A 37 -2.49 -1.34 16.81
N ARG A 38 -1.66 -2.38 16.72
CA ARG A 38 -0.27 -2.34 17.19
C ARG A 38 0.33 -3.74 17.12
N MET A 39 0.25 -4.35 15.93
CA MET A 39 0.76 -5.70 15.74
C MET A 39 2.02 -5.74 14.88
N GLY A 40 2.01 -4.99 13.78
CA GLY A 40 3.17 -4.95 12.90
C GLY A 40 3.08 -5.95 11.77
N ASP A 41 4.20 -6.60 11.45
CA ASP A 41 4.24 -7.59 10.37
C ASP A 41 3.25 -8.71 10.61
N GLU A 42 2.95 -8.99 11.88
CA GLU A 42 2.01 -10.05 12.23
C GLU A 42 0.62 -9.76 11.68
N ALA A 43 0.29 -8.48 11.54
CA ALA A 43 -1.01 -8.08 11.02
C ALA A 43 -0.91 -7.58 9.59
N PHE A 44 0.17 -7.93 8.91
CA PHE A 44 0.37 -7.52 7.54
C PHE A 44 -0.76 -8.00 6.64
N GLU A 45 -1.07 -9.29 6.71
CA GLU A 45 -2.15 -9.87 5.91
C GLU A 45 -3.52 -9.29 6.25
N PRO A 46 -3.94 -9.31 7.54
CA PRO A 46 -5.25 -8.77 7.94
C PRO A 46 -5.56 -7.48 7.21
N LEU A 47 -4.52 -6.70 6.99
CA LEU A 47 -4.62 -5.44 6.27
C LEU A 47 -4.99 -5.70 4.81
N LEU A 48 -4.19 -6.54 4.17
CA LEU A 48 -4.39 -6.91 2.78
C LEU A 48 -5.74 -7.62 2.60
N GLU A 49 -6.28 -8.13 3.70
CA GLU A 49 -7.56 -8.83 3.68
C GLU A 49 -8.72 -7.86 3.55
N SER A 50 -8.65 -6.76 4.31
CA SER A 50 -9.71 -5.75 4.29
C SER A 50 -9.79 -5.06 2.94
N LEU A 51 -8.75 -5.23 2.12
CA LEU A 51 -8.72 -4.62 0.80
C LEU A 51 -9.72 -5.26 -0.14
N SER A 52 -10.31 -6.37 0.28
CA SER A 52 -11.29 -7.08 -0.52
C SER A 52 -12.71 -6.79 -0.03
N ASN A 53 -12.81 -5.81 0.87
CA ASN A 53 -14.11 -5.44 1.43
C ASN A 53 -14.86 -4.51 0.49
N GLU A 54 -16.18 -4.64 0.47
CA GLU A 54 -17.03 -3.81 -0.38
C GLU A 54 -17.01 -2.36 0.08
N ASP A 55 -16.58 -2.14 1.32
CA ASP A 55 -16.52 -0.80 1.89
C ASP A 55 -15.29 -0.05 1.37
N TRP A 56 -15.47 1.24 1.12
CA TRP A 56 -14.38 2.08 0.62
C TRP A 56 -13.68 2.82 1.76
N ARG A 57 -14.39 2.99 2.87
CA ARG A 57 -13.85 3.69 4.03
C ARG A 57 -12.78 2.83 4.72
N ILE A 58 -13.03 1.53 4.77
CA ILE A 58 -12.11 0.60 5.40
C ILE A 58 -10.98 0.23 4.46
N ARG A 59 -11.30 0.13 3.17
CA ARG A 59 -10.30 -0.22 2.16
C ARG A 59 -9.24 0.88 2.05
N GLY A 60 -9.64 2.10 2.42
CA GLY A 60 -8.72 3.22 2.35
C GLY A 60 -7.60 3.12 3.38
N ALA A 61 -7.96 3.17 4.66
CA ALA A 61 -6.99 3.07 5.73
C ALA A 61 -6.05 1.89 5.51
N ALA A 62 -6.59 0.79 5.02
CA ALA A 62 -5.79 -0.40 4.76
C ALA A 62 -4.67 -0.07 3.78
N ALA A 63 -5.04 0.47 2.63
CA ALA A 63 -4.08 0.86 1.60
C ALA A 63 -3.11 1.89 2.16
N TRP A 64 -3.62 2.74 3.04
CA TRP A 64 -2.82 3.79 3.66
C TRP A 64 -1.72 3.19 4.54
N ILE A 65 -1.99 2.01 5.10
CA ILE A 65 -1.03 1.34 5.96
C ILE A 65 -0.27 0.25 5.20
N ILE A 66 -0.82 -0.17 4.06
CA ILE A 66 -0.21 -1.20 3.24
C ILE A 66 1.26 -0.92 2.94
N GLY A 67 1.54 0.19 2.28
CA GLY A 67 2.92 0.53 1.92
C GLY A 67 3.79 0.88 3.12
N ASN A 68 3.21 0.91 4.30
CA ASN A 68 3.97 1.24 5.51
C ASN A 68 4.95 0.10 5.87
N PHE A 69 4.95 -0.96 5.07
CA PHE A 69 5.81 -2.11 5.32
C PHE A 69 6.98 -2.15 4.33
N GLN A 70 6.80 -1.52 3.17
CA GLN A 70 7.84 -1.49 2.13
C GLN A 70 8.13 -2.90 1.63
N ASP A 71 7.20 -3.81 1.85
CA ASP A 71 7.36 -5.20 1.42
C ASP A 71 6.68 -5.44 0.08
N GLU A 72 6.91 -6.62 -0.47
CA GLU A 72 6.33 -7.00 -1.76
C GLU A 72 4.82 -7.14 -1.65
N ARG A 73 4.33 -7.59 -0.49
CA ARG A 73 2.91 -7.77 -0.27
C ARG A 73 2.18 -6.43 -0.25
N ALA A 74 2.95 -5.35 -0.17
CA ALA A 74 2.38 -4.01 -0.14
C ALA A 74 2.48 -3.32 -1.49
N VAL A 75 2.93 -4.04 -2.50
CA VAL A 75 3.09 -3.47 -3.84
C VAL A 75 1.85 -3.66 -4.71
N GLU A 76 1.22 -4.83 -4.61
CA GLU A 76 0.04 -5.14 -5.40
C GLU A 76 -1.10 -4.16 -5.13
N PRO A 77 -1.48 -3.95 -3.85
CA PRO A 77 -2.56 -3.03 -3.50
C PRO A 77 -2.40 -1.69 -4.23
N LEU A 78 -1.20 -1.13 -4.16
CA LEU A 78 -0.91 0.14 -4.79
C LEU A 78 -1.20 0.09 -6.29
N ILE A 79 -0.93 -1.04 -6.92
CA ILE A 79 -1.15 -1.20 -8.35
C ILE A 79 -2.63 -1.05 -8.71
N LYS A 80 -3.46 -1.91 -8.14
CA LYS A 80 -4.90 -1.91 -8.41
C LYS A 80 -5.59 -0.67 -7.82
N LEU A 81 -4.88 0.09 -7.00
CA LEU A 81 -5.44 1.26 -6.36
C LEU A 81 -5.32 2.52 -7.21
N LEU A 82 -4.16 2.74 -7.81
CA LEU A 82 -3.92 3.92 -8.65
C LEU A 82 -4.91 3.96 -9.79
N GLU A 83 -5.62 2.87 -9.99
CA GLU A 83 -6.60 2.77 -11.05
C GLU A 83 -8.01 2.59 -10.49
N ASP A 84 -8.09 2.26 -9.20
CA ASP A 84 -9.38 2.06 -8.53
C ASP A 84 -10.21 3.32 -8.56
N ASP A 85 -9.54 4.45 -8.70
CA ASP A 85 -10.18 5.77 -8.75
C ASP A 85 -11.30 5.90 -7.72
N SER A 86 -11.14 5.22 -6.59
CA SER A 86 -12.14 5.26 -5.54
C SER A 86 -11.92 6.45 -4.61
N GLY A 87 -10.80 7.14 -4.79
CA GLY A 87 -10.48 8.29 -3.96
C GLY A 87 -9.62 7.92 -2.77
N PHE A 88 -10.26 7.50 -1.68
CA PHE A 88 -9.54 7.10 -0.48
C PHE A 88 -8.64 5.91 -0.80
N VAL A 89 -9.19 4.98 -1.56
CA VAL A 89 -8.45 3.78 -1.95
C VAL A 89 -7.32 4.11 -2.92
N ARG A 90 -7.64 4.88 -3.96
CA ARG A 90 -6.64 5.26 -4.97
C ARG A 90 -5.53 6.10 -4.34
N SER A 91 -5.91 7.03 -3.47
CA SER A 91 -4.95 7.89 -2.81
C SER A 91 -4.01 7.10 -1.91
N GLY A 92 -4.52 6.00 -1.36
CA GLY A 92 -3.71 5.17 -0.49
C GLY A 92 -2.50 4.59 -1.20
N ALA A 93 -2.63 4.40 -2.51
CA ALA A 93 -1.54 3.85 -3.31
C ALA A 93 -0.44 4.87 -3.53
N ALA A 94 -0.79 6.00 -4.14
CA ALA A 94 0.18 7.05 -4.42
C ALA A 94 0.81 7.56 -3.14
N ARG A 95 0.11 7.39 -2.03
CA ARG A 95 0.59 7.83 -0.74
C ARG A 95 1.56 6.81 -0.14
N SER A 96 1.16 5.54 -0.18
CA SER A 96 1.98 4.46 0.35
C SER A 96 3.25 4.25 -0.46
N LEU A 97 3.17 4.55 -1.76
CA LEU A 97 4.33 4.39 -2.64
C LEU A 97 5.49 5.26 -2.18
N GLU A 98 5.26 6.58 -2.14
CA GLU A 98 6.28 7.53 -1.70
C GLU A 98 6.82 7.15 -0.33
N GLN A 99 5.95 6.65 0.55
CA GLN A 99 6.36 6.26 1.90
C GLN A 99 7.45 5.19 1.84
N ILE A 100 7.34 4.29 0.88
CA ILE A 100 8.31 3.22 0.71
C ILE A 100 9.63 3.77 0.17
N GLY A 101 9.57 4.36 -1.02
CA GLY A 101 10.77 4.91 -1.62
C GLY A 101 11.76 3.84 -2.03
N GLY A 102 12.14 3.85 -3.32
CA GLY A 102 13.08 2.87 -3.80
C GLY A 102 12.77 2.40 -5.21
N GLU A 103 13.65 1.57 -5.76
CA GLU A 103 13.46 1.05 -7.11
C GLU A 103 12.25 0.12 -7.17
N ARG A 104 11.89 -0.47 -6.04
CA ARG A 104 10.76 -1.38 -5.97
C ARG A 104 9.45 -0.68 -6.33
N VAL A 105 9.15 0.41 -5.64
CA VAL A 105 7.93 1.16 -5.90
C VAL A 105 8.00 1.89 -7.23
N ARG A 106 9.22 2.15 -7.69
CA ARG A 106 9.42 2.85 -8.96
C ARG A 106 8.77 2.09 -10.11
N ALA A 107 8.90 0.77 -10.09
CA ALA A 107 8.33 -0.08 -11.12
C ALA A 107 6.82 0.11 -11.20
N ALA A 108 6.20 0.37 -10.05
CA ALA A 108 4.76 0.60 -10.01
C ALA A 108 4.39 1.88 -10.72
N MET A 109 5.28 2.87 -10.64
CA MET A 109 5.05 4.15 -11.29
C MET A 109 5.13 3.99 -12.79
N GLU A 110 6.25 3.47 -13.25
CA GLU A 110 6.47 3.24 -14.68
C GLU A 110 5.33 2.42 -15.26
N LYS A 111 4.78 1.51 -14.45
CA LYS A 111 3.67 0.67 -14.88
C LYS A 111 2.36 1.44 -14.82
N LEU A 112 2.32 2.48 -13.99
CA LEU A 112 1.13 3.29 -13.83
C LEU A 112 1.09 4.40 -14.88
N ALA A 113 2.28 4.88 -15.28
CA ALA A 113 2.39 5.95 -16.26
C ALA A 113 1.73 5.56 -17.58
N GLU A 114 1.76 4.27 -17.91
CA GLU A 114 1.16 3.79 -19.15
C GLU A 114 -0.35 3.63 -18.97
N THR A 115 -0.77 3.52 -17.72
CA THR A 115 -2.19 3.39 -17.39
C THR A 115 -2.62 4.55 -16.52
N GLY A 116 -1.95 5.69 -16.70
CA GLY A 116 -2.23 6.88 -15.93
C GLY A 116 -3.69 7.28 -15.94
N THR A 117 -4.28 7.34 -14.75
CA THR A 117 -5.67 7.73 -14.60
C THR A 117 -5.84 8.61 -13.37
N GLY A 118 -6.52 9.74 -13.54
CA GLY A 118 -6.73 10.65 -12.42
C GLY A 118 -5.45 11.35 -12.02
N PHE A 119 -5.18 11.41 -10.71
CA PHE A 119 -3.97 12.07 -10.21
C PHE A 119 -2.85 11.05 -10.02
N ALA A 120 -3.21 9.76 -10.09
CA ALA A 120 -2.24 8.68 -9.93
C ALA A 120 -1.08 8.85 -10.92
N ARG A 121 -1.42 9.25 -12.14
CA ARG A 121 -0.41 9.45 -13.18
C ARG A 121 0.58 10.54 -12.77
N LYS A 122 0.06 11.72 -12.47
CA LYS A 122 0.88 12.86 -12.05
C LYS A 122 1.86 12.43 -10.96
N VAL A 123 1.52 11.36 -10.27
CA VAL A 123 2.35 10.84 -9.19
C VAL A 123 3.54 10.04 -9.73
N ALA A 124 3.24 9.02 -10.55
CA ALA A 124 4.29 8.18 -11.13
C ALA A 124 5.37 8.99 -11.83
N VAL A 125 4.93 10.00 -12.56
CA VAL A 125 5.83 10.86 -13.32
C VAL A 125 6.79 11.65 -12.44
N ASN A 126 6.24 12.47 -11.57
CA ASN A 126 7.04 13.31 -10.68
C ASN A 126 7.85 12.49 -9.68
N TYR A 127 7.20 11.53 -9.03
CA TYR A 127 7.84 10.70 -8.04
C TYR A 127 9.01 9.91 -8.63
N LEU A 128 8.98 9.71 -9.94
CA LEU A 128 10.04 8.96 -10.62
C LEU A 128 11.40 9.61 -10.42
N GLU A 129 11.41 10.90 -10.08
CA GLU A 129 12.65 11.62 -9.87
C GLU A 129 13.32 11.21 -8.56
N THR A 130 12.61 10.43 -7.75
CA THR A 130 13.14 9.97 -6.47
C THR A 130 13.01 8.45 -6.34
N HIS A 131 12.92 7.77 -7.48
CA HIS A 131 12.80 6.31 -7.50
C HIS A 131 11.50 5.87 -6.84
N MET A 21 10.58 -17.24 10.15
CA MET A 21 10.97 -17.52 8.75
C MET A 21 11.73 -18.84 8.63
N ALA A 22 12.19 -19.33 9.78
CA ALA A 22 12.95 -20.58 9.83
C ALA A 22 12.10 -21.77 9.41
N ASP A 23 10.78 -21.62 9.52
CA ASP A 23 9.86 -22.69 9.15
C ASP A 23 8.80 -22.19 8.18
N GLU A 24 9.26 -21.49 7.14
CA GLU A 24 8.37 -20.93 6.12
C GLU A 24 7.37 -19.95 6.72
N ASN A 25 6.26 -20.46 7.23
CA ASN A 25 5.23 -19.63 7.84
C ASN A 25 4.56 -20.33 9.02
N LYS A 26 4.80 -19.82 10.22
CA LYS A 26 4.23 -20.41 11.43
C LYS A 26 3.73 -19.34 12.38
N TRP A 27 3.71 -18.09 11.90
CA TRP A 27 3.25 -16.97 12.72
C TRP A 27 2.93 -15.76 11.86
N VAL A 28 1.64 -15.48 11.73
CA VAL A 28 1.17 -14.33 10.93
C VAL A 28 -0.33 -14.11 11.13
N ARG A 29 -0.87 -14.67 12.21
CA ARG A 29 -2.28 -14.54 12.52
C ARG A 29 -2.57 -14.91 13.97
N ARG A 30 -1.79 -15.85 14.49
CA ARG A 30 -1.94 -16.29 15.87
C ARG A 30 -2.05 -15.09 16.80
N ASP A 31 -3.20 -14.97 17.46
CA ASP A 31 -3.46 -13.87 18.39
C ASP A 31 -3.79 -12.57 17.66
N VAL A 32 -3.11 -12.35 16.55
CA VAL A 32 -3.31 -11.13 15.75
C VAL A 32 -4.72 -11.08 15.18
N SER A 33 -5.34 -9.91 15.28
CA SER A 33 -6.69 -9.70 14.77
C SER A 33 -6.96 -8.21 14.55
N THR A 34 -6.68 -7.41 15.57
CA THR A 34 -6.88 -5.97 15.50
C THR A 34 -5.64 -5.23 16.00
N ALA A 35 -4.52 -5.95 16.05
CA ALA A 35 -3.26 -5.38 16.50
C ALA A 35 -2.49 -4.77 15.34
N LEU A 36 -3.06 -4.87 14.14
CA LEU A 36 -2.46 -4.33 12.92
C LEU A 36 -1.98 -2.89 13.11
N SER A 37 -2.51 -2.23 14.13
CA SER A 37 -2.14 -0.84 14.42
C SER A 37 -0.63 -0.65 14.40
N ARG A 38 0.10 -1.63 14.92
CA ARG A 38 1.56 -1.55 14.97
C ARG A 38 2.16 -2.80 15.58
N MET A 39 2.45 -3.80 14.75
CA MET A 39 3.04 -5.05 15.22
C MET A 39 4.20 -5.50 14.33
N GLY A 40 4.01 -5.40 13.01
CA GLY A 40 5.05 -5.81 12.08
C GLY A 40 4.50 -6.57 10.89
N ASP A 41 5.17 -7.67 10.54
CA ASP A 41 4.75 -8.50 9.42
C ASP A 41 3.67 -9.49 9.83
N GLU A 42 3.69 -9.88 11.10
CA GLU A 42 2.71 -10.83 11.62
C GLU A 42 1.28 -10.29 11.46
N ALA A 43 1.14 -8.99 11.51
CA ALA A 43 -0.17 -8.36 11.38
C ALA A 43 -0.34 -7.70 10.01
N PHE A 44 0.62 -7.89 9.13
CA PHE A 44 0.56 -7.31 7.79
C PHE A 44 -0.61 -7.85 6.98
N GLU A 45 -0.81 -9.16 7.01
CA GLU A 45 -1.89 -9.77 6.24
C GLU A 45 -3.26 -9.12 6.54
N PRO A 46 -3.67 -9.05 7.83
CA PRO A 46 -4.96 -8.45 8.21
C PRO A 46 -5.26 -7.15 7.48
N LEU A 47 -4.22 -6.55 6.90
CA LEU A 47 -4.36 -5.31 6.16
C LEU A 47 -4.88 -5.59 4.75
N LEU A 48 -4.15 -6.41 4.02
CA LEU A 48 -4.52 -6.77 2.66
C LEU A 48 -5.82 -7.58 2.70
N GLU A 49 -6.15 -8.10 3.88
CA GLU A 49 -7.36 -8.87 4.06
C GLU A 49 -8.58 -7.96 3.92
N SER A 50 -8.40 -6.70 4.30
CA SER A 50 -9.47 -5.71 4.21
C SER A 50 -9.84 -5.42 2.76
N LEU A 51 -8.95 -5.80 1.84
CA LEU A 51 -9.19 -5.58 0.41
C LEU A 51 -10.43 -6.34 -0.06
N SER A 52 -11.00 -7.15 0.82
CA SER A 52 -12.18 -7.93 0.48
C SER A 52 -13.35 -7.60 1.40
N ASN A 53 -13.32 -6.41 1.99
CA ASN A 53 -14.39 -5.98 2.90
C ASN A 53 -15.50 -5.25 2.14
N GLU A 54 -16.72 -5.34 2.66
CA GLU A 54 -17.87 -4.70 2.05
C GLU A 54 -17.74 -3.17 2.10
N ASP A 55 -17.15 -2.68 3.18
CA ASP A 55 -16.98 -1.24 3.38
C ASP A 55 -15.83 -0.71 2.51
N TRP A 56 -15.87 0.58 2.21
CA TRP A 56 -14.85 1.22 1.39
C TRP A 56 -13.93 2.10 2.24
N ARG A 57 -14.50 2.71 3.27
CA ARG A 57 -13.73 3.58 4.17
C ARG A 57 -12.60 2.81 4.83
N ILE A 58 -12.89 1.57 5.23
CA ILE A 58 -11.89 0.73 5.88
C ILE A 58 -10.91 0.15 4.86
N ARG A 59 -11.44 -0.20 3.69
CA ARG A 59 -10.62 -0.76 2.61
C ARG A 59 -9.52 0.22 2.23
N GLY A 60 -9.74 1.50 2.53
CA GLY A 60 -8.76 2.52 2.22
C GLY A 60 -7.62 2.55 3.22
N ALA A 61 -7.97 2.59 4.50
CA ALA A 61 -6.97 2.62 5.56
C ALA A 61 -5.94 1.52 5.37
N ALA A 62 -6.39 0.38 4.85
CA ALA A 62 -5.51 -0.75 4.59
C ALA A 62 -4.42 -0.35 3.61
N ALA A 63 -4.84 0.14 2.44
CA ALA A 63 -3.91 0.57 1.40
C ALA A 63 -3.08 1.75 1.88
N TRP A 64 -3.63 2.51 2.82
CA TRP A 64 -2.95 3.69 3.37
C TRP A 64 -1.75 3.33 4.24
N ILE A 65 -1.87 2.24 5.00
CA ILE A 65 -0.80 1.81 5.90
C ILE A 65 0.03 0.68 5.28
N ILE A 66 -0.54 0.01 4.29
CA ILE A 66 0.12 -1.12 3.64
C ILE A 66 1.48 -0.74 3.06
N GLY A 67 1.59 0.49 2.54
CA GLY A 67 2.84 0.92 1.95
C GLY A 67 3.89 1.33 2.97
N ASN A 68 3.44 1.66 4.16
CA ASN A 68 4.36 2.09 5.23
C ASN A 68 5.20 0.92 5.75
N PHE A 69 5.02 -0.26 5.17
CA PHE A 69 5.76 -1.44 5.61
C PHE A 69 6.82 -1.86 4.59
N GLN A 70 6.62 -1.50 3.33
CA GLN A 70 7.56 -1.84 2.25
C GLN A 70 7.65 -3.35 2.07
N ASP A 71 6.52 -4.01 2.18
CA ASP A 71 6.46 -5.47 2.04
C ASP A 71 5.98 -5.88 0.65
N GLU A 72 6.10 -7.17 0.36
CA GLU A 72 5.68 -7.72 -0.93
C GLU A 72 4.17 -7.62 -1.11
N ARG A 73 3.42 -7.91 -0.04
CA ARG A 73 1.97 -7.85 -0.09
C ARG A 73 1.49 -6.41 -0.23
N ALA A 74 2.42 -5.46 -0.09
CA ALA A 74 2.08 -4.04 -0.17
C ALA A 74 2.12 -3.49 -1.61
N VAL A 75 3.05 -3.97 -2.42
CA VAL A 75 3.19 -3.48 -3.79
C VAL A 75 1.96 -3.77 -4.67
N GLU A 76 1.38 -4.97 -4.51
CA GLU A 76 0.24 -5.35 -5.33
C GLU A 76 -0.95 -4.39 -5.15
N PRO A 77 -1.40 -4.15 -3.91
CA PRO A 77 -2.53 -3.23 -3.65
C PRO A 77 -2.39 -1.92 -4.41
N LEU A 78 -1.24 -1.28 -4.26
CA LEU A 78 -0.98 0.00 -4.91
C LEU A 78 -1.23 -0.07 -6.42
N ILE A 79 -1.04 -1.25 -7.00
CA ILE A 79 -1.23 -1.43 -8.44
C ILE A 79 -2.68 -1.18 -8.87
N LYS A 80 -3.60 -1.97 -8.32
CA LYS A 80 -5.02 -1.86 -8.65
C LYS A 80 -5.65 -0.59 -8.09
N LEU A 81 -4.93 0.11 -7.23
CA LEU A 81 -5.44 1.33 -6.61
C LEU A 81 -5.28 2.56 -7.51
N LEU A 82 -4.07 2.75 -8.02
CA LEU A 82 -3.77 3.90 -8.88
C LEU A 82 -4.71 3.95 -10.08
N GLU A 83 -5.48 2.89 -10.29
CA GLU A 83 -6.42 2.83 -11.39
C GLU A 83 -7.84 2.57 -10.89
N ASP A 84 -7.97 2.26 -9.60
CA ASP A 84 -9.27 1.98 -8.99
C ASP A 84 -10.19 3.19 -9.11
N ASP A 85 -9.61 4.36 -8.93
CA ASP A 85 -10.35 5.62 -8.99
C ASP A 85 -11.40 5.71 -7.89
N SER A 86 -11.17 4.98 -6.80
CA SER A 86 -12.11 4.99 -5.68
C SER A 86 -11.85 6.18 -4.75
N GLY A 87 -10.95 7.07 -5.16
CA GLY A 87 -10.64 8.24 -4.37
C GLY A 87 -9.80 7.90 -3.14
N PHE A 88 -10.46 7.37 -2.12
CA PHE A 88 -9.77 6.97 -0.89
C PHE A 88 -8.79 5.86 -1.18
N VAL A 89 -9.28 4.81 -1.84
CA VAL A 89 -8.48 3.66 -2.19
C VAL A 89 -7.33 4.05 -3.13
N ARG A 90 -7.65 4.87 -4.13
CA ARG A 90 -6.65 5.30 -5.11
C ARG A 90 -5.60 6.19 -4.45
N SER A 91 -6.04 7.31 -3.89
CA SER A 91 -5.13 8.25 -3.23
C SER A 91 -4.24 7.55 -2.21
N GLY A 92 -4.74 6.44 -1.66
CA GLY A 92 -3.97 5.69 -0.69
C GLY A 92 -2.68 5.16 -1.26
N ALA A 93 -2.76 4.58 -2.45
CA ALA A 93 -1.59 4.04 -3.12
C ALA A 93 -0.62 5.16 -3.52
N ALA A 94 -1.18 6.30 -3.91
CA ALA A 94 -0.36 7.44 -4.33
C ALA A 94 0.65 7.82 -3.26
N ARG A 95 0.19 7.90 -2.02
CA ARG A 95 1.06 8.25 -0.90
C ARG A 95 1.91 7.07 -0.45
N SER A 96 1.33 5.88 -0.49
CA SER A 96 2.03 4.66 -0.06
C SER A 96 3.29 4.43 -0.88
N LEU A 97 3.21 4.64 -2.20
CA LEU A 97 4.37 4.44 -3.07
C LEU A 97 5.52 5.36 -2.68
N GLU A 98 5.26 6.67 -2.75
CA GLU A 98 6.27 7.65 -2.36
C GLU A 98 6.79 7.38 -0.96
N GLN A 99 5.91 6.87 -0.10
CA GLN A 99 6.30 6.53 1.26
C GLN A 99 7.36 5.44 1.25
N ILE A 100 7.15 4.45 0.39
CA ILE A 100 8.08 3.35 0.24
C ILE A 100 9.43 3.83 -0.28
N GLY A 101 9.42 4.43 -1.47
CA GLY A 101 10.66 4.93 -2.06
C GLY A 101 11.61 3.82 -2.46
N GLY A 102 12.15 3.91 -3.67
CA GLY A 102 13.08 2.91 -4.16
C GLY A 102 12.76 2.46 -5.58
N GLU A 103 13.73 1.80 -6.22
CA GLU A 103 13.55 1.30 -7.58
C GLU A 103 12.46 0.24 -7.63
N ARG A 104 12.20 -0.40 -6.49
CA ARG A 104 11.20 -1.44 -6.40
C ARG A 104 9.82 -0.91 -6.77
N VAL A 105 9.40 0.17 -6.11
CA VAL A 105 8.11 0.79 -6.38
C VAL A 105 8.13 1.47 -7.73
N ARG A 106 9.32 1.87 -8.17
CA ARG A 106 9.48 2.55 -9.44
C ARG A 106 8.84 1.74 -10.56
N ALA A 107 8.86 0.41 -10.42
CA ALA A 107 8.28 -0.48 -11.42
C ALA A 107 6.78 -0.24 -11.51
N ALA A 108 6.12 -0.14 -10.36
CA ALA A 108 4.69 0.10 -10.33
C ALA A 108 4.35 1.43 -11.00
N MET A 109 5.24 2.41 -10.82
CA MET A 109 5.05 3.72 -11.42
C MET A 109 5.18 3.60 -12.93
N GLU A 110 6.18 2.84 -13.36
CA GLU A 110 6.40 2.62 -14.79
C GLU A 110 5.14 2.02 -15.42
N LYS A 111 4.48 1.17 -14.65
CA LYS A 111 3.26 0.51 -15.13
C LYS A 111 2.06 1.47 -15.09
N LEU A 112 2.11 2.43 -14.18
CA LEU A 112 1.03 3.41 -14.05
C LEU A 112 1.28 4.59 -14.99
N ALA A 113 2.54 4.80 -15.35
CA ALA A 113 2.93 5.89 -16.24
C ALA A 113 2.35 5.70 -17.64
N GLU A 114 2.17 4.44 -18.04
CA GLU A 114 1.62 4.14 -19.36
C GLU A 114 0.10 4.28 -19.35
N THR A 115 -0.48 4.17 -18.15
CA THR A 115 -1.92 4.31 -17.98
C THR A 115 -2.21 5.58 -17.19
N GLY A 116 -1.22 6.48 -17.19
CA GLY A 116 -1.33 7.73 -16.47
C GLY A 116 -2.59 8.49 -16.82
N THR A 117 -3.41 8.73 -15.80
CA THR A 117 -4.65 9.48 -15.97
C THR A 117 -4.94 10.34 -14.75
N GLY A 118 -5.24 11.62 -15.00
CA GLY A 118 -5.53 12.54 -13.90
C GLY A 118 -4.39 12.67 -12.92
N PHE A 119 -4.71 12.54 -11.63
CA PHE A 119 -3.71 12.64 -10.57
C PHE A 119 -2.89 11.36 -10.45
N ALA A 120 -3.49 10.25 -10.84
CA ALA A 120 -2.80 8.96 -10.77
C ALA A 120 -1.47 8.97 -11.50
N ARG A 121 -1.38 9.79 -12.55
CA ARG A 121 -0.15 9.89 -13.33
C ARG A 121 0.91 10.70 -12.60
N LYS A 122 0.53 11.90 -12.17
CA LYS A 122 1.44 12.78 -11.44
C LYS A 122 2.15 12.01 -10.33
N VAL A 123 1.53 10.91 -9.92
CA VAL A 123 2.07 10.07 -8.87
C VAL A 123 3.33 9.33 -9.32
N ALA A 124 3.20 8.53 -10.37
CA ALA A 124 4.33 7.77 -10.90
C ALA A 124 5.48 8.67 -11.33
N VAL A 125 5.14 9.71 -12.06
CA VAL A 125 6.13 10.66 -12.59
C VAL A 125 6.87 11.43 -11.50
N ASN A 126 6.14 12.24 -10.73
CA ASN A 126 6.72 13.06 -9.68
C ASN A 126 7.55 12.25 -8.68
N TYR A 127 7.08 11.05 -8.37
CA TYR A 127 7.76 10.19 -7.41
C TYR A 127 9.16 9.82 -7.88
N LEU A 128 9.37 9.90 -9.19
CA LEU A 128 10.67 9.56 -9.78
C LEU A 128 11.78 10.44 -9.21
N GLU A 129 11.41 11.63 -8.74
CA GLU A 129 12.40 12.56 -8.18
C GLU A 129 12.66 12.27 -6.70
N THR A 130 12.00 11.25 -6.17
CA THR A 130 12.17 10.89 -4.77
C THR A 130 12.07 9.37 -4.56
N HIS A 131 12.45 8.60 -5.57
CA HIS A 131 12.40 7.14 -5.47
C HIS A 131 13.68 6.59 -4.85
N MET A 21 -13.97 -13.60 8.55
CA MET A 21 -13.65 -12.26 9.11
C MET A 21 -13.40 -12.35 10.61
N ALA A 22 -14.26 -13.08 11.32
CA ALA A 22 -14.13 -13.24 12.76
C ALA A 22 -13.82 -14.68 13.13
N ASP A 23 -13.68 -15.53 12.11
CA ASP A 23 -13.39 -16.94 12.33
C ASP A 23 -11.97 -17.28 11.88
N GLU A 24 -11.72 -17.12 10.58
CA GLU A 24 -10.39 -17.40 10.03
C GLU A 24 -9.36 -16.44 10.59
N ASN A 25 -8.11 -16.90 10.67
CA ASN A 25 -7.02 -16.10 11.19
C ASN A 25 -7.28 -15.64 12.62
N LYS A 26 -6.79 -16.40 13.58
CA LYS A 26 -6.97 -16.09 14.99
C LYS A 26 -5.74 -15.38 15.56
N TRP A 27 -4.58 -15.73 15.04
CA TRP A 27 -3.32 -15.14 15.49
C TRP A 27 -3.16 -13.74 14.92
N VAL A 28 -3.77 -12.75 15.58
CA VAL A 28 -3.70 -11.37 15.13
C VAL A 28 -4.42 -10.42 16.09
N ARG A 29 -5.68 -10.72 16.38
CA ARG A 29 -6.48 -9.88 17.26
C ARG A 29 -6.71 -10.55 18.61
N ARG A 30 -5.85 -11.51 18.96
CA ARG A 30 -5.98 -12.20 20.24
C ARG A 30 -5.86 -11.20 21.38
N ASP A 31 -6.98 -10.94 22.05
CA ASP A 31 -7.02 -9.99 23.16
C ASP A 31 -6.93 -8.56 22.64
N VAL A 32 -6.81 -8.43 21.32
CA VAL A 32 -6.71 -7.13 20.66
C VAL A 32 -8.00 -6.83 19.90
N SER A 33 -7.96 -5.82 19.03
CA SER A 33 -9.13 -5.45 18.22
C SER A 33 -8.69 -4.71 16.96
N THR A 34 -8.19 -3.49 17.14
CA THR A 34 -7.73 -2.69 16.01
C THR A 34 -6.39 -3.21 15.50
N ALA A 35 -6.45 -4.14 14.55
CA ALA A 35 -5.25 -4.74 14.00
C ALA A 35 -4.66 -3.91 12.86
N LEU A 36 -5.45 -3.73 11.80
CA LEU A 36 -5.02 -2.98 10.62
C LEU A 36 -4.55 -1.57 10.98
N SER A 37 -4.86 -1.11 12.19
CA SER A 37 -4.46 0.23 12.62
C SER A 37 -2.95 0.37 12.63
N ARG A 38 -2.27 -0.55 13.31
CA ARG A 38 -0.81 -0.55 13.42
C ARG A 38 -0.35 -1.56 14.47
N MET A 39 -0.06 -2.78 14.02
CA MET A 39 0.37 -3.84 14.92
C MET A 39 1.59 -4.57 14.36
N GLY A 40 1.71 -4.59 13.04
CA GLY A 40 2.83 -5.27 12.40
C GLY A 40 2.67 -6.78 12.43
N ASP A 41 3.02 -7.43 11.32
CA ASP A 41 2.92 -8.88 11.20
C ASP A 41 1.46 -9.32 11.22
N GLU A 42 0.88 -9.32 12.42
CA GLU A 42 -0.51 -9.71 12.60
C GLU A 42 -1.44 -8.84 11.76
N ALA A 43 -1.05 -7.59 11.59
CA ALA A 43 -1.86 -6.63 10.83
C ALA A 43 -1.53 -6.67 9.34
N PHE A 44 -0.50 -7.43 8.98
CA PHE A 44 -0.08 -7.54 7.58
C PHE A 44 -1.20 -8.08 6.71
N GLU A 45 -1.73 -9.25 7.06
CA GLU A 45 -2.82 -9.85 6.27
C GLU A 45 -4.08 -8.99 6.29
N PRO A 46 -4.58 -8.58 7.48
CA PRO A 46 -5.77 -7.72 7.58
C PRO A 46 -5.79 -6.67 6.48
N LEU A 47 -4.60 -6.28 6.07
CA LEU A 47 -4.42 -5.31 4.99
C LEU A 47 -4.73 -5.98 3.66
N LEU A 48 -4.03 -7.10 3.40
CA LEU A 48 -4.23 -7.89 2.20
C LEU A 48 -5.69 -8.23 2.02
N GLU A 49 -6.30 -8.69 3.11
CA GLU A 49 -7.71 -9.06 3.12
C GLU A 49 -8.58 -7.85 2.80
N SER A 50 -8.23 -6.71 3.39
CA SER A 50 -8.99 -5.48 3.19
C SER A 50 -8.90 -4.97 1.77
N LEU A 51 -7.98 -5.53 0.97
CA LEU A 51 -7.81 -5.10 -0.41
C LEU A 51 -9.12 -5.25 -1.18
N SER A 52 -9.98 -6.15 -0.70
CA SER A 52 -11.26 -6.39 -1.34
C SER A 52 -12.40 -6.24 -0.33
N ASN A 53 -12.12 -5.51 0.75
CA ASN A 53 -13.11 -5.30 1.80
C ASN A 53 -14.37 -4.65 1.25
N GLU A 54 -15.53 -5.08 1.75
CA GLU A 54 -16.81 -4.55 1.30
C GLU A 54 -16.89 -3.05 1.56
N ASP A 55 -16.45 -2.64 2.75
CA ASP A 55 -16.46 -1.24 3.12
C ASP A 55 -15.30 -0.50 2.47
N TRP A 56 -15.57 0.71 1.97
CA TRP A 56 -14.55 1.51 1.31
C TRP A 56 -13.61 2.16 2.33
N ARG A 57 -14.14 2.45 3.52
CA ARG A 57 -13.37 3.07 4.58
C ARG A 57 -12.22 2.16 5.01
N ILE A 58 -12.52 0.87 5.19
CA ILE A 58 -11.51 -0.09 5.59
C ILE A 58 -10.48 -0.30 4.49
N ARG A 59 -10.96 -0.26 3.25
CA ARG A 59 -10.09 -0.43 2.09
C ARG A 59 -9.08 0.71 1.99
N GLY A 60 -9.51 1.91 2.38
CA GLY A 60 -8.64 3.06 2.33
C GLY A 60 -7.51 3.00 3.34
N ALA A 61 -7.86 3.02 4.62
CA ALA A 61 -6.88 2.97 5.70
C ALA A 61 -5.87 1.85 5.49
N ALA A 62 -6.31 0.74 4.89
CA ALA A 62 -5.43 -0.39 4.63
C ALA A 62 -4.33 0.00 3.65
N ALA A 63 -4.72 0.48 2.49
CA ALA A 63 -3.78 0.90 1.46
C ALA A 63 -2.91 2.06 1.94
N TRP A 64 -3.44 2.82 2.89
CA TRP A 64 -2.76 3.98 3.45
C TRP A 64 -1.56 3.59 4.32
N ILE A 65 -1.72 2.53 5.11
CA ILE A 65 -0.66 2.09 6.02
C ILE A 65 0.14 0.92 5.43
N ILE A 66 -0.45 0.25 4.45
CA ILE A 66 0.19 -0.90 3.82
C ILE A 66 1.59 -0.56 3.30
N GLY A 67 1.76 0.66 2.79
CA GLY A 67 3.06 1.06 2.27
C GLY A 67 4.11 1.25 3.35
N ASN A 68 3.66 1.39 4.59
CA ASN A 68 4.58 1.59 5.72
C ASN A 68 5.37 0.32 6.02
N PHE A 69 5.04 -0.78 5.36
CA PHE A 69 5.74 -2.04 5.58
C PHE A 69 6.85 -2.24 4.56
N GLN A 70 6.73 -1.60 3.41
CA GLN A 70 7.74 -1.70 2.35
C GLN A 70 7.92 -3.13 1.87
N ASP A 71 6.84 -3.91 1.94
CA ASP A 71 6.87 -5.29 1.51
C ASP A 71 6.21 -5.45 0.14
N GLU A 72 6.49 -6.57 -0.53
CA GLU A 72 5.94 -6.84 -1.85
C GLU A 72 4.41 -6.90 -1.80
N ARG A 73 3.88 -7.44 -0.71
CA ARG A 73 2.44 -7.55 -0.53
C ARG A 73 1.81 -6.17 -0.37
N ALA A 74 2.66 -5.15 -0.23
CA ALA A 74 2.20 -3.78 -0.06
C ALA A 74 2.36 -3.00 -1.36
N VAL A 75 3.03 -3.63 -2.32
CA VAL A 75 3.27 -3.01 -3.61
C VAL A 75 2.14 -3.32 -4.59
N GLU A 76 1.59 -4.53 -4.49
CA GLU A 76 0.49 -4.94 -5.36
C GLU A 76 -0.72 -4.03 -5.21
N PRO A 77 -1.16 -3.74 -3.96
CA PRO A 77 -2.32 -2.87 -3.72
C PRO A 77 -2.25 -1.59 -4.55
N LEU A 78 -1.09 -0.94 -4.52
CA LEU A 78 -0.88 0.29 -5.26
C LEU A 78 -1.18 0.12 -6.74
N ILE A 79 -0.91 -1.06 -7.28
CA ILE A 79 -1.14 -1.32 -8.69
C ILE A 79 -2.59 -1.06 -9.09
N LYS A 80 -3.52 -1.79 -8.49
CA LYS A 80 -4.94 -1.64 -8.81
C LYS A 80 -5.49 -0.31 -8.28
N LEU A 81 -5.03 0.08 -7.11
CA LEU A 81 -5.48 1.31 -6.47
C LEU A 81 -5.28 2.55 -7.32
N LEU A 82 -4.08 2.71 -7.86
CA LEU A 82 -3.76 3.85 -8.69
C LEU A 82 -4.67 3.88 -9.92
N GLU A 83 -5.41 2.79 -10.10
CA GLU A 83 -6.33 2.65 -11.21
C GLU A 83 -7.77 2.51 -10.70
N ASP A 84 -7.92 2.27 -9.40
CA ASP A 84 -9.23 2.10 -8.79
C ASP A 84 -10.08 3.36 -8.96
N ASP A 85 -9.47 4.49 -8.65
CA ASP A 85 -10.13 5.78 -8.76
C ASP A 85 -11.25 5.92 -7.72
N SER A 86 -11.16 5.12 -6.66
CA SER A 86 -12.16 5.17 -5.60
C SER A 86 -11.84 6.24 -4.57
N GLY A 87 -10.89 7.11 -4.90
CA GLY A 87 -10.50 8.17 -3.99
C GLY A 87 -9.64 7.67 -2.85
N PHE A 88 -10.24 7.47 -1.68
CA PHE A 88 -9.54 7.00 -0.50
C PHE A 88 -8.64 5.81 -0.85
N VAL A 89 -9.14 4.98 -1.76
CA VAL A 89 -8.41 3.78 -2.20
C VAL A 89 -7.24 4.15 -3.12
N ARG A 90 -7.49 5.00 -4.11
CA ARG A 90 -6.46 5.42 -5.05
C ARG A 90 -5.43 6.34 -4.39
N SER A 91 -5.89 7.50 -3.93
CA SER A 91 -5.01 8.47 -3.28
C SER A 91 -4.16 7.82 -2.19
N GLY A 92 -4.72 6.79 -1.55
CA GLY A 92 -3.99 6.10 -0.51
C GLY A 92 -2.72 5.45 -1.01
N ALA A 93 -2.78 4.86 -2.20
CA ALA A 93 -1.64 4.20 -2.78
C ALA A 93 -0.61 5.21 -3.28
N ALA A 94 -1.08 6.39 -3.69
CA ALA A 94 -0.19 7.43 -4.19
C ALA A 94 0.91 7.77 -3.19
N ARG A 95 0.53 7.93 -1.93
CA ARG A 95 1.49 8.26 -0.88
C ARG A 95 2.26 7.02 -0.42
N SER A 96 1.74 5.84 -0.74
CA SER A 96 2.39 4.60 -0.37
C SER A 96 3.76 4.46 -1.04
N LEU A 97 3.82 4.77 -2.33
CA LEU A 97 5.09 4.67 -3.07
C LEU A 97 6.16 5.56 -2.45
N GLU A 98 5.89 6.86 -2.39
CA GLU A 98 6.82 7.82 -1.82
C GLU A 98 7.28 7.38 -0.43
N GLN A 99 6.35 6.83 0.34
CA GLN A 99 6.65 6.37 1.70
C GLN A 99 7.79 5.37 1.70
N ILE A 100 7.82 4.49 0.70
CA ILE A 100 8.86 3.47 0.59
C ILE A 100 10.09 4.01 -0.14
N GLY A 101 9.89 4.42 -1.39
CA GLY A 101 11.00 4.94 -2.18
C GLY A 101 12.05 3.89 -2.46
N GLY A 102 11.95 3.22 -3.61
CA GLY A 102 12.91 2.20 -3.96
C GLY A 102 12.61 1.55 -5.30
N GLU A 103 13.39 0.52 -5.63
CA GLU A 103 13.21 -0.20 -6.89
C GLU A 103 11.90 -0.97 -6.91
N ARG A 104 11.47 -1.42 -5.74
CA ARG A 104 10.22 -2.18 -5.61
C ARG A 104 9.03 -1.36 -6.07
N VAL A 105 8.85 -0.19 -5.46
CA VAL A 105 7.75 0.70 -5.82
C VAL A 105 7.98 1.32 -7.19
N ARG A 106 9.23 1.32 -7.63
CA ARG A 106 9.58 1.87 -8.94
C ARG A 106 8.76 1.19 -10.02
N ALA A 107 8.44 -0.08 -9.80
CA ALA A 107 7.67 -0.86 -10.75
C ALA A 107 6.19 -0.50 -10.66
N ALA A 108 5.78 0.03 -9.51
CA ALA A 108 4.39 0.42 -9.30
C ALA A 108 4.03 1.68 -10.10
N MET A 109 4.91 2.68 -10.08
CA MET A 109 4.66 3.92 -10.79
C MET A 109 4.78 3.75 -12.31
N GLU A 110 5.63 2.83 -12.74
CA GLU A 110 5.80 2.59 -14.17
C GLU A 110 4.62 1.80 -14.71
N LYS A 111 4.03 0.99 -13.85
CA LYS A 111 2.86 0.19 -14.23
C LYS A 111 1.64 1.10 -14.39
N LEU A 112 1.62 2.17 -13.61
CA LEU A 112 0.53 3.12 -13.67
C LEU A 112 0.82 4.17 -14.75
N ALA A 113 2.11 4.46 -14.94
CA ALA A 113 2.53 5.42 -15.95
C ALA A 113 2.06 4.97 -17.33
N GLU A 114 1.86 3.67 -17.47
CA GLU A 114 1.41 3.10 -18.73
C GLU A 114 -0.09 3.29 -18.89
N THR A 115 -0.79 3.39 -17.76
CA THR A 115 -2.23 3.58 -17.76
C THR A 115 -2.56 4.87 -17.00
N GLY A 116 -1.60 5.79 -17.01
CA GLY A 116 -1.76 7.05 -16.32
C GLY A 116 -3.01 7.80 -16.71
N THR A 117 -3.81 8.14 -15.71
CA THR A 117 -5.04 8.89 -15.92
C THR A 117 -5.37 9.75 -14.70
N GLY A 118 -5.66 11.03 -14.96
CA GLY A 118 -6.00 11.94 -13.87
C GLY A 118 -4.89 12.07 -12.84
N PHE A 119 -5.28 12.27 -11.59
CA PHE A 119 -4.33 12.42 -10.49
C PHE A 119 -3.41 11.21 -10.39
N ALA A 120 -3.91 10.05 -10.81
CA ALA A 120 -3.15 8.82 -10.75
C ALA A 120 -1.81 8.95 -11.49
N ARG A 121 -1.87 9.36 -12.74
CA ARG A 121 -0.68 9.53 -13.56
C ARG A 121 0.36 10.44 -12.90
N LYS A 122 -0.04 11.69 -12.67
CA LYS A 122 0.86 12.67 -12.07
C LYS A 122 1.59 12.10 -10.86
N VAL A 123 0.95 11.17 -10.18
CA VAL A 123 1.53 10.53 -9.00
C VAL A 123 2.77 9.71 -9.35
N ALA A 124 2.58 8.73 -10.22
CA ALA A 124 3.67 7.85 -10.64
C ALA A 124 4.90 8.63 -11.12
N VAL A 125 4.72 9.42 -12.15
CA VAL A 125 5.80 10.21 -12.74
C VAL A 125 6.47 11.15 -11.74
N ASN A 126 5.70 12.08 -11.18
CA ASN A 126 6.25 13.04 -10.22
C ASN A 126 6.93 12.35 -9.05
N TYR A 127 6.47 11.16 -8.69
CA TYR A 127 7.04 10.42 -7.58
C TYR A 127 8.52 10.13 -7.85
N LEU A 128 8.85 9.93 -9.11
CA LEU A 128 10.22 9.63 -9.52
C LEU A 128 11.20 10.69 -9.04
N GLU A 129 10.68 11.82 -8.58
CA GLU A 129 11.53 12.90 -8.08
C GLU A 129 12.03 12.61 -6.67
N THR A 130 11.73 11.43 -6.14
CA THR A 130 12.16 11.07 -4.79
C THR A 130 12.52 9.60 -4.65
N HIS A 131 12.53 8.86 -5.77
CA HIS A 131 12.87 7.44 -5.72
C HIS A 131 14.37 7.22 -5.81
N MET A 21 10.81 -17.40 13.97
CA MET A 21 11.47 -18.47 14.75
C MET A 21 12.91 -18.09 15.07
N ALA A 22 13.71 -17.85 14.02
CA ALA A 22 15.11 -17.49 14.20
C ALA A 22 15.59 -16.59 13.06
N ASP A 23 15.03 -16.80 11.88
CA ASP A 23 15.40 -16.01 10.70
C ASP A 23 14.19 -15.77 9.80
N GLU A 24 13.02 -16.15 10.29
CA GLU A 24 11.79 -15.97 9.52
C GLU A 24 10.85 -14.99 10.22
N ASN A 25 10.34 -15.40 11.38
CA ASN A 25 9.43 -14.55 12.14
C ASN A 25 10.18 -13.81 13.24
N LYS A 26 10.45 -12.53 13.00
CA LYS A 26 11.16 -11.70 13.97
C LYS A 26 10.48 -10.35 14.10
N TRP A 27 11.14 -9.43 14.83
CA TRP A 27 10.62 -8.08 15.05
C TRP A 27 9.09 -8.06 15.11
N VAL A 28 8.55 -8.27 16.31
CA VAL A 28 7.11 -8.26 16.50
C VAL A 28 6.73 -7.85 17.92
N ARG A 29 5.81 -6.89 18.03
CA ARG A 29 5.34 -6.40 19.32
C ARG A 29 6.46 -5.70 20.10
N ARG A 30 7.63 -5.57 19.49
CA ARG A 30 8.74 -4.90 20.15
C ARG A 30 8.48 -3.40 20.22
N ASP A 31 8.36 -2.89 21.45
CA ASP A 31 8.09 -1.47 21.68
C ASP A 31 6.62 -1.13 21.43
N VAL A 32 6.11 -1.57 20.28
CA VAL A 32 4.72 -1.32 19.92
C VAL A 32 3.78 -2.11 20.83
N SER A 33 2.48 -1.92 20.65
CA SER A 33 1.49 -2.63 21.45
C SER A 33 0.15 -2.68 20.73
N THR A 34 0.07 -2.06 19.56
CA THR A 34 -1.15 -2.06 18.77
C THR A 34 -1.22 -3.30 17.89
N ALA A 35 -2.39 -3.58 17.33
CA ALA A 35 -2.57 -4.77 16.50
C ALA A 35 -2.40 -4.48 15.01
N LEU A 36 -3.33 -3.73 14.43
CA LEU A 36 -3.28 -3.43 13.00
C LEU A 36 -2.36 -2.25 12.67
N SER A 37 -1.96 -1.49 13.69
CA SER A 37 -1.10 -0.34 13.47
C SER A 37 0.21 -0.74 12.81
N ARG A 38 0.89 -1.73 13.39
CA ARG A 38 2.17 -2.19 12.85
C ARG A 38 2.72 -3.37 13.66
N MET A 39 2.85 -4.52 13.00
CA MET A 39 3.39 -5.72 13.64
C MET A 39 4.63 -6.21 12.90
N GLY A 40 4.84 -5.67 11.71
CA GLY A 40 5.99 -6.06 10.91
C GLY A 40 5.72 -7.27 10.03
N ASP A 41 4.65 -8.01 10.34
CA ASP A 41 4.30 -9.20 9.58
C ASP A 41 2.97 -9.76 10.06
N GLU A 42 2.78 -9.79 11.37
CA GLU A 42 1.55 -10.32 11.96
C GLU A 42 0.33 -9.51 11.54
N ALA A 43 0.53 -8.21 11.29
CA ALA A 43 -0.56 -7.35 10.89
C ALA A 43 -0.58 -7.11 9.38
N PHE A 44 0.42 -7.64 8.69
CA PHE A 44 0.50 -7.50 7.24
C PHE A 44 -0.72 -8.11 6.57
N GLU A 45 -0.98 -9.37 6.90
CA GLU A 45 -2.12 -10.08 6.35
C GLU A 45 -3.46 -9.45 6.74
N PRO A 46 -3.73 -9.27 8.06
CA PRO A 46 -4.99 -8.66 8.51
C PRO A 46 -5.24 -7.34 7.80
N LEU A 47 -4.16 -6.81 7.26
CA LEU A 47 -4.16 -5.56 6.53
C LEU A 47 -4.50 -5.80 5.06
N LEU A 48 -4.00 -6.93 4.54
CA LEU A 48 -4.23 -7.31 3.15
C LEU A 48 -5.59 -7.98 2.97
N GLU A 49 -6.13 -8.52 4.06
CA GLU A 49 -7.43 -9.20 3.99
C GLU A 49 -8.56 -8.19 3.88
N SER A 50 -8.38 -7.02 4.49
CA SER A 50 -9.39 -5.97 4.48
C SER A 50 -9.59 -5.41 3.06
N LEU A 51 -8.60 -5.63 2.21
CA LEU A 51 -8.67 -5.14 0.83
C LEU A 51 -9.77 -5.84 0.05
N SER A 52 -10.36 -6.87 0.66
CA SER A 52 -11.44 -7.63 0.02
C SER A 52 -12.78 -7.30 0.66
N ASN A 53 -12.87 -6.14 1.31
CA ASN A 53 -14.10 -5.72 1.96
C ASN A 53 -15.02 -5.03 0.97
N GLU A 54 -16.32 -5.25 1.13
CA GLU A 54 -17.32 -4.65 0.25
C GLU A 54 -17.37 -3.15 0.46
N ASP A 55 -16.82 -2.69 1.59
CA ASP A 55 -16.80 -1.26 1.90
C ASP A 55 -15.58 -0.59 1.28
N TRP A 56 -15.67 0.71 1.06
CA TRP A 56 -14.57 1.47 0.46
C TRP A 56 -13.77 2.21 1.52
N ARG A 57 -14.44 2.68 2.57
CA ARG A 57 -13.78 3.41 3.64
C ARG A 57 -12.79 2.52 4.39
N ILE A 58 -13.22 1.30 4.70
CA ILE A 58 -12.38 0.36 5.41
C ILE A 58 -11.16 0.00 4.58
N ARG A 59 -11.38 -0.23 3.29
CA ARG A 59 -10.30 -0.59 2.39
C ARG A 59 -9.30 0.56 2.27
N GLY A 60 -9.76 1.76 2.60
CA GLY A 60 -8.90 2.93 2.53
C GLY A 60 -7.71 2.83 3.47
N ALA A 61 -8.00 2.74 4.77
CA ALA A 61 -6.94 2.63 5.78
C ALA A 61 -5.95 1.52 5.42
N ALA A 62 -6.45 0.45 4.82
CA ALA A 62 -5.60 -0.66 4.42
C ALA A 62 -4.51 -0.20 3.48
N ALA A 63 -4.91 0.40 2.37
CA ALA A 63 -3.97 0.92 1.38
C ALA A 63 -3.07 1.98 2.00
N TRP A 64 -3.63 2.74 2.94
CA TRP A 64 -2.91 3.80 3.62
C TRP A 64 -1.82 3.27 4.57
N ILE A 65 -2.03 2.08 5.11
CA ILE A 65 -1.06 1.50 6.05
C ILE A 65 -0.16 0.49 5.36
N ILE A 66 -0.66 -0.09 4.27
CA ILE A 66 0.09 -1.09 3.53
C ILE A 66 1.41 -0.52 3.01
N GLY A 67 1.45 0.78 2.76
CA GLY A 67 2.65 1.41 2.26
C GLY A 67 3.78 1.38 3.27
N ASN A 68 3.41 1.32 4.55
CA ASN A 68 4.41 1.28 5.61
C ASN A 68 5.40 0.15 5.37
N PHE A 69 4.89 -0.98 4.88
CA PHE A 69 5.72 -2.12 4.58
C PHE A 69 6.25 -2.03 3.16
N GLN A 70 7.58 -2.00 3.03
CA GLN A 70 8.23 -1.90 1.73
C GLN A 70 8.31 -3.27 1.08
N ASP A 71 7.41 -4.16 1.47
CA ASP A 71 7.38 -5.51 0.94
C ASP A 71 6.62 -5.57 -0.37
N GLU A 72 6.81 -6.65 -1.13
CA GLU A 72 6.14 -6.83 -2.41
C GLU A 72 4.63 -6.98 -2.24
N ARG A 73 4.23 -7.46 -1.07
CA ARG A 73 2.81 -7.66 -0.77
C ARG A 73 2.08 -6.32 -0.68
N ALA A 74 2.85 -5.25 -0.60
CA ALA A 74 2.28 -3.90 -0.48
C ALA A 74 2.40 -3.14 -1.80
N VAL A 75 3.06 -3.77 -2.77
CA VAL A 75 3.28 -3.16 -4.07
C VAL A 75 2.09 -3.36 -5.00
N GLU A 76 1.50 -4.56 -4.96
CA GLU A 76 0.35 -4.87 -5.81
C GLU A 76 -0.83 -3.92 -5.54
N PRO A 77 -1.22 -3.74 -4.26
CA PRO A 77 -2.33 -2.84 -3.89
C PRO A 77 -2.26 -1.53 -4.66
N LEU A 78 -1.11 -0.88 -4.59
CA LEU A 78 -0.88 0.40 -5.25
C LEU A 78 -1.31 0.36 -6.73
N ILE A 79 -1.08 -0.76 -7.38
CA ILE A 79 -1.41 -0.89 -8.81
C ILE A 79 -2.90 -0.69 -9.09
N LYS A 80 -3.73 -1.57 -8.53
CA LYS A 80 -5.18 -1.49 -8.76
C LYS A 80 -5.81 -0.32 -8.01
N LEU A 81 -5.03 0.36 -7.18
CA LEU A 81 -5.54 1.48 -6.40
C LEU A 81 -5.44 2.81 -7.13
N LEU A 82 -4.28 3.08 -7.73
CA LEU A 82 -4.07 4.33 -8.44
C LEU A 82 -5.07 4.46 -9.59
N GLU A 83 -5.78 3.38 -9.85
CA GLU A 83 -6.76 3.34 -10.92
C GLU A 83 -8.17 3.13 -10.37
N ASP A 84 -8.24 2.72 -9.11
CA ASP A 84 -9.53 2.49 -8.46
C ASP A 84 -10.36 3.76 -8.40
N ASP A 85 -9.67 4.88 -8.29
CA ASP A 85 -10.31 6.20 -8.21
C ASP A 85 -11.39 6.25 -7.15
N SER A 86 -11.25 5.44 -6.10
CA SER A 86 -12.23 5.41 -5.02
C SER A 86 -11.92 6.48 -3.97
N GLY A 87 -10.94 7.32 -4.26
CA GLY A 87 -10.56 8.37 -3.32
C GLY A 87 -9.65 7.86 -2.22
N PHE A 88 -10.23 7.52 -1.08
CA PHE A 88 -9.46 7.01 0.05
C PHE A 88 -8.55 5.87 -0.40
N VAL A 89 -9.10 4.98 -1.22
CA VAL A 89 -8.36 3.84 -1.75
C VAL A 89 -7.35 4.25 -2.81
N ARG A 90 -7.78 5.09 -3.75
CA ARG A 90 -6.92 5.55 -4.84
C ARG A 90 -5.78 6.40 -4.32
N SER A 91 -6.11 7.56 -3.75
CA SER A 91 -5.10 8.47 -3.21
C SER A 91 -4.22 7.75 -2.21
N GLY A 92 -4.76 6.71 -1.59
CA GLY A 92 -3.99 5.95 -0.62
C GLY A 92 -2.72 5.40 -1.23
N ALA A 93 -2.83 4.82 -2.41
CA ALA A 93 -1.68 4.26 -3.11
C ALA A 93 -0.63 5.32 -3.36
N ALA A 94 -1.02 6.40 -4.04
CA ALA A 94 -0.09 7.48 -4.35
C ALA A 94 0.64 7.96 -3.11
N ARG A 95 -0.01 7.78 -1.96
CA ARG A 95 0.58 8.17 -0.69
C ARG A 95 1.57 7.12 -0.18
N SER A 96 1.22 5.86 -0.37
CA SER A 96 2.06 4.74 0.06
C SER A 96 3.38 4.67 -0.72
N LEU A 97 3.33 5.01 -2.01
CA LEU A 97 4.54 4.96 -2.84
C LEU A 97 5.64 5.83 -2.25
N GLU A 98 5.37 7.12 -2.09
CA GLU A 98 6.34 8.06 -1.53
C GLU A 98 6.96 7.53 -0.24
N GLN A 99 6.22 6.68 0.48
CA GLN A 99 6.71 6.12 1.73
C GLN A 99 7.84 5.11 1.49
N ILE A 100 7.65 4.25 0.49
CA ILE A 100 8.64 3.23 0.17
C ILE A 100 9.91 3.83 -0.43
N GLY A 101 9.76 4.50 -1.57
CA GLY A 101 10.90 5.10 -2.23
C GLY A 101 12.04 4.12 -2.45
N GLY A 102 12.02 3.44 -3.59
CA GLY A 102 13.05 2.46 -3.91
C GLY A 102 12.82 1.77 -5.24
N GLU A 103 13.65 0.77 -5.54
CA GLU A 103 13.53 0.03 -6.79
C GLU A 103 12.30 -0.88 -6.79
N ARG A 104 11.87 -1.27 -5.60
CA ARG A 104 10.71 -2.14 -5.46
C ARG A 104 9.44 -1.39 -5.82
N VAL A 105 9.27 -0.22 -5.23
CA VAL A 105 8.11 0.62 -5.49
C VAL A 105 8.18 1.21 -6.89
N ARG A 106 9.41 1.32 -7.38
CA ARG A 106 9.68 1.86 -8.71
C ARG A 106 8.75 1.24 -9.74
N ALA A 107 8.54 -0.06 -9.61
CA ALA A 107 7.69 -0.80 -10.54
C ALA A 107 6.25 -0.29 -10.51
N ALA A 108 5.83 0.21 -9.36
CA ALA A 108 4.47 0.74 -9.21
C ALA A 108 4.21 1.90 -10.15
N MET A 109 5.05 2.94 -10.08
CA MET A 109 4.87 4.11 -10.94
C MET A 109 5.13 3.77 -12.40
N GLU A 110 5.95 2.75 -12.63
CA GLU A 110 6.26 2.32 -14.00
C GLU A 110 5.06 1.62 -14.61
N LYS A 111 4.32 0.90 -13.77
CA LYS A 111 3.13 0.18 -14.21
C LYS A 111 1.95 1.14 -14.34
N LEU A 112 2.00 2.25 -13.60
CA LEU A 112 0.96 3.25 -13.64
C LEU A 112 1.23 4.26 -14.75
N ALA A 113 2.52 4.47 -15.03
CA ALA A 113 2.93 5.41 -16.08
C ALA A 113 2.36 5.01 -17.43
N GLU A 114 2.17 3.71 -17.63
CA GLU A 114 1.61 3.21 -18.88
C GLU A 114 0.10 3.38 -18.88
N THR A 115 -0.48 3.40 -17.68
CA THR A 115 -1.92 3.58 -17.51
C THR A 115 -2.18 4.97 -16.95
N GLY A 116 -1.21 5.86 -17.13
CA GLY A 116 -1.32 7.21 -16.64
C GLY A 116 -2.65 7.84 -16.97
N THR A 117 -3.47 8.02 -15.94
CA THR A 117 -4.80 8.60 -16.11
C THR A 117 -5.12 9.55 -14.95
N GLY A 118 -5.54 10.76 -15.29
CA GLY A 118 -5.86 11.74 -14.27
C GLY A 118 -4.72 11.99 -13.30
N PHE A 119 -5.07 12.25 -12.04
CA PHE A 119 -4.08 12.50 -10.99
C PHE A 119 -3.12 11.32 -10.84
N ALA A 120 -3.61 10.13 -11.12
CA ALA A 120 -2.81 8.92 -11.01
C ALA A 120 -1.48 9.04 -11.77
N ARG A 121 -1.54 9.59 -12.97
CA ARG A 121 -0.35 9.75 -13.80
C ARG A 121 0.63 10.74 -13.18
N LYS A 122 0.14 11.95 -12.91
CA LYS A 122 0.97 13.00 -12.32
C LYS A 122 1.77 12.45 -11.14
N VAL A 123 1.25 11.38 -10.54
CA VAL A 123 1.89 10.74 -9.41
C VAL A 123 3.15 9.98 -9.83
N ALA A 124 2.99 9.02 -10.74
CA ALA A 124 4.11 8.20 -11.20
C ALA A 124 5.31 9.04 -11.65
N VAL A 125 5.09 9.87 -12.66
CA VAL A 125 6.14 10.70 -13.24
C VAL A 125 6.83 11.61 -12.21
N ASN A 126 6.02 12.29 -11.40
CA ASN A 126 6.56 13.19 -10.39
C ASN A 126 7.23 12.44 -9.22
N TYR A 127 6.67 11.28 -8.88
CA TYR A 127 7.17 10.50 -7.77
C TYR A 127 8.59 9.99 -7.99
N LEU A 128 8.84 9.44 -9.17
CA LEU A 128 10.15 8.90 -9.50
C LEU A 128 11.27 9.93 -9.32
N GLU A 129 10.89 11.19 -9.12
CA GLU A 129 11.87 12.26 -8.94
C GLU A 129 12.24 12.42 -7.46
N THR A 130 11.75 11.50 -6.61
CA THR A 130 12.04 11.57 -5.17
C THR A 130 12.54 10.23 -4.63
N HIS A 131 11.66 9.23 -4.64
CA HIS A 131 12.00 7.88 -4.13
C HIS A 131 12.74 7.96 -2.80
N MET A 21 9.08 -5.28 26.57
CA MET A 21 8.99 -3.81 26.69
C MET A 21 10.29 -3.15 26.23
N ALA A 22 11.39 -3.49 26.90
CA ALA A 22 12.69 -2.93 26.56
C ALA A 22 13.29 -3.63 25.35
N ASP A 23 13.50 -2.85 24.28
CA ASP A 23 14.06 -3.39 23.04
C ASP A 23 13.16 -4.45 22.43
N GLU A 24 12.45 -4.09 21.36
CA GLU A 24 11.55 -5.00 20.68
C GLU A 24 10.39 -5.41 21.59
N ASN A 25 9.33 -5.94 20.99
CA ASN A 25 8.16 -6.39 21.74
C ASN A 25 7.53 -5.23 22.53
N LYS A 26 7.85 -4.01 22.12
CA LYS A 26 7.33 -2.82 22.78
C LYS A 26 6.00 -2.38 22.14
N TRP A 27 6.08 -1.86 20.92
CA TRP A 27 4.90 -1.40 20.21
C TRP A 27 4.01 -2.57 19.79
N VAL A 28 4.50 -3.78 20.02
CA VAL A 28 3.74 -4.99 19.66
C VAL A 28 2.48 -5.12 20.51
N ARG A 29 2.50 -4.53 21.70
CA ARG A 29 1.33 -4.60 22.59
C ARG A 29 1.18 -3.34 23.43
N ARG A 30 2.13 -2.41 23.34
CA ARG A 30 1.99 -1.16 24.07
C ARG A 30 0.70 -0.51 23.62
N ASP A 31 -0.33 -0.59 24.44
CA ASP A 31 -1.62 -0.05 24.08
C ASP A 31 -2.09 -0.75 22.81
N VAL A 32 -1.79 -2.06 22.73
CA VAL A 32 -2.13 -2.89 21.58
C VAL A 32 -3.41 -2.43 20.92
N SER A 33 -4.46 -2.26 21.71
CA SER A 33 -5.74 -1.80 21.19
C SER A 33 -6.32 -2.77 20.16
N THR A 34 -5.87 -2.64 18.92
CA THR A 34 -6.34 -3.51 17.84
C THR A 34 -5.19 -4.37 17.32
N ALA A 35 -5.35 -4.91 16.11
CA ALA A 35 -4.34 -5.76 15.51
C ALA A 35 -3.42 -4.97 14.57
N LEU A 36 -3.97 -4.50 13.46
CA LEU A 36 -3.19 -3.75 12.49
C LEU A 36 -3.11 -2.26 12.82
N SER A 37 -3.95 -1.83 13.76
CA SER A 37 -3.98 -0.42 14.16
C SER A 37 -2.60 0.12 14.53
N ARG A 38 -1.75 -0.72 15.13
CA ARG A 38 -0.41 -0.27 15.54
C ARG A 38 0.66 -1.32 15.28
N MET A 39 0.66 -2.38 16.11
CA MET A 39 1.65 -3.44 16.00
C MET A 39 1.80 -3.94 14.57
N GLY A 40 0.69 -4.08 13.86
CA GLY A 40 0.73 -4.56 12.49
C GLY A 40 1.54 -5.83 12.36
N ASP A 41 2.28 -5.96 11.26
CA ASP A 41 3.11 -7.13 11.00
C ASP A 41 2.28 -8.41 11.00
N GLU A 42 1.95 -8.92 12.18
CA GLU A 42 1.14 -10.13 12.29
C GLU A 42 -0.26 -9.87 11.75
N ALA A 43 -0.61 -8.59 11.63
CA ALA A 43 -1.91 -8.20 11.11
C ALA A 43 -1.79 -7.66 9.69
N PHE A 44 -0.62 -7.86 9.09
CA PHE A 44 -0.37 -7.41 7.73
C PHE A 44 -1.27 -8.12 6.76
N GLU A 45 -1.39 -9.43 6.92
CA GLU A 45 -2.23 -10.24 6.04
C GLU A 45 -3.71 -9.84 6.14
N PRO A 46 -4.32 -9.86 7.35
CA PRO A 46 -5.73 -9.47 7.51
C PRO A 46 -5.97 -8.09 6.94
N LEU A 47 -4.88 -7.38 6.74
CA LEU A 47 -4.90 -6.04 6.18
C LEU A 47 -4.90 -6.13 4.65
N LEU A 48 -4.21 -7.16 4.17
CA LEU A 48 -4.10 -7.44 2.75
C LEU A 48 -5.39 -8.10 2.25
N GLU A 49 -5.93 -8.99 3.08
CA GLU A 49 -7.16 -9.72 2.75
C GLU A 49 -8.34 -8.77 2.63
N SER A 50 -8.37 -7.75 3.49
CA SER A 50 -9.46 -6.77 3.49
C SER A 50 -9.49 -5.94 2.21
N LEU A 51 -8.41 -5.98 1.44
CA LEU A 51 -8.33 -5.22 0.20
C LEU A 51 -9.43 -5.64 -0.78
N SER A 52 -9.85 -6.89 -0.67
CA SER A 52 -10.88 -7.42 -1.55
C SER A 52 -12.28 -7.27 -0.92
N ASN A 53 -12.40 -6.36 0.04
CA ASN A 53 -13.67 -6.13 0.71
C ASN A 53 -14.62 -5.35 -0.18
N GLU A 54 -15.93 -5.59 0.00
CA GLU A 54 -16.94 -4.90 -0.80
C GLU A 54 -16.98 -3.41 -0.49
N ASP A 55 -16.45 -3.02 0.67
CA ASP A 55 -16.44 -1.62 1.07
C ASP A 55 -15.31 -0.86 0.37
N TRP A 56 -15.40 0.46 0.38
CA TRP A 56 -14.41 1.31 -0.26
C TRP A 56 -13.50 1.96 0.79
N ARG A 57 -14.12 2.46 1.85
CA ARG A 57 -13.39 3.12 2.92
C ARG A 57 -12.36 2.19 3.56
N ILE A 58 -12.82 1.06 4.07
CA ILE A 58 -11.94 0.08 4.71
C ILE A 58 -10.74 -0.25 3.83
N ARG A 59 -10.98 -0.39 2.53
CA ARG A 59 -9.91 -0.69 1.59
C ARG A 59 -8.88 0.43 1.53
N GLY A 60 -9.37 1.66 1.55
CA GLY A 60 -8.48 2.81 1.49
C GLY A 60 -7.50 2.84 2.65
N ALA A 61 -8.03 2.88 3.87
CA ALA A 61 -7.21 2.89 5.07
C ALA A 61 -6.15 1.80 5.03
N ALA A 62 -6.45 0.71 4.33
CA ALA A 62 -5.52 -0.41 4.21
C ALA A 62 -4.22 0.05 3.57
N ALA A 63 -4.33 0.64 2.38
CA ALA A 63 -3.15 1.13 1.66
C ALA A 63 -2.50 2.27 2.43
N TRP A 64 -3.32 3.04 3.13
CA TRP A 64 -2.84 4.17 3.92
C TRP A 64 -1.76 3.72 4.91
N ILE A 65 -1.90 2.48 5.40
CA ILE A 65 -0.95 1.92 6.35
C ILE A 65 0.06 1.03 5.63
N ILE A 66 -0.34 0.51 4.47
CA ILE A 66 0.50 -0.36 3.67
C ILE A 66 1.84 0.30 3.34
N GLY A 67 1.80 1.57 2.95
CA GLY A 67 3.01 2.29 2.61
C GLY A 67 4.00 2.37 3.76
N ASN A 68 3.50 2.25 4.98
CA ASN A 68 4.36 2.33 6.16
C ASN A 68 5.30 1.12 6.24
N PHE A 69 4.79 -0.06 5.92
CA PHE A 69 5.59 -1.26 5.97
C PHE A 69 6.12 -1.60 4.58
N GLN A 70 7.44 -1.49 4.42
CA GLN A 70 8.08 -1.79 3.14
C GLN A 70 8.20 -3.30 2.94
N ASP A 71 7.06 -3.98 2.96
CA ASP A 71 7.02 -5.43 2.78
C ASP A 71 6.58 -5.80 1.37
N GLU A 72 6.64 -7.08 1.05
CA GLU A 72 6.25 -7.57 -0.28
C GLU A 72 4.75 -7.39 -0.54
N ARG A 73 3.93 -7.76 0.45
CA ARG A 73 2.48 -7.64 0.31
C ARG A 73 2.06 -6.17 0.22
N ALA A 74 3.01 -5.27 0.42
CA ALA A 74 2.72 -3.83 0.38
C ALA A 74 3.03 -3.25 -0.99
N VAL A 75 3.30 -4.13 -1.95
CA VAL A 75 3.63 -3.71 -3.30
C VAL A 75 2.40 -3.64 -4.21
N GLU A 76 1.72 -4.76 -4.37
CA GLU A 76 0.54 -4.83 -5.25
C GLU A 76 -0.58 -3.87 -4.82
N PRO A 77 -0.98 -3.87 -3.52
CA PRO A 77 -2.05 -3.00 -3.03
C PRO A 77 -2.06 -1.62 -3.66
N LEU A 78 -0.88 -1.02 -3.75
CA LEU A 78 -0.75 0.32 -4.31
C LEU A 78 -1.18 0.34 -5.77
N ILE A 79 -0.57 -0.54 -6.57
CA ILE A 79 -0.87 -0.62 -8.01
C ILE A 79 -2.38 -0.70 -8.29
N LYS A 80 -3.04 -1.66 -7.68
CA LYS A 80 -4.47 -1.87 -7.91
C LYS A 80 -5.34 -0.76 -7.32
N LEU A 81 -4.83 -0.06 -6.30
CA LEU A 81 -5.61 1.00 -5.66
C LEU A 81 -5.39 2.37 -6.31
N LEU A 82 -4.28 2.52 -7.04
CA LEU A 82 -3.97 3.79 -7.70
C LEU A 82 -4.93 4.04 -8.84
N GLU A 83 -5.68 3.02 -9.21
CA GLU A 83 -6.64 3.13 -10.30
C GLU A 83 -8.08 3.03 -9.78
N ASP A 84 -8.21 2.88 -8.46
CA ASP A 84 -9.52 2.77 -7.83
C ASP A 84 -10.36 4.03 -8.08
N ASP A 85 -9.65 5.14 -8.21
CA ASP A 85 -10.28 6.44 -8.48
C ASP A 85 -11.45 6.72 -7.53
N SER A 86 -11.41 6.14 -6.33
CA SER A 86 -12.48 6.34 -5.37
C SER A 86 -12.22 7.61 -4.53
N GLY A 87 -10.99 8.10 -4.60
CA GLY A 87 -10.63 9.29 -3.87
C GLY A 87 -9.54 9.04 -2.84
N PHE A 88 -9.89 9.09 -1.56
CA PHE A 88 -8.92 8.85 -0.50
C PHE A 88 -8.32 7.46 -0.66
N VAL A 89 -9.08 6.57 -1.29
CA VAL A 89 -8.62 5.21 -1.54
C VAL A 89 -7.53 5.22 -2.59
N ARG A 90 -7.64 6.17 -3.52
CA ARG A 90 -6.67 6.32 -4.59
C ARG A 90 -5.41 7.04 -4.09
N SER A 91 -5.62 8.11 -3.32
CA SER A 91 -4.53 8.89 -2.77
C SER A 91 -3.73 8.09 -1.74
N GLY A 92 -4.44 7.35 -0.90
CA GLY A 92 -3.78 6.55 0.13
C GLY A 92 -2.69 5.68 -0.44
N ALA A 93 -2.98 5.01 -1.55
CA ALA A 93 -2.01 4.14 -2.20
C ALA A 93 -0.92 4.95 -2.88
N ALA A 94 -1.28 6.14 -3.36
CA ALA A 94 -0.33 7.02 -4.03
C ALA A 94 0.84 7.40 -3.13
N ARG A 95 0.53 7.94 -1.97
CA ARG A 95 1.56 8.35 -1.01
C ARG A 95 2.40 7.16 -0.56
N SER A 96 1.81 5.98 -0.58
CA SER A 96 2.51 4.76 -0.17
C SER A 96 3.76 4.54 -1.01
N LEU A 97 3.69 4.91 -2.29
CA LEU A 97 4.83 4.75 -3.18
C LEU A 97 6.03 5.57 -2.68
N GLU A 98 5.83 6.87 -2.59
CA GLU A 98 6.88 7.76 -2.11
C GLU A 98 7.34 7.33 -0.72
N GLN A 99 6.47 6.64 -0.01
CA GLN A 99 6.79 6.15 1.34
C GLN A 99 7.82 5.02 1.27
N ILE A 100 7.53 4.02 0.44
CA ILE A 100 8.42 2.89 0.28
C ILE A 100 9.75 3.30 -0.35
N GLY A 101 9.67 3.85 -1.57
CA GLY A 101 10.88 4.28 -2.26
C GLY A 101 11.79 3.13 -2.62
N GLY A 102 12.17 3.06 -3.90
CA GLY A 102 13.04 2.01 -4.35
C GLY A 102 12.73 1.54 -5.77
N GLU A 103 13.53 0.60 -6.27
CA GLU A 103 13.34 0.06 -7.61
C GLU A 103 12.01 -0.68 -7.71
N ARG A 104 11.63 -1.35 -6.61
CA ARG A 104 10.38 -2.11 -6.58
C ARG A 104 9.19 -1.22 -6.91
N VAL A 105 9.13 -0.06 -6.26
CA VAL A 105 8.05 0.88 -6.49
C VAL A 105 8.16 1.51 -7.87
N ARG A 106 9.39 1.57 -8.38
CA ARG A 106 9.64 2.16 -9.69
C ARG A 106 8.86 1.42 -10.77
N ALA A 107 8.48 0.18 -10.48
CA ALA A 107 7.72 -0.63 -11.41
C ALA A 107 6.24 -0.33 -11.25
N ALA A 108 5.87 0.07 -10.04
CA ALA A 108 4.48 0.41 -9.75
C ALA A 108 4.08 1.68 -10.49
N MET A 109 5.01 2.65 -10.54
CA MET A 109 4.76 3.89 -11.24
C MET A 109 4.71 3.64 -12.75
N GLU A 110 5.57 2.73 -13.20
CA GLU A 110 5.62 2.38 -14.61
C GLU A 110 4.26 1.88 -15.06
N LYS A 111 3.56 1.21 -14.14
CA LYS A 111 2.24 0.68 -14.43
C LYS A 111 1.25 1.82 -14.71
N LEU A 112 1.17 2.79 -13.81
CA LEU A 112 0.26 3.92 -14.00
C LEU A 112 0.61 4.70 -15.25
N ALA A 113 1.91 4.84 -15.51
CA ALA A 113 2.38 5.55 -16.69
C ALA A 113 1.73 4.98 -17.95
N GLU A 114 1.45 3.68 -17.91
CA GLU A 114 0.82 2.99 -19.02
C GLU A 114 -0.70 3.11 -18.93
N THR A 115 -1.18 3.37 -17.72
CA THR A 115 -2.62 3.51 -17.46
C THR A 115 -2.95 4.91 -16.96
N GLY A 116 -2.26 5.91 -17.52
CA GLY A 116 -2.49 7.30 -17.12
C GLY A 116 -3.95 7.62 -16.87
N THR A 117 -4.29 7.81 -15.60
CA THR A 117 -5.66 8.13 -15.23
C THR A 117 -5.72 8.96 -13.94
N GLY A 118 -6.60 9.96 -13.94
CA GLY A 118 -6.74 10.81 -12.77
C GLY A 118 -5.44 11.45 -12.35
N PHE A 119 -5.21 11.51 -11.03
CA PHE A 119 -4.00 12.10 -10.49
C PHE A 119 -2.94 11.02 -10.24
N ALA A 120 -3.38 9.76 -10.26
CA ALA A 120 -2.48 8.64 -10.04
C ALA A 120 -1.32 8.67 -11.03
N ARG A 121 -1.61 9.12 -12.24
CA ARG A 121 -0.59 9.20 -13.29
C ARG A 121 0.51 10.16 -12.87
N LYS A 122 0.14 11.42 -12.64
CA LYS A 122 1.08 12.44 -12.22
C LYS A 122 1.88 11.94 -11.01
N VAL A 123 1.22 11.14 -10.19
CA VAL A 123 1.86 10.58 -9.01
C VAL A 123 3.00 9.64 -9.39
N ALA A 124 2.74 8.77 -10.35
CA ALA A 124 3.74 7.81 -10.80
C ALA A 124 4.96 8.50 -11.40
N VAL A 125 4.73 9.40 -12.33
CA VAL A 125 5.79 10.12 -13.01
C VAL A 125 6.59 11.00 -12.04
N ASN A 126 5.91 11.96 -11.43
CA ASN A 126 6.56 12.89 -10.50
C ASN A 126 7.26 12.18 -9.35
N TYR A 127 6.76 11.02 -8.95
CA TYR A 127 7.37 10.27 -7.86
C TYR A 127 8.81 9.94 -8.19
N LEU A 128 9.09 9.79 -9.49
CA LEU A 128 10.42 9.48 -9.97
C LEU A 128 11.43 10.50 -9.47
N GLU A 129 10.95 11.71 -9.18
CA GLU A 129 11.80 12.79 -8.69
C GLU A 129 12.64 12.33 -7.50
N THR A 130 12.06 11.46 -6.68
CA THR A 130 12.77 10.94 -5.51
C THR A 130 13.41 9.59 -5.81
N HIS A 131 12.61 8.63 -6.24
CA HIS A 131 13.11 7.29 -6.56
C HIS A 131 12.60 6.83 -7.93
N MET A 21 10.06 -11.67 23.64
CA MET A 21 9.68 -10.37 23.06
C MET A 21 10.81 -9.35 23.21
N ALA A 22 11.51 -9.42 24.34
CA ALA A 22 12.62 -8.51 24.61
C ALA A 22 13.87 -8.94 23.85
N ASP A 23 14.27 -8.12 22.89
CA ASP A 23 15.45 -8.40 22.08
C ASP A 23 15.31 -9.74 21.36
N GLU A 24 14.67 -9.72 20.21
CA GLU A 24 14.46 -10.94 19.42
C GLU A 24 14.34 -10.61 17.93
N ASN A 25 13.31 -9.85 17.59
CA ASN A 25 13.08 -9.46 16.20
C ASN A 25 12.91 -7.94 16.10
N LYS A 26 13.88 -7.29 15.46
CA LYS A 26 13.85 -5.84 15.29
C LYS A 26 12.99 -5.44 14.09
N TRP A 27 12.10 -6.34 13.67
CA TRP A 27 11.22 -6.07 12.54
C TRP A 27 9.80 -6.54 12.82
N VAL A 28 9.48 -6.68 14.11
CA VAL A 28 8.15 -7.12 14.52
C VAL A 28 7.62 -6.25 15.66
N ARG A 29 8.53 -5.77 16.50
CA ARG A 29 8.17 -4.92 17.63
C ARG A 29 8.34 -3.45 17.27
N ARG A 30 8.79 -3.19 16.06
CA ARG A 30 8.97 -1.83 15.59
C ARG A 30 7.61 -1.15 15.51
N ASP A 31 7.34 -0.27 16.48
CA ASP A 31 6.07 0.46 16.54
C ASP A 31 4.94 -0.45 17.01
N VAL A 32 5.27 -1.71 17.31
CA VAL A 32 4.27 -2.67 17.78
C VAL A 32 3.62 -2.16 19.07
N SER A 33 2.32 -2.40 19.20
CA SER A 33 1.59 -1.96 20.37
C SER A 33 0.10 -2.26 20.23
N THR A 34 -0.42 -2.03 19.02
CA THR A 34 -1.83 -2.28 18.74
C THR A 34 -1.98 -3.53 17.89
N ALA A 35 -3.14 -3.70 17.26
CA ALA A 35 -3.37 -4.88 16.42
C ALA A 35 -3.02 -4.62 14.96
N LEU A 36 -3.82 -3.78 14.30
CA LEU A 36 -3.58 -3.47 12.89
C LEU A 36 -2.61 -2.30 12.72
N SER A 37 -2.38 -1.54 13.80
CA SER A 37 -1.49 -0.40 13.75
C SER A 37 -0.12 -0.76 13.19
N ARG A 38 0.50 -1.79 13.74
CA ARG A 38 1.81 -2.23 13.29
C ARG A 38 2.23 -3.54 13.95
N MET A 39 2.43 -4.58 13.14
CA MET A 39 2.85 -5.88 13.65
C MET A 39 4.00 -6.43 12.82
N GLY A 40 4.06 -6.01 11.55
CA GLY A 40 5.12 -6.47 10.68
C GLY A 40 4.66 -7.56 9.72
N ASP A 41 4.09 -8.63 10.27
CA ASP A 41 3.62 -9.73 9.44
C ASP A 41 2.29 -10.29 9.97
N GLU A 42 2.02 -10.05 11.24
CA GLU A 42 0.78 -10.54 11.86
C GLU A 42 -0.42 -9.69 11.46
N ALA A 43 -0.17 -8.42 11.16
CA ALA A 43 -1.25 -7.51 10.78
C ALA A 43 -1.25 -7.23 9.28
N PHE A 44 -0.21 -7.70 8.59
CA PHE A 44 -0.10 -7.48 7.15
C PHE A 44 -1.27 -8.12 6.40
N GLU A 45 -1.57 -9.37 6.72
CA GLU A 45 -2.68 -10.06 6.07
C GLU A 45 -4.02 -9.38 6.37
N PRO A 46 -4.38 -9.21 7.67
CA PRO A 46 -5.63 -8.54 8.03
C PRO A 46 -5.78 -7.23 7.28
N LEU A 47 -4.64 -6.68 6.92
CA LEU A 47 -4.55 -5.44 6.18
C LEU A 47 -4.88 -5.70 4.71
N LEU A 48 -4.34 -6.80 4.19
CA LEU A 48 -4.56 -7.21 2.81
C LEU A 48 -5.96 -7.81 2.67
N GLU A 49 -6.54 -8.19 3.80
CA GLU A 49 -7.86 -8.79 3.82
C GLU A 49 -8.94 -7.74 3.58
N SER A 50 -8.66 -6.52 4.03
CA SER A 50 -9.61 -5.41 3.87
C SER A 50 -9.77 -5.04 2.40
N LEU A 51 -8.78 -5.38 1.59
CA LEU A 51 -8.83 -5.08 0.15
C LEU A 51 -9.93 -5.88 -0.53
N SER A 52 -10.51 -6.83 0.20
CA SER A 52 -11.58 -7.66 -0.34
C SER A 52 -12.90 -7.36 0.37
N ASN A 53 -12.98 -6.20 0.99
CA ASN A 53 -14.19 -5.79 1.71
C ASN A 53 -15.14 -5.03 0.79
N GLU A 54 -16.44 -5.19 1.04
CA GLU A 54 -17.45 -4.52 0.24
C GLU A 54 -17.39 -3.01 0.44
N ASP A 55 -16.83 -2.59 1.57
CA ASP A 55 -16.70 -1.18 1.90
C ASP A 55 -15.54 -0.56 1.13
N TRP A 56 -15.67 0.73 0.82
CA TRP A 56 -14.64 1.44 0.08
C TRP A 56 -13.67 2.14 1.04
N ARG A 57 -14.23 2.70 2.12
CA ARG A 57 -13.43 3.40 3.12
C ARG A 57 -12.39 2.46 3.75
N ILE A 58 -12.86 1.33 4.27
CA ILE A 58 -11.98 0.36 4.91
C ILE A 58 -10.84 -0.07 3.99
N ARG A 59 -11.15 -0.26 2.72
CA ARG A 59 -10.15 -0.66 1.73
C ARG A 59 -9.09 0.42 1.53
N GLY A 60 -9.49 1.67 1.76
CA GLY A 60 -8.56 2.77 1.58
C GLY A 60 -7.40 2.72 2.56
N ALA A 61 -7.71 2.81 3.85
CA ALA A 61 -6.71 2.78 4.91
C ALA A 61 -5.71 1.64 4.70
N ALA A 62 -6.12 0.62 3.96
CA ALA A 62 -5.26 -0.53 3.70
C ALA A 62 -3.97 -0.09 3.01
N ALA A 63 -4.10 0.57 1.87
CA ALA A 63 -2.94 1.04 1.12
C ALA A 63 -2.22 2.14 1.89
N TRP A 64 -2.95 2.83 2.76
CA TRP A 64 -2.39 3.90 3.56
C TRP A 64 -1.28 3.39 4.48
N ILE A 65 -1.47 2.20 5.05
CA ILE A 65 -0.49 1.61 5.95
C ILE A 65 0.35 0.54 5.25
N ILE A 66 -0.18 0.00 4.16
CA ILE A 66 0.50 -1.06 3.42
C ILE A 66 1.92 -0.67 3.00
N GLY A 67 2.12 0.58 2.62
CA GLY A 67 3.43 1.03 2.20
C GLY A 67 4.41 1.20 3.34
N ASN A 68 3.89 1.35 4.55
CA ASN A 68 4.72 1.52 5.73
C ASN A 68 5.48 0.25 6.11
N PHE A 69 5.28 -0.83 5.35
CA PHE A 69 5.95 -2.10 5.65
C PHE A 69 7.11 -2.37 4.69
N GLN A 70 6.96 -1.94 3.44
CA GLN A 70 8.00 -2.14 2.43
C GLN A 70 8.17 -3.61 2.11
N ASP A 71 7.08 -4.22 1.67
CA ASP A 71 7.07 -5.63 1.32
C ASP A 71 6.48 -5.85 -0.07
N GLU A 72 6.71 -7.04 -0.63
CA GLU A 72 6.18 -7.37 -1.94
C GLU A 72 4.66 -7.42 -1.91
N ARG A 73 4.13 -7.84 -0.76
CA ARG A 73 2.70 -7.93 -0.56
C ARG A 73 2.06 -6.54 -0.51
N ALA A 74 2.90 -5.51 -0.46
CA ALA A 74 2.42 -4.14 -0.41
C ALA A 74 2.58 -3.44 -1.74
N VAL A 75 3.08 -4.18 -2.72
CA VAL A 75 3.31 -3.64 -4.05
C VAL A 75 2.06 -3.74 -4.91
N GLU A 76 1.43 -4.90 -4.92
CA GLU A 76 0.22 -5.13 -5.70
C GLU A 76 -0.92 -4.19 -5.29
N PRO A 77 -1.18 -4.06 -3.96
CA PRO A 77 -2.26 -3.19 -3.45
C PRO A 77 -2.29 -1.83 -4.14
N LEU A 78 -1.12 -1.24 -4.34
CA LEU A 78 -1.03 0.06 -4.98
C LEU A 78 -1.52 0.00 -6.43
N ILE A 79 -1.17 -1.09 -7.12
CA ILE A 79 -1.56 -1.27 -8.51
C ILE A 79 -3.07 -1.14 -8.70
N LYS A 80 -3.82 -1.98 -8.00
CA LYS A 80 -5.28 -2.00 -8.09
C LYS A 80 -5.94 -0.76 -7.49
N LEU A 81 -5.30 -0.14 -6.50
CA LEU A 81 -5.90 1.02 -5.83
C LEU A 81 -5.53 2.36 -6.48
N LEU A 82 -4.44 2.39 -7.23
CA LEU A 82 -4.05 3.64 -7.89
C LEU A 82 -5.07 4.00 -8.95
N GLU A 83 -5.82 3.01 -9.39
CA GLU A 83 -6.87 3.20 -10.39
C GLU A 83 -8.19 3.46 -9.70
N ASP A 84 -8.21 3.24 -8.39
CA ASP A 84 -9.42 3.43 -7.60
C ASP A 84 -10.01 4.80 -7.83
N ASP A 85 -11.33 4.87 -7.79
CA ASP A 85 -12.03 6.13 -8.00
C ASP A 85 -12.85 6.55 -6.78
N SER A 86 -12.44 6.12 -5.60
CA SER A 86 -13.16 6.48 -4.37
C SER A 86 -12.69 7.82 -3.83
N GLY A 87 -11.39 8.06 -3.96
CA GLY A 87 -10.81 9.30 -3.46
C GLY A 87 -9.63 9.06 -2.54
N PHE A 88 -9.88 9.07 -1.23
CA PHE A 88 -8.82 8.81 -0.27
C PHE A 88 -8.26 7.42 -0.50
N VAL A 89 -9.11 6.54 -1.03
CA VAL A 89 -8.72 5.18 -1.32
C VAL A 89 -7.71 5.15 -2.46
N ARG A 90 -7.89 6.05 -3.42
CA ARG A 90 -6.99 6.15 -4.55
C ARG A 90 -5.67 6.78 -4.13
N SER A 91 -5.76 7.97 -3.54
CA SER A 91 -4.58 8.70 -3.08
C SER A 91 -3.81 7.88 -2.06
N GLY A 92 -4.50 6.98 -1.37
CA GLY A 92 -3.86 6.16 -0.38
C GLY A 92 -2.70 5.37 -0.95
N ALA A 93 -2.92 4.76 -2.11
CA ALA A 93 -1.89 3.98 -2.77
C ALA A 93 -0.79 4.88 -3.30
N ALA A 94 -1.15 6.11 -3.66
CA ALA A 94 -0.21 7.08 -4.20
C ALA A 94 0.89 7.41 -3.18
N ARG A 95 0.48 7.81 -1.98
CA ARG A 95 1.43 8.17 -0.93
C ARG A 95 2.26 6.98 -0.47
N SER A 96 1.73 5.78 -0.70
CA SER A 96 2.42 4.55 -0.29
C SER A 96 3.79 4.44 -0.95
N LEU A 97 3.91 4.97 -2.17
CA LEU A 97 5.17 4.93 -2.91
C LEU A 97 6.31 5.55 -2.12
N GLU A 98 6.17 6.84 -1.82
CA GLU A 98 7.18 7.57 -1.05
C GLU A 98 7.45 6.88 0.29
N GLN A 99 6.43 6.27 0.85
CA GLN A 99 6.57 5.57 2.13
C GLN A 99 7.40 4.30 1.98
N ILE A 100 7.38 3.73 0.78
CA ILE A 100 8.12 2.50 0.51
C ILE A 100 9.59 2.78 0.19
N GLY A 101 9.84 3.56 -0.85
CA GLY A 101 11.22 3.86 -1.22
C GLY A 101 11.33 4.77 -2.42
N GLY A 102 11.92 4.25 -3.49
CA GLY A 102 12.08 5.02 -4.70
C GLY A 102 12.27 4.13 -5.92
N GLU A 103 13.41 3.48 -6.00
CA GLU A 103 13.74 2.59 -7.11
C GLU A 103 12.92 1.29 -7.03
N ARG A 104 12.45 0.97 -5.82
CA ARG A 104 11.68 -0.25 -5.61
C ARG A 104 10.26 -0.10 -6.14
N VAL A 105 9.55 0.90 -5.66
CA VAL A 105 8.19 1.12 -6.12
C VAL A 105 8.20 1.59 -7.56
N ARG A 106 9.27 2.26 -7.94
CA ARG A 106 9.44 2.79 -9.30
C ARG A 106 8.99 1.79 -10.35
N ALA A 107 9.20 0.50 -10.09
CA ALA A 107 8.81 -0.55 -11.01
C ALA A 107 7.33 -0.47 -11.33
N ALA A 108 6.51 -0.38 -10.27
CA ALA A 108 5.07 -0.29 -10.43
C ALA A 108 4.67 1.05 -11.04
N MET A 109 5.41 2.10 -10.69
CA MET A 109 5.14 3.43 -11.21
C MET A 109 5.27 3.40 -12.72
N GLU A 110 6.38 2.84 -13.19
CA GLU A 110 6.63 2.70 -14.61
C GLU A 110 5.47 1.96 -15.26
N LYS A 111 4.92 0.99 -14.52
CA LYS A 111 3.81 0.20 -15.01
C LYS A 111 2.50 0.99 -14.94
N LEU A 112 2.43 1.96 -14.03
CA LEU A 112 1.25 2.77 -13.88
C LEU A 112 1.29 3.92 -14.88
N ALA A 113 2.49 4.29 -15.30
CA ALA A 113 2.67 5.35 -16.27
C ALA A 113 1.97 4.98 -17.58
N GLU A 114 1.87 3.68 -17.83
CA GLU A 114 1.24 3.17 -19.03
C GLU A 114 -0.28 3.18 -18.86
N THR A 115 -0.73 3.11 -17.61
CA THR A 115 -2.16 3.14 -17.30
C THR A 115 -2.47 4.47 -16.64
N GLY A 116 -1.55 5.41 -16.81
CA GLY A 116 -1.70 6.72 -16.23
C GLY A 116 -3.00 7.40 -16.60
N THR A 117 -3.83 7.66 -15.59
CA THR A 117 -5.11 8.32 -15.81
C THR A 117 -5.41 9.28 -14.66
N GLY A 118 -5.82 10.50 -15.00
CA GLY A 118 -6.14 11.49 -13.99
C GLY A 118 -4.99 11.74 -13.04
N PHE A 119 -5.25 11.58 -11.74
CA PHE A 119 -4.23 11.78 -10.72
C PHE A 119 -3.34 10.55 -10.61
N ALA A 120 -3.92 9.38 -10.91
CA ALA A 120 -3.19 8.12 -10.86
C ALA A 120 -1.87 8.20 -11.63
N ARG A 121 -1.89 8.93 -12.74
CA ARG A 121 -0.71 9.08 -13.58
C ARG A 121 0.36 9.93 -12.91
N LYS A 122 0.00 11.19 -12.62
CA LYS A 122 0.91 12.13 -11.98
C LYS A 122 1.60 11.49 -10.77
N VAL A 123 0.97 10.46 -10.22
CA VAL A 123 1.51 9.76 -9.06
C VAL A 123 2.85 9.09 -9.37
N ALA A 124 2.84 8.17 -10.33
CA ALA A 124 4.05 7.44 -10.72
C ALA A 124 5.17 8.37 -11.16
N VAL A 125 4.92 9.10 -12.23
CA VAL A 125 5.89 10.01 -12.83
C VAL A 125 6.48 11.00 -11.82
N ASN A 126 5.62 11.77 -11.15
CA ASN A 126 6.08 12.77 -10.18
C ASN A 126 6.87 12.13 -9.04
N TYR A 127 6.47 10.93 -8.64
CA TYR A 127 7.13 10.23 -7.55
C TYR A 127 8.59 9.95 -7.91
N LEU A 128 8.87 9.87 -9.20
CA LEU A 128 10.21 9.61 -9.69
C LEU A 128 11.17 10.69 -9.19
N GLU A 129 10.61 11.78 -8.67
CA GLU A 129 11.41 12.89 -8.16
C GLU A 129 12.23 12.44 -6.94
N THR A 130 11.96 11.22 -6.48
CA THR A 130 12.67 10.67 -5.33
C THR A 130 13.88 9.86 -5.79
N HIS A 131 13.67 8.96 -6.73
CA HIS A 131 14.74 8.12 -7.26
C HIS A 131 14.59 7.92 -8.76
N MET A 21 5.60 -21.88 4.04
CA MET A 21 6.33 -22.93 3.28
C MET A 21 7.60 -23.36 4.02
N ALA A 22 8.11 -24.54 3.65
CA ALA A 22 9.31 -25.08 4.27
C ALA A 22 9.16 -25.20 5.78
N ASP A 23 9.56 -24.16 6.51
CA ASP A 23 9.47 -24.14 7.96
C ASP A 23 9.67 -22.73 8.50
N GLU A 24 10.22 -21.86 7.66
CA GLU A 24 10.47 -20.48 8.05
C GLU A 24 9.18 -19.79 8.48
N ASN A 25 8.06 -20.25 7.95
CA ASN A 25 6.76 -19.69 8.28
C ASN A 25 6.23 -20.27 9.58
N LYS A 26 5.44 -21.35 9.47
CA LYS A 26 4.86 -22.01 10.65
C LYS A 26 3.82 -21.12 11.33
N TRP A 27 3.82 -19.83 11.01
CA TRP A 27 2.88 -18.88 11.59
C TRP A 27 1.92 -18.36 10.52
N VAL A 28 1.55 -17.09 10.62
CA VAL A 28 0.64 -16.45 9.68
C VAL A 28 -0.77 -17.02 9.79
N ARG A 29 -1.76 -16.16 9.59
CA ARG A 29 -3.18 -16.55 9.67
C ARG A 29 -3.60 -16.80 11.11
N ARG A 30 -2.67 -17.17 11.96
CA ARG A 30 -3.00 -17.38 13.36
C ARG A 30 -3.36 -16.04 13.98
N ASP A 31 -4.59 -15.93 14.48
CA ASP A 31 -5.06 -14.68 15.07
C ASP A 31 -5.28 -13.64 13.98
N VAL A 32 -5.35 -14.11 12.73
CA VAL A 32 -5.55 -13.24 11.59
C VAL A 32 -6.80 -12.36 11.76
N SER A 33 -6.91 -11.32 10.94
CA SER A 33 -8.04 -10.41 10.97
C SER A 33 -8.05 -9.56 12.24
N THR A 34 -7.06 -9.79 13.12
CA THR A 34 -6.95 -9.03 14.35
C THR A 34 -5.48 -8.75 14.68
N ALA A 35 -4.61 -9.01 13.71
CA ALA A 35 -3.18 -8.80 13.88
C ALA A 35 -2.77 -7.42 13.36
N LEU A 36 -3.69 -6.75 12.67
CA LEU A 36 -3.42 -5.44 12.09
C LEU A 36 -2.92 -4.44 13.14
N SER A 37 -3.11 -4.76 14.41
CA SER A 37 -2.68 -3.87 15.49
C SER A 37 -1.24 -3.41 15.27
N ARG A 38 -0.34 -4.37 15.06
CA ARG A 38 1.08 -4.09 14.82
C ARG A 38 1.90 -5.37 14.90
N MET A 39 1.23 -6.51 14.73
CA MET A 39 1.88 -7.80 14.81
C MET A 39 2.97 -7.95 13.73
N GLY A 40 2.87 -7.13 12.68
CA GLY A 40 3.86 -7.18 11.62
C GLY A 40 3.43 -8.02 10.44
N ASP A 41 4.25 -9.01 10.08
CA ASP A 41 3.96 -9.90 8.96
C ASP A 41 2.61 -10.59 9.15
N GLU A 42 2.33 -10.99 10.38
CA GLU A 42 1.07 -11.67 10.70
C GLU A 42 -0.11 -10.77 10.37
N ALA A 43 0.16 -9.49 10.20
CA ALA A 43 -0.87 -8.51 9.89
C ALA A 43 -0.84 -8.10 8.42
N PHE A 44 0.26 -8.40 7.75
CA PHE A 44 0.43 -8.03 6.34
C PHE A 44 -0.69 -8.61 5.47
N GLU A 45 -0.90 -9.93 5.58
CA GLU A 45 -1.93 -10.59 4.79
C GLU A 45 -3.33 -10.07 5.13
N PRO A 46 -3.76 -10.13 6.41
CA PRO A 46 -5.10 -9.66 6.81
C PRO A 46 -5.31 -8.20 6.45
N LEU A 47 -4.22 -7.54 6.09
CA LEU A 47 -4.25 -6.15 5.72
C LEU A 47 -4.60 -6.00 4.24
N LEU A 48 -4.00 -6.85 3.40
CA LEU A 48 -4.27 -6.85 1.98
C LEU A 48 -5.49 -7.70 1.69
N GLU A 49 -5.86 -8.51 2.67
CA GLU A 49 -7.02 -9.38 2.55
C GLU A 49 -8.30 -8.57 2.62
N SER A 50 -8.24 -7.46 3.37
CA SER A 50 -9.38 -6.57 3.52
C SER A 50 -9.74 -5.89 2.21
N LEU A 51 -8.79 -5.87 1.28
CA LEU A 51 -9.00 -5.24 -0.02
C LEU A 51 -10.21 -5.86 -0.73
N SER A 52 -10.63 -7.02 -0.26
CA SER A 52 -11.77 -7.72 -0.85
C SER A 52 -13.06 -7.40 -0.10
N ASN A 53 -13.08 -6.26 0.58
CA ASN A 53 -14.26 -5.86 1.34
C ASN A 53 -15.26 -5.13 0.43
N GLU A 54 -16.55 -5.29 0.72
CA GLU A 54 -17.60 -4.67 -0.07
C GLU A 54 -17.60 -3.15 0.05
N ASP A 55 -17.09 -2.63 1.16
CA ASP A 55 -17.03 -1.19 1.39
C ASP A 55 -15.81 -0.57 0.69
N TRP A 56 -15.84 0.75 0.53
CA TRP A 56 -14.74 1.46 -0.12
C TRP A 56 -13.85 2.15 0.91
N ARG A 57 -14.46 2.64 1.98
CA ARG A 57 -13.71 3.32 3.04
C ARG A 57 -12.73 2.38 3.72
N ILE A 58 -13.05 1.09 3.75
CA ILE A 58 -12.18 0.10 4.38
C ILE A 58 -11.00 -0.24 3.48
N ARG A 59 -11.27 -0.51 2.22
CA ARG A 59 -10.23 -0.86 1.26
C ARG A 59 -9.16 0.23 1.20
N GLY A 60 -9.55 1.47 1.49
CA GLY A 60 -8.61 2.57 1.46
C GLY A 60 -7.56 2.48 2.55
N ALA A 61 -8.01 2.38 3.80
CA ALA A 61 -7.11 2.28 4.94
C ALA A 61 -6.08 1.18 4.73
N ALA A 62 -6.46 0.15 3.98
CA ALA A 62 -5.57 -0.96 3.69
C ALA A 62 -4.29 -0.48 3.02
N ALA A 63 -4.44 0.25 1.91
CA ALA A 63 -3.30 0.76 1.18
C ALA A 63 -2.58 1.84 1.99
N TRP A 64 -3.33 2.55 2.83
CA TRP A 64 -2.77 3.61 3.66
C TRP A 64 -1.67 3.08 4.59
N ILE A 65 -1.88 1.88 5.12
CA ILE A 65 -0.92 1.26 6.03
C ILE A 65 -0.02 0.25 5.31
N ILE A 66 -0.48 -0.21 4.14
CA ILE A 66 0.27 -1.19 3.36
C ILE A 66 1.72 -0.75 3.11
N GLY A 67 1.91 0.52 2.75
CA GLY A 67 3.24 1.01 2.46
C GLY A 67 4.08 1.26 3.70
N ASN A 68 3.44 1.27 4.87
CA ASN A 68 4.15 1.51 6.12
C ASN A 68 5.05 0.35 6.51
N PHE A 69 5.02 -0.74 5.73
CA PHE A 69 5.84 -1.92 6.05
C PHE A 69 7.11 -1.98 5.21
N GLN A 70 7.05 -1.44 4.00
CA GLN A 70 8.22 -1.41 3.12
C GLN A 70 8.53 -2.81 2.59
N ASP A 71 7.52 -3.47 2.05
CA ASP A 71 7.68 -4.81 1.51
C ASP A 71 7.16 -4.89 0.08
N GLU A 72 7.68 -5.85 -0.67
CA GLU A 72 7.28 -6.05 -2.06
C GLU A 72 5.80 -6.42 -2.14
N ARG A 73 5.31 -7.10 -1.11
CA ARG A 73 3.91 -7.51 -1.05
C ARG A 73 2.99 -6.30 -0.89
N ALA A 74 3.58 -5.14 -0.62
CA ALA A 74 2.82 -3.91 -0.41
C ALA A 74 2.69 -3.09 -1.69
N VAL A 75 3.04 -3.66 -2.83
CA VAL A 75 2.96 -2.94 -4.09
C VAL A 75 1.63 -3.15 -4.79
N GLU A 76 1.13 -4.39 -4.79
CA GLU A 76 -0.13 -4.71 -5.45
C GLU A 76 -1.31 -3.93 -4.88
N PRO A 77 -1.48 -3.92 -3.54
CA PRO A 77 -2.60 -3.21 -2.90
C PRO A 77 -2.68 -1.74 -3.31
N LEU A 78 -1.56 -1.20 -3.74
CA LEU A 78 -1.50 0.20 -4.16
C LEU A 78 -1.93 0.36 -5.62
N ILE A 79 -1.49 -0.57 -6.45
CA ILE A 79 -1.82 -0.53 -7.88
C ILE A 79 -3.33 -0.56 -8.12
N LYS A 80 -4.02 -1.42 -7.38
CA LYS A 80 -5.47 -1.56 -7.52
C LYS A 80 -6.23 -0.34 -7.00
N LEU A 81 -5.65 0.37 -6.06
CA LEU A 81 -6.33 1.53 -5.48
C LEU A 81 -6.05 2.83 -6.25
N LEU A 82 -4.88 2.92 -6.88
CA LEU A 82 -4.52 4.11 -7.66
C LEU A 82 -5.55 4.35 -8.76
N GLU A 83 -6.30 3.31 -9.09
CA GLU A 83 -7.32 3.40 -10.13
C GLU A 83 -8.71 3.28 -9.54
N ASP A 84 -8.80 3.10 -8.22
CA ASP A 84 -10.08 2.98 -7.54
C ASP A 84 -10.91 4.23 -7.73
N ASP A 85 -10.22 5.36 -7.72
CA ASP A 85 -10.85 6.66 -7.91
C ASP A 85 -11.95 6.94 -6.88
N SER A 86 -11.87 6.30 -5.71
CA SER A 86 -12.89 6.53 -4.68
C SER A 86 -12.59 7.82 -3.93
N GLY A 87 -11.30 8.17 -3.88
CA GLY A 87 -10.88 9.38 -3.21
C GLY A 87 -9.71 9.15 -2.28
N PHE A 88 -9.97 9.10 -0.98
CA PHE A 88 -8.90 8.87 -0.01
C PHE A 88 -8.20 7.57 -0.31
N VAL A 89 -8.91 6.65 -0.97
CA VAL A 89 -8.34 5.37 -1.35
C VAL A 89 -7.29 5.57 -2.44
N ARG A 90 -7.61 6.46 -3.39
CA ARG A 90 -6.71 6.76 -4.49
C ARG A 90 -5.49 7.54 -4.00
N SER A 91 -5.74 8.54 -3.16
CA SER A 91 -4.66 9.35 -2.60
C SER A 91 -3.79 8.53 -1.66
N GLY A 92 -4.42 7.60 -0.94
CA GLY A 92 -3.69 6.77 0.00
C GLY A 92 -2.65 5.91 -0.68
N ALA A 93 -3.07 5.12 -1.67
CA ALA A 93 -2.17 4.26 -2.39
C ALA A 93 -1.05 5.07 -3.05
N ALA A 94 -1.42 6.24 -3.58
CA ALA A 94 -0.47 7.11 -4.23
C ALA A 94 0.62 7.58 -3.28
N ARG A 95 0.21 8.00 -2.08
CA ARG A 95 1.15 8.50 -1.08
C ARG A 95 1.99 7.37 -0.51
N SER A 96 1.40 6.17 -0.42
CA SER A 96 2.12 5.01 0.12
C SER A 96 3.33 4.67 -0.74
N LEU A 97 3.22 4.88 -2.04
CA LEU A 97 4.31 4.61 -2.96
C LEU A 97 5.54 5.43 -2.59
N GLU A 98 5.39 6.75 -2.64
CA GLU A 98 6.47 7.66 -2.30
C GLU A 98 6.85 7.53 -0.83
N GLN A 99 5.95 6.95 -0.05
CA GLN A 99 6.17 6.75 1.38
C GLN A 99 7.44 5.95 1.63
N ILE A 100 7.68 4.94 0.80
CA ILE A 100 8.87 4.11 0.92
C ILE A 100 10.08 4.79 0.30
N GLY A 101 9.96 5.13 -0.97
CA GLY A 101 11.06 5.79 -1.67
C GLY A 101 12.22 4.85 -1.92
N GLY A 102 11.94 3.76 -2.64
CA GLY A 102 12.98 2.80 -2.95
C GLY A 102 12.94 2.36 -4.40
N GLU A 103 13.85 1.47 -4.77
CA GLU A 103 13.92 0.97 -6.14
C GLU A 103 12.70 0.09 -6.45
N ARG A 104 12.08 -0.43 -5.41
CA ARG A 104 10.92 -1.30 -5.58
C ARG A 104 9.65 -0.50 -5.90
N VAL A 105 9.56 0.73 -5.40
CA VAL A 105 8.40 1.57 -5.67
C VAL A 105 8.41 2.02 -7.12
N ARG A 106 9.61 2.22 -7.66
CA ARG A 106 9.76 2.66 -9.04
C ARG A 106 9.08 1.69 -10.01
N ALA A 107 8.87 0.46 -9.54
CA ALA A 107 8.23 -0.56 -10.36
C ALA A 107 6.72 -0.39 -10.34
N ALA A 108 6.20 0.07 -9.20
CA ALA A 108 4.76 0.28 -9.06
C ALA A 108 4.30 1.48 -9.88
N MET A 109 5.19 2.46 -10.06
CA MET A 109 4.86 3.65 -10.84
C MET A 109 4.80 3.30 -12.31
N GLU A 110 5.83 2.63 -12.80
CA GLU A 110 5.89 2.24 -14.21
C GLU A 110 4.66 1.42 -14.57
N LYS A 111 4.20 0.62 -13.62
CA LYS A 111 3.02 -0.21 -13.83
C LYS A 111 1.75 0.64 -13.90
N LEU A 112 1.74 1.75 -13.17
CA LEU A 112 0.59 2.63 -13.18
C LEU A 112 0.69 3.62 -14.34
N ALA A 113 1.91 3.94 -14.75
CA ALA A 113 2.13 4.84 -15.86
C ALA A 113 1.43 4.34 -17.12
N GLU A 114 1.28 3.03 -17.22
CA GLU A 114 0.60 2.43 -18.37
C GLU A 114 -0.90 2.52 -18.18
N THR A 115 -1.32 2.56 -16.92
CA THR A 115 -2.73 2.68 -16.57
C THR A 115 -2.99 4.07 -15.99
N GLY A 116 -2.15 5.02 -16.38
CA GLY A 116 -2.26 6.37 -15.89
C GLY A 116 -3.67 6.94 -15.99
N THR A 117 -4.28 7.17 -14.84
CA THR A 117 -5.63 7.73 -14.79
C THR A 117 -5.75 8.72 -13.63
N GLY A 118 -6.27 9.90 -13.93
CA GLY A 118 -6.41 10.93 -12.91
C GLY A 118 -5.08 11.56 -12.56
N PHE A 119 -4.78 11.64 -11.27
CA PHE A 119 -3.52 12.23 -10.81
C PHE A 119 -2.47 11.16 -10.58
N ALA A 120 -2.92 9.91 -10.49
CA ALA A 120 -2.02 8.78 -10.26
C ALA A 120 -0.86 8.78 -11.26
N ARG A 121 -1.16 9.05 -12.51
CA ARG A 121 -0.15 9.09 -13.56
C ARG A 121 0.92 10.12 -13.24
N LYS A 122 0.51 11.38 -13.14
CA LYS A 122 1.43 12.47 -12.84
C LYS A 122 2.28 12.13 -11.63
N VAL A 123 1.75 11.23 -10.79
CA VAL A 123 2.44 10.80 -9.59
C VAL A 123 3.50 9.75 -9.91
N ALA A 124 3.14 8.74 -10.68
CA ALA A 124 4.05 7.67 -11.04
C ALA A 124 5.29 8.19 -11.77
N VAL A 125 5.06 8.95 -12.82
CA VAL A 125 6.13 9.50 -13.66
C VAL A 125 7.01 10.50 -12.90
N ASN A 126 6.39 11.56 -12.40
CA ASN A 126 7.14 12.60 -11.69
C ASN A 126 7.94 12.04 -10.52
N TYR A 127 7.38 11.07 -9.81
CA TYR A 127 8.04 10.48 -8.66
C TYR A 127 9.33 9.77 -9.07
N LEU A 128 9.39 9.35 -10.33
CA LEU A 128 10.56 8.65 -10.85
C LEU A 128 11.84 9.48 -10.68
N GLU A 129 11.67 10.79 -10.49
CA GLU A 129 12.81 11.68 -10.32
C GLU A 129 13.38 11.61 -8.91
N THR A 130 12.86 10.69 -8.11
CA THR A 130 13.33 10.53 -6.74
C THR A 130 13.46 9.05 -6.36
N HIS A 131 12.38 8.30 -6.55
CA HIS A 131 12.34 6.87 -6.24
C HIS A 131 12.99 6.58 -4.88
N MET A 21 10.70 -12.26 9.19
CA MET A 21 9.76 -13.33 9.61
C MET A 21 10.50 -14.43 10.36
N ALA A 22 11.68 -14.80 9.86
CA ALA A 22 12.48 -15.84 10.48
C ALA A 22 13.59 -15.24 11.35
N ASP A 23 13.75 -15.78 12.55
CA ASP A 23 14.77 -15.31 13.48
C ASP A 23 14.50 -13.86 13.89
N GLU A 24 13.31 -13.37 13.56
CA GLU A 24 12.92 -12.01 13.90
C GLU A 24 11.58 -11.98 14.64
N ASN A 25 10.85 -13.10 14.57
CA ASN A 25 9.56 -13.20 15.24
C ASN A 25 9.73 -13.26 16.76
N LYS A 26 9.30 -12.20 17.43
CA LYS A 26 9.41 -12.12 18.89
C LYS A 26 8.67 -10.91 19.43
N TRP A 27 8.93 -9.75 18.84
CA TRP A 27 8.28 -8.50 19.27
C TRP A 27 6.95 -8.30 18.55
N VAL A 28 6.27 -9.41 18.27
CA VAL A 28 4.98 -9.36 17.58
C VAL A 28 3.96 -8.54 18.37
N ARG A 29 3.87 -8.79 19.66
CA ARG A 29 2.91 -8.08 20.51
C ARG A 29 3.59 -7.47 21.73
N ARG A 30 4.91 -7.64 21.82
CA ARG A 30 5.66 -7.10 22.94
C ARG A 30 5.59 -5.58 22.92
N ASP A 31 4.80 -5.02 23.84
CA ASP A 31 4.61 -3.57 23.94
C ASP A 31 3.66 -3.06 22.86
N VAL A 32 3.71 -3.69 21.69
CA VAL A 32 2.85 -3.30 20.58
C VAL A 32 1.50 -4.01 20.68
N SER A 33 0.52 -3.31 21.24
CA SER A 33 -0.83 -3.87 21.40
C SER A 33 -1.65 -3.74 20.13
N THR A 34 -2.96 -3.99 20.25
CA THR A 34 -3.88 -3.90 19.12
C THR A 34 -3.52 -4.94 18.05
N ALA A 35 -4.41 -5.11 17.07
CA ALA A 35 -4.19 -6.08 16.01
C ALA A 35 -3.56 -5.47 14.75
N LEU A 36 -4.32 -4.64 14.06
CA LEU A 36 -3.83 -4.03 12.82
C LEU A 36 -3.05 -2.73 13.08
N SER A 37 -3.29 -2.10 14.23
CA SER A 37 -2.60 -0.85 14.56
C SER A 37 -1.08 -1.03 14.53
N ARG A 38 -0.59 -2.08 15.18
CA ARG A 38 0.84 -2.34 15.21
C ARG A 38 1.13 -3.77 15.68
N MET A 39 1.37 -4.66 14.72
CA MET A 39 1.66 -6.06 15.03
C MET A 39 2.86 -6.55 14.22
N GLY A 40 3.14 -5.85 13.11
CA GLY A 40 4.26 -6.22 12.27
C GLY A 40 3.84 -7.16 11.15
N ASP A 41 4.38 -8.39 11.18
CA ASP A 41 4.06 -9.38 10.16
C ASP A 41 2.77 -10.11 10.50
N GLU A 42 2.35 -10.02 11.76
CA GLU A 42 1.13 -10.67 12.21
C GLU A 42 -0.09 -9.96 11.65
N ALA A 43 0.03 -8.66 11.42
CA ALA A 43 -1.07 -7.87 10.89
C ALA A 43 -0.89 -7.62 9.40
N PHE A 44 0.15 -8.20 8.83
CA PHE A 44 0.44 -8.05 7.41
C PHE A 44 -0.75 -8.49 6.57
N GLU A 45 -1.07 -9.78 6.65
CA GLU A 45 -2.20 -10.32 5.89
C GLU A 45 -3.53 -9.71 6.34
N PRO A 46 -3.84 -9.69 7.66
CA PRO A 46 -5.09 -9.12 8.15
C PRO A 46 -5.36 -7.78 7.51
N LEU A 47 -4.28 -7.15 7.08
CA LEU A 47 -4.31 -5.88 6.42
C LEU A 47 -4.63 -6.08 4.94
N LEU A 48 -3.92 -7.03 4.33
CA LEU A 48 -4.12 -7.39 2.93
C LEU A 48 -5.57 -7.82 2.70
N GLU A 49 -6.11 -8.55 3.66
CA GLU A 49 -7.48 -9.05 3.58
C GLU A 49 -8.48 -7.91 3.46
N SER A 50 -8.13 -6.76 4.02
CA SER A 50 -9.01 -5.59 3.99
C SER A 50 -9.23 -5.08 2.57
N LEU A 51 -8.29 -5.41 1.68
CA LEU A 51 -8.38 -4.98 0.28
C LEU A 51 -9.53 -5.69 -0.44
N SER A 52 -10.07 -6.73 0.20
CA SER A 52 -11.18 -7.48 -0.38
C SER A 52 -12.47 -7.23 0.38
N ASN A 53 -12.46 -6.19 1.21
CA ASN A 53 -13.63 -5.83 2.00
C ASN A 53 -14.65 -5.07 1.16
N GLU A 54 -15.92 -5.45 1.29
CA GLU A 54 -16.99 -4.81 0.55
C GLU A 54 -17.04 -3.31 0.82
N ASP A 55 -16.56 -2.90 2.00
CA ASP A 55 -16.56 -1.50 2.37
C ASP A 55 -15.31 -0.80 1.83
N TRP A 56 -15.52 0.36 1.19
CA TRP A 56 -14.42 1.12 0.63
C TRP A 56 -13.79 2.02 1.70
N ARG A 57 -14.59 2.40 2.69
CA ARG A 57 -14.10 3.24 3.77
C ARG A 57 -13.01 2.53 4.56
N ILE A 58 -13.22 1.24 4.81
CA ILE A 58 -12.26 0.44 5.55
C ILE A 58 -11.11 0.01 4.65
N ARG A 59 -11.41 -0.20 3.37
CA ARG A 59 -10.40 -0.60 2.40
C ARG A 59 -9.35 0.49 2.22
N GLY A 60 -9.80 1.74 2.26
CA GLY A 60 -8.89 2.86 2.11
C GLY A 60 -7.77 2.84 3.13
N ALA A 61 -8.14 2.66 4.39
CA ALA A 61 -7.17 2.60 5.48
C ALA A 61 -6.13 1.52 5.22
N ALA A 62 -6.56 0.40 4.64
CA ALA A 62 -5.66 -0.70 4.33
C ALA A 62 -4.50 -0.21 3.48
N ALA A 63 -4.81 0.45 2.37
CA ALA A 63 -3.80 0.98 1.48
C ALA A 63 -2.99 2.07 2.18
N TRP A 64 -3.68 2.87 2.99
CA TRP A 64 -3.05 3.96 3.71
C TRP A 64 -2.02 3.47 4.73
N ILE A 65 -2.23 2.25 5.23
CA ILE A 65 -1.31 1.65 6.20
C ILE A 65 -0.35 0.69 5.53
N ILE A 66 -0.76 0.16 4.38
CA ILE A 66 0.06 -0.79 3.64
C ILE A 66 1.40 -0.19 3.22
N GLY A 67 1.41 1.13 2.98
CA GLY A 67 2.63 1.79 2.56
C GLY A 67 3.74 1.69 3.59
N ASN A 68 3.35 1.59 4.87
CA ASN A 68 4.33 1.47 5.94
C ASN A 68 5.19 0.24 5.75
N PHE A 69 4.64 -0.76 5.06
CA PHE A 69 5.36 -2.00 4.80
C PHE A 69 6.05 -1.94 3.44
N GLN A 70 7.38 -1.90 3.45
CA GLN A 70 8.16 -1.84 2.22
C GLN A 70 8.29 -3.23 1.62
N ASP A 71 7.22 -4.00 1.73
CA ASP A 71 7.19 -5.36 1.21
C ASP A 71 6.41 -5.41 -0.10
N GLU A 72 6.66 -6.45 -0.90
CA GLU A 72 6.00 -6.62 -2.19
C GLU A 72 4.49 -6.78 -2.04
N ARG A 73 4.07 -7.43 -0.95
CA ARG A 73 2.65 -7.64 -0.71
C ARG A 73 1.93 -6.31 -0.47
N ALA A 74 2.72 -5.26 -0.24
CA ALA A 74 2.18 -3.94 0.01
C ALA A 74 2.36 -3.06 -1.22
N VAL A 75 3.01 -3.61 -2.23
CA VAL A 75 3.27 -2.90 -3.48
C VAL A 75 2.15 -3.13 -4.49
N GLU A 76 1.58 -4.33 -4.48
CA GLU A 76 0.50 -4.69 -5.40
C GLU A 76 -0.72 -3.78 -5.23
N PRO A 77 -1.15 -3.50 -3.97
CA PRO A 77 -2.32 -2.66 -3.71
C PRO A 77 -2.34 -1.38 -4.53
N LEU A 78 -1.26 -0.61 -4.48
CA LEU A 78 -1.17 0.65 -5.20
C LEU A 78 -1.47 0.47 -6.69
N ILE A 79 -1.16 -0.70 -7.23
CA ILE A 79 -1.39 -0.98 -8.64
C ILE A 79 -2.85 -0.75 -9.03
N LYS A 80 -3.76 -1.46 -8.37
CA LYS A 80 -5.19 -1.34 -8.66
C LYS A 80 -5.74 0.00 -8.19
N LEU A 81 -5.24 0.47 -7.04
CA LEU A 81 -5.69 1.73 -6.45
C LEU A 81 -5.64 2.90 -7.45
N LEU A 82 -4.47 3.13 -8.02
CA LEU A 82 -4.28 4.21 -8.98
C LEU A 82 -5.32 4.16 -10.10
N GLU A 83 -6.03 3.04 -10.21
CA GLU A 83 -7.05 2.88 -11.23
C GLU A 83 -8.44 2.79 -10.60
N ASP A 84 -8.48 2.47 -9.32
CA ASP A 84 -9.76 2.36 -8.60
C ASP A 84 -10.53 3.67 -8.60
N ASP A 85 -9.79 4.76 -8.55
CA ASP A 85 -10.38 6.09 -8.54
C ASP A 85 -11.40 6.24 -7.41
N SER A 86 -11.19 5.51 -6.32
CA SER A 86 -12.09 5.57 -5.17
C SER A 86 -11.77 6.76 -4.27
N GLY A 87 -10.75 7.53 -4.64
CA GLY A 87 -10.36 8.67 -3.84
C GLY A 87 -9.54 8.27 -2.63
N PHE A 88 -10.21 7.79 -1.60
CA PHE A 88 -9.54 7.34 -0.38
C PHE A 88 -8.59 6.19 -0.69
N VAL A 89 -9.08 5.24 -1.48
CA VAL A 89 -8.29 4.09 -1.87
C VAL A 89 -7.23 4.45 -2.90
N ARG A 90 -7.63 5.20 -3.92
CA ARG A 90 -6.70 5.60 -4.98
C ARG A 90 -5.58 6.50 -4.45
N SER A 91 -5.96 7.63 -3.87
CA SER A 91 -4.98 8.57 -3.32
C SER A 91 -3.99 7.88 -2.41
N GLY A 92 -4.47 6.85 -1.72
CA GLY A 92 -3.60 6.10 -0.82
C GLY A 92 -2.35 5.60 -1.52
N ALA A 93 -2.54 5.00 -2.70
CA ALA A 93 -1.43 4.48 -3.47
C ALA A 93 -0.33 5.53 -3.65
N ALA A 94 -0.73 6.80 -3.73
CA ALA A 94 0.22 7.89 -3.92
C ALA A 94 1.21 7.98 -2.76
N ARG A 95 0.68 8.22 -1.57
CA ARG A 95 1.52 8.35 -0.38
C ARG A 95 2.30 7.07 -0.10
N SER A 96 1.76 5.93 -0.51
CA SER A 96 2.41 4.64 -0.29
C SER A 96 3.76 4.56 -1.00
N LEU A 97 3.75 4.86 -2.30
CA LEU A 97 4.98 4.83 -3.10
C LEU A 97 6.07 5.72 -2.50
N GLU A 98 5.78 7.01 -2.40
CA GLU A 98 6.73 7.97 -1.85
C GLU A 98 7.15 7.54 -0.44
N GLN A 99 6.29 6.76 0.22
CA GLN A 99 6.57 6.28 1.56
C GLN A 99 7.67 5.23 1.55
N ILE A 100 7.55 4.26 0.66
CA ILE A 100 8.53 3.19 0.55
C ILE A 100 9.84 3.69 -0.06
N GLY A 101 9.77 4.19 -1.29
CA GLY A 101 10.95 4.69 -1.95
C GLY A 101 11.94 3.60 -2.30
N GLY A 102 12.25 3.46 -3.59
CA GLY A 102 13.18 2.44 -4.02
C GLY A 102 12.85 1.88 -5.38
N GLU A 103 13.67 0.94 -5.84
CA GLU A 103 13.47 0.30 -7.14
C GLU A 103 12.19 -0.53 -7.14
N ARG A 104 11.86 -1.08 -5.97
CA ARG A 104 10.67 -1.91 -5.81
C ARG A 104 9.40 -1.11 -6.12
N VAL A 105 9.25 0.04 -5.46
CA VAL A 105 8.09 0.89 -5.67
C VAL A 105 8.14 1.52 -7.06
N ARG A 106 9.34 1.62 -7.61
CA ARG A 106 9.54 2.20 -8.93
C ARG A 106 8.74 1.42 -9.98
N ALA A 107 8.41 0.17 -9.65
CA ALA A 107 7.62 -0.67 -10.55
C ALA A 107 6.16 -0.27 -10.51
N ALA A 108 5.71 0.20 -9.36
CA ALA A 108 4.33 0.65 -9.19
C ALA A 108 4.01 1.73 -10.20
N MET A 109 4.89 2.73 -10.28
CA MET A 109 4.71 3.83 -11.22
C MET A 109 4.97 3.36 -12.64
N GLU A 110 5.75 2.30 -12.78
CA GLU A 110 6.05 1.75 -14.10
C GLU A 110 4.79 1.17 -14.71
N LYS A 111 3.95 0.60 -13.84
CA LYS A 111 2.70 -0.01 -14.28
C LYS A 111 1.60 1.04 -14.47
N LEU A 112 1.66 2.13 -13.71
CA LEU A 112 0.66 3.18 -13.80
C LEU A 112 1.00 4.17 -14.92
N ALA A 113 2.29 4.41 -15.12
CA ALA A 113 2.74 5.32 -16.17
C ALA A 113 2.20 4.88 -17.53
N GLU A 114 1.97 3.57 -17.67
CA GLU A 114 1.45 3.00 -18.89
C GLU A 114 -0.05 3.20 -18.98
N THR A 115 -0.69 3.32 -17.81
CA THR A 115 -2.13 3.52 -17.73
C THR A 115 -2.41 4.86 -17.07
N GLY A 116 -1.50 5.80 -17.26
CA GLY A 116 -1.62 7.11 -16.68
C GLY A 116 -2.94 7.78 -16.97
N THR A 117 -3.67 8.12 -15.91
CA THR A 117 -4.95 8.80 -16.04
C THR A 117 -5.26 9.62 -14.79
N GLY A 118 -5.62 10.88 -15.00
CA GLY A 118 -5.95 11.76 -13.89
C GLY A 118 -4.78 11.94 -12.93
N PHE A 119 -5.09 12.34 -11.70
CA PHE A 119 -4.07 12.55 -10.67
C PHE A 119 -3.21 11.31 -10.47
N ALA A 120 -3.81 10.14 -10.65
CA ALA A 120 -3.10 8.88 -10.50
C ALA A 120 -1.78 8.89 -11.26
N ARG A 121 -1.83 9.31 -12.52
CA ARG A 121 -0.64 9.36 -13.37
C ARG A 121 0.43 10.29 -12.80
N LYS A 122 0.07 11.55 -12.60
CA LYS A 122 0.99 12.55 -12.07
C LYS A 122 1.77 12.02 -10.88
N VAL A 123 1.18 11.04 -10.20
CA VAL A 123 1.81 10.44 -9.03
C VAL A 123 3.04 9.62 -9.43
N ALA A 124 2.87 8.71 -10.38
CA ALA A 124 3.96 7.86 -10.85
C ALA A 124 5.18 8.65 -11.28
N VAL A 125 4.99 9.47 -12.30
CA VAL A 125 6.04 10.29 -12.89
C VAL A 125 6.79 11.15 -11.86
N ASN A 126 6.07 12.06 -11.20
CA ASN A 126 6.69 12.96 -10.22
C ASN A 126 7.44 12.21 -9.12
N TYR A 127 6.92 11.04 -8.74
CA TYR A 127 7.52 10.25 -7.70
C TYR A 127 8.95 9.86 -8.05
N LEU A 128 9.22 9.76 -9.35
CA LEU A 128 10.55 9.41 -9.84
C LEU A 128 11.60 10.44 -9.43
N GLU A 129 11.14 11.61 -9.01
CA GLU A 129 12.03 12.68 -8.60
C GLU A 129 12.58 12.47 -7.19
N THR A 130 12.28 11.32 -6.60
CA THR A 130 12.75 11.01 -5.25
C THR A 130 13.02 9.53 -5.07
N HIS A 131 12.24 8.69 -5.74
CA HIS A 131 12.39 7.24 -5.63
C HIS A 131 12.25 6.79 -4.18
N MET A 21 6.17 -24.40 19.18
CA MET A 21 5.20 -24.55 20.30
C MET A 21 5.89 -24.46 21.66
N ALA A 22 7.21 -24.34 21.64
CA ALA A 22 7.99 -24.24 22.87
C ALA A 22 9.07 -23.17 22.77
N ASP A 23 10.04 -23.39 21.89
CA ASP A 23 11.12 -22.43 21.68
C ASP A 23 11.10 -21.88 20.28
N GLU A 24 10.38 -22.55 19.39
CA GLU A 24 10.27 -22.13 18.00
C GLU A 24 9.14 -21.12 17.83
N ASN A 25 9.49 -19.91 17.39
CA ASN A 25 8.51 -18.85 17.17
C ASN A 25 7.84 -18.45 18.48
N LYS A 26 7.21 -17.27 18.47
CA LYS A 26 6.54 -16.76 19.66
C LYS A 26 5.66 -15.57 19.31
N TRP A 27 6.06 -14.83 18.27
CA TRP A 27 5.31 -13.65 17.84
C TRP A 27 5.03 -13.72 16.34
N VAL A 28 3.97 -14.45 15.98
CA VAL A 28 3.58 -14.60 14.58
C VAL A 28 2.07 -14.61 14.44
N ARG A 29 1.44 -15.70 14.88
CA ARG A 29 -0.01 -15.82 14.81
C ARG A 29 -0.65 -15.51 16.15
N ARG A 30 0.17 -15.49 17.19
CA ARG A 30 -0.34 -15.16 18.52
C ARG A 30 -0.77 -13.70 18.55
N ASP A 31 -2.07 -13.48 18.72
CA ASP A 31 -2.63 -12.13 18.76
C ASP A 31 -2.66 -11.51 17.36
N VAL A 32 -2.45 -12.35 16.35
CA VAL A 32 -2.45 -11.89 14.96
C VAL A 32 -3.79 -11.23 14.61
N SER A 33 -3.84 -10.57 13.46
CA SER A 33 -5.05 -9.90 13.00
C SER A 33 -5.36 -8.68 13.88
N THR A 34 -4.42 -8.34 14.75
CA THR A 34 -4.57 -7.21 15.65
C THR A 34 -3.22 -6.55 15.90
N ALA A 35 -2.16 -7.33 15.73
CA ALA A 35 -0.80 -6.84 15.93
C ALA A 35 -0.37 -5.89 14.82
N LEU A 36 -1.23 -5.70 13.84
CA LEU A 36 -0.94 -4.82 12.72
C LEU A 36 -0.86 -3.36 13.18
N SER A 37 -1.32 -3.11 14.40
CA SER A 37 -1.29 -1.76 14.96
C SER A 37 0.10 -1.45 15.50
N ARG A 38 0.98 -2.44 15.46
CA ARG A 38 2.35 -2.27 15.94
C ARG A 38 3.30 -3.16 15.14
N MET A 39 3.12 -4.47 15.27
CA MET A 39 3.95 -5.45 14.57
C MET A 39 4.00 -5.16 13.08
N GLY A 40 2.83 -4.85 12.50
CA GLY A 40 2.75 -4.54 11.09
C GLY A 40 3.60 -5.45 10.22
N ASP A 41 3.63 -6.74 10.56
CA ASP A 41 4.42 -7.70 9.80
C ASP A 41 3.68 -9.03 9.67
N GLU A 42 3.61 -9.75 10.78
CA GLU A 42 2.92 -11.04 10.80
C GLU A 42 1.42 -10.83 10.62
N ALA A 43 0.98 -9.59 10.81
CA ALA A 43 -0.43 -9.23 10.66
C ALA A 43 -0.65 -8.44 9.37
N PHE A 44 0.38 -8.39 8.53
CA PHE A 44 0.31 -7.68 7.27
C PHE A 44 -0.74 -8.31 6.37
N GLU A 45 -0.82 -9.63 6.42
CA GLU A 45 -1.79 -10.35 5.61
C GLU A 45 -3.22 -10.00 5.98
N PRO A 46 -3.65 -10.19 7.26
CA PRO A 46 -5.01 -9.85 7.67
C PRO A 46 -5.30 -8.40 7.34
N LEU A 47 -4.24 -7.67 7.07
CA LEU A 47 -4.30 -6.26 6.71
C LEU A 47 -4.51 -6.14 5.20
N LEU A 48 -3.86 -7.06 4.48
CA LEU A 48 -3.95 -7.12 3.03
C LEU A 48 -5.28 -7.72 2.61
N GLU A 49 -5.80 -8.61 3.45
CA GLU A 49 -7.07 -9.27 3.19
C GLU A 49 -8.22 -8.29 3.38
N SER A 50 -7.92 -7.17 4.02
CA SER A 50 -8.93 -6.14 4.28
C SER A 50 -9.43 -5.47 3.01
N LEU A 51 -8.50 -5.01 2.16
CA LEU A 51 -8.88 -4.35 0.92
C LEU A 51 -9.68 -5.27 0.00
N SER A 52 -9.78 -6.54 0.39
CA SER A 52 -10.53 -7.52 -0.39
C SER A 52 -11.99 -7.55 0.04
N ASN A 53 -12.42 -6.47 0.71
CA ASN A 53 -13.79 -6.35 1.19
C ASN A 53 -14.60 -5.39 0.32
N GLU A 54 -15.90 -5.63 0.23
CA GLU A 54 -16.79 -4.78 -0.55
C GLU A 54 -16.90 -3.39 0.06
N ASP A 55 -16.41 -3.26 1.29
CA ASP A 55 -16.46 -1.98 2.00
C ASP A 55 -15.39 -1.04 1.47
N TRP A 56 -15.64 0.26 1.60
CA TRP A 56 -14.70 1.27 1.12
C TRP A 56 -13.92 1.88 2.28
N ARG A 57 -14.56 1.97 3.45
CA ARG A 57 -13.92 2.53 4.62
C ARG A 57 -12.71 1.70 5.04
N ILE A 58 -12.83 0.38 4.94
CA ILE A 58 -11.74 -0.52 5.29
C ILE A 58 -10.75 -0.65 4.13
N ARG A 59 -11.28 -0.55 2.92
CA ARG A 59 -10.47 -0.64 1.70
C ARG A 59 -9.38 0.42 1.68
N GLY A 60 -9.72 1.62 2.15
CA GLY A 60 -8.77 2.72 2.17
C GLY A 60 -7.71 2.56 3.25
N ALA A 61 -8.15 2.38 4.48
CA ALA A 61 -7.24 2.21 5.62
C ALA A 61 -6.18 1.15 5.34
N ALA A 62 -6.59 0.06 4.69
CA ALA A 62 -5.66 -1.02 4.37
C ALA A 62 -4.57 -0.55 3.41
N ALA A 63 -4.92 0.37 2.52
CA ALA A 63 -3.99 0.91 1.55
C ALA A 63 -3.18 2.07 2.12
N TRP A 64 -3.79 2.77 3.08
CA TRP A 64 -3.16 3.93 3.70
C TRP A 64 -1.98 3.53 4.60
N ILE A 65 -2.07 2.34 5.20
CA ILE A 65 -1.02 1.86 6.09
C ILE A 65 -0.08 0.89 5.37
N ILE A 66 -0.57 0.34 4.27
CA ILE A 66 0.20 -0.63 3.48
C ILE A 66 1.59 -0.09 3.14
N GLY A 67 1.73 1.22 3.06
CA GLY A 67 3.02 1.81 2.74
C GLY A 67 3.85 2.15 3.96
N ASN A 68 3.19 2.34 5.10
CA ASN A 68 3.87 2.68 6.34
C ASN A 68 4.71 1.51 6.86
N PHE A 69 4.51 0.33 6.29
CA PHE A 69 5.25 -0.86 6.73
C PHE A 69 6.37 -1.19 5.75
N GLN A 70 6.13 -0.98 4.47
CA GLN A 70 7.13 -1.26 3.44
C GLN A 70 7.34 -2.76 3.29
N ASP A 71 6.35 -3.42 2.71
CA ASP A 71 6.42 -4.86 2.49
C ASP A 71 6.16 -5.23 1.04
N GLU A 72 6.39 -6.48 0.69
CA GLU A 72 6.20 -6.96 -0.67
C GLU A 72 4.73 -6.92 -1.08
N ARG A 73 3.84 -7.27 -0.15
CA ARG A 73 2.40 -7.27 -0.44
C ARG A 73 1.87 -5.87 -0.62
N ALA A 74 2.67 -4.86 -0.31
CA ALA A 74 2.26 -3.46 -0.43
C ALA A 74 2.53 -2.89 -1.81
N VAL A 75 2.89 -3.73 -2.77
CA VAL A 75 3.18 -3.26 -4.12
C VAL A 75 1.94 -3.32 -5.02
N GLU A 76 1.27 -4.47 -5.04
CA GLU A 76 0.07 -4.64 -5.88
C GLU A 76 -1.04 -3.65 -5.54
N PRO A 77 -1.42 -3.53 -4.25
CA PRO A 77 -2.48 -2.60 -3.83
C PRO A 77 -2.37 -1.24 -4.52
N LEU A 78 -1.20 -0.64 -4.44
CA LEU A 78 -0.96 0.67 -5.04
C LEU A 78 -1.37 0.68 -6.51
N ILE A 79 -0.94 -0.32 -7.27
CA ILE A 79 -1.26 -0.39 -8.69
C ILE A 79 -2.77 -0.32 -8.96
N LYS A 80 -3.52 -1.23 -8.35
CA LYS A 80 -4.96 -1.29 -8.54
C LYS A 80 -5.68 -0.11 -7.87
N LEU A 81 -4.98 0.59 -6.99
CA LEU A 81 -5.56 1.72 -6.25
C LEU A 81 -5.40 3.04 -6.99
N LEU A 82 -4.19 3.30 -7.48
CA LEU A 82 -3.90 4.54 -8.19
C LEU A 82 -4.80 4.67 -9.41
N GLU A 83 -5.43 3.56 -9.78
CA GLU A 83 -6.31 3.53 -10.92
C GLU A 83 -7.75 3.28 -10.45
N ASP A 84 -7.89 2.92 -9.18
CA ASP A 84 -9.20 2.65 -8.59
C ASP A 84 -10.10 3.87 -8.62
N ASP A 85 -9.49 5.03 -8.51
CA ASP A 85 -10.21 6.31 -8.52
C ASP A 85 -11.26 6.36 -7.42
N SER A 86 -11.04 5.62 -6.34
CA SER A 86 -11.99 5.61 -5.23
C SER A 86 -11.73 6.76 -4.27
N GLY A 87 -10.69 7.53 -4.53
CA GLY A 87 -10.36 8.66 -3.68
C GLY A 87 -9.60 8.24 -2.44
N PHE A 88 -10.31 7.63 -1.50
CA PHE A 88 -9.70 7.17 -0.25
C PHE A 88 -8.79 5.98 -0.52
N VAL A 89 -9.27 5.06 -1.36
CA VAL A 89 -8.50 3.87 -1.71
C VAL A 89 -7.36 4.21 -2.68
N ARG A 90 -7.59 5.19 -3.54
CA ARG A 90 -6.60 5.61 -4.52
C ARG A 90 -5.49 6.47 -3.91
N SER A 91 -5.89 7.54 -3.24
CA SER A 91 -4.94 8.46 -2.61
C SER A 91 -3.92 7.72 -1.75
N GLY A 92 -4.40 6.93 -0.80
CA GLY A 92 -3.52 6.18 0.08
C GLY A 92 -2.40 5.48 -0.66
N ALA A 93 -2.66 5.07 -1.89
CA ALA A 93 -1.67 4.38 -2.70
C ALA A 93 -0.56 5.34 -3.12
N ALA A 94 -0.94 6.50 -3.64
CA ALA A 94 0.02 7.50 -4.09
C ALA A 94 0.99 7.88 -2.98
N ARG A 95 0.48 7.92 -1.76
CA ARG A 95 1.31 8.25 -0.60
C ARG A 95 2.23 7.09 -0.25
N SER A 96 1.74 5.88 -0.46
CA SER A 96 2.50 4.68 -0.15
C SER A 96 3.78 4.60 -0.98
N LEU A 97 3.72 5.04 -2.23
CA LEU A 97 4.89 5.01 -3.10
C LEU A 97 6.03 5.84 -2.52
N GLU A 98 5.78 7.12 -2.32
CA GLU A 98 6.78 8.02 -1.76
C GLU A 98 7.23 7.56 -0.37
N GLN A 99 6.32 6.90 0.35
CA GLN A 99 6.62 6.41 1.68
C GLN A 99 7.60 5.24 1.62
N ILE A 100 7.45 4.40 0.61
CA ILE A 100 8.30 3.23 0.43
C ILE A 100 9.65 3.61 -0.21
N GLY A 101 9.59 4.15 -1.42
CA GLY A 101 10.80 4.55 -2.12
C GLY A 101 11.70 3.36 -2.46
N GLY A 102 11.99 3.20 -3.76
CA GLY A 102 12.84 2.10 -4.18
C GLY A 102 12.44 1.56 -5.54
N GLU A 103 13.27 0.67 -6.09
CA GLU A 103 13.01 0.08 -7.40
C GLU A 103 11.72 -0.74 -7.38
N ARG A 104 11.36 -1.26 -6.21
CA ARG A 104 10.16 -2.07 -6.08
C ARG A 104 8.93 -1.23 -6.41
N VAL A 105 8.85 -0.04 -5.81
CA VAL A 105 7.73 0.85 -6.04
C VAL A 105 7.78 1.45 -7.44
N ARG A 106 8.98 1.49 -8.03
CA ARG A 106 9.14 2.02 -9.39
C ARG A 106 8.27 1.26 -10.38
N ALA A 107 8.00 -0.01 -10.07
CA ALA A 107 7.19 -0.85 -10.92
C ALA A 107 5.73 -0.42 -10.84
N ALA A 108 5.37 0.12 -9.68
CA ALA A 108 4.00 0.58 -9.45
C ALA A 108 3.72 1.84 -10.24
N MET A 109 4.65 2.79 -10.22
CA MET A 109 4.49 4.03 -10.95
C MET A 109 4.59 3.78 -12.45
N GLU A 110 5.42 2.81 -12.82
CA GLU A 110 5.59 2.46 -14.22
C GLU A 110 4.27 1.97 -14.80
N LYS A 111 3.49 1.30 -13.97
CA LYS A 111 2.18 0.78 -14.38
C LYS A 111 1.26 1.92 -14.80
N LEU A 112 1.30 3.02 -14.05
CA LEU A 112 0.46 4.18 -14.33
C LEU A 112 0.95 4.89 -15.59
N ALA A 113 2.25 4.97 -15.75
CA ALA A 113 2.84 5.64 -16.91
C ALA A 113 2.26 5.09 -18.21
N GLU A 114 1.83 3.82 -18.18
CA GLU A 114 1.27 3.17 -19.37
C GLU A 114 -0.27 3.20 -19.38
N THR A 115 -0.87 3.60 -18.27
CA THR A 115 -2.33 3.63 -18.17
C THR A 115 -2.88 5.05 -18.22
N GLY A 116 -2.12 6.01 -17.70
CA GLY A 116 -2.54 7.39 -17.69
C GLY A 116 -3.92 7.58 -17.07
N THR A 117 -3.96 7.85 -15.77
CA THR A 117 -5.23 8.04 -15.08
C THR A 117 -5.13 9.19 -14.06
N GLY A 118 -6.10 10.11 -14.15
CA GLY A 118 -6.15 11.25 -13.24
C GLY A 118 -4.78 11.83 -12.91
N PHE A 119 -4.51 11.97 -11.61
CA PHE A 119 -3.24 12.53 -11.15
C PHE A 119 -2.23 11.41 -10.88
N ALA A 120 -2.73 10.20 -10.66
CA ALA A 120 -1.85 9.06 -10.40
C ALA A 120 -0.76 8.96 -11.45
N ARG A 121 -1.13 9.22 -12.70
CA ARG A 121 -0.18 9.19 -13.80
C ARG A 121 0.98 10.14 -13.55
N LYS A 122 0.66 11.43 -13.42
CA LYS A 122 1.67 12.45 -13.17
C LYS A 122 2.45 12.10 -11.91
N VAL A 123 1.74 11.59 -10.92
CA VAL A 123 2.33 11.21 -9.65
C VAL A 123 3.36 10.11 -9.84
N ALA A 124 3.09 9.20 -10.77
CA ALA A 124 3.99 8.09 -11.04
C ALA A 124 5.34 8.57 -11.56
N VAL A 125 5.32 9.24 -12.70
CA VAL A 125 6.54 9.74 -13.32
C VAL A 125 7.29 10.74 -12.42
N ASN A 126 6.53 11.59 -11.75
CA ASN A 126 7.12 12.58 -10.85
C ASN A 126 7.68 11.93 -9.57
N TYR A 127 7.09 10.81 -9.18
CA TYR A 127 7.49 10.12 -7.96
C TYR A 127 8.92 9.61 -8.04
N LEU A 128 9.24 8.90 -9.12
CA LEU A 128 10.57 8.32 -9.30
C LEU A 128 11.69 9.35 -9.13
N GLU A 129 11.32 10.63 -9.12
CA GLU A 129 12.30 11.69 -8.95
C GLU A 129 12.71 11.82 -7.48
N THR A 130 12.21 10.89 -6.66
CA THR A 130 12.51 10.90 -5.23
C THR A 130 13.11 9.55 -4.80
N HIS A 131 12.34 8.48 -5.01
CA HIS A 131 12.76 7.12 -4.65
C HIS A 131 13.41 7.08 -3.27
N MET A 21 -3.08 -18.86 23.54
CA MET A 21 -2.01 -19.23 22.59
C MET A 21 -2.34 -20.53 21.85
N ALA A 22 -2.02 -20.57 20.56
CA ALA A 22 -2.29 -21.74 19.75
C ALA A 22 -1.14 -22.74 19.82
N ASP A 23 -1.27 -23.85 19.09
CA ASP A 23 -0.23 -24.87 19.08
C ASP A 23 0.75 -24.64 17.95
N GLU A 24 0.26 -24.11 16.83
CA GLU A 24 1.11 -23.84 15.68
C GLU A 24 1.64 -22.41 15.73
N ASN A 25 0.97 -21.55 16.50
CA ASN A 25 1.38 -20.16 16.63
C ASN A 25 1.71 -19.81 18.08
N LYS A 26 2.87 -19.19 18.27
CA LYS A 26 3.31 -18.80 19.61
C LYS A 26 3.68 -17.31 19.63
N TRP A 27 3.53 -16.65 18.49
CA TRP A 27 3.84 -15.24 18.37
C TRP A 27 2.81 -14.54 17.47
N VAL A 28 3.27 -13.55 16.69
CA VAL A 28 2.41 -12.81 15.78
C VAL A 28 1.43 -11.90 16.54
N ARG A 29 0.32 -12.46 16.99
CA ARG A 29 -0.69 -11.70 17.72
C ARG A 29 -0.92 -12.26 19.11
N ARG A 30 0.09 -12.93 19.66
CA ARG A 30 -0.02 -13.49 20.99
C ARG A 30 -0.34 -12.39 22.00
N ASP A 31 -1.59 -12.33 22.43
CA ASP A 31 -2.05 -11.32 23.39
C ASP A 31 -2.03 -9.93 22.76
N VAL A 32 -1.62 -9.86 21.49
CA VAL A 32 -1.56 -8.59 20.77
C VAL A 32 -2.86 -8.33 20.02
N SER A 33 -3.44 -9.39 19.46
CA SER A 33 -4.68 -9.28 18.71
C SER A 33 -4.57 -8.29 17.56
N THR A 34 -4.85 -7.02 17.85
CA THR A 34 -4.79 -5.97 16.84
C THR A 34 -3.35 -5.48 16.65
N ALA A 35 -2.64 -6.09 15.71
CA ALA A 35 -1.27 -5.73 15.44
C ALA A 35 -1.17 -4.73 14.28
N LEU A 36 -2.31 -4.38 13.71
CA LEU A 36 -2.35 -3.44 12.60
C LEU A 36 -2.24 -2.00 13.08
N SER A 37 -2.41 -1.80 14.37
CA SER A 37 -2.35 -0.46 14.96
C SER A 37 -1.03 0.23 14.61
N ARG A 38 0.08 -0.46 14.84
CA ARG A 38 1.39 0.10 14.55
C ARG A 38 2.48 -0.95 14.78
N MET A 39 2.15 -2.21 14.56
CA MET A 39 3.10 -3.30 14.75
C MET A 39 3.63 -3.81 13.41
N GLY A 40 2.72 -3.95 12.44
CA GLY A 40 3.10 -4.42 11.12
C GLY A 40 3.53 -5.88 11.15
N ASP A 41 3.76 -6.44 9.96
CA ASP A 41 4.18 -7.83 9.82
C ASP A 41 3.09 -8.79 10.30
N GLU A 42 2.91 -8.88 11.61
CA GLU A 42 1.90 -9.75 12.21
C GLU A 42 0.54 -9.51 11.59
N ALA A 43 0.18 -8.24 11.41
CA ALA A 43 -1.10 -7.86 10.84
C ALA A 43 -0.97 -7.37 9.40
N PHE A 44 0.13 -7.73 8.75
CA PHE A 44 0.36 -7.32 7.36
C PHE A 44 -0.71 -7.91 6.45
N GLU A 45 -0.93 -9.22 6.57
CA GLU A 45 -1.92 -9.91 5.76
C GLU A 45 -3.34 -9.40 6.03
N PRO A 46 -3.80 -9.37 7.31
CA PRO A 46 -5.14 -8.90 7.65
C PRO A 46 -5.51 -7.63 6.87
N LEU A 47 -4.49 -6.91 6.45
CA LEU A 47 -4.66 -5.70 5.67
C LEU A 47 -5.02 -6.03 4.23
N LEU A 48 -4.17 -6.82 3.59
CA LEU A 48 -4.38 -7.22 2.20
C LEU A 48 -5.65 -8.07 2.07
N GLU A 49 -6.05 -8.70 3.17
CA GLU A 49 -7.24 -9.54 3.16
C GLU A 49 -8.51 -8.70 3.17
N SER A 50 -8.54 -7.68 4.02
CA SER A 50 -9.69 -6.79 4.13
C SER A 50 -9.93 -6.04 2.82
N LEU A 51 -8.93 -6.04 1.94
CA LEU A 51 -9.04 -5.35 0.66
C LEU A 51 -10.13 -5.96 -0.21
N SER A 52 -10.63 -7.12 0.22
CA SER A 52 -11.68 -7.81 -0.51
C SER A 52 -13.05 -7.48 0.07
N ASN A 53 -13.15 -6.33 0.73
CA ASN A 53 -14.40 -5.90 1.34
C ASN A 53 -15.25 -5.09 0.36
N GLU A 54 -16.56 -5.20 0.48
CA GLU A 54 -17.47 -4.49 -0.41
C GLU A 54 -17.38 -2.98 -0.22
N ASP A 55 -17.03 -2.55 0.99
CA ASP A 55 -16.91 -1.13 1.29
C ASP A 55 -15.60 -0.56 0.75
N TRP A 56 -15.53 0.76 0.66
CA TRP A 56 -14.33 1.43 0.15
C TRP A 56 -13.54 2.06 1.30
N ARG A 57 -14.25 2.36 2.38
CA ARG A 57 -13.62 2.98 3.55
C ARG A 57 -12.55 2.06 4.14
N ILE A 58 -12.82 0.76 4.15
CA ILE A 58 -11.89 -0.21 4.69
C ILE A 58 -10.75 -0.52 3.70
N ARG A 59 -11.13 -0.73 2.44
CA ARG A 59 -10.15 -1.04 1.40
C ARG A 59 -9.12 0.08 1.26
N GLY A 60 -9.59 1.32 1.32
CA GLY A 60 -8.69 2.45 1.18
C GLY A 60 -7.69 2.57 2.31
N ALA A 61 -8.20 2.77 3.53
CA ALA A 61 -7.35 2.89 4.72
C ALA A 61 -6.34 1.74 4.79
N ALA A 62 -6.68 0.62 4.16
CA ALA A 62 -5.79 -0.53 4.15
C ALA A 62 -4.48 -0.20 3.44
N ALA A 63 -4.59 0.27 2.20
CA ALA A 63 -3.42 0.62 1.41
C ALA A 63 -2.73 1.85 2.00
N TRP A 64 -3.48 2.62 2.77
CA TRP A 64 -2.95 3.83 3.40
C TRP A 64 -1.75 3.52 4.28
N ILE A 65 -1.88 2.49 5.11
CA ILE A 65 -0.80 2.11 6.03
C ILE A 65 0.02 0.93 5.51
N ILE A 66 -0.55 0.16 4.59
CA ILE A 66 0.13 -1.01 4.04
C ILE A 66 1.50 -0.69 3.45
N GLY A 67 1.62 0.46 2.77
CA GLY A 67 2.88 0.82 2.16
C GLY A 67 3.92 1.33 3.16
N ASN A 68 3.48 1.58 4.38
CA ASN A 68 4.38 2.09 5.42
C ASN A 68 5.37 1.03 5.90
N PHE A 69 5.17 -0.23 5.50
CA PHE A 69 6.06 -1.30 5.92
C PHE A 69 7.15 -1.59 4.88
N GLN A 70 7.06 -0.89 3.74
CA GLN A 70 8.05 -1.07 2.67
C GLN A 70 8.33 -2.54 2.38
N ASP A 71 7.28 -3.29 2.07
CA ASP A 71 7.44 -4.71 1.78
C ASP A 71 6.78 -5.06 0.44
N GLU A 72 7.32 -6.09 -0.21
CA GLU A 72 6.80 -6.54 -1.50
C GLU A 72 5.33 -6.96 -1.37
N ARG A 73 4.94 -7.31 -0.16
CA ARG A 73 3.57 -7.73 0.12
C ARG A 73 2.60 -6.58 -0.10
N ALA A 74 3.08 -5.36 0.14
CA ALA A 74 2.25 -4.17 -0.01
C ALA A 74 2.55 -3.41 -1.29
N VAL A 75 2.95 -4.12 -2.35
CA VAL A 75 3.25 -3.48 -3.62
C VAL A 75 2.01 -3.42 -4.53
N GLU A 76 1.40 -4.57 -4.78
CA GLU A 76 0.21 -4.65 -5.63
C GLU A 76 -0.95 -3.81 -5.08
N PRO A 77 -1.30 -3.97 -3.77
CA PRO A 77 -2.41 -3.24 -3.17
C PRO A 77 -2.43 -1.77 -3.54
N LEU A 78 -1.25 -1.19 -3.67
CA LEU A 78 -1.15 0.22 -4.02
C LEU A 78 -1.53 0.46 -5.47
N ILE A 79 -0.99 -0.38 -6.36
CA ILE A 79 -1.25 -0.26 -7.79
C ILE A 79 -2.73 -0.39 -8.13
N LYS A 80 -3.37 -1.43 -7.60
CA LYS A 80 -4.77 -1.70 -7.88
C LYS A 80 -5.72 -0.68 -7.23
N LEU A 81 -5.31 -0.06 -6.13
CA LEU A 81 -6.18 0.90 -5.44
C LEU A 81 -6.01 2.34 -5.95
N LEU A 82 -4.82 2.71 -6.40
CA LEU A 82 -4.58 4.06 -6.87
C LEU A 82 -5.34 4.33 -8.16
N GLU A 83 -5.92 3.28 -8.71
CA GLU A 83 -6.68 3.38 -9.94
C GLU A 83 -8.16 3.11 -9.65
N ASP A 84 -8.46 2.85 -8.38
CA ASP A 84 -9.83 2.55 -7.96
C ASP A 84 -10.74 3.75 -8.21
N ASP A 85 -10.15 4.92 -8.12
CA ASP A 85 -10.86 6.17 -8.34
C ASP A 85 -12.03 6.34 -7.37
N SER A 86 -11.95 5.68 -6.21
CA SER A 86 -13.01 5.80 -5.21
C SER A 86 -12.86 7.09 -4.43
N GLY A 87 -11.65 7.63 -4.45
CA GLY A 87 -11.37 8.88 -3.75
C GLY A 87 -10.16 8.78 -2.84
N PHE A 88 -10.39 8.80 -1.52
CA PHE A 88 -9.30 8.71 -0.56
C PHE A 88 -8.49 7.45 -0.81
N VAL A 89 -9.14 6.45 -1.42
CA VAL A 89 -8.48 5.19 -1.73
C VAL A 89 -7.43 5.41 -2.81
N ARG A 90 -7.76 6.27 -3.76
CA ARG A 90 -6.87 6.59 -4.86
C ARG A 90 -5.59 7.24 -4.34
N SER A 91 -5.75 8.30 -3.56
CA SER A 91 -4.62 9.02 -2.99
C SER A 91 -3.86 8.17 -1.98
N GLY A 92 -4.61 7.40 -1.18
CA GLY A 92 -4.00 6.56 -0.18
C GLY A 92 -2.92 5.66 -0.75
N ALA A 93 -3.30 4.79 -1.67
CA ALA A 93 -2.36 3.89 -2.31
C ALA A 93 -1.25 4.66 -3.02
N ALA A 94 -1.60 5.82 -3.57
CA ALA A 94 -0.65 6.65 -4.31
C ALA A 94 0.51 7.10 -3.42
N ARG A 95 0.18 7.81 -2.33
CA ARG A 95 1.19 8.32 -1.42
C ARG A 95 2.11 7.21 -0.92
N SER A 96 1.55 6.01 -0.74
CA SER A 96 2.33 4.88 -0.25
C SER A 96 3.52 4.59 -1.18
N LEU A 97 3.33 4.82 -2.48
CA LEU A 97 4.40 4.59 -3.45
C LEU A 97 5.61 5.47 -3.14
N GLU A 98 5.42 6.78 -3.17
CA GLU A 98 6.50 7.72 -2.87
C GLU A 98 6.95 7.57 -1.42
N GLN A 99 6.08 6.96 -0.63
CA GLN A 99 6.34 6.73 0.78
C GLN A 99 7.42 5.66 0.96
N ILE A 100 7.48 4.74 0.01
CA ILE A 100 8.45 3.65 0.05
C ILE A 100 9.80 4.10 -0.54
N GLY A 101 9.78 4.50 -1.81
CA GLY A 101 11.00 4.95 -2.47
C GLY A 101 11.98 3.82 -2.71
N GLY A 102 12.36 3.63 -3.97
CA GLY A 102 13.31 2.57 -4.31
C GLY A 102 12.91 1.82 -5.57
N GLU A 103 13.80 0.94 -6.03
CA GLU A 103 13.55 0.15 -7.23
C GLU A 103 12.24 -0.65 -7.10
N ARG A 104 11.83 -0.86 -5.87
CA ARG A 104 10.60 -1.61 -5.59
C ARG A 104 9.42 -0.94 -6.27
N VAL A 105 9.13 0.28 -5.85
CA VAL A 105 8.03 1.05 -6.40
C VAL A 105 8.34 1.49 -7.83
N ARG A 106 9.62 1.51 -8.17
CA ARG A 106 10.04 1.92 -9.51
C ARG A 106 9.29 1.13 -10.57
N ALA A 107 8.84 -0.05 -10.20
CA ALA A 107 8.09 -0.92 -11.12
C ALA A 107 6.63 -0.48 -11.19
N ALA A 108 6.10 -0.06 -10.04
CA ALA A 108 4.71 0.38 -9.95
C ALA A 108 4.50 1.72 -10.64
N MET A 109 5.46 2.63 -10.49
CA MET A 109 5.36 3.94 -11.10
C MET A 109 5.34 3.81 -12.62
N GLU A 110 6.15 2.88 -13.13
CA GLU A 110 6.20 2.62 -14.55
C GLU A 110 4.90 2.00 -15.01
N LYS A 111 4.23 1.32 -14.08
CA LYS A 111 2.96 0.68 -14.36
C LYS A 111 1.86 1.73 -14.52
N LEU A 112 1.86 2.74 -13.64
CA LEU A 112 0.87 3.79 -13.69
C LEU A 112 1.01 4.60 -14.98
N ALA A 113 2.24 4.83 -15.39
CA ALA A 113 2.51 5.58 -16.61
C ALA A 113 1.76 4.98 -17.79
N GLU A 114 1.54 3.67 -17.74
CA GLU A 114 0.82 2.97 -18.78
C GLU A 114 -0.69 3.10 -18.57
N THR A 115 -1.08 3.32 -17.32
CA THR A 115 -2.48 3.49 -16.95
C THR A 115 -2.73 4.90 -16.47
N GLY A 116 -1.97 5.85 -17.00
CA GLY A 116 -2.11 7.23 -16.61
C GLY A 116 -3.54 7.70 -16.54
N THR A 117 -4.07 7.73 -15.33
CA THR A 117 -5.45 8.16 -15.10
C THR A 117 -5.56 8.85 -13.75
N GLY A 118 -6.18 10.03 -13.74
CA GLY A 118 -6.32 10.78 -12.51
C GLY A 118 -5.01 11.42 -12.08
N PHE A 119 -4.79 11.48 -10.78
CA PHE A 119 -3.56 12.06 -10.25
C PHE A 119 -2.53 10.98 -9.97
N ALA A 120 -2.98 9.74 -9.93
CA ALA A 120 -2.09 8.60 -9.69
C ALA A 120 -0.96 8.58 -10.70
N ARG A 121 -1.25 9.11 -11.90
CA ARG A 121 -0.25 9.17 -12.97
C ARG A 121 0.85 10.16 -12.58
N LYS A 122 0.45 11.39 -12.31
CA LYS A 122 1.39 12.44 -11.92
C LYS A 122 2.27 11.93 -10.79
N VAL A 123 1.69 11.11 -9.94
CA VAL A 123 2.40 10.53 -8.80
C VAL A 123 3.57 9.67 -9.28
N ALA A 124 3.28 8.69 -10.14
CA ALA A 124 4.31 7.79 -10.65
C ALA A 124 5.44 8.56 -11.32
N VAL A 125 5.11 9.28 -12.38
CA VAL A 125 6.11 10.05 -13.13
C VAL A 125 6.96 10.93 -12.22
N ASN A 126 6.30 11.73 -11.39
CA ASN A 126 6.99 12.64 -10.47
C ASN A 126 7.68 11.89 -9.32
N TYR A 127 7.26 10.66 -9.04
CA TYR A 127 7.82 9.91 -7.93
C TYR A 127 9.31 9.61 -8.14
N LEU A 128 9.63 9.04 -9.29
CA LEU A 128 11.01 8.68 -9.61
C LEU A 128 11.97 9.86 -9.41
N GLU A 129 11.43 11.06 -9.30
CA GLU A 129 12.25 12.25 -9.09
C GLU A 129 12.82 12.26 -7.68
N THR A 130 12.55 11.21 -6.91
CA THR A 130 13.03 11.10 -5.54
C THR A 130 13.45 9.68 -5.21
N HIS A 131 12.59 8.72 -5.54
CA HIS A 131 12.85 7.29 -5.29
C HIS A 131 13.42 7.07 -3.89
N MET A 21 11.30 0.22 10.68
CA MET A 21 12.75 0.52 10.78
C MET A 21 12.98 2.00 11.11
N ALA A 22 12.09 2.85 10.59
CA ALA A 22 12.19 4.29 10.82
C ALA A 22 12.13 4.64 12.30
N ASP A 23 11.44 3.80 13.07
CA ASP A 23 11.29 4.03 14.50
C ASP A 23 11.68 2.78 15.29
N GLU A 24 12.37 1.86 14.62
CA GLU A 24 12.80 0.61 15.26
C GLU A 24 11.61 -0.23 15.68
N ASN A 25 11.80 -1.55 15.75
CA ASN A 25 10.73 -2.45 16.15
C ASN A 25 10.32 -2.20 17.60
N LYS A 26 9.35 -1.32 17.79
CA LYS A 26 8.87 -0.99 19.13
C LYS A 26 7.38 -0.66 19.11
N TRP A 27 6.71 -0.95 18.00
CA TRP A 27 5.28 -0.68 17.87
C TRP A 27 4.49 -1.96 17.62
N VAL A 28 5.05 -3.09 18.04
CA VAL A 28 4.39 -4.38 17.84
C VAL A 28 3.41 -4.68 18.97
N ARG A 29 3.75 -4.27 20.18
CA ARG A 29 2.88 -4.51 21.33
C ARG A 29 3.13 -3.48 22.44
N ARG A 30 4.18 -2.67 22.29
CA ARG A 30 4.43 -1.63 23.27
C ARG A 30 3.25 -0.69 23.27
N ASP A 31 2.44 -0.73 24.33
CA ASP A 31 1.25 0.09 24.40
C ASP A 31 0.27 -0.42 23.35
N VAL A 32 0.34 -1.72 23.08
CA VAL A 32 -0.50 -2.38 22.09
C VAL A 32 -1.94 -1.90 22.18
N SER A 33 -2.63 -1.92 21.05
CA SER A 33 -4.00 -1.47 21.00
C SER A 33 -4.66 -1.85 19.68
N THR A 34 -4.29 -1.15 18.60
CA THR A 34 -4.83 -1.42 17.29
C THR A 34 -4.39 -2.79 16.79
N ALA A 35 -5.00 -3.26 15.71
CA ALA A 35 -4.66 -4.56 15.14
C ALA A 35 -3.66 -4.43 14.01
N LEU A 36 -4.06 -3.77 12.94
CA LEU A 36 -3.22 -3.59 11.76
C LEU A 36 -2.06 -2.61 12.03
N SER A 37 -2.24 -1.73 13.02
CA SER A 37 -1.22 -0.74 13.34
C SER A 37 -0.18 -1.29 14.32
N ARG A 38 -0.64 -1.86 15.43
CA ARG A 38 0.25 -2.39 16.45
C ARG A 38 0.82 -3.75 16.08
N MET A 39 -0.01 -4.79 16.12
CA MET A 39 0.43 -6.14 15.80
C MET A 39 0.65 -6.33 14.30
N GLY A 40 0.96 -5.24 13.60
CA GLY A 40 1.21 -5.31 12.17
C GLY A 40 2.25 -6.36 11.81
N ASP A 41 2.63 -6.39 10.53
CA ASP A 41 3.60 -7.37 10.05
C ASP A 41 2.99 -8.77 10.09
N GLU A 42 2.85 -9.33 11.29
CA GLU A 42 2.23 -10.64 11.44
C GLU A 42 0.76 -10.55 11.02
N ALA A 43 0.22 -9.34 11.14
CA ALA A 43 -1.16 -9.07 10.77
C ALA A 43 -1.22 -8.30 9.45
N PHE A 44 -0.14 -8.36 8.69
CA PHE A 44 -0.04 -7.67 7.41
C PHE A 44 -1.08 -8.21 6.43
N GLU A 45 -1.27 -9.52 6.45
CA GLU A 45 -2.21 -10.16 5.56
C GLU A 45 -3.63 -9.59 5.70
N PRO A 46 -4.22 -9.60 6.93
CA PRO A 46 -5.56 -9.06 7.18
C PRO A 46 -5.83 -7.81 6.34
N LEU A 47 -4.76 -7.07 6.07
CA LEU A 47 -4.83 -5.86 5.27
C LEU A 47 -5.10 -6.19 3.81
N LEU A 48 -4.20 -6.97 3.22
CA LEU A 48 -4.31 -7.37 1.82
C LEU A 48 -5.57 -8.20 1.60
N GLU A 49 -6.09 -8.79 2.67
CA GLU A 49 -7.28 -9.61 2.59
C GLU A 49 -8.53 -8.74 2.55
N SER A 50 -8.59 -7.77 3.46
CA SER A 50 -9.73 -6.86 3.54
C SER A 50 -9.83 -5.97 2.31
N LEU A 51 -8.78 -5.93 1.50
CA LEU A 51 -8.76 -5.10 0.29
C LEU A 51 -9.84 -5.54 -0.70
N SER A 52 -10.46 -6.69 -0.42
CA SER A 52 -11.50 -7.22 -1.30
C SER A 52 -12.87 -6.71 -0.86
N ASN A 53 -12.89 -5.79 0.10
CA ASN A 53 -14.14 -5.23 0.61
C ASN A 53 -14.63 -4.09 -0.28
N GLU A 54 -15.95 -4.03 -0.48
CA GLU A 54 -16.56 -3.00 -1.31
C GLU A 54 -16.45 -1.62 -0.66
N ASP A 55 -16.01 -1.56 0.59
CA ASP A 55 -15.87 -0.30 1.30
C ASP A 55 -14.61 0.43 0.88
N TRP A 56 -14.67 1.77 0.89
CA TRP A 56 -13.53 2.59 0.50
C TRP A 56 -12.77 3.09 1.73
N ARG A 57 -13.51 3.42 2.79
CA ARG A 57 -12.90 3.91 4.02
C ARG A 57 -11.93 2.90 4.61
N ILE A 58 -12.33 1.62 4.61
CA ILE A 58 -11.49 0.56 5.15
C ILE A 58 -10.39 0.18 4.16
N ARG A 59 -10.78 -0.07 2.91
CA ARG A 59 -9.82 -0.44 1.87
C ARG A 59 -8.70 0.59 1.77
N GLY A 60 -9.03 1.84 2.07
CA GLY A 60 -8.03 2.91 2.01
C GLY A 60 -6.98 2.78 3.09
N ALA A 61 -7.42 2.80 4.34
CA ALA A 61 -6.52 2.69 5.48
C ALA A 61 -5.54 1.53 5.31
N ALA A 62 -5.97 0.52 4.56
CA ALA A 62 -5.12 -0.65 4.31
C ALA A 62 -3.84 -0.26 3.58
N ALA A 63 -4.00 0.46 2.48
CA ALA A 63 -2.87 0.91 1.68
C ALA A 63 -2.11 2.05 2.38
N TRP A 64 -2.85 2.85 3.15
CA TRP A 64 -2.27 3.97 3.87
C TRP A 64 -1.12 3.51 4.77
N ILE A 65 -1.28 2.34 5.39
CA ILE A 65 -0.27 1.81 6.29
C ILE A 65 0.59 0.77 5.57
N ILE A 66 0.03 0.19 4.52
CA ILE A 66 0.71 -0.84 3.75
C ILE A 66 2.13 -0.42 3.32
N GLY A 67 2.28 0.84 2.94
CA GLY A 67 3.57 1.33 2.50
C GLY A 67 4.54 1.60 3.63
N ASN A 68 4.02 1.89 4.82
CA ASN A 68 4.87 2.19 5.98
C ASN A 68 5.61 0.96 6.51
N PHE A 69 5.38 -0.21 5.90
CA PHE A 69 6.06 -1.42 6.37
C PHE A 69 7.06 -1.96 5.36
N GLN A 70 6.99 -1.44 4.13
CA GLN A 70 7.91 -1.87 3.09
C GLN A 70 7.89 -3.39 2.93
N ASP A 71 6.78 -3.93 2.43
CA ASP A 71 6.65 -5.36 2.24
C ASP A 71 6.22 -5.68 0.81
N GLU A 72 6.38 -6.94 0.42
CA GLU A 72 5.99 -7.39 -0.91
C GLU A 72 4.49 -7.24 -1.13
N ARG A 73 3.73 -7.64 -0.12
CA ARG A 73 2.26 -7.55 -0.19
C ARG A 73 1.79 -6.11 -0.20
N ALA A 74 2.72 -5.17 -0.02
CA ALA A 74 2.38 -3.75 0.02
C ALA A 74 2.56 -3.12 -1.34
N VAL A 75 2.93 -3.94 -2.32
CA VAL A 75 3.16 -3.47 -3.67
C VAL A 75 1.90 -3.56 -4.53
N GLU A 76 1.25 -4.72 -4.52
CA GLU A 76 0.05 -4.94 -5.32
C GLU A 76 -1.08 -3.96 -4.96
N PRO A 77 -1.41 -3.80 -3.65
CA PRO A 77 -2.47 -2.90 -3.22
C PRO A 77 -2.45 -1.56 -3.95
N LEU A 78 -1.25 -1.01 -4.11
CA LEU A 78 -1.09 0.27 -4.78
C LEU A 78 -1.48 0.18 -6.26
N ILE A 79 -1.16 -0.95 -6.87
CA ILE A 79 -1.45 -1.15 -8.29
C ILE A 79 -2.94 -1.05 -8.59
N LYS A 80 -3.74 -1.89 -7.94
CA LYS A 80 -5.19 -1.92 -8.17
C LYS A 80 -5.89 -0.67 -7.61
N LEU A 81 -5.24 0.01 -6.67
CA LEU A 81 -5.82 1.19 -6.04
C LEU A 81 -5.62 2.46 -6.86
N LEU A 82 -4.41 2.67 -7.33
CA LEU A 82 -4.09 3.85 -8.12
C LEU A 82 -4.92 3.89 -9.39
N GLU A 83 -5.59 2.78 -9.67
CA GLU A 83 -6.44 2.67 -10.84
C GLU A 83 -7.91 2.58 -10.42
N ASP A 84 -8.13 2.26 -9.14
CA ASP A 84 -9.48 2.12 -8.60
C ASP A 84 -10.23 3.44 -8.69
N ASP A 85 -9.50 4.51 -8.43
CA ASP A 85 -10.06 5.86 -8.47
C ASP A 85 -11.24 6.00 -7.51
N SER A 86 -11.25 5.21 -6.43
CA SER A 86 -12.33 5.28 -5.45
C SER A 86 -12.17 6.53 -4.58
N GLY A 87 -10.93 6.99 -4.46
CA GLY A 87 -10.65 8.17 -3.66
C GLY A 87 -9.67 7.89 -2.54
N PHE A 88 -10.18 7.35 -1.43
CA PHE A 88 -9.32 7.02 -0.29
C PHE A 88 -8.37 5.90 -0.68
N VAL A 89 -8.84 5.02 -1.55
CA VAL A 89 -8.07 3.89 -2.01
C VAL A 89 -6.95 4.34 -2.97
N ARG A 90 -7.29 5.26 -3.86
CA ARG A 90 -6.33 5.76 -4.84
C ARG A 90 -5.33 6.72 -4.20
N SER A 91 -5.85 7.66 -3.41
CA SER A 91 -5.00 8.64 -2.73
C SER A 91 -4.01 7.93 -1.82
N GLY A 92 -4.53 7.03 -0.98
CA GLY A 92 -3.68 6.29 -0.08
C GLY A 92 -2.56 5.58 -0.80
N ALA A 93 -2.92 4.84 -1.84
CA ALA A 93 -1.94 4.11 -2.63
C ALA A 93 -0.88 5.06 -3.19
N ALA A 94 -1.30 6.28 -3.51
CA ALA A 94 -0.39 7.29 -4.06
C ALA A 94 0.74 7.61 -3.09
N ARG A 95 0.38 7.99 -1.87
CA ARG A 95 1.35 8.34 -0.84
C ARG A 95 2.13 7.12 -0.36
N SER A 96 1.57 5.93 -0.59
CA SER A 96 2.23 4.69 -0.18
C SER A 96 3.61 4.54 -0.80
N LEU A 97 3.70 4.77 -2.11
CA LEU A 97 4.97 4.66 -2.82
C LEU A 97 6.02 5.58 -2.19
N GLU A 98 5.70 6.86 -2.08
CA GLU A 98 6.61 7.84 -1.49
C GLU A 98 7.14 7.35 -0.15
N GLN A 99 6.32 6.63 0.59
CA GLN A 99 6.73 6.10 1.89
C GLN A 99 7.78 5.00 1.74
N ILE A 100 7.59 4.13 0.75
CA ILE A 100 8.52 3.04 0.50
C ILE A 100 9.84 3.58 -0.04
N GLY A 101 9.79 4.24 -1.19
CA GLY A 101 10.98 4.80 -1.80
C GLY A 101 12.01 3.75 -2.17
N GLY A 102 12.25 3.58 -3.47
CA GLY A 102 13.22 2.60 -3.92
C GLY A 102 12.96 2.14 -5.34
N GLU A 103 13.87 1.32 -5.87
CA GLU A 103 13.74 0.79 -7.22
C GLU A 103 12.62 -0.25 -7.29
N ARG A 104 12.31 -0.86 -6.14
CA ARG A 104 11.27 -1.88 -6.08
C ARG A 104 9.89 -1.26 -6.23
N VAL A 105 9.66 -0.15 -5.53
CA VAL A 105 8.38 0.55 -5.58
C VAL A 105 8.21 1.25 -6.93
N ARG A 106 9.34 1.57 -7.53
CA ARG A 106 9.35 2.24 -8.83
C ARG A 106 8.53 1.46 -9.85
N ALA A 107 8.46 0.14 -9.66
CA ALA A 107 7.70 -0.71 -10.56
C ALA A 107 6.22 -0.41 -10.46
N ALA A 108 5.77 -0.01 -9.27
CA ALA A 108 4.37 0.32 -9.04
C ALA A 108 3.91 1.47 -9.93
N MET A 109 4.58 2.62 -9.82
CA MET A 109 4.22 3.78 -10.62
C MET A 109 4.54 3.54 -12.09
N GLU A 110 5.48 2.64 -12.35
CA GLU A 110 5.86 2.32 -13.72
C GLU A 110 4.68 1.67 -14.43
N LYS A 111 4.01 0.75 -13.73
CA LYS A 111 2.85 0.06 -14.28
C LYS A 111 1.65 0.98 -14.35
N LEU A 112 1.65 2.05 -13.54
CA LEU A 112 0.56 2.99 -13.53
C LEU A 112 0.78 4.06 -14.60
N ALA A 113 2.04 4.34 -14.91
CA ALA A 113 2.37 5.33 -15.93
C ALA A 113 1.90 4.88 -17.30
N GLU A 114 1.66 3.59 -17.45
CA GLU A 114 1.19 3.04 -18.72
C GLU A 114 -0.32 3.17 -18.83
N THR A 115 -0.98 3.25 -17.69
CA THR A 115 -2.43 3.40 -17.63
C THR A 115 -2.79 4.69 -16.90
N GLY A 116 -1.80 5.58 -16.80
CA GLY A 116 -2.00 6.85 -16.12
C GLY A 116 -3.24 7.58 -16.55
N THR A 117 -4.13 7.84 -15.61
CA THR A 117 -5.37 8.56 -15.88
C THR A 117 -5.73 9.49 -14.73
N GLY A 118 -6.04 10.74 -15.07
CA GLY A 118 -6.38 11.72 -14.05
C GLY A 118 -5.26 11.98 -13.08
N PHE A 119 -5.60 12.06 -11.79
CA PHE A 119 -4.62 12.30 -10.74
C PHE A 119 -3.65 11.13 -10.62
N ALA A 120 -4.15 9.93 -10.84
CA ALA A 120 -3.33 8.72 -10.75
C ALA A 120 -2.06 8.82 -11.59
N ARG A 121 -2.14 9.52 -12.71
CA ARG A 121 -1.00 9.68 -13.59
C ARG A 121 0.04 10.63 -13.00
N LYS A 122 -0.40 11.84 -12.67
CA LYS A 122 0.48 12.85 -12.09
C LYS A 122 1.28 12.25 -10.93
N VAL A 123 0.75 11.16 -10.37
CA VAL A 123 1.37 10.47 -9.26
C VAL A 123 2.64 9.74 -9.70
N ALA A 124 2.49 8.83 -10.65
CA ALA A 124 3.61 8.04 -11.15
C ALA A 124 4.73 8.91 -11.72
N VAL A 125 4.34 9.87 -12.54
CA VAL A 125 5.29 10.76 -13.20
C VAL A 125 6.04 11.66 -12.23
N ASN A 126 5.32 12.34 -11.35
CA ASN A 126 5.93 13.24 -10.38
C ASN A 126 6.82 12.48 -9.41
N TYR A 127 6.32 11.36 -8.90
CA TYR A 127 7.05 10.55 -7.94
C TYR A 127 8.37 10.05 -8.54
N LEU A 128 8.45 9.98 -9.85
CA LEU A 128 9.65 9.51 -10.54
C LEU A 128 10.88 10.33 -10.11
N GLU A 129 10.63 11.49 -9.52
CA GLU A 129 11.72 12.35 -9.04
C GLU A 129 12.38 11.76 -7.81
N THR A 130 11.87 10.61 -7.36
CA THR A 130 12.41 9.92 -6.19
C THR A 130 12.31 8.42 -6.37
N HIS A 131 12.45 7.97 -7.62
CA HIS A 131 12.38 6.55 -7.94
C HIS A 131 11.01 5.97 -7.64
N MET A 21 7.47 -24.34 10.63
CA MET A 21 8.66 -23.45 10.59
C MET A 21 8.52 -22.39 9.51
N ALA A 22 8.48 -21.13 9.93
CA ALA A 22 8.38 -20.02 9.00
C ALA A 22 9.71 -19.27 8.89
N ASP A 23 10.57 -19.50 9.87
CA ASP A 23 11.89 -18.85 9.90
C ASP A 23 11.76 -17.33 9.89
N GLU A 24 10.56 -16.84 10.13
CA GLU A 24 10.30 -15.40 10.15
C GLU A 24 9.54 -15.01 11.41
N ASN A 25 9.24 -16.00 12.24
CA ASN A 25 8.51 -15.77 13.48
C ASN A 25 9.43 -15.97 14.69
N LYS A 26 9.83 -14.87 15.30
CA LYS A 26 10.71 -14.92 16.47
C LYS A 26 10.65 -13.60 17.24
N TRP A 27 10.02 -12.60 16.64
CA TRP A 27 9.89 -11.29 17.26
C TRP A 27 8.43 -10.86 17.31
N VAL A 28 7.53 -11.83 17.32
CA VAL A 28 6.09 -11.55 17.37
C VAL A 28 5.68 -11.05 18.74
N ARG A 29 4.69 -10.15 18.77
CA ARG A 29 4.17 -9.58 20.01
C ARG A 29 5.16 -8.61 20.64
N ARG A 30 6.42 -8.71 20.26
CA ARG A 30 7.42 -7.81 20.79
C ARG A 30 7.07 -6.39 20.38
N ASP A 31 6.53 -5.62 21.33
CA ASP A 31 6.14 -4.24 21.08
C ASP A 31 4.89 -4.17 20.18
N VAL A 32 4.23 -5.30 19.98
CA VAL A 32 3.04 -5.34 19.14
C VAL A 32 2.01 -4.32 19.62
N SER A 33 1.66 -4.39 20.90
CA SER A 33 0.71 -3.46 21.50
C SER A 33 -0.59 -3.40 20.68
N THR A 34 -0.62 -2.51 19.69
CA THR A 34 -1.79 -2.37 18.83
C THR A 34 -1.94 -3.57 17.92
N ALA A 35 -3.07 -3.64 17.20
CA ALA A 35 -3.31 -4.77 16.31
C ALA A 35 -2.90 -4.48 14.86
N LEU A 36 -3.65 -3.61 14.20
CA LEU A 36 -3.36 -3.26 12.81
C LEU A 36 -2.36 -2.10 12.69
N SER A 37 -2.24 -1.32 13.75
CA SER A 37 -1.35 -0.16 13.74
C SER A 37 0.13 -0.57 13.77
N ARG A 38 0.50 -1.42 14.72
CA ARG A 38 1.89 -1.85 14.85
C ARG A 38 1.99 -3.35 15.15
N MET A 39 2.24 -4.13 14.11
CA MET A 39 2.37 -5.57 14.24
C MET A 39 3.58 -6.09 13.47
N GLY A 40 3.76 -5.56 12.26
CA GLY A 40 4.88 -5.96 11.43
C GLY A 40 4.53 -7.06 10.45
N ASP A 41 3.69 -8.00 10.86
CA ASP A 41 3.30 -9.11 9.99
C ASP A 41 2.00 -9.78 10.45
N GLU A 42 1.59 -9.53 11.69
CA GLU A 42 0.37 -10.12 12.21
C GLU A 42 -0.88 -9.60 11.52
N ALA A 43 -0.96 -8.29 11.32
CA ALA A 43 -2.12 -7.70 10.67
C ALA A 43 -1.81 -7.25 9.24
N PHE A 44 -0.58 -7.45 8.81
CA PHE A 44 -0.17 -7.07 7.47
C PHE A 44 -1.13 -7.67 6.43
N GLU A 45 -1.38 -8.96 6.55
CA GLU A 45 -2.28 -9.64 5.63
C GLU A 45 -3.71 -9.10 5.73
N PRO A 46 -4.35 -9.14 6.93
CA PRO A 46 -5.71 -8.63 7.11
C PRO A 46 -5.90 -7.30 6.41
N LEU A 47 -4.82 -6.53 6.34
CA LEU A 47 -4.83 -5.24 5.69
C LEU A 47 -5.16 -5.39 4.21
N LEU A 48 -4.34 -6.19 3.52
CA LEU A 48 -4.52 -6.44 2.09
C LEU A 48 -5.77 -7.28 1.87
N GLU A 49 -6.21 -7.96 2.92
CA GLU A 49 -7.40 -8.79 2.86
C GLU A 49 -8.64 -7.91 2.80
N SER A 50 -8.62 -6.84 3.58
CA SER A 50 -9.73 -5.90 3.63
C SER A 50 -9.90 -5.17 2.30
N LEU A 51 -8.96 -5.38 1.38
CA LEU A 51 -9.02 -4.74 0.07
C LEU A 51 -10.27 -5.17 -0.67
N SER A 52 -10.84 -6.29 -0.25
CA SER A 52 -12.06 -6.82 -0.87
C SER A 52 -13.31 -6.32 -0.16
N ASN A 53 -13.14 -5.33 0.71
CA ASN A 53 -14.25 -4.77 1.46
C ASN A 53 -15.14 -3.92 0.54
N GLU A 54 -16.45 -4.04 0.73
CA GLU A 54 -17.41 -3.30 -0.07
C GLU A 54 -17.26 -1.80 0.16
N ASP A 55 -16.86 -1.43 1.37
CA ASP A 55 -16.67 -0.03 1.71
C ASP A 55 -15.36 0.50 1.14
N TRP A 56 -15.34 1.78 0.78
CA TRP A 56 -14.14 2.39 0.20
C TRP A 56 -13.23 2.96 1.29
N ARG A 57 -13.83 3.59 2.29
CA ARG A 57 -13.06 4.18 3.38
C ARG A 57 -12.25 3.11 4.11
N ILE A 58 -12.72 1.87 4.03
CA ILE A 58 -12.04 0.74 4.67
C ILE A 58 -10.88 0.24 3.82
N ARG A 59 -11.13 0.05 2.53
CA ARG A 59 -10.11 -0.42 1.60
C ARG A 59 -8.97 0.59 1.49
N GLY A 60 -9.28 1.85 1.81
CA GLY A 60 -8.27 2.89 1.73
C GLY A 60 -7.18 2.74 2.78
N ALA A 61 -7.57 2.75 4.05
CA ALA A 61 -6.64 2.61 5.16
C ALA A 61 -5.71 1.41 4.96
N ALA A 62 -6.13 0.47 4.12
CA ALA A 62 -5.34 -0.72 3.84
C ALA A 62 -3.99 -0.36 3.24
N ALA A 63 -4.00 0.39 2.14
CA ALA A 63 -2.78 0.80 1.47
C ALA A 63 -2.05 1.89 2.25
N TRP A 64 -2.81 2.64 3.04
CA TRP A 64 -2.25 3.71 3.84
C TRP A 64 -1.12 3.21 4.73
N ILE A 65 -1.27 2.00 5.25
CA ILE A 65 -0.27 1.39 6.12
C ILE A 65 0.60 0.40 5.35
N ILE A 66 0.03 -0.16 4.29
CA ILE A 66 0.72 -1.15 3.47
C ILE A 66 2.05 -0.63 2.92
N GLY A 67 2.04 0.59 2.38
CA GLY A 67 3.25 1.16 1.82
C GLY A 67 4.37 1.32 2.83
N ASN A 68 4.01 1.37 4.11
CA ASN A 68 4.99 1.54 5.18
C ASN A 68 5.88 0.31 5.38
N PHE A 69 5.42 -0.87 4.93
CA PHE A 69 6.20 -2.09 5.10
C PHE A 69 7.12 -2.38 3.91
N GLN A 70 6.70 -1.92 2.72
CA GLN A 70 7.50 -2.12 1.50
C GLN A 70 7.64 -3.60 1.16
N ASP A 71 6.67 -4.42 1.56
CA ASP A 71 6.72 -5.85 1.27
C ASP A 71 5.92 -6.19 0.02
N GLU A 72 6.07 -7.43 -0.44
CA GLU A 72 5.35 -7.90 -1.63
C GLU A 72 3.85 -7.69 -1.48
N ARG A 73 3.29 -8.16 -0.37
CA ARG A 73 1.86 -8.02 -0.09
C ARG A 73 1.47 -6.55 0.00
N ALA A 74 2.45 -5.66 0.00
CA ALA A 74 2.21 -4.24 0.09
C ALA A 74 2.41 -3.56 -1.27
N VAL A 75 3.16 -4.22 -2.14
CA VAL A 75 3.44 -3.68 -3.47
C VAL A 75 2.22 -3.77 -4.38
N GLU A 76 1.66 -4.98 -4.51
CA GLU A 76 0.49 -5.19 -5.36
C GLU A 76 -0.66 -4.24 -5.00
N PRO A 77 -1.01 -4.10 -3.71
CA PRO A 77 -2.09 -3.21 -3.27
C PRO A 77 -2.07 -1.88 -4.00
N LEU A 78 -0.89 -1.28 -4.09
CA LEU A 78 -0.76 0.01 -4.74
C LEU A 78 -1.10 -0.09 -6.23
N ILE A 79 -0.64 -1.17 -6.86
CA ILE A 79 -0.89 -1.37 -8.28
C ILE A 79 -2.38 -1.25 -8.63
N LYS A 80 -3.21 -2.03 -7.94
CA LYS A 80 -4.65 -2.02 -8.18
C LYS A 80 -5.30 -0.71 -7.71
N LEU A 81 -4.97 -0.30 -6.49
CA LEU A 81 -5.55 0.89 -5.87
C LEU A 81 -5.26 2.17 -6.65
N LEU A 82 -4.06 2.32 -7.17
CA LEU A 82 -3.70 3.51 -7.92
C LEU A 82 -4.66 3.70 -9.08
N GLU A 83 -5.39 2.64 -9.38
CA GLU A 83 -6.37 2.67 -10.45
C GLU A 83 -7.76 2.86 -9.83
N ASP A 84 -7.93 2.33 -8.61
CA ASP A 84 -9.19 2.46 -7.89
C ASP A 84 -9.51 3.92 -7.61
N ASP A 85 -10.18 4.55 -8.57
CA ASP A 85 -10.54 5.96 -8.48
C ASP A 85 -11.68 6.21 -7.50
N SER A 86 -11.64 5.53 -6.36
CA SER A 86 -12.67 5.69 -5.34
C SER A 86 -12.37 6.87 -4.42
N GLY A 87 -11.08 7.15 -4.23
CA GLY A 87 -10.66 8.25 -3.37
C GLY A 87 -9.69 7.80 -2.30
N PHE A 88 -10.15 7.71 -1.05
CA PHE A 88 -9.31 7.26 0.06
C PHE A 88 -8.55 6.02 -0.38
N VAL A 89 -9.21 5.27 -1.26
CA VAL A 89 -8.65 4.04 -1.81
C VAL A 89 -7.44 4.33 -2.70
N ARG A 90 -7.64 5.19 -3.70
CA ARG A 90 -6.57 5.54 -4.62
C ARG A 90 -5.47 6.33 -3.91
N SER A 91 -5.86 7.43 -3.26
CA SER A 91 -4.92 8.29 -2.54
C SER A 91 -4.04 7.48 -1.59
N GLY A 92 -4.59 6.39 -1.06
CA GLY A 92 -3.84 5.56 -0.15
C GLY A 92 -2.60 4.97 -0.79
N ALA A 93 -2.77 4.43 -2.00
CA ALA A 93 -1.67 3.83 -2.73
C ALA A 93 -0.67 4.88 -3.21
N ALA A 94 -1.15 6.07 -3.53
CA ALA A 94 -0.30 7.14 -4.02
C ALA A 94 0.85 7.43 -3.06
N ARG A 95 0.49 7.85 -1.83
CA ARG A 95 1.48 8.18 -0.82
C ARG A 95 2.35 6.97 -0.47
N SER A 96 1.87 5.78 -0.78
CA SER A 96 2.61 4.56 -0.48
C SER A 96 3.89 4.45 -1.33
N LEU A 97 3.83 4.91 -2.58
CA LEU A 97 4.98 4.86 -3.46
C LEU A 97 6.20 5.55 -2.83
N GLU A 98 6.07 6.84 -2.55
CA GLU A 98 7.15 7.61 -1.94
C GLU A 98 7.61 6.99 -0.61
N GLN A 99 6.66 6.53 0.18
CA GLN A 99 6.96 5.94 1.49
C GLN A 99 7.82 4.68 1.37
N ILE A 100 7.52 3.84 0.39
CA ILE A 100 8.27 2.61 0.20
C ILE A 100 9.75 2.88 -0.08
N GLY A 101 10.04 3.60 -1.15
CA GLY A 101 11.44 3.90 -1.47
C GLY A 101 11.61 4.63 -2.79
N GLY A 102 12.42 4.07 -3.67
CA GLY A 102 12.66 4.69 -4.95
C GLY A 102 12.89 3.71 -6.08
N GLU A 103 14.00 2.97 -6.03
CA GLU A 103 14.35 2.01 -7.07
C GLU A 103 13.44 0.78 -7.08
N ARG A 104 12.86 0.45 -5.93
CA ARG A 104 11.99 -0.72 -5.83
C ARG A 104 10.56 -0.34 -6.23
N VAL A 105 10.07 0.75 -5.67
CA VAL A 105 8.74 1.22 -5.99
C VAL A 105 8.71 1.77 -7.41
N ARG A 106 9.89 2.13 -7.91
CA ARG A 106 10.04 2.66 -9.25
C ARG A 106 9.28 1.80 -10.25
N ALA A 107 9.16 0.52 -9.94
CA ALA A 107 8.45 -0.42 -10.82
C ALA A 107 6.94 -0.26 -10.66
N ALA A 108 6.50 0.00 -9.43
CA ALA A 108 5.10 0.18 -9.15
C ALA A 108 4.53 1.38 -9.91
N MET A 109 5.23 2.51 -9.86
CA MET A 109 4.79 3.69 -10.56
C MET A 109 4.87 3.48 -12.06
N GLU A 110 5.82 2.66 -12.48
CA GLU A 110 6.01 2.35 -13.90
C GLU A 110 4.80 1.57 -14.41
N LYS A 111 4.23 0.73 -13.55
CA LYS A 111 3.07 -0.07 -13.91
C LYS A 111 1.83 0.79 -14.07
N LEU A 112 1.69 1.79 -13.20
CA LEU A 112 0.54 2.68 -13.25
C LEU A 112 0.79 3.76 -14.30
N ALA A 113 2.07 4.01 -14.58
CA ALA A 113 2.46 5.01 -15.57
C ALA A 113 1.96 4.59 -16.95
N GLU A 114 1.79 3.29 -17.13
CA GLU A 114 1.32 2.74 -18.40
C GLU A 114 -0.19 2.90 -18.49
N THR A 115 -0.84 2.93 -17.32
CA THR A 115 -2.28 3.09 -17.25
C THR A 115 -2.59 4.45 -16.62
N GLY A 116 -1.62 5.35 -16.72
CA GLY A 116 -1.76 6.68 -16.16
C GLY A 116 -2.98 7.43 -16.65
N THR A 117 -3.89 7.71 -15.74
CA THR A 117 -5.11 8.44 -16.06
C THR A 117 -5.55 9.31 -14.87
N GLY A 118 -5.83 10.58 -15.15
CA GLY A 118 -6.25 11.48 -14.10
C GLY A 118 -5.21 11.64 -13.00
N PHE A 119 -5.68 11.75 -11.76
CA PHE A 119 -4.79 11.90 -10.61
C PHE A 119 -3.87 10.70 -10.46
N ALA A 120 -4.35 9.54 -10.89
CA ALA A 120 -3.58 8.30 -10.81
C ALA A 120 -2.24 8.43 -11.51
N ARG A 121 -2.22 9.14 -12.62
CA ARG A 121 -0.99 9.33 -13.40
C ARG A 121 -0.02 10.26 -12.68
N LYS A 122 -0.49 11.46 -12.35
CA LYS A 122 0.33 12.45 -11.66
C LYS A 122 1.06 11.82 -10.47
N VAL A 123 0.51 10.72 -9.97
CA VAL A 123 1.09 10.02 -8.85
C VAL A 123 2.42 9.35 -9.21
N ALA A 124 2.37 8.45 -10.18
CA ALA A 124 3.56 7.72 -10.63
C ALA A 124 4.66 8.66 -11.11
N VAL A 125 4.33 9.50 -12.07
CA VAL A 125 5.28 10.43 -12.67
C VAL A 125 5.93 11.36 -11.64
N ASN A 126 5.14 12.18 -10.98
CA ASN A 126 5.67 13.13 -10.00
C ASN A 126 6.46 12.43 -8.90
N TYR A 127 6.12 11.18 -8.61
CA TYR A 127 6.81 10.43 -7.57
C TYR A 127 8.29 10.31 -7.91
N LEU A 128 8.60 10.27 -9.20
CA LEU A 128 9.98 10.17 -9.68
C LEU A 128 10.86 11.25 -9.05
N GLU A 129 10.22 12.34 -8.62
CA GLU A 129 10.94 13.44 -8.01
C GLU A 129 11.69 12.98 -6.76
N THR A 130 11.44 11.75 -6.34
CA THR A 130 12.09 11.19 -5.17
C THR A 130 13.35 10.42 -5.58
N HIS A 131 13.19 9.48 -6.50
CA HIS A 131 14.30 8.67 -6.97
C HIS A 131 14.14 8.33 -8.46
#